data_4KC5
#
_entry.id   4KC5
#
_cell.length_a   125.510
_cell.length_b   144.130
_cell.length_c   131.300
_cell.angle_alpha   90.00
_cell.angle_beta   96.65
_cell.angle_gamma   90.00
#
_symmetry.space_group_name_H-M   'P 1 21 1'
#
loop_
_entity.id
_entity.type
_entity.pdbx_description
1 polymer 'RhiE protein'
2 non-polymer GLYCEROL
3 water water
#
_entity_poly.entity_id   1
_entity_poly.type   'polypeptide(L)'
_entity_poly.pdbx_seq_one_letter_code
;SGERVEDNELANYIAVIGLGGYYPGADSIDELWQNLANGVDCMSDFPADRWDHSKIYYKNRKVLGKTTCINGSFIKDVDK
FDYSYFKMPKVYADHMSPEVRLFLQVAVHTFEDAGYSKETLLSRYNGDVGVLLGTMSNDYHYYGFESNVFRGSMASGSGM
ATIPMTVSYFYGLTGPSLFIDTMCSSSSTCIHTACQMLKHDETKMVLAGGLNLMYHPYTTVNTSQGNFTSITSESVNSYG
VGADGTVIGEGIGAVLLKRLDRAIADRDQIYGVIKGSAMTNAGERNGFNVPNPDLQTLAIRQAMDQAKVHPSSISYIEGH
GSGTKLGDPIEVLGLNNAFRWATDDKQFCYLGSIKSNIGHLLAASGIAGLTKTLLQFKHKQIAPSIHSSQLNQDIDFADT
PFVVPQQLIEWRQPERIINGRKQVFPRRAGLTSIAAGGMNAHMIVEEYPEPADSAGQISEDQLVFVFSVHKLALLAQNLT
SFRDWLASSEAPLAQIAYTLQVGKNNLRNRLAIRCRTRQALSRALNACIDGHYQSSADSKIFYRFQESDAVQPLESDLND
PLAPLLTQWLNGDSQVDWASLYAQPPVRISLPAYRFEKTRCWYTEEGYESSIVNPLMFKNKLHPLVAKNCSTPQPGAIFR
TDFVEDELLDYVYSGRGGRRLSAFNFADVALAMPALASRFDGRTLSVSCAFEHYIADWTTVTGLEYRLFEIDSEQLELEF
DFRRSGEQPTHLGFAVINPLTSDEPPLPQQWLDDARELLNRQALQAGRQLSAAEVSQRLAQAGYDFAPYLDHDGELTIGR
SGLVLKGRPPVNRHNHYADNVQLSPYLATTIDKALYLLLDELGLPQGRVIVRNIERLCCYHTPAGGFSVVLSGIGLNDNE
LSLSLLVLDEREQICVKLDKVSLYLGKQEVASVDRKHSLLTGT
;
_entity_poly.pdbx_strand_id   A,B,C,D
#
loop_
_chem_comp.id
_chem_comp.type
_chem_comp.name
_chem_comp.formula
GOL non-polymer GLYCEROL 'C3 H8 O3'
#
# COMPACT_ATOMS: atom_id res chain seq x y z
N ASN A 8 57.70 -25.30 5.83
CA ASN A 8 57.37 -26.58 5.15
C ASN A 8 55.98 -27.04 5.61
N GLU A 9 55.82 -27.15 6.93
CA GLU A 9 54.58 -27.68 7.53
C GLU A 9 53.34 -26.80 7.31
N LEU A 10 53.54 -25.48 7.23
CA LEU A 10 52.48 -24.50 6.96
C LEU A 10 51.86 -24.66 5.58
N ALA A 11 52.59 -25.32 4.67
CA ALA A 11 52.06 -25.69 3.35
C ALA A 11 51.08 -26.85 3.41
N ASN A 12 50.91 -27.46 4.58
CA ASN A 12 49.83 -28.42 4.80
C ASN A 12 48.50 -27.81 5.23
N TYR A 13 48.51 -26.52 5.56
CA TYR A 13 47.35 -25.88 6.14
C TYR A 13 46.74 -24.87 5.14
N ILE A 14 45.45 -24.64 5.28
CA ILE A 14 44.68 -23.82 4.35
C ILE A 14 44.08 -22.69 5.13
N ALA A 15 44.40 -21.48 4.69
CA ALA A 15 43.78 -20.28 5.29
C ALA A 15 42.46 -19.93 4.62
N VAL A 16 41.53 -19.46 5.45
CA VAL A 16 40.31 -18.82 4.98
C VAL A 16 40.60 -17.33 4.92
N ILE A 17 40.58 -16.79 3.71
CA ILE A 17 40.93 -15.39 3.53
C ILE A 17 39.79 -14.51 3.10
N GLY A 18 38.60 -15.11 2.95
CA GLY A 18 37.47 -14.35 2.52
C GLY A 18 36.19 -15.08 2.90
N LEU A 19 35.13 -14.30 3.16
CA LEU A 19 33.90 -14.81 3.73
C LEU A 19 32.72 -14.01 3.22
N GLY A 20 31.69 -14.66 2.72
CA GLY A 20 30.51 -13.96 2.27
C GLY A 20 29.33 -14.88 2.32
N GLY A 21 28.16 -14.30 2.21
CA GLY A 21 26.92 -15.03 2.11
C GLY A 21 25.67 -14.23 2.34
N TYR A 22 24.51 -14.84 2.04
CA TYR A 22 23.23 -14.29 2.38
C TYR A 22 22.55 -15.25 3.37
N TYR A 23 22.14 -14.73 4.53
CA TYR A 23 21.48 -15.47 5.59
C TYR A 23 20.25 -14.77 6.11
N PRO A 24 19.23 -15.55 6.54
CA PRO A 24 18.00 -14.99 7.07
C PRO A 24 18.25 -14.09 8.27
N GLY A 25 17.52 -12.97 8.30
CA GLY A 25 17.48 -12.01 9.38
C GLY A 25 18.70 -11.10 9.38
N ALA A 26 19.52 -11.16 8.34
CA ALA A 26 20.75 -10.39 8.32
C ALA A 26 20.96 -9.83 6.92
N ASP A 27 21.40 -8.59 6.83
CA ASP A 27 21.73 -7.99 5.55
C ASP A 27 23.24 -7.97 5.31
N SER A 28 24.05 -8.46 6.24
CA SER A 28 25.49 -8.57 6.09
C SER A 28 26.00 -9.65 7.04
N ILE A 29 27.23 -10.06 6.86
CA ILE A 29 27.84 -11.03 7.73
C ILE A 29 27.97 -10.45 9.16
N ASP A 30 28.28 -9.14 9.27
CA ASP A 30 28.27 -8.47 10.58
C ASP A 30 26.92 -8.56 11.28
N GLU A 31 25.81 -8.39 10.55
CA GLU A 31 24.55 -8.45 11.19
C GLU A 31 24.27 -9.87 11.66
N LEU A 32 24.66 -10.87 10.90
CA LEU A 32 24.57 -12.26 11.32
C LEU A 32 25.35 -12.47 12.62
N TRP A 33 26.54 -11.94 12.74
CA TRP A 33 27.25 -12.15 14.01
C TRP A 33 26.42 -11.58 15.14
N GLN A 34 25.90 -10.35 14.96
CA GLN A 34 25.11 -9.71 16.01
C GLN A 34 23.91 -10.59 16.45
N ASN A 35 23.23 -11.18 15.49
CA ASN A 35 22.14 -12.08 15.76
C ASN A 35 22.59 -13.35 16.52
N LEU A 36 23.75 -13.89 16.14
CA LEU A 36 24.29 -15.04 16.83
C LEU A 36 24.74 -14.68 18.22
N ALA A 37 25.52 -13.60 18.34
CA ALA A 37 26.01 -13.16 19.65
C ALA A 37 24.86 -12.94 20.62
N ASN A 38 23.72 -12.46 20.12
CA ASN A 38 22.59 -12.14 20.97
C ASN A 38 21.55 -13.22 21.11
N GLY A 39 21.81 -14.39 20.55
CA GLY A 39 20.91 -15.48 20.76
C GLY A 39 19.62 -15.31 19.98
N VAL A 40 19.65 -14.74 18.78
CA VAL A 40 18.41 -14.37 18.11
C VAL A 40 17.85 -15.55 17.26
N ASP A 41 16.58 -15.84 17.42
CA ASP A 41 15.88 -16.85 16.60
C ASP A 41 15.62 -16.21 15.26
N CYS A 42 16.14 -16.72 14.14
CA CYS A 42 15.86 -16.06 12.83
C CYS A 42 14.84 -16.80 11.95
N MET A 43 14.05 -17.66 12.57
CA MET A 43 13.05 -18.43 11.81
C MET A 43 11.88 -17.53 11.58
N SER A 44 11.10 -17.79 10.54
CA SER A 44 9.89 -16.99 10.35
C SER A 44 8.88 -17.82 9.56
N ASP A 45 7.69 -17.27 9.44
CA ASP A 45 6.63 -17.90 8.64
C ASP A 45 6.96 -17.90 7.17
N PHE A 46 6.49 -18.90 6.46
CA PHE A 46 6.64 -18.89 5.00
C PHE A 46 6.17 -17.56 4.42
N PRO A 47 7.05 -16.87 3.67
CA PRO A 47 6.67 -15.46 3.40
C PRO A 47 5.49 -15.29 2.42
N ALA A 48 4.60 -14.36 2.73
CA ALA A 48 3.41 -14.10 1.88
C ALA A 48 3.77 -13.58 0.49
N ASP A 49 4.93 -12.97 0.32
CA ASP A 49 5.26 -12.48 -1.01
C ASP A 49 5.76 -13.57 -1.92
N ARG A 50 5.88 -14.82 -1.44
CA ARG A 50 6.13 -15.92 -2.37
C ARG A 50 4.88 -16.76 -2.65
N TRP A 51 4.24 -17.30 -1.61
CA TRP A 51 2.97 -18.01 -1.82
C TRP A 51 2.21 -18.01 -0.54
N ASP A 52 0.91 -18.34 -0.60
CA ASP A 52 0.11 -18.31 0.63
C ASP A 52 0.21 -19.69 1.30
N HIS A 53 1.09 -19.82 2.29
CA HIS A 53 1.39 -21.12 2.91
C HIS A 53 0.10 -21.83 3.40
N SER A 54 -0.90 -21.10 3.85
CA SER A 54 -2.11 -21.70 4.38
C SER A 54 -2.88 -22.52 3.32
N LYS A 55 -2.63 -22.27 2.04
CA LYS A 55 -3.25 -23.04 0.96
C LYS A 55 -2.61 -24.37 0.67
N ILE A 56 -1.34 -24.59 1.10
CA ILE A 56 -0.68 -25.88 0.92
C ILE A 56 -0.30 -26.62 2.20
N TYR A 57 -0.39 -25.97 3.36
CA TYR A 57 -0.09 -26.61 4.67
C TYR A 57 -1.18 -27.64 5.14
N TYR A 58 -0.73 -28.78 5.65
CA TYR A 58 -1.61 -29.69 6.41
C TYR A 58 -0.78 -30.25 7.55
N LYS A 59 -1.43 -30.56 8.67
CA LYS A 59 -0.71 -30.95 9.86
C LYS A 59 0.03 -32.24 9.83
N ASN A 60 -0.39 -33.19 9.00
CA ASN A 60 0.39 -34.43 8.90
C ASN A 60 0.48 -34.90 7.49
N ARG A 61 1.19 -36.00 7.29
CA ARG A 61 1.54 -36.47 5.98
C ARG A 61 0.48 -37.25 5.24
N LYS A 62 -0.67 -37.46 5.86
CA LYS A 62 -1.73 -38.28 5.27
C LYS A 62 -2.40 -37.68 4.08
N VAL A 63 -2.43 -36.34 3.98
CA VAL A 63 -2.97 -35.68 2.79
C VAL A 63 -1.85 -35.40 1.77
N LEU A 64 -1.81 -36.23 0.75
CA LEU A 64 -0.85 -36.11 -0.34
C LEU A 64 -1.07 -34.79 -1.13
N GLY A 65 0.02 -34.10 -1.42
CA GLY A 65 -0.05 -32.82 -2.12
C GLY A 65 0.14 -31.61 -1.19
N LYS A 66 -0.12 -31.79 0.10
CA LYS A 66 0.12 -30.69 1.05
C LYS A 66 1.52 -30.84 1.63
N THR A 67 1.94 -29.86 2.45
CA THR A 67 3.21 -29.93 3.17
C THR A 67 2.95 -29.78 4.65
N THR A 68 3.69 -30.52 5.48
CA THR A 68 3.65 -30.43 6.95
C THR A 68 4.67 -29.43 7.50
N CYS A 69 5.41 -28.80 6.59
CA CYS A 69 6.43 -27.80 6.98
C CYS A 69 5.75 -26.55 7.54
N ILE A 70 5.91 -26.34 8.84
CA ILE A 70 5.21 -25.26 9.55
C ILE A 70 5.80 -23.87 9.26
N ASN A 71 7.12 -23.82 9.19
CA ASN A 71 7.85 -22.57 8.98
C ASN A 71 9.23 -22.88 8.48
N GLY A 72 10.08 -21.85 8.44
CA GLY A 72 11.46 -22.03 8.07
C GLY A 72 12.30 -20.80 8.36
N SER A 73 13.28 -20.53 7.50
CA SER A 73 14.01 -19.26 7.54
C SER A 73 14.28 -18.86 6.10
N PHE A 74 14.26 -17.57 5.83
CA PHE A 74 14.27 -17.13 4.45
C PHE A 74 15.16 -15.92 4.24
N ILE A 75 15.92 -15.92 3.17
CA ILE A 75 16.60 -14.71 2.78
C ILE A 75 15.65 -13.75 2.06
N LYS A 76 16.07 -12.51 1.93
CA LYS A 76 15.25 -11.54 1.19
C LYS A 76 15.65 -11.54 -0.28
N ASP A 77 14.75 -11.02 -1.12
CA ASP A 77 15.12 -10.67 -2.47
C ASP A 77 15.66 -11.83 -3.31
N VAL A 78 15.01 -12.99 -3.12
CA VAL A 78 15.36 -14.22 -3.84
C VAL A 78 15.11 -14.07 -5.35
N ASP A 79 14.26 -13.11 -5.71
CA ASP A 79 13.90 -12.84 -7.12
C ASP A 79 14.70 -11.72 -7.79
N LYS A 80 15.62 -11.10 -7.06
CA LYS A 80 16.27 -9.90 -7.55
C LYS A 80 17.63 -10.34 -8.01
N PHE A 81 18.08 -9.75 -9.13
CA PHE A 81 19.38 -10.08 -9.74
C PHE A 81 19.83 -8.95 -10.62
N ASP A 82 21.08 -8.55 -10.43
CA ASP A 82 21.69 -7.45 -11.16
C ASP A 82 22.24 -7.97 -12.49
N TYR A 83 21.32 -8.16 -13.44
CA TYR A 83 21.69 -8.82 -14.68
C TYR A 83 22.68 -7.98 -15.48
N SER A 84 22.54 -6.66 -15.36
CA SER A 84 23.41 -5.70 -16.01
C SER A 84 24.88 -5.77 -15.56
N TYR A 85 25.10 -5.88 -14.25
CA TYR A 85 26.46 -6.01 -13.69
C TYR A 85 27.12 -7.27 -14.29
N PHE A 86 26.33 -8.34 -14.44
CA PHE A 86 26.83 -9.62 -14.93
C PHE A 86 26.72 -9.81 -16.44
N LYS A 87 26.41 -8.73 -17.16
CA LYS A 87 26.62 -8.67 -18.60
C LYS A 87 25.77 -9.64 -19.34
N MET A 88 24.49 -9.64 -18.99
CA MET A 88 23.58 -10.65 -19.38
C MET A 88 22.24 -10.00 -19.77
N PRO A 89 21.65 -10.42 -20.89
CA PRO A 89 20.27 -9.95 -21.13
C PRO A 89 19.29 -10.34 -20.06
N LYS A 90 18.33 -9.46 -19.81
CA LYS A 90 17.36 -9.72 -18.78
C LYS A 90 16.59 -11.02 -19.03
N VAL A 91 16.14 -11.24 -20.26
CA VAL A 91 15.34 -12.44 -20.55
C VAL A 91 16.10 -13.69 -20.15
N TYR A 92 17.40 -13.69 -20.41
CA TYR A 92 18.24 -14.77 -19.98
C TYR A 92 18.24 -14.95 -18.46
N ALA A 93 18.46 -13.85 -17.75
CA ALA A 93 18.36 -13.83 -16.27
C ALA A 93 17.01 -14.35 -15.76
N ASP A 94 15.92 -13.92 -16.39
CA ASP A 94 14.55 -14.37 -16.02
C ASP A 94 14.36 -15.90 -16.03
N HIS A 95 15.10 -16.61 -16.89
CA HIS A 95 14.89 -18.07 -17.12
C HIS A 95 15.94 -18.88 -16.39
N MET A 96 16.85 -18.18 -15.76
CA MET A 96 17.98 -18.73 -15.06
C MET A 96 17.70 -19.01 -13.60
N SER A 97 18.29 -20.09 -13.05
CA SER A 97 17.95 -20.46 -11.68
C SER A 97 18.42 -19.37 -10.74
N PRO A 98 17.59 -19.03 -9.76
CA PRO A 98 18.09 -18.15 -8.73
C PRO A 98 19.36 -18.69 -8.05
N GLU A 99 19.54 -20.01 -8.00
CA GLU A 99 20.77 -20.57 -7.41
C GLU A 99 21.99 -19.98 -8.12
N VAL A 100 21.95 -19.94 -9.46
CA VAL A 100 23.09 -19.40 -10.19
C VAL A 100 23.24 -17.92 -9.92
N ARG A 101 22.13 -17.22 -10.03
CA ARG A 101 22.13 -15.77 -9.92
C ARG A 101 22.61 -15.30 -8.56
N LEU A 102 22.08 -15.89 -7.51
CA LEU A 102 22.42 -15.43 -6.18
C LEU A 102 23.79 -15.92 -5.79
N PHE A 103 24.19 -17.11 -6.26
CA PHE A 103 25.56 -17.55 -5.91
C PHE A 103 26.57 -16.61 -6.59
N LEU A 104 26.26 -16.20 -7.80
CA LEU A 104 27.10 -15.27 -8.53
C LEU A 104 27.26 -13.98 -7.71
N GLN A 105 26.19 -13.47 -7.08
CA GLN A 105 26.36 -12.24 -6.29
C GLN A 105 27.22 -12.50 -5.05
N VAL A 106 26.97 -13.62 -4.39
CA VAL A 106 27.71 -13.99 -3.22
C VAL A 106 29.16 -14.23 -3.59
N ALA A 107 29.42 -14.79 -4.76
CA ALA A 107 30.80 -14.97 -5.15
C ALA A 107 31.56 -13.64 -5.23
N VAL A 108 30.95 -12.63 -5.84
CA VAL A 108 31.52 -11.26 -5.82
C VAL A 108 31.78 -10.74 -4.40
N HIS A 109 30.79 -10.87 -3.52
CA HIS A 109 30.97 -10.40 -2.13
C HIS A 109 32.15 -11.10 -1.46
N THR A 110 32.33 -12.38 -1.79
CA THR A 110 33.34 -13.19 -1.11
C THR A 110 34.76 -12.85 -1.64
N PHE A 111 34.92 -12.81 -2.98
CA PHE A 111 36.17 -12.32 -3.63
C PHE A 111 36.57 -10.92 -3.12
N GLU A 112 35.58 -10.04 -3.10
CA GLU A 112 35.79 -8.67 -2.66
C GLU A 112 36.08 -8.62 -1.17
N ASP A 113 35.39 -9.47 -0.38
CA ASP A 113 35.65 -9.46 1.06
C ASP A 113 37.12 -9.84 1.33
N ALA A 114 37.65 -10.82 0.59
CA ALA A 114 39.06 -11.22 0.63
C ALA A 114 40.04 -10.19 0.11
N GLY A 115 39.55 -9.26 -0.70
CA GLY A 115 40.38 -8.19 -1.24
C GLY A 115 40.97 -8.52 -2.59
N TYR A 116 40.22 -9.23 -3.40
CA TYR A 116 40.63 -9.62 -4.72
C TYR A 116 39.52 -9.27 -5.70
N SER A 117 39.74 -8.18 -6.42
CA SER A 117 38.92 -7.88 -7.60
C SER A 117 39.21 -8.91 -8.70
N LYS A 118 38.38 -8.92 -9.73
CA LYS A 118 38.63 -9.71 -10.93
C LYS A 118 39.99 -9.42 -11.56
N GLU A 119 40.28 -8.14 -11.67
CA GLU A 119 41.54 -7.67 -12.28
C GLU A 119 42.77 -8.16 -11.47
N THR A 120 42.67 -8.17 -10.14
CA THR A 120 43.70 -8.73 -9.27
C THR A 120 43.86 -10.24 -9.37
N LEU A 121 42.76 -10.97 -9.47
CA LEU A 121 42.84 -12.40 -9.73
C LEU A 121 43.56 -12.68 -11.04
N LEU A 122 43.36 -11.81 -12.03
CA LEU A 122 44.07 -12.00 -13.28
C LEU A 122 45.57 -11.62 -13.16
N SER A 123 45.91 -10.49 -12.57
CA SER A 123 47.32 -10.09 -12.47
C SER A 123 48.12 -11.06 -11.62
N ARG A 124 47.61 -11.39 -10.46
CA ARG A 124 48.31 -12.25 -9.52
C ARG A 124 48.41 -13.71 -9.91
N TYR A 125 47.31 -14.31 -10.40
CA TYR A 125 47.26 -15.75 -10.65
C TYR A 125 46.83 -16.14 -12.05
N ASN A 126 46.61 -15.18 -12.93
CA ASN A 126 46.20 -15.54 -14.26
C ASN A 126 44.88 -16.31 -14.21
N GLY A 127 44.04 -15.98 -13.23
CA GLY A 127 42.73 -16.61 -13.08
C GLY A 127 42.77 -18.01 -12.52
N ASP A 128 43.91 -18.47 -12.03
CA ASP A 128 44.04 -19.88 -11.62
C ASP A 128 43.40 -20.09 -10.26
N VAL A 129 42.08 -20.14 -10.28
CA VAL A 129 41.29 -20.17 -9.06
C VAL A 129 40.12 -21.13 -9.32
N GLY A 130 39.82 -21.96 -8.35
CA GLY A 130 38.72 -22.90 -8.50
C GLY A 130 37.44 -22.44 -7.86
N VAL A 131 36.34 -23.09 -8.22
CA VAL A 131 35.02 -22.76 -7.70
C VAL A 131 34.31 -24.11 -7.42
N LEU A 132 33.93 -24.34 -6.17
CA LEU A 132 33.38 -25.64 -5.75
C LEU A 132 32.20 -25.38 -4.86
N LEU A 133 31.01 -25.83 -5.24
CA LEU A 133 29.82 -25.67 -4.42
C LEU A 133 28.80 -26.76 -4.70
N GLY A 134 27.79 -26.84 -3.84
CA GLY A 134 26.63 -27.71 -4.03
C GLY A 134 25.30 -27.17 -3.48
N THR A 135 24.21 -27.76 -3.96
CA THR A 135 22.92 -27.58 -3.37
C THR A 135 22.07 -28.84 -3.56
N MET A 136 21.07 -29.02 -2.69
CA MET A 136 20.18 -30.20 -2.74
C MET A 136 18.91 -29.87 -3.52
N SER A 137 18.78 -28.64 -3.95
CA SER A 137 17.61 -28.24 -4.70
C SER A 137 17.95 -27.17 -5.74
N ASN A 138 17.19 -27.23 -6.82
CA ASN A 138 17.25 -26.33 -7.93
C ASN A 138 15.93 -26.54 -8.70
N ASP A 139 14.85 -25.95 -8.21
CA ASP A 139 13.49 -26.26 -8.64
C ASP A 139 12.88 -25.25 -9.59
N TYR A 140 13.68 -24.29 -10.03
CA TYR A 140 13.18 -23.30 -10.97
C TYR A 140 12.68 -23.86 -12.28
N HIS A 141 13.22 -25.00 -12.72
CA HIS A 141 12.73 -25.66 -13.96
C HIS A 141 11.25 -25.98 -13.93
N TYR A 142 10.65 -26.05 -12.77
CA TYR A 142 9.23 -26.29 -12.68
C TYR A 142 8.38 -25.19 -13.23
N TYR A 143 8.90 -23.96 -13.32
CA TYR A 143 8.07 -22.88 -13.86
C TYR A 143 7.78 -23.15 -15.30
N GLY A 144 8.83 -23.46 -16.05
CA GLY A 144 8.75 -23.75 -17.47
C GLY A 144 8.11 -25.10 -17.74
N PHE A 145 8.38 -26.08 -16.89
CA PHE A 145 7.67 -27.36 -17.07
C PHE A 145 6.17 -27.19 -16.88
N GLU A 146 5.77 -26.54 -15.77
CA GLU A 146 4.38 -26.36 -15.52
C GLU A 146 3.74 -25.58 -16.67
N SER A 147 4.39 -24.51 -17.13
CA SER A 147 3.80 -23.71 -18.18
C SER A 147 3.64 -24.59 -19.43
N ASN A 148 4.62 -25.44 -19.71
CA ASN A 148 4.49 -26.38 -20.84
C ASN A 148 3.39 -27.44 -20.72
N VAL A 149 3.00 -27.78 -19.49
CA VAL A 149 1.80 -28.59 -19.28
C VAL A 149 0.51 -27.96 -19.92
N PHE A 150 0.49 -26.63 -19.96
CA PHE A 150 -0.62 -25.80 -20.43
C PHE A 150 -0.46 -25.35 -21.89
N ARG A 151 0.71 -24.89 -22.25
CA ARG A 151 0.90 -24.31 -23.59
C ARG A 151 2.35 -24.30 -23.93
N GLY A 152 2.61 -24.14 -25.21
CA GLY A 152 4.04 -24.09 -25.65
C GLY A 152 4.71 -22.95 -24.94
N SER A 153 5.89 -23.21 -24.33
CA SER A 153 6.51 -22.26 -23.39
C SER A 153 8.03 -22.42 -23.40
N MET A 154 8.75 -21.42 -22.94
CA MET A 154 10.21 -21.56 -22.73
C MET A 154 10.44 -22.40 -21.49
N ALA A 155 11.38 -23.33 -21.59
CA ALA A 155 11.91 -24.01 -20.42
C ALA A 155 12.54 -22.97 -19.47
N SER A 156 12.65 -23.33 -18.19
CA SER A 156 13.35 -22.49 -17.17
C SER A 156 14.35 -23.31 -16.40
N GLY A 157 15.28 -22.61 -15.73
CA GLY A 157 16.19 -23.29 -14.86
C GLY A 157 17.52 -23.53 -15.53
N SER A 158 18.52 -23.77 -14.71
CA SER A 158 19.91 -23.94 -15.12
C SER A 158 20.34 -25.31 -14.57
N GLY A 159 21.17 -26.05 -15.33
CA GLY A 159 21.81 -27.25 -14.80
C GLY A 159 22.64 -26.95 -13.55
N MET A 160 22.85 -27.96 -12.71
CA MET A 160 23.64 -27.80 -11.48
C MET A 160 25.06 -27.25 -11.73
N ALA A 161 25.77 -27.79 -12.72
CA ALA A 161 27.16 -27.35 -12.97
C ALA A 161 27.19 -25.92 -13.53
N THR A 162 26.05 -25.39 -13.95
CA THR A 162 26.00 -24.00 -14.42
C THR A 162 26.29 -23.01 -13.28
N ILE A 163 26.00 -23.42 -12.06
CA ILE A 163 26.22 -22.58 -10.90
C ILE A 163 27.73 -22.30 -10.72
N PRO A 164 28.56 -23.33 -10.54
CA PRO A 164 29.97 -22.94 -10.44
C PRO A 164 30.52 -22.34 -11.76
N MET A 165 30.20 -22.90 -12.89
CA MET A 165 30.86 -22.45 -14.10
C MET A 165 30.49 -21.02 -14.51
N THR A 166 29.33 -20.55 -14.08
CA THR A 166 28.95 -19.21 -14.36
C THR A 166 29.89 -18.25 -13.59
N VAL A 167 30.22 -18.55 -12.33
CA VAL A 167 31.17 -17.72 -11.57
C VAL A 167 32.53 -17.75 -12.28
N SER A 168 32.92 -18.93 -12.71
CA SER A 168 34.23 -19.07 -13.38
C SER A 168 34.23 -18.33 -14.72
N TYR A 169 33.11 -18.36 -15.42
CA TYR A 169 32.99 -17.59 -16.65
C TYR A 169 33.10 -16.07 -16.37
N PHE A 170 32.28 -15.55 -15.46
CA PHE A 170 32.26 -14.12 -15.21
C PHE A 170 33.66 -13.66 -14.74
N TYR A 171 34.35 -14.49 -13.97
CA TYR A 171 35.66 -14.07 -13.42
C TYR A 171 36.85 -14.44 -14.28
N GLY A 172 36.57 -15.10 -15.40
CA GLY A 172 37.61 -15.67 -16.28
C GLY A 172 38.56 -16.65 -15.58
N LEU A 173 38.03 -17.55 -14.77
CA LEU A 173 38.90 -18.41 -13.97
C LEU A 173 39.25 -19.68 -14.73
N THR A 174 40.49 -20.17 -14.54
CA THR A 174 40.93 -21.39 -15.22
C THR A 174 41.02 -22.63 -14.31
N GLY A 175 40.77 -22.47 -13.02
CA GLY A 175 40.85 -23.59 -12.10
C GLY A 175 39.58 -24.46 -12.11
N PRO A 176 39.61 -25.55 -11.35
CA PRO A 176 38.52 -26.51 -11.40
C PRO A 176 37.22 -25.85 -10.97
N SER A 177 36.17 -26.11 -11.74
CA SER A 177 34.86 -25.53 -11.50
C SER A 177 33.86 -26.70 -11.46
N LEU A 178 33.47 -27.07 -10.23
CA LEU A 178 32.78 -28.32 -9.96
C LEU A 178 31.55 -28.08 -9.10
N PHE A 179 30.51 -28.79 -9.44
CA PHE A 179 29.35 -28.92 -8.58
C PHE A 179 29.48 -30.25 -7.86
N ILE A 180 29.22 -30.26 -6.56
CA ILE A 180 29.37 -31.52 -5.81
C ILE A 180 28.23 -31.66 -4.83
N ASP A 181 27.60 -32.81 -4.83
CA ASP A 181 26.46 -33.05 -3.99
C ASP A 181 26.81 -34.26 -3.13
N THR A 182 26.90 -34.02 -1.82
CA THR A 182 26.94 -35.08 -0.83
C THR A 182 25.77 -34.87 0.19
N MET A 183 24.60 -34.50 -0.33
CA MET A 183 23.44 -34.06 0.48
C MET A 183 23.79 -32.96 1.49
N CYS A 184 23.41 -33.13 2.77
CA CYS A 184 23.64 -32.12 3.82
C CYS A 184 25.12 -31.79 4.04
N SER A 185 26.02 -32.70 3.69
CA SER A 185 27.45 -32.41 3.90
C SER A 185 28.15 -31.76 2.68
N SER A 186 27.37 -31.43 1.64
CA SER A 186 27.89 -30.88 0.37
C SER A 186 28.93 -29.73 0.49
N SER A 187 28.59 -28.65 1.20
CA SER A 187 29.47 -27.49 1.27
C SER A 187 30.74 -27.86 2.04
N SER A 188 30.61 -28.73 3.01
CA SER A 188 31.77 -29.24 3.72
C SER A 188 32.60 -30.14 2.84
N THR A 189 31.96 -30.93 1.98
CA THR A 189 32.73 -31.77 1.03
C THR A 189 33.53 -30.88 0.06
N CYS A 190 32.89 -29.80 -0.37
CA CYS A 190 33.53 -28.81 -1.25
C CYS A 190 34.73 -28.13 -0.57
N ILE A 191 34.58 -27.75 0.69
CA ILE A 191 35.70 -27.14 1.41
C ILE A 191 36.80 -28.20 1.60
N HIS A 192 36.41 -29.42 1.95
CA HIS A 192 37.37 -30.50 2.10
C HIS A 192 38.20 -30.69 0.81
N THR A 193 37.49 -30.78 -0.30
CA THR A 193 38.09 -31.00 -1.63
C THR A 193 39.02 -29.83 -2.00
N ALA A 194 38.56 -28.63 -1.74
CA ALA A 194 39.36 -27.44 -1.96
C ALA A 194 40.67 -27.53 -1.22
N CYS A 195 40.63 -27.91 0.07
CA CYS A 195 41.88 -28.05 0.85
C CYS A 195 42.92 -28.98 0.20
N GLN A 196 42.49 -30.12 -0.31
CA GLN A 196 43.35 -31.09 -0.98
C GLN A 196 43.91 -30.53 -2.26
N MET A 197 43.06 -29.90 -3.07
CA MET A 197 43.54 -29.25 -4.29
C MET A 197 44.57 -28.18 -3.99
N LEU A 198 44.33 -27.40 -2.93
CA LEU A 198 45.29 -26.34 -2.59
C LEU A 198 46.57 -26.91 -2.00
N LYS A 199 46.45 -27.92 -1.14
CA LYS A 199 47.63 -28.60 -0.58
C LYS A 199 48.49 -29.17 -1.68
N HIS A 200 47.87 -29.74 -2.70
CA HIS A 200 48.65 -30.35 -3.75
C HIS A 200 48.95 -29.36 -4.88
N ASP A 201 48.69 -28.08 -4.65
CA ASP A 201 49.10 -27.02 -5.55
C ASP A 201 48.48 -27.19 -6.95
N GLU A 202 47.26 -27.71 -7.01
CA GLU A 202 46.55 -27.87 -8.27
C GLU A 202 45.99 -26.54 -8.80
N THR A 203 45.86 -25.56 -7.90
CA THR A 203 45.29 -24.25 -8.19
C THR A 203 45.71 -23.39 -7.03
N LYS A 204 45.54 -22.09 -7.20
CA LYS A 204 46.07 -21.12 -6.29
C LYS A 204 45.10 -20.68 -5.23
N MET A 205 43.83 -20.59 -5.58
CA MET A 205 42.80 -20.30 -4.60
C MET A 205 41.57 -21.06 -4.99
N VAL A 206 40.69 -21.32 -4.01
CA VAL A 206 39.37 -21.88 -4.29
C VAL A 206 38.30 -21.17 -3.49
N LEU A 207 37.28 -20.77 -4.21
CA LEU A 207 36.00 -20.35 -3.68
C LEU A 207 35.14 -21.58 -3.44
N ALA A 208 34.79 -21.86 -2.18
CA ALA A 208 33.92 -23.02 -1.85
C ALA A 208 32.73 -22.67 -1.03
N GLY A 209 31.61 -23.33 -1.32
CA GLY A 209 30.40 -23.04 -0.60
C GLY A 209 29.23 -23.89 -0.94
N GLY A 210 28.04 -23.37 -0.68
CA GLY A 210 26.84 -24.12 -0.87
C GLY A 210 25.60 -23.26 -0.74
N LEU A 211 24.43 -23.84 -0.99
CA LEU A 211 23.24 -23.05 -0.83
C LEU A 211 22.01 -23.94 -0.68
N ASN A 212 20.97 -23.35 -0.09
CA ASN A 212 19.65 -23.91 -0.09
C ASN A 212 18.62 -22.81 -0.18
N LEU A 213 17.63 -23.03 -1.05
CA LEU A 213 16.56 -22.10 -1.27
C LEU A 213 15.24 -22.85 -1.38
N MET A 214 14.16 -22.18 -1.05
CA MET A 214 12.82 -22.72 -1.24
C MET A 214 11.94 -21.65 -1.78
N TYR A 215 12.06 -21.43 -3.07
CA TYR A 215 11.25 -20.44 -3.72
C TYR A 215 10.04 -21.00 -4.43
N HIS A 216 9.97 -22.30 -4.68
CA HIS A 216 8.78 -22.91 -5.31
C HIS A 216 8.02 -23.68 -4.22
N PRO A 217 6.70 -23.49 -4.12
CA PRO A 217 5.95 -24.23 -3.12
C PRO A 217 6.19 -25.73 -3.13
N TYR A 218 6.40 -26.31 -4.32
CA TYR A 218 6.63 -27.76 -4.46
C TYR A 218 7.89 -28.22 -3.74
N THR A 219 8.87 -27.34 -3.63
CA THR A 219 10.04 -27.69 -2.84
C THR A 219 9.68 -28.19 -1.43
N THR A 220 8.70 -27.55 -0.79
CA THR A 220 8.27 -27.92 0.56
C THR A 220 7.40 -29.15 0.59
N VAL A 221 6.71 -29.40 -0.53
CA VAL A 221 5.89 -30.59 -0.63
C VAL A 221 6.84 -31.78 -0.71
N ASN A 222 7.87 -31.65 -1.53
CA ASN A 222 8.81 -32.71 -1.68
C ASN A 222 9.57 -32.98 -0.38
N THR A 223 9.97 -31.93 0.30
CA THR A 223 10.60 -32.04 1.61
C THR A 223 9.72 -32.77 2.61
N SER A 224 8.47 -32.33 2.70
CA SER A 224 7.50 -32.97 3.57
C SER A 224 7.41 -34.46 3.33
N GLN A 225 7.32 -34.89 2.09
CA GLN A 225 7.26 -36.35 1.79
C GLN A 225 8.58 -37.08 2.10
N GLY A 226 9.72 -36.37 2.22
CA GLY A 226 10.94 -36.98 2.69
C GLY A 226 10.91 -37.47 4.13
N ASN A 227 9.96 -37.01 4.95
CA ASN A 227 9.73 -37.55 6.30
C ASN A 227 10.94 -37.41 7.24
N PHE A 228 11.53 -36.22 7.29
CA PHE A 228 12.70 -35.97 8.19
C PHE A 228 12.64 -34.58 8.86
N THR A 229 11.55 -33.86 8.66
CA THR A 229 11.30 -32.58 9.25
C THR A 229 10.17 -32.66 10.26
N SER A 230 10.27 -31.84 11.29
CA SER A 230 9.30 -31.84 12.38
C SER A 230 7.95 -31.42 11.90
N ILE A 231 6.93 -32.07 12.43
CA ILE A 231 5.60 -31.63 12.20
C ILE A 231 5.08 -30.90 13.42
N THR A 232 5.89 -30.71 14.44
CA THR A 232 5.41 -30.02 15.65
C THR A 232 6.20 -28.75 16.00
N SER A 233 7.46 -28.67 15.62
CA SER A 233 8.30 -27.59 16.12
C SER A 233 8.55 -26.52 15.04
N GLU A 234 8.51 -25.28 15.49
CA GLU A 234 8.89 -24.13 14.74
C GLU A 234 10.38 -23.76 14.91
N SER A 235 11.14 -24.62 15.57
CA SER A 235 12.60 -24.40 15.76
C SER A 235 13.43 -25.67 15.66
N VAL A 236 14.72 -25.53 15.39
CA VAL A 236 15.67 -26.64 15.52
C VAL A 236 16.28 -26.56 16.89
N ASN A 237 15.99 -27.55 17.72
CA ASN A 237 16.40 -27.55 19.10
C ASN A 237 17.64 -28.39 19.29
N SER A 238 18.76 -27.80 18.85
CA SER A 238 20.03 -28.46 18.83
C SER A 238 20.47 -28.82 20.23
N TYR A 239 20.54 -30.13 20.46
CA TYR A 239 20.95 -30.71 21.73
C TYR A 239 19.95 -30.45 22.85
N GLY A 240 18.78 -30.00 22.45
CA GLY A 240 17.74 -29.70 23.35
C GLY A 240 16.61 -30.73 23.26
N VAL A 241 15.52 -30.36 23.90
CA VAL A 241 14.40 -31.15 24.25
C VAL A 241 13.45 -30.86 23.14
N GLY A 242 12.44 -31.70 23.00
CA GLY A 242 11.49 -31.57 21.93
C GLY A 242 12.13 -31.68 20.55
N ALA A 243 13.04 -32.63 20.35
CA ALA A 243 13.68 -32.76 19.05
C ALA A 243 13.02 -33.81 18.14
N ASP A 244 11.89 -33.49 17.48
CA ASP A 244 11.09 -34.49 16.65
C ASP A 244 11.77 -34.80 15.30
N GLY A 245 12.00 -33.74 14.53
CA GLY A 245 12.73 -33.77 13.25
C GLY A 245 13.24 -32.35 13.03
N THR A 246 14.03 -32.14 11.99
CA THR A 246 14.66 -30.83 11.78
C THR A 246 13.74 -29.83 11.13
N VAL A 247 14.23 -28.61 10.91
CA VAL A 247 13.46 -27.62 10.19
C VAL A 247 14.35 -26.94 9.17
N ILE A 248 13.86 -26.82 7.94
CA ILE A 248 14.68 -26.37 6.83
C ILE A 248 14.75 -24.85 6.76
N GLY A 249 15.98 -24.37 6.59
CA GLY A 249 16.24 -22.93 6.38
C GLY A 249 16.96 -22.62 5.07
N GLU A 250 17.05 -21.34 4.75
CA GLU A 250 17.66 -20.88 3.51
C GLU A 250 19.03 -20.23 3.83
N GLY A 251 19.92 -20.26 2.86
CA GLY A 251 21.16 -19.52 2.97
C GLY A 251 22.07 -19.85 1.81
N ILE A 252 23.02 -18.95 1.60
CA ILE A 252 24.03 -19.02 0.57
C ILE A 252 25.32 -18.55 1.21
N GLY A 253 26.34 -19.37 1.15
CA GLY A 253 27.58 -19.10 1.81
C GLY A 253 28.73 -19.53 0.96
N ALA A 254 29.83 -18.79 1.02
CA ALA A 254 31.10 -19.23 0.45
C ALA A 254 32.26 -18.69 1.23
N VAL A 255 33.42 -19.33 1.08
CA VAL A 255 34.69 -18.88 1.64
C VAL A 255 35.71 -18.92 0.55
N LEU A 256 36.68 -18.02 0.62
CA LEU A 256 37.83 -18.07 -0.28
C LEU A 256 38.96 -18.68 0.50
N LEU A 257 39.58 -19.70 -0.11
CA LEU A 257 40.61 -20.50 0.52
C LEU A 257 41.94 -20.42 -0.23
N LYS A 258 43.02 -20.40 0.52
CA LYS A 258 44.33 -20.30 -0.08
C LYS A 258 45.26 -21.09 0.82
N ARG A 259 46.42 -21.56 0.31
CA ARG A 259 47.33 -22.27 1.16
C ARG A 259 47.95 -21.29 2.17
N LEU A 260 48.11 -21.76 3.40
CA LEU A 260 48.51 -20.86 4.48
C LEU A 260 49.79 -20.06 4.20
N ASP A 261 50.83 -20.71 3.72
CA ASP A 261 52.10 -20.00 3.44
C ASP A 261 51.90 -18.86 2.43
N ARG A 262 51.14 -19.14 1.37
CA ARG A 262 50.89 -18.13 0.38
C ARG A 262 50.05 -16.99 0.99
N ALA A 263 49.11 -17.35 1.85
CA ALA A 263 48.25 -16.34 2.46
C ALA A 263 49.03 -15.44 3.44
N ILE A 264 49.98 -16.02 4.18
CA ILE A 264 50.80 -15.21 5.06
C ILE A 264 51.65 -14.28 4.21
N ALA A 265 52.32 -14.81 3.19
CA ALA A 265 53.19 -14.01 2.32
C ALA A 265 52.46 -12.89 1.60
N ASP A 266 51.26 -13.14 1.10
CA ASP A 266 50.46 -12.13 0.42
C ASP A 266 49.77 -11.15 1.39
N ARG A 267 49.87 -11.41 2.69
CA ARG A 267 49.28 -10.50 3.68
C ARG A 267 47.78 -10.30 3.44
N ASP A 268 47.08 -11.42 3.25
CA ASP A 268 45.63 -11.49 3.29
C ASP A 268 45.13 -11.47 4.72
N GLN A 269 43.87 -11.20 4.88
CA GLN A 269 43.16 -11.40 6.13
C GLN A 269 42.98 -12.91 6.24
N ILE A 270 43.33 -13.44 7.40
CA ILE A 270 43.27 -14.84 7.64
C ILE A 270 42.27 -15.01 8.73
N TYR A 271 41.04 -15.34 8.36
CA TYR A 271 40.00 -15.55 9.32
C TYR A 271 40.28 -16.76 10.25
N GLY A 272 40.90 -17.76 9.67
CA GLY A 272 41.18 -19.01 10.36
C GLY A 272 41.93 -19.96 9.44
N VAL A 273 42.51 -20.98 10.06
CA VAL A 273 43.30 -21.98 9.40
C VAL A 273 42.66 -23.36 9.57
N ILE A 274 42.37 -23.98 8.43
CA ILE A 274 41.87 -25.34 8.43
C ILE A 274 43.09 -26.21 8.55
N LYS A 275 43.19 -26.96 9.62
CA LYS A 275 44.40 -27.72 9.89
C LYS A 275 44.28 -29.20 9.59
N GLY A 276 43.08 -29.66 9.36
CA GLY A 276 42.81 -31.07 9.23
C GLY A 276 41.36 -31.21 8.81
N SER A 277 41.10 -32.15 7.90
CA SER A 277 39.79 -32.35 7.35
C SER A 277 39.74 -33.82 6.93
N ALA A 278 38.64 -34.50 7.22
CA ALA A 278 38.44 -35.89 6.82
C ALA A 278 36.99 -36.12 6.47
N MET A 279 36.73 -37.09 5.60
CA MET A 279 35.36 -37.51 5.26
C MET A 279 35.25 -39.02 5.36
N THR A 280 34.09 -39.52 5.79
CA THR A 280 33.81 -40.96 5.82
C THR A 280 32.38 -41.18 5.40
N ASN A 281 32.08 -42.37 4.89
CA ASN A 281 30.68 -42.72 4.66
C ASN A 281 30.22 -43.73 5.72
N ALA A 282 28.93 -43.73 6.02
CA ALA A 282 28.36 -44.54 7.10
C ALA A 282 28.63 -46.03 6.97
N GLY A 283 28.71 -46.53 5.74
CA GLY A 283 28.98 -47.93 5.51
C GLY A 283 27.77 -48.82 5.78
N GLU A 284 28.07 -50.05 6.18
CA GLU A 284 27.09 -51.08 6.44
C GLU A 284 26.22 -50.65 7.60
N ARG A 285 24.90 -50.72 7.41
CA ARG A 285 23.98 -50.26 8.43
C ARG A 285 22.59 -50.67 8.03
N ASN A 286 21.64 -50.56 8.97
CA ASN A 286 20.25 -50.92 8.70
C ASN A 286 19.34 -49.71 8.48
N GLY A 287 19.27 -49.26 7.23
CA GLY A 287 18.47 -48.10 6.86
C GLY A 287 19.36 -47.09 6.18
N PHE A 288 18.95 -46.68 4.99
CA PHE A 288 19.68 -45.68 4.20
C PHE A 288 19.99 -44.42 5.03
N ASN A 289 18.99 -43.96 5.76
CA ASN A 289 19.11 -42.70 6.53
C ASN A 289 19.58 -42.88 7.96
N VAL A 290 20.16 -44.04 8.29
CA VAL A 290 20.58 -44.32 9.66
C VAL A 290 22.10 -44.08 9.76
N PRO A 291 22.54 -43.30 10.76
CA PRO A 291 23.98 -43.09 10.96
C PRO A 291 24.69 -44.29 11.56
N ASN A 292 26.02 -44.25 11.54
CA ASN A 292 26.84 -45.11 12.36
C ASN A 292 27.73 -44.16 13.13
N PRO A 293 27.54 -44.07 14.45
CA PRO A 293 28.40 -43.13 15.19
C PRO A 293 29.89 -43.42 15.03
N ASP A 294 30.26 -44.69 14.82
CA ASP A 294 31.71 -45.02 14.73
C ASP A 294 32.38 -44.42 13.50
N LEU A 295 31.63 -44.28 12.42
CA LEU A 295 32.19 -43.65 11.24
C LEU A 295 32.23 -42.12 11.41
N GLN A 296 31.33 -41.57 12.21
CA GLN A 296 31.45 -40.15 12.55
C GLN A 296 32.74 -39.93 13.38
N THR A 297 32.97 -40.82 14.36
CA THR A 297 34.16 -40.79 15.22
C THR A 297 35.45 -40.92 14.41
N LEU A 298 35.43 -41.81 13.40
CA LEU A 298 36.60 -41.97 12.54
C LEU A 298 36.92 -40.67 11.82
N ALA A 299 35.92 -40.01 11.27
CA ALA A 299 36.13 -38.69 10.61
C ALA A 299 36.75 -37.66 11.55
N ILE A 300 36.24 -37.60 12.78
CA ILE A 300 36.71 -36.64 13.77
C ILE A 300 38.17 -36.92 14.12
N ARG A 301 38.47 -38.18 14.37
CA ARG A 301 39.84 -38.63 14.66
C ARG A 301 40.84 -38.40 13.56
N GLN A 302 40.42 -38.68 12.33
CA GLN A 302 41.31 -38.44 11.21
C GLN A 302 41.58 -36.94 11.05
N ALA A 303 40.55 -36.08 11.20
CA ALA A 303 40.81 -34.65 11.13
C ALA A 303 41.80 -34.23 12.24
N MET A 304 41.61 -34.76 13.44
CA MET A 304 42.44 -34.35 14.57
C MET A 304 43.89 -34.76 14.37
N ASP A 305 44.08 -36.03 13.96
CA ASP A 305 45.38 -36.59 13.64
C ASP A 305 46.05 -35.77 12.60
N GLN A 306 45.30 -35.44 11.56
CA GLN A 306 45.86 -34.65 10.49
C GLN A 306 46.29 -33.25 11.00
N ALA A 307 45.51 -32.61 11.86
CA ALA A 307 45.94 -31.31 12.41
C ALA A 307 46.99 -31.41 13.54
N LYS A 308 47.39 -32.62 13.92
CA LYS A 308 48.26 -32.80 15.05
C LYS A 308 47.66 -32.15 16.29
N VAL A 309 46.37 -32.35 16.51
CA VAL A 309 45.80 -31.76 17.70
C VAL A 309 45.32 -32.79 18.69
N HIS A 310 45.60 -32.52 19.96
CA HIS A 310 45.12 -33.32 21.06
C HIS A 310 43.67 -32.90 21.35
N PRO A 311 42.77 -33.86 21.65
CA PRO A 311 41.35 -33.45 21.83
C PRO A 311 41.11 -32.45 22.97
N SER A 312 41.88 -32.55 24.04
CA SER A 312 41.83 -31.55 25.11
C SER A 312 42.10 -30.11 24.69
N SER A 313 42.67 -29.91 23.50
CA SER A 313 42.99 -28.57 23.02
C SER A 313 41.88 -27.97 22.22
N ILE A 314 40.85 -28.75 21.95
CA ILE A 314 39.69 -28.29 21.20
C ILE A 314 38.72 -27.71 22.21
N SER A 315 38.28 -26.47 21.96
CA SER A 315 37.49 -25.74 22.97
C SER A 315 36.12 -25.37 22.50
N TYR A 316 35.84 -25.58 21.22
CA TYR A 316 34.50 -25.41 20.66
C TYR A 316 34.28 -26.46 19.58
N ILE A 317 33.04 -26.99 19.51
CA ILE A 317 32.59 -27.79 18.40
C ILE A 317 31.31 -27.19 17.81
N GLU A 318 31.31 -26.96 16.50
CA GLU A 318 30.13 -26.55 15.79
C GLU A 318 29.57 -27.87 15.28
N GLY A 319 28.60 -28.38 16.01
CA GLY A 319 28.02 -29.65 15.71
C GLY A 319 27.03 -29.53 14.59
N HIS A 320 26.71 -30.68 14.01
CA HIS A 320 25.66 -30.74 13.01
C HIS A 320 24.41 -30.21 13.68
N GLY A 321 24.04 -30.81 14.80
CA GLY A 321 22.98 -30.27 15.62
C GLY A 321 21.60 -30.22 14.97
N SER A 322 21.18 -31.25 14.24
CA SER A 322 19.97 -31.06 13.39
C SER A 322 18.63 -31.14 14.12
N GLY A 323 18.70 -31.53 15.38
CA GLY A 323 17.58 -31.48 16.26
C GLY A 323 16.64 -32.67 16.11
N THR A 324 17.13 -33.81 15.66
CA THR A 324 16.30 -35.03 15.66
C THR A 324 16.47 -35.85 16.90
N LYS A 325 15.44 -36.64 17.16
CA LYS A 325 15.34 -37.48 18.36
C LYS A 325 16.48 -38.50 18.41
N LEU A 326 16.75 -39.09 17.26
CA LEU A 326 17.82 -40.08 17.13
C LEU A 326 19.18 -39.48 16.79
N GLY A 327 19.23 -38.49 15.90
CA GLY A 327 20.50 -37.96 15.43
C GLY A 327 21.35 -37.23 16.47
N ASP A 328 20.74 -36.40 17.31
CA ASP A 328 21.51 -35.62 18.28
C ASP A 328 22.24 -36.49 19.28
N PRO A 329 21.57 -37.50 19.85
CA PRO A 329 22.34 -38.34 20.78
C PRO A 329 23.44 -39.12 20.11
N ILE A 330 23.12 -39.60 18.93
CA ILE A 330 24.13 -40.31 18.13
C ILE A 330 25.34 -39.43 17.83
N GLU A 331 25.11 -38.20 17.42
CA GLU A 331 26.24 -37.29 17.13
C GLU A 331 27.11 -37.04 18.35
N VAL A 332 26.47 -36.78 19.47
CA VAL A 332 27.19 -36.62 20.74
C VAL A 332 27.95 -37.86 21.17
N LEU A 333 27.34 -39.04 20.98
CA LEU A 333 28.07 -40.30 21.15
C LEU A 333 29.33 -40.33 20.29
N GLY A 334 29.22 -40.00 19.00
CA GLY A 334 30.37 -40.03 18.10
C GLY A 334 31.46 -39.07 18.56
N LEU A 335 31.05 -37.87 18.99
CA LEU A 335 32.01 -36.90 19.53
C LEU A 335 32.65 -37.37 20.81
N ASN A 336 31.86 -37.84 21.74
CA ASN A 336 32.43 -38.38 22.99
C ASN A 336 33.46 -39.48 22.69
N ASN A 337 33.11 -40.40 21.80
CA ASN A 337 34.04 -41.48 21.50
C ASN A 337 35.29 -40.95 20.84
N ALA A 338 35.15 -39.89 20.05
CA ALA A 338 36.32 -39.26 19.46
C ALA A 338 37.19 -38.51 20.45
N PHE A 339 36.74 -38.31 21.69
CA PHE A 339 37.50 -37.52 22.68
C PHE A 339 37.98 -38.34 23.89
N ARG A 340 37.17 -39.29 24.37
CA ARG A 340 37.36 -39.81 25.72
C ARG A 340 38.52 -40.77 25.81
N TRP A 341 39.00 -41.27 24.67
CA TRP A 341 40.24 -42.05 24.64
C TRP A 341 41.45 -41.22 25.11
N ALA A 342 41.35 -39.89 25.04
CA ALA A 342 42.49 -38.98 25.33
C ALA A 342 42.43 -38.23 26.67
N THR A 343 41.24 -38.12 27.24
CA THR A 343 41.05 -37.33 28.42
C THR A 343 39.82 -37.83 29.14
N ASP A 344 39.92 -37.78 30.46
CA ASP A 344 38.83 -38.09 31.35
C ASP A 344 38.09 -36.81 31.70
N ASP A 345 38.56 -35.65 31.22
CA ASP A 345 37.86 -34.40 31.52
C ASP A 345 36.44 -34.37 30.95
N LYS A 346 35.55 -33.76 31.72
CA LYS A 346 34.14 -33.65 31.43
C LYS A 346 33.77 -32.18 31.29
N GLN A 347 32.85 -31.90 30.37
CA GLN A 347 32.22 -30.58 30.25
C GLN A 347 33.18 -29.37 30.22
N PHE A 348 34.29 -29.52 29.46
CA PHE A 348 35.28 -28.45 29.28
C PHE A 348 35.24 -27.77 27.88
N CYS A 349 34.49 -28.33 26.94
CA CYS A 349 34.49 -27.88 25.56
C CYS A 349 33.08 -27.52 25.20
N TYR A 350 32.88 -26.37 24.56
CA TYR A 350 31.56 -25.92 24.21
C TYR A 350 31.09 -26.59 22.92
N LEU A 351 29.80 -26.86 22.87
CA LEU A 351 29.16 -27.50 21.73
C LEU A 351 27.89 -26.74 21.40
N GLY A 352 27.80 -26.26 20.17
CA GLY A 352 26.59 -25.63 19.67
C GLY A 352 26.38 -25.79 18.20
N SER A 353 25.35 -25.14 17.71
CA SER A 353 25.01 -25.24 16.29
C SER A 353 24.20 -24.05 15.84
N ILE A 354 24.65 -23.45 14.74
CA ILE A 354 23.98 -22.32 14.13
C ILE A 354 22.62 -22.76 13.61
N LYS A 355 22.39 -24.06 13.48
CA LYS A 355 21.02 -24.50 13.07
C LYS A 355 19.96 -24.04 14.10
N SER A 356 20.36 -23.84 15.36
CA SER A 356 19.40 -23.40 16.37
C SER A 356 18.82 -22.01 16.05
N ASN A 357 19.62 -21.20 15.35
CA ASN A 357 19.28 -19.83 15.00
C ASN A 357 18.59 -19.73 13.65
N ILE A 358 19.05 -20.51 12.67
CA ILE A 358 18.57 -20.32 11.27
C ILE A 358 18.07 -21.55 10.59
N GLY A 359 18.00 -22.65 11.31
CA GLY A 359 17.51 -23.89 10.75
C GLY A 359 18.54 -24.69 9.97
N HIS A 360 18.07 -25.72 9.29
CA HIS A 360 18.95 -26.65 8.60
C HIS A 360 19.05 -26.22 7.14
N LEU A 361 20.23 -25.74 6.76
CA LEU A 361 20.47 -25.24 5.41
C LEU A 361 20.94 -26.29 4.45
N LEU A 362 20.62 -27.54 4.74
CA LEU A 362 20.95 -28.69 3.90
C LEU A 362 22.36 -28.56 3.33
N ALA A 363 22.53 -28.41 2.00
CA ALA A 363 23.89 -28.40 1.41
C ALA A 363 24.77 -27.26 2.02
N ALA A 364 24.14 -26.18 2.49
CA ALA A 364 24.83 -25.04 3.08
C ALA A 364 25.01 -25.10 4.61
N SER A 365 24.59 -26.22 5.20
CA SER A 365 24.74 -26.43 6.62
C SER A 365 26.20 -26.27 7.03
N GLY A 366 27.11 -26.85 6.27
CA GLY A 366 28.56 -26.76 6.65
C GLY A 366 29.19 -25.36 6.58
N ILE A 367 28.96 -24.67 5.47
CA ILE A 367 29.53 -23.30 5.33
C ILE A 367 28.83 -22.38 6.33
N ALA A 368 27.54 -22.59 6.62
CA ALA A 368 26.89 -21.81 7.72
C ALA A 368 27.65 -21.99 9.03
N GLY A 369 27.89 -23.24 9.38
CA GLY A 369 28.52 -23.57 10.66
C GLY A 369 29.93 -23.00 10.73
N LEU A 370 30.64 -23.09 9.60
CA LEU A 370 31.99 -22.52 9.47
C LEU A 370 31.95 -20.99 9.63
N THR A 371 30.92 -20.38 9.06
CA THR A 371 30.75 -18.93 9.14
C THR A 371 30.67 -18.45 10.62
N LYS A 372 29.83 -19.12 11.39
CA LYS A 372 29.68 -18.82 12.82
C LYS A 372 31.01 -18.98 13.54
N THR A 373 31.67 -20.10 13.31
CA THR A 373 32.96 -20.37 13.99
C THR A 373 34.03 -19.34 13.67
N LEU A 374 34.12 -18.92 12.42
CA LEU A 374 35.08 -17.89 12.08
C LEU A 374 34.68 -16.58 12.77
N LEU A 375 33.37 -16.30 12.88
CA LEU A 375 32.98 -15.08 13.62
C LEU A 375 33.32 -15.16 15.11
N GLN A 376 33.15 -16.35 15.69
CA GLN A 376 33.61 -16.60 17.05
C GLN A 376 35.09 -16.31 17.24
N PHE A 377 35.91 -16.78 16.32
CA PHE A 377 37.35 -16.50 16.41
C PHE A 377 37.61 -14.99 16.33
N LYS A 378 36.97 -14.35 15.36
CA LYS A 378 37.19 -12.90 15.15
C LYS A 378 36.92 -12.10 16.41
N HIS A 379 35.82 -12.42 17.08
CA HIS A 379 35.41 -11.73 18.28
C HIS A 379 35.86 -12.36 19.55
N LYS A 380 36.55 -13.50 19.49
CA LYS A 380 36.99 -14.20 20.69
C LYS A 380 35.86 -14.49 21.66
N GLN A 381 34.73 -14.95 21.13
CA GLN A 381 33.59 -15.24 21.94
C GLN A 381 32.86 -16.47 21.43
N ILE A 382 32.24 -17.14 22.36
CA ILE A 382 31.36 -18.24 22.01
C ILE A 382 29.90 -17.78 22.16
N ALA A 383 29.19 -17.91 21.06
CA ALA A 383 27.81 -17.51 20.98
C ALA A 383 26.91 -18.55 21.62
N PRO A 384 25.76 -18.11 22.15
CA PRO A 384 24.86 -19.11 22.64
C PRO A 384 24.29 -19.96 21.49
N SER A 385 23.94 -21.20 21.83
CA SER A 385 23.26 -22.16 20.99
C SER A 385 21.87 -22.24 21.61
N ILE A 386 20.87 -21.77 20.89
CA ILE A 386 19.58 -21.50 21.47
C ILE A 386 18.65 -22.72 21.37
N HIS A 387 17.49 -22.59 21.97
CA HIS A 387 16.49 -23.64 22.09
C HIS A 387 17.08 -24.89 22.76
N SER A 388 17.95 -24.68 23.75
CA SER A 388 18.50 -25.79 24.52
C SER A 388 18.60 -25.50 26.00
N SER A 389 17.76 -24.58 26.49
CA SER A 389 17.74 -24.27 27.94
C SER A 389 17.29 -25.54 28.70
N GLN A 390 16.37 -26.36 28.16
CA GLN A 390 16.23 -27.76 28.64
C GLN A 390 16.94 -28.70 27.67
N LEU A 391 17.94 -29.42 28.18
CA LEU A 391 18.81 -30.26 27.36
C LEU A 391 18.16 -31.59 26.99
N ASN A 392 18.58 -32.17 25.87
CA ASN A 392 18.03 -33.49 25.44
C ASN A 392 18.12 -34.50 26.57
N GLN A 393 16.99 -35.07 26.97
CA GLN A 393 16.98 -35.97 28.13
C GLN A 393 17.69 -37.33 27.88
N ASP A 394 17.91 -37.73 26.64
CA ASP A 394 18.68 -38.96 26.36
C ASP A 394 20.18 -38.72 26.24
N ILE A 395 20.64 -37.49 26.47
CA ILE A 395 22.06 -37.22 26.36
C ILE A 395 22.51 -36.94 27.75
N ASP A 396 23.41 -37.77 28.23
CA ASP A 396 24.04 -37.52 29.51
C ASP A 396 25.27 -36.65 29.29
N PHE A 397 25.05 -35.34 29.22
CA PHE A 397 26.15 -34.41 28.97
C PHE A 397 27.24 -34.39 30.03
N ALA A 398 26.93 -34.73 31.27
CA ALA A 398 27.95 -34.72 32.35
C ALA A 398 28.95 -35.85 32.20
N ASP A 399 28.61 -36.83 31.36
CA ASP A 399 29.54 -37.89 31.02
C ASP A 399 30.19 -37.64 29.66
N THR A 400 30.32 -36.38 29.27
CA THR A 400 30.97 -36.00 28.02
C THR A 400 31.91 -34.82 28.25
N PRO A 401 32.74 -34.51 27.25
CA PRO A 401 33.59 -33.32 27.27
C PRO A 401 32.84 -32.00 27.11
N PHE A 402 31.55 -32.06 26.86
CA PHE A 402 30.86 -30.95 26.28
C PHE A 402 29.80 -30.28 27.14
N VAL A 403 29.69 -28.97 26.94
CA VAL A 403 28.56 -28.19 27.42
C VAL A 403 28.06 -27.23 26.35
N VAL A 404 26.73 -27.16 26.23
CA VAL A 404 26.03 -26.36 25.29
C VAL A 404 25.80 -24.94 25.84
N PRO A 405 26.45 -23.91 25.23
CA PRO A 405 26.51 -22.58 25.84
C PRO A 405 25.17 -21.90 25.76
N GLN A 406 24.70 -21.38 26.89
CA GLN A 406 23.41 -20.74 26.96
C GLN A 406 23.57 -19.22 26.87
N GLN A 407 24.80 -18.69 26.97
CA GLN A 407 25.05 -17.24 26.89
C GLN A 407 26.24 -16.90 26.05
N LEU A 408 26.43 -15.60 25.80
CA LEU A 408 27.56 -15.14 25.06
C LEU A 408 28.70 -15.19 26.05
N ILE A 409 29.76 -15.90 25.76
CA ILE A 409 30.87 -15.93 26.70
C ILE A 409 32.20 -15.65 26.04
N GLU A 410 33.15 -15.22 26.85
CA GLU A 410 34.48 -14.94 26.34
C GLU A 410 35.10 -16.30 25.99
N TRP A 411 35.75 -16.38 24.83
CA TRP A 411 36.47 -17.58 24.42
C TRP A 411 37.90 -17.52 24.94
N ARG A 412 38.18 -18.23 26.01
CA ARG A 412 39.54 -18.32 26.51
C ARG A 412 40.37 -19.33 25.71
N GLN A 413 41.59 -18.95 25.40
CA GLN A 413 42.64 -19.92 25.10
C GLN A 413 42.72 -20.96 26.20
N PRO A 414 42.44 -22.22 25.86
CA PRO A 414 42.50 -23.23 26.87
C PRO A 414 43.93 -23.56 27.17
N GLU A 415 44.16 -24.12 28.33
CA GLU A 415 45.51 -24.36 28.79
C GLU A 415 45.51 -25.71 29.53
N ARG A 416 46.52 -26.55 29.29
CA ARG A 416 46.66 -27.85 30.00
C ARG A 416 48.12 -28.18 30.23
N ILE A 417 48.44 -28.69 31.41
CA ILE A 417 49.75 -29.32 31.60
C ILE A 417 49.53 -30.76 31.14
N ILE A 418 50.22 -31.14 30.07
CA ILE A 418 50.02 -32.45 29.46
C ILE A 418 51.39 -33.13 29.45
N ASN A 419 51.45 -34.29 30.07
CA ASN A 419 52.69 -35.03 30.21
C ASN A 419 53.82 -34.07 30.69
N GLY A 420 53.48 -33.32 31.74
CA GLY A 420 54.41 -32.44 32.45
C GLY A 420 54.70 -31.09 31.83
N ARG A 421 54.05 -30.75 30.72
CA ARG A 421 54.42 -29.53 30.00
C ARG A 421 53.19 -28.64 29.83
N LYS A 422 53.34 -27.40 30.29
CA LYS A 422 52.30 -26.39 30.19
C LYS A 422 52.10 -26.08 28.73
N GLN A 423 50.89 -26.25 28.27
CA GLN A 423 50.59 -25.97 26.88
C GLN A 423 49.47 -24.95 26.89
N VAL A 424 49.71 -23.82 26.25
CA VAL A 424 48.66 -22.87 26.01
C VAL A 424 48.27 -23.11 24.59
N PHE A 425 46.99 -23.31 24.33
CA PHE A 425 46.58 -23.58 22.97
C PHE A 425 45.83 -22.41 22.41
N PRO A 426 45.94 -22.20 21.10
CA PRO A 426 45.12 -21.20 20.49
C PRO A 426 43.67 -21.68 20.48
N ARG A 427 42.76 -20.79 20.15
CA ARG A 427 41.39 -21.17 19.96
C ARG A 427 41.33 -22.12 18.77
N ARG A 428 40.81 -23.32 19.00
CA ARG A 428 40.64 -24.35 17.96
C ARG A 428 39.24 -24.92 18.07
N ALA A 429 38.63 -25.17 16.92
CA ALA A 429 37.29 -25.69 16.82
C ALA A 429 37.23 -26.88 15.87
N GLY A 430 36.35 -27.82 16.20
CA GLY A 430 36.04 -28.94 15.33
C GLY A 430 34.70 -28.58 14.75
N LEU A 431 34.50 -28.91 13.49
CA LEU A 431 33.20 -28.68 12.84
C LEU A 431 32.78 -29.95 12.14
N THR A 432 31.49 -30.28 12.24
CA THR A 432 30.92 -31.53 11.75
C THR A 432 29.69 -31.29 10.90
N SER A 433 29.63 -31.97 9.75
CA SER A 433 28.46 -31.95 8.87
C SER A 433 28.13 -33.41 8.56
N ILE A 434 26.85 -33.75 8.54
CA ILE A 434 26.42 -35.15 8.38
C ILE A 434 25.30 -35.22 7.34
N ALA A 435 25.46 -36.12 6.35
CA ALA A 435 24.41 -36.31 5.34
C ALA A 435 23.51 -37.49 5.71
N ALA A 436 22.23 -37.34 5.44
CA ALA A 436 21.23 -38.38 5.64
C ALA A 436 21.64 -39.71 5.06
N GLY A 437 22.23 -39.67 3.86
CA GLY A 437 22.59 -40.87 3.13
C GLY A 437 23.94 -41.50 3.39
N GLY A 438 24.74 -40.91 4.29
CA GLY A 438 25.89 -41.60 4.84
C GLY A 438 27.12 -40.78 5.06
N MET A 439 27.29 -39.74 4.25
CA MET A 439 28.53 -39.00 4.21
C MET A 439 28.71 -38.04 5.40
N ASN A 440 29.89 -38.13 5.98
CA ASN A 440 30.28 -37.37 7.16
C ASN A 440 31.49 -36.55 6.77
N ALA A 441 31.56 -35.34 7.33
CA ALA A 441 32.70 -34.44 7.21
C ALA A 441 33.03 -33.87 8.59
N HIS A 442 34.30 -33.80 8.92
CA HIS A 442 34.74 -33.11 10.10
C HIS A 442 36.01 -32.35 9.73
N MET A 443 36.16 -31.15 10.26
CA MET A 443 37.36 -30.37 10.03
C MET A 443 37.71 -29.62 11.29
N ILE A 444 39.00 -29.49 11.49
CA ILE A 444 39.61 -28.76 12.59
C ILE A 444 40.17 -27.43 12.08
N VAL A 445 39.76 -26.36 12.72
CA VAL A 445 40.04 -25.02 12.26
C VAL A 445 40.58 -24.22 13.46
N GLU A 446 41.57 -23.38 13.21
CA GLU A 446 42.35 -22.74 14.30
C GLU A 446 42.43 -21.22 14.08
N GLU A 447 42.38 -20.41 15.13
CA GLU A 447 42.45 -18.94 14.96
C GLU A 447 43.85 -18.59 14.46
N TYR A 448 44.02 -17.42 13.87
CA TYR A 448 45.31 -16.96 13.41
C TYR A 448 45.50 -15.53 13.87
N PRO A 449 46.70 -15.16 14.29
CA PRO A 449 46.95 -13.84 14.88
C PRO A 449 47.14 -12.74 13.86
N GLU A 450 46.69 -11.54 14.22
CA GLU A 450 46.80 -10.43 13.30
C GLU A 450 48.21 -9.91 13.27
N PRO A 451 48.71 -9.61 12.09
CA PRO A 451 50.10 -9.13 12.12
C PRO A 451 50.24 -7.81 12.89
N ALA A 452 51.40 -7.59 13.49
CA ALA A 452 51.66 -6.37 14.23
C ALA A 452 51.67 -5.12 13.33
N ASP A 453 52.18 -5.28 12.11
CA ASP A 453 52.37 -4.19 11.18
C ASP A 453 51.36 -4.27 10.04
N SER A 454 50.13 -4.67 10.36
CA SER A 454 49.18 -4.86 9.31
C SER A 454 48.77 -3.54 8.62
N ALA A 455 49.07 -2.41 9.26
CA ALA A 455 48.73 -1.10 8.69
C ALA A 455 49.59 -0.74 7.51
N GLY A 456 50.70 -1.43 7.31
CA GLY A 456 51.58 -1.09 6.22
C GLY A 456 52.14 0.31 6.36
N GLN A 457 52.75 0.81 5.29
CA GLN A 457 53.37 2.14 5.22
C GLN A 457 53.07 2.79 3.89
N ILE A 458 52.71 4.07 3.96
CA ILE A 458 52.57 4.91 2.78
C ILE A 458 52.58 6.37 3.24
N SER A 459 53.03 7.28 2.40
CA SER A 459 52.90 8.70 2.75
C SER A 459 51.48 9.12 2.70
N GLU A 460 51.06 9.88 3.69
CA GLU A 460 49.66 10.23 3.78
C GLU A 460 49.20 11.10 2.57
N ASP A 461 50.16 11.77 1.96
CA ASP A 461 49.95 12.46 0.69
C ASP A 461 49.63 11.56 -0.49
N GLN A 462 49.89 10.26 -0.35
CA GLN A 462 49.62 9.30 -1.40
C GLN A 462 48.36 8.47 -1.10
N LEU A 463 47.60 8.85 -0.07
CA LEU A 463 46.32 8.24 0.15
C LEU A 463 45.29 8.74 -0.83
N VAL A 464 44.61 7.81 -1.48
CA VAL A 464 43.44 8.10 -2.32
C VAL A 464 42.45 6.97 -2.07
N PHE A 465 41.15 7.29 -2.06
CA PHE A 465 40.11 6.34 -1.84
C PHE A 465 39.31 6.27 -3.12
N VAL A 466 39.33 5.10 -3.76
CA VAL A 466 38.76 4.95 -5.09
C VAL A 466 37.51 4.07 -5.00
N PHE A 467 36.50 4.43 -5.76
CA PHE A 467 35.20 3.79 -5.71
C PHE A 467 34.70 3.67 -7.15
N SER A 468 34.03 2.56 -7.45
CA SER A 468 33.41 2.42 -8.75
C SER A 468 32.09 1.72 -8.69
N VAL A 469 31.17 2.14 -9.56
CA VAL A 469 29.88 1.46 -9.71
C VAL A 469 29.52 1.25 -11.17
N HIS A 470 28.63 0.28 -11.44
CA HIS A 470 28.15 -0.04 -12.79
CA HIS A 470 28.24 0.03 -12.83
C HIS A 470 27.10 0.94 -13.30
N LYS A 471 26.28 1.43 -12.36
CA LYS A 471 25.19 2.37 -12.63
C LYS A 471 25.30 3.56 -11.67
N LEU A 472 25.36 4.77 -12.24
CA LEU A 472 25.32 6.02 -11.49
C LEU A 472 24.11 6.14 -10.56
N ALA A 473 23.00 5.55 -10.98
CA ALA A 473 21.82 5.59 -10.15
C ALA A 473 22.09 4.88 -8.81
N LEU A 474 23.05 3.97 -8.76
CA LEU A 474 23.37 3.29 -7.50
C LEU A 474 24.59 3.89 -6.76
N LEU A 475 25.11 5.00 -7.26
CA LEU A 475 26.36 5.55 -6.67
C LEU A 475 26.13 6.07 -5.25
N ALA A 476 25.06 6.87 -5.08
CA ALA A 476 24.79 7.50 -3.80
C ALA A 476 24.60 6.41 -2.72
N GLN A 477 23.90 5.34 -3.09
CA GLN A 477 23.65 4.20 -2.20
C GLN A 477 24.90 3.43 -1.79
N ASN A 478 25.76 3.17 -2.75
CA ASN A 478 27.03 2.53 -2.45
C ASN A 478 27.89 3.39 -1.56
N LEU A 479 27.97 4.69 -1.86
CA LEU A 479 28.81 5.59 -1.01
C LEU A 479 28.22 5.72 0.40
N THR A 480 26.89 5.69 0.51
CA THR A 480 26.23 5.77 1.81
C THR A 480 26.55 4.55 2.65
N SER A 481 26.59 3.41 1.99
CA SER A 481 26.85 2.16 2.70
C SER A 481 28.31 2.15 3.14
N PHE A 482 29.21 2.68 2.30
CA PHE A 482 30.62 2.81 2.71
C PHE A 482 30.77 3.81 3.85
N ARG A 483 30.06 4.90 3.73
CA ARG A 483 30.15 5.92 4.76
C ARG A 483 29.62 5.44 6.12
N ASP A 484 28.48 4.74 6.11
CA ASP A 484 27.95 4.14 7.32
C ASP A 484 28.91 3.15 7.96
N TRP A 485 29.53 2.31 7.15
CA TRP A 485 30.51 1.37 7.66
C TRP A 485 31.68 2.13 8.25
N LEU A 486 32.05 3.18 7.59
CA LEU A 486 33.26 3.89 7.98
C LEU A 486 33.13 4.53 9.37
N ALA A 487 31.92 4.97 9.67
CA ALA A 487 31.65 5.61 10.93
C ALA A 487 31.77 4.63 12.09
N SER A 488 31.65 3.34 11.85
CA SER A 488 31.82 2.42 12.95
C SER A 488 33.19 1.71 12.91
N SER A 489 34.09 2.16 12.04
CA SER A 489 35.37 1.45 11.86
C SER A 489 36.55 2.34 12.19
N GLU A 490 37.51 1.77 12.92
CA GLU A 490 38.80 2.38 13.23
C GLU A 490 39.95 1.81 12.41
N ALA A 491 39.67 1.09 11.35
CA ALA A 491 40.72 0.53 10.50
C ALA A 491 41.63 1.66 10.01
N PRO A 492 42.98 1.47 10.04
CA PRO A 492 43.87 2.48 9.48
C PRO A 492 43.57 2.80 8.01
N LEU A 493 43.76 4.07 7.67
CA LEU A 493 43.39 4.59 6.35
C LEU A 493 44.11 3.87 5.17
N ALA A 494 45.37 3.52 5.38
CA ALA A 494 46.18 2.80 4.41
C ALA A 494 45.57 1.49 3.98
N GLN A 495 45.00 0.76 4.95
CA GLN A 495 44.35 -0.53 4.66
C GLN A 495 43.03 -0.37 3.90
N ILE A 496 42.31 0.70 4.21
CA ILE A 496 41.06 0.98 3.49
C ILE A 496 41.39 1.33 2.04
N ALA A 497 42.36 2.20 1.87
CA ALA A 497 42.81 2.68 0.59
C ALA A 497 43.24 1.51 -0.27
N TYR A 498 44.02 0.61 0.30
CA TYR A 498 44.65 -0.42 -0.50
C TYR A 498 43.65 -1.48 -0.90
N THR A 499 42.77 -1.86 0.03
CA THR A 499 41.77 -2.86 -0.31
C THR A 499 40.77 -2.30 -1.32
N LEU A 500 40.41 -1.02 -1.22
CA LEU A 500 39.60 -0.39 -2.29
C LEU A 500 40.31 -0.45 -3.66
N GLN A 501 41.65 -0.21 -3.65
CA GLN A 501 42.49 -0.34 -4.83
C GLN A 501 42.64 -1.73 -5.43
N VAL A 502 42.82 -2.75 -4.61
CA VAL A 502 43.07 -4.09 -5.19
C VAL A 502 41.91 -5.05 -5.07
N GLY A 503 40.95 -4.71 -4.21
CA GLY A 503 39.91 -5.65 -3.83
C GLY A 503 38.49 -5.35 -4.22
N LYS A 504 38.27 -4.41 -5.14
CA LYS A 504 36.94 -4.13 -5.66
C LYS A 504 36.90 -4.21 -7.19
N ASN A 505 35.88 -4.87 -7.74
CA ASN A 505 35.85 -4.98 -9.18
C ASN A 505 35.85 -3.56 -9.71
N ASN A 506 36.66 -3.31 -10.73
CA ASN A 506 36.77 -1.98 -11.32
C ASN A 506 35.69 -1.78 -12.38
N LEU A 507 34.75 -0.89 -12.11
CA LEU A 507 33.51 -0.77 -12.93
C LEU A 507 33.55 0.55 -13.68
N ARG A 508 32.53 0.79 -14.51
CA ARG A 508 32.64 1.87 -15.52
C ARG A 508 32.48 3.32 -14.98
N ASN A 509 31.94 3.48 -13.78
CA ASN A 509 31.85 4.83 -13.22
C ASN A 509 32.80 4.93 -12.01
N ARG A 510 33.82 5.75 -12.13
CA ARG A 510 34.94 5.74 -11.21
C ARG A 510 35.13 7.08 -10.53
N LEU A 511 35.37 7.01 -9.21
CA LEU A 511 35.41 8.18 -8.32
C LEU A 511 36.57 8.02 -7.39
N ALA A 512 37.30 9.11 -7.20
CA ALA A 512 38.47 9.09 -6.37
C ALA A 512 38.44 10.29 -5.47
N ILE A 513 38.64 10.04 -4.19
CA ILE A 513 38.76 11.08 -3.17
C ILE A 513 40.18 11.01 -2.62
N ARG A 514 40.93 12.08 -2.79
CA ARG A 514 42.28 12.15 -2.33
C ARG A 514 42.39 13.03 -1.07
N CYS A 515 42.83 12.43 0.04
CA CYS A 515 42.89 13.12 1.33
C CYS A 515 43.71 12.33 2.32
N ARG A 516 44.13 13.04 3.36
CA ARG A 516 45.07 12.54 4.33
C ARG A 516 44.39 12.06 5.63
N THR A 517 43.11 12.36 5.87
CA THR A 517 42.53 12.04 7.17
C THR A 517 41.14 11.56 7.07
N ARG A 518 40.65 11.00 8.17
CA ARG A 518 39.28 10.51 8.25
C ARG A 518 38.25 11.59 8.06
N GLN A 519 38.46 12.67 8.78
CA GLN A 519 37.57 13.79 8.80
C GLN A 519 37.40 14.35 7.38
N ALA A 520 38.50 14.46 6.64
CA ALA A 520 38.43 14.89 5.25
C ALA A 520 37.69 13.88 4.33
N LEU A 521 37.95 12.59 4.52
CA LEU A 521 37.27 11.58 3.72
C LEU A 521 35.77 11.62 3.99
N SER A 522 35.39 11.78 5.25
CA SER A 522 33.98 11.78 5.58
C SER A 522 33.26 12.99 5.03
N ARG A 523 33.89 14.15 5.15
CA ARG A 523 33.37 15.33 4.52
C ARG A 523 33.14 15.15 3.02
N ALA A 524 34.14 14.59 2.34
CA ALA A 524 34.08 14.41 0.91
C ALA A 524 32.97 13.39 0.51
N LEU A 525 32.84 12.31 1.25
CA LEU A 525 31.77 11.35 0.98
C LEU A 525 30.41 12.01 1.12
N ASN A 526 30.24 12.78 2.19
CA ASN A 526 28.99 13.51 2.42
C ASN A 526 28.67 14.38 1.21
N ALA A 527 29.69 15.09 0.74
CA ALA A 527 29.52 15.92 -0.44
C ALA A 527 29.05 15.10 -1.64
N CYS A 528 29.83 14.07 -1.99
CA CYS A 528 29.54 13.28 -3.16
C CYS A 528 28.16 12.64 -3.06
N ILE A 529 27.83 12.17 -1.87
CA ILE A 529 26.58 11.52 -1.64
C ILE A 529 25.45 12.45 -2.01
N ASP A 530 25.57 13.71 -1.67
CA ASP A 530 24.59 14.72 -2.04
C ASP A 530 24.69 15.23 -3.48
N GLY A 531 25.67 14.73 -4.22
CA GLY A 531 25.84 15.11 -5.61
C GLY A 531 26.67 16.35 -5.80
N HIS A 532 27.34 16.84 -4.75
CA HIS A 532 28.29 17.96 -4.85
C HIS A 532 29.69 17.35 -4.81
N TYR A 533 30.34 17.33 -5.97
CA TYR A 533 31.61 16.63 -6.11
C TYR A 533 32.80 17.59 -6.10
N GLN A 534 32.64 18.78 -5.55
CA GLN A 534 33.68 19.81 -5.58
C GLN A 534 34.81 19.48 -4.61
N SER A 535 36.02 19.74 -5.06
CA SER A 535 37.19 19.72 -4.20
C SER A 535 37.22 20.88 -3.16
N SER A 536 38.10 20.75 -2.18
CA SER A 536 38.24 21.68 -1.10
C SER A 536 39.68 21.53 -0.59
N ALA A 537 40.05 22.31 0.40
CA ALA A 537 41.42 22.29 0.94
C ALA A 537 41.84 20.90 1.42
N ASP A 538 41.05 20.30 2.29
CA ASP A 538 41.38 18.99 2.85
C ASP A 538 41.02 17.80 1.92
N SER A 539 40.46 18.01 0.74
CA SER A 539 40.21 16.88 -0.20
C SER A 539 39.96 17.27 -1.65
N LYS A 540 40.57 16.51 -2.57
CA LYS A 540 40.40 16.69 -4.02
C LYS A 540 39.67 15.49 -4.60
N ILE A 541 38.68 15.75 -5.42
CA ILE A 541 37.75 14.74 -5.87
C ILE A 541 37.82 14.67 -7.38
N PHE A 542 37.99 13.48 -7.90
CA PHE A 542 38.11 13.28 -9.35
C PHE A 542 37.18 12.18 -9.78
N TYR A 543 36.73 12.24 -11.02
CA TYR A 543 35.91 11.16 -11.50
C TYR A 543 35.85 11.04 -13.00
N ARG A 544 35.57 9.84 -13.46
CA ARG A 544 35.17 9.61 -14.84
C ARG A 544 34.04 8.60 -14.86
N PHE A 545 32.89 9.12 -15.25
CA PHE A 545 31.67 8.35 -15.32
C PHE A 545 31.42 8.01 -16.77
N GLN A 546 31.90 6.86 -17.19
CA GLN A 546 31.76 6.48 -18.57
C GLN A 546 30.29 6.43 -18.95
N GLU A 547 29.41 6.06 -18.03
CA GLU A 547 27.97 5.98 -18.33
C GLU A 547 27.36 7.29 -18.84
N SER A 548 27.80 8.43 -18.33
CA SER A 548 27.21 9.71 -18.74
C SER A 548 28.25 10.54 -19.44
N ASP A 549 29.46 10.02 -19.49
CA ASP A 549 30.60 10.71 -20.03
C ASP A 549 30.91 12.02 -19.28
N ALA A 550 30.69 12.07 -17.97
CA ALA A 550 31.14 13.22 -17.18
C ALA A 550 32.50 12.96 -16.58
N VAL A 551 33.38 13.96 -16.68
CA VAL A 551 34.74 13.81 -16.26
C VAL A 551 35.14 15.02 -15.41
N GLN A 552 35.79 14.74 -14.30
CA GLN A 552 36.45 15.75 -13.48
C GLN A 552 37.87 15.24 -13.26
N PRO A 553 38.75 15.49 -14.22
CA PRO A 553 40.07 14.85 -14.24
C PRO A 553 41.06 15.57 -13.34
N LEU A 554 42.17 14.90 -13.01
CA LEU A 554 43.24 15.58 -12.28
C LEU A 554 44.07 16.41 -13.23
N GLU A 555 44.97 17.20 -12.67
CA GLU A 555 45.87 18.06 -13.45
C GLU A 555 47.27 17.43 -13.48
N SER A 556 48.05 17.77 -14.51
CA SER A 556 49.42 17.25 -14.67
C SER A 556 50.28 17.70 -13.51
N ASP A 557 50.89 16.74 -12.82
CA ASP A 557 52.00 17.02 -11.91
C ASP A 557 53.09 16.00 -12.16
N LEU A 558 54.13 16.45 -12.86
CA LEU A 558 55.32 15.63 -13.14
C LEU A 558 55.93 15.05 -11.86
N ASN A 559 55.72 15.73 -10.73
CA ASN A 559 56.34 15.31 -9.47
C ASN A 559 55.56 14.26 -8.69
N ASP A 560 54.24 14.30 -8.78
CA ASP A 560 53.40 13.55 -7.88
C ASP A 560 53.27 12.06 -8.26
N PRO A 561 53.70 11.15 -7.36
CA PRO A 561 53.63 9.70 -7.67
C PRO A 561 52.23 9.20 -8.00
N LEU A 562 51.23 9.85 -7.43
CA LEU A 562 49.84 9.39 -7.56
C LEU A 562 49.19 9.76 -8.93
N ALA A 563 49.66 10.83 -9.53
CA ALA A 563 49.07 11.39 -10.77
C ALA A 563 48.94 10.36 -11.89
N PRO A 564 50.06 9.69 -12.24
CA PRO A 564 50.00 8.70 -13.32
C PRO A 564 49.04 7.55 -13.04
N LEU A 565 49.14 6.96 -11.85
CA LEU A 565 48.29 5.83 -11.51
C LEU A 565 46.84 6.22 -11.47
N LEU A 566 46.57 7.36 -10.86
CA LEU A 566 45.20 7.77 -10.71
C LEU A 566 44.64 8.07 -12.09
N THR A 567 45.46 8.63 -12.97
CA THR A 567 45.01 8.97 -14.32
C THR A 567 44.68 7.73 -15.10
N GLN A 568 45.51 6.71 -14.98
CA GLN A 568 45.30 5.45 -15.67
C GLN A 568 43.98 4.86 -15.17
N TRP A 569 43.83 4.78 -13.87
CA TRP A 569 42.61 4.21 -13.29
C TRP A 569 41.35 4.95 -13.75
N LEU A 570 41.35 6.27 -13.61
CA LEU A 570 40.17 7.05 -14.07
C LEU A 570 39.92 6.87 -15.56
N ASN A 571 41.00 6.76 -16.35
CA ASN A 571 40.80 6.51 -17.77
C ASN A 571 40.19 5.18 -18.14
N GLY A 572 40.22 4.23 -17.22
CA GLY A 572 39.56 2.95 -17.40
C GLY A 572 40.48 1.76 -17.50
N ASP A 573 41.79 1.95 -17.30
CA ASP A 573 42.72 0.83 -17.33
C ASP A 573 42.44 -0.13 -16.19
N SER A 574 42.58 -1.43 -16.44
CA SER A 574 42.44 -2.46 -15.39
C SER A 574 43.75 -2.73 -14.64
N GLN A 575 44.86 -2.85 -15.37
CA GLN A 575 46.17 -3.13 -14.75
C GLN A 575 46.77 -1.81 -14.29
N VAL A 576 46.73 -1.59 -12.98
CA VAL A 576 47.24 -0.38 -12.36
C VAL A 576 48.02 -0.76 -11.10
N ASP A 577 49.28 -0.36 -11.02
CA ASP A 577 50.18 -0.89 -10.01
C ASP A 577 50.07 -0.09 -8.70
N TRP A 578 48.90 -0.19 -8.07
CA TRP A 578 48.66 0.54 -6.83
C TRP A 578 49.68 0.20 -5.74
N ALA A 579 50.13 -1.04 -5.68
CA ALA A 579 51.08 -1.48 -4.69
C ALA A 579 52.38 -0.67 -4.70
N SER A 580 52.71 0.00 -5.80
CA SER A 580 53.94 0.77 -5.89
C SER A 580 53.89 2.06 -5.06
N LEU A 581 52.70 2.51 -4.69
CA LEU A 581 52.61 3.65 -3.78
C LEU A 581 53.11 3.31 -2.35
N TYR A 582 53.12 2.03 -1.98
CA TYR A 582 53.31 1.64 -0.59
C TYR A 582 54.74 1.13 -0.35
N ALA A 583 55.36 1.56 0.74
CA ALA A 583 56.65 1.01 1.16
C ALA A 583 56.45 -0.34 1.79
N GLN A 584 55.26 -0.56 2.34
CA GLN A 584 54.86 -1.89 2.75
C GLN A 584 53.38 -2.02 2.46
N PRO A 585 52.97 -3.05 1.72
CA PRO A 585 51.52 -3.15 1.44
C PRO A 585 50.71 -3.44 2.71
N PRO A 586 49.60 -2.75 2.92
CA PRO A 586 48.84 -3.16 4.08
C PRO A 586 48.17 -4.53 3.91
N VAL A 587 47.80 -5.11 5.05
CA VAL A 587 47.00 -6.35 5.11
C VAL A 587 45.56 -6.06 4.59
N ARG A 588 44.97 -6.97 3.82
CA ARG A 588 43.59 -6.82 3.33
C ARG A 588 42.61 -6.71 4.53
N ILE A 589 41.63 -5.86 4.43
CA ILE A 589 40.53 -5.87 5.40
C ILE A 589 39.26 -6.11 4.67
N SER A 590 38.20 -6.40 5.44
CA SER A 590 36.82 -6.54 4.91
C SER A 590 36.19 -5.15 4.73
N LEU A 591 35.66 -4.89 3.53
CA LEU A 591 35.00 -3.63 3.23
C LEU A 591 33.54 -3.97 2.97
N PRO A 592 32.65 -3.02 3.11
CA PRO A 592 31.22 -3.34 2.88
C PRO A 592 30.85 -3.86 1.47
N ALA A 593 29.87 -4.75 1.39
CA ALA A 593 29.50 -5.39 0.13
C ALA A 593 29.03 -4.34 -0.88
N TYR A 594 29.30 -4.57 -2.16
CA TYR A 594 28.73 -3.80 -3.23
C TYR A 594 27.20 -3.93 -3.13
N ARG A 595 26.48 -2.85 -3.38
CA ARG A 595 25.02 -2.87 -3.37
C ARG A 595 24.59 -3.05 -4.82
N PHE A 596 24.13 -4.26 -5.10
CA PHE A 596 23.72 -4.62 -6.43
C PHE A 596 22.38 -3.96 -6.72
N GLU A 597 22.11 -3.73 -8.00
CA GLU A 597 20.76 -3.31 -8.36
C GLU A 597 19.76 -4.46 -8.08
N LYS A 598 18.64 -4.12 -7.47
CA LYS A 598 17.64 -5.10 -7.06
C LYS A 598 16.50 -5.20 -8.06
N THR A 599 16.83 -5.54 -9.29
CA THR A 599 15.80 -5.78 -10.27
C THR A 599 15.24 -7.22 -10.25
N ARG A 600 13.91 -7.32 -10.37
CA ARG A 600 13.21 -8.55 -10.32
C ARG A 600 13.39 -9.30 -11.65
N CYS A 601 13.92 -10.52 -11.58
CA CYS A 601 14.02 -11.38 -12.76
C CYS A 601 13.32 -12.67 -12.42
N TRP A 602 12.15 -12.89 -13.02
CA TRP A 602 11.37 -14.04 -12.66
C TRP A 602 10.56 -14.49 -13.84
N TYR A 603 10.29 -15.80 -13.92
CA TYR A 603 9.60 -16.44 -15.05
C TYR A 603 8.15 -16.02 -15.12
N THR A 604 7.55 -15.78 -13.96
CA THR A 604 6.14 -15.39 -13.83
C THR A 604 5.98 -13.98 -13.32
N GLU A 605 4.80 -13.45 -13.51
CA GLU A 605 4.35 -12.22 -12.86
C GLU A 605 4.16 -12.40 -11.37
N GLU A 606 4.25 -11.31 -10.65
CA GLU A 606 3.88 -11.31 -9.24
C GLU A 606 2.40 -11.65 -9.15
N GLY A 607 2.04 -12.42 -8.13
CA GLY A 607 0.63 -12.85 -7.99
C GLY A 607 0.41 -14.27 -8.49
N TYR A 608 1.36 -14.82 -9.25
CA TYR A 608 1.25 -16.16 -9.80
C TYR A 608 1.08 -17.20 -8.69
N GLU A 609 0.12 -18.12 -8.85
CA GLU A 609 0.08 -19.31 -8.04
C GLU A 609 0.24 -20.58 -8.92
N SER A 610 1.23 -21.39 -8.62
CA SER A 610 1.33 -22.70 -9.26
C SER A 610 0.06 -23.53 -9.01
N SER A 611 -0.21 -24.45 -9.94
CA SER A 611 -1.29 -25.43 -9.79
C SER A 611 -1.05 -26.29 -8.57
N ILE A 612 0.19 -26.31 -8.11
CA ILE A 612 0.55 -26.98 -6.89
C ILE A 612 -0.17 -26.40 -5.68
N VAL A 613 -0.43 -25.12 -5.73
CA VAL A 613 -1.21 -24.42 -4.76
C VAL A 613 -2.67 -24.71 -5.06
N ASN A 614 -3.09 -24.58 -6.32
CA ASN A 614 -4.47 -24.88 -6.73
C ASN A 614 -4.52 -25.94 -7.85
N PRO A 615 -4.55 -27.22 -7.49
CA PRO A 615 -4.47 -28.21 -8.54
C PRO A 615 -5.71 -28.23 -9.38
N LEU A 616 -5.59 -28.90 -10.51
CA LEU A 616 -6.64 -28.95 -11.51
C LEU A 616 -7.92 -29.65 -11.05
N MET A 617 -7.79 -30.59 -10.12
CA MET A 617 -8.97 -31.18 -9.46
C MET A 617 -9.83 -30.11 -8.75
N PHE A 618 -9.23 -28.96 -8.41
CA PHE A 618 -9.99 -27.80 -7.93
C PHE A 618 -10.29 -26.84 -9.07
N LYS A 619 -9.28 -26.49 -9.85
CA LYS A 619 -9.53 -25.40 -10.76
C LYS A 619 -10.15 -25.76 -12.07
N ASN A 620 -10.18 -27.02 -12.48
CA ASN A 620 -10.97 -27.38 -13.67
C ASN A 620 -12.45 -27.63 -13.44
N LYS A 621 -12.95 -27.32 -12.26
CA LYS A 621 -14.37 -27.52 -11.98
C LYS A 621 -15.08 -26.19 -11.89
N LEU A 622 -16.34 -26.14 -12.32
CA LEU A 622 -17.20 -24.98 -12.09
C LEU A 622 -17.56 -24.79 -10.60
N HIS A 623 -17.56 -25.89 -9.85
CA HIS A 623 -17.88 -25.94 -8.44
C HIS A 623 -17.36 -27.29 -7.96
N PRO A 624 -16.87 -27.37 -6.73
CA PRO A 624 -16.34 -28.66 -6.26
C PRO A 624 -17.24 -29.89 -6.52
N LEU A 625 -18.55 -29.73 -6.45
CA LEU A 625 -19.51 -30.83 -6.74
C LEU A 625 -20.14 -30.78 -8.14
N VAL A 626 -19.70 -29.83 -8.95
CA VAL A 626 -20.24 -29.60 -10.26
C VAL A 626 -19.11 -29.33 -11.26
N ALA A 627 -18.50 -30.37 -11.82
CA ALA A 627 -17.27 -30.21 -12.63
C ALA A 627 -17.48 -29.47 -13.94
N LYS A 628 -18.48 -29.90 -14.71
CA LYS A 628 -18.56 -29.49 -16.11
C LYS A 628 -19.97 -29.51 -16.61
N ASN A 629 -20.22 -28.56 -17.52
CA ASN A 629 -21.47 -28.43 -18.25
C ASN A 629 -21.41 -29.39 -19.44
N CYS A 630 -22.40 -30.26 -19.54
CA CYS A 630 -22.49 -31.17 -20.63
C CYS A 630 -23.85 -31.02 -21.26
N SER A 631 -24.40 -29.80 -21.36
CA SER A 631 -25.79 -29.65 -21.87
C SER A 631 -25.88 -29.87 -23.34
N THR A 632 -27.07 -30.19 -23.81
CA THR A 632 -27.38 -30.41 -25.20
C THR A 632 -28.28 -29.25 -25.66
N PRO A 633 -28.68 -29.26 -26.92
CA PRO A 633 -29.60 -28.22 -27.38
C PRO A 633 -31.00 -28.29 -26.78
N GLN A 634 -31.32 -29.35 -26.07
CA GLN A 634 -32.64 -29.40 -25.46
C GLN A 634 -32.58 -28.46 -24.25
N PRO A 635 -33.72 -27.85 -23.90
CA PRO A 635 -33.89 -26.99 -22.73
C PRO A 635 -33.43 -27.74 -21.51
N GLY A 636 -32.96 -26.98 -20.54
CA GLY A 636 -32.35 -27.54 -19.35
C GLY A 636 -30.85 -27.44 -19.55
N ALA A 637 -30.16 -27.11 -18.48
CA ALA A 637 -28.73 -27.22 -18.48
C ALA A 637 -28.43 -28.54 -17.77
N ILE A 638 -27.37 -29.22 -18.21
CA ILE A 638 -26.96 -30.48 -17.66
C ILE A 638 -25.54 -30.27 -17.19
N PHE A 639 -25.23 -30.71 -15.97
CA PHE A 639 -23.85 -30.72 -15.47
C PHE A 639 -23.52 -32.12 -14.99
N ARG A 640 -22.22 -32.47 -14.99
CA ARG A 640 -21.78 -33.79 -14.55
C ARG A 640 -20.48 -33.67 -13.75
N THR A 641 -20.30 -34.58 -12.80
CA THR A 641 -19.12 -34.61 -11.96
C THR A 641 -18.65 -36.04 -11.76
N ASP A 642 -17.34 -36.29 -11.83
CA ASP A 642 -16.83 -37.60 -11.46
C ASP A 642 -16.62 -37.60 -9.97
N PHE A 643 -17.22 -38.55 -9.28
CA PHE A 643 -17.05 -38.59 -7.85
C PHE A 643 -15.74 -39.28 -7.45
N VAL A 644 -14.74 -38.49 -7.07
CA VAL A 644 -13.45 -39.04 -6.64
C VAL A 644 -13.17 -38.53 -5.23
N GLU A 645 -13.13 -39.43 -4.26
CA GLU A 645 -13.13 -39.02 -2.86
C GLU A 645 -11.92 -38.17 -2.57
N ASP A 646 -10.78 -38.57 -3.13
CA ASP A 646 -9.52 -37.88 -2.86
C ASP A 646 -9.45 -36.50 -3.52
N GLU A 647 -10.38 -36.19 -4.42
CA GLU A 647 -10.49 -34.83 -4.96
C GLU A 647 -11.43 -34.02 -4.09
N LEU A 648 -12.11 -34.68 -3.13
CA LEU A 648 -13.11 -34.07 -2.27
C LEU A 648 -12.92 -34.30 -0.77
N LEU A 649 -11.69 -34.19 -0.31
CA LEU A 649 -11.37 -34.38 1.09
C LEU A 649 -12.15 -33.41 2.01
N ASP A 650 -12.53 -32.24 1.51
CA ASP A 650 -13.34 -31.28 2.26
C ASP A 650 -14.74 -31.79 2.62
N TYR A 651 -15.24 -32.77 1.86
CA TYR A 651 -16.62 -33.17 1.81
C TYR A 651 -16.99 -34.53 2.43
N VAL A 652 -16.09 -35.53 2.36
CA VAL A 652 -16.46 -36.91 2.69
C VAL A 652 -15.92 -37.31 4.05
N TYR A 653 -16.77 -37.98 4.80
CA TYR A 653 -16.40 -38.49 6.10
C TYR A 653 -16.87 -39.94 6.20
N SER A 654 -16.62 -40.59 7.35
CA SER A 654 -16.95 -42.00 7.54
C SER A 654 -17.93 -42.13 8.67
N GLY A 655 -18.84 -43.06 8.49
CA GLY A 655 -19.70 -43.52 9.56
C GLY A 655 -19.74 -45.03 9.51
N ARG A 656 -20.53 -45.64 10.39
CA ARG A 656 -20.64 -47.11 10.44
C ARG A 656 -20.96 -47.71 9.07
N GLY A 657 -22.06 -47.26 8.47
CA GLY A 657 -22.44 -47.73 7.12
C GLY A 657 -21.35 -47.65 6.08
N GLY A 658 -20.51 -46.64 6.14
CA GLY A 658 -19.59 -46.38 5.06
C GLY A 658 -19.17 -44.93 5.00
N ARG A 659 -18.92 -44.48 3.79
CA ARG A 659 -18.51 -43.11 3.54
C ARG A 659 -19.73 -42.21 3.37
N ARG A 660 -19.64 -41.02 3.93
CA ARG A 660 -20.76 -40.08 4.00
C ARG A 660 -20.44 -38.70 3.40
N LEU A 661 -21.50 -38.03 2.94
CA LEU A 661 -21.45 -36.69 2.37
C LEU A 661 -22.68 -35.95 2.92
N SER A 662 -22.56 -34.80 3.59
CA SER A 662 -23.76 -34.16 4.15
C SER A 662 -24.75 -33.78 3.04
N ALA A 663 -26.01 -34.03 3.28
CA ALA A 663 -27.05 -33.51 2.40
C ALA A 663 -27.01 -31.99 2.23
N PHE A 664 -26.50 -31.27 3.23
CA PHE A 664 -26.53 -29.80 3.15
C PHE A 664 -25.57 -29.28 2.08
N ASN A 665 -24.66 -30.13 1.62
CA ASN A 665 -23.75 -29.73 0.55
C ASN A 665 -24.53 -29.49 -0.77
N PHE A 666 -25.65 -30.18 -0.92
CA PHE A 666 -26.55 -29.99 -2.05
C PHE A 666 -27.38 -28.74 -2.02
N ALA A 667 -27.60 -28.19 -0.83
CA ALA A 667 -28.10 -26.83 -0.72
C ALA A 667 -27.07 -25.85 -1.26
N ASP A 668 -25.79 -26.11 -1.00
CA ASP A 668 -24.77 -25.22 -1.52
C ASP A 668 -24.74 -25.29 -3.04
N VAL A 669 -24.83 -26.51 -3.59
CA VAL A 669 -24.84 -26.69 -5.02
C VAL A 669 -26.01 -25.88 -5.62
N ALA A 670 -27.17 -25.97 -5.00
CA ALA A 670 -28.36 -25.25 -5.50
C ALA A 670 -28.15 -23.72 -5.49
N LEU A 671 -27.46 -23.25 -4.44
CA LEU A 671 -27.11 -21.86 -4.27
C LEU A 671 -26.15 -21.41 -5.35
N ALA A 672 -25.24 -22.30 -5.74
CA ALA A 672 -24.31 -22.02 -6.83
C ALA A 672 -24.98 -21.93 -8.19
N MET A 673 -26.18 -22.52 -8.32
CA MET A 673 -26.73 -22.74 -9.65
C MET A 673 -27.06 -21.51 -10.41
N PRO A 674 -27.65 -20.50 -9.75
CA PRO A 674 -28.14 -19.39 -10.57
C PRO A 674 -27.02 -18.60 -11.22
N ALA A 675 -25.88 -18.50 -10.58
CA ALA A 675 -24.71 -17.90 -11.22
C ALA A 675 -24.25 -18.80 -12.39
N LEU A 676 -24.21 -20.11 -12.18
CA LEU A 676 -23.91 -21.00 -13.29
C LEU A 676 -24.85 -20.83 -14.48
N ALA A 677 -26.07 -20.37 -14.25
CA ALA A 677 -26.98 -20.16 -15.34
C ALA A 677 -27.20 -18.69 -15.76
N SER A 678 -26.40 -17.76 -15.27
CA SER A 678 -26.65 -16.32 -15.44
C SER A 678 -28.04 -15.89 -15.07
N ARG A 679 -28.42 -16.18 -13.83
CA ARG A 679 -29.74 -15.80 -13.30
C ARG A 679 -29.58 -15.20 -11.90
N PHE A 680 -30.50 -14.29 -11.58
CA PHE A 680 -30.64 -13.71 -10.23
C PHE A 680 -29.35 -13.09 -9.71
N ASP A 681 -28.58 -12.47 -10.59
CA ASP A 681 -27.32 -11.88 -10.14
C ASP A 681 -27.52 -10.89 -8.98
N GLY A 682 -26.69 -11.02 -7.95
CA GLY A 682 -26.74 -10.13 -6.79
C GLY A 682 -27.81 -10.42 -5.75
N ARG A 683 -28.89 -11.11 -6.12
CA ARG A 683 -30.05 -11.26 -5.21
C ARG A 683 -29.82 -12.31 -4.12
N THR A 684 -30.55 -12.21 -3.03
CA THR A 684 -30.50 -13.26 -2.02
C THR A 684 -31.41 -14.40 -2.44
N LEU A 685 -30.91 -15.62 -2.27
CA LEU A 685 -31.68 -16.80 -2.67
C LEU A 685 -32.32 -17.53 -1.49
N SER A 686 -33.42 -18.18 -1.82
CA SER A 686 -34.08 -19.18 -1.00
C SER A 686 -34.08 -20.51 -1.73
N VAL A 687 -33.65 -21.55 -1.02
CA VAL A 687 -33.56 -22.89 -1.55
C VAL A 687 -34.35 -23.89 -0.69
N SER A 688 -35.16 -24.73 -1.33
CA SER A 688 -35.81 -25.90 -0.72
C SER A 688 -35.32 -27.16 -1.47
N CYS A 689 -35.08 -28.28 -0.78
CA CYS A 689 -34.85 -29.55 -1.45
C CYS A 689 -35.36 -30.74 -0.71
N ALA A 690 -35.65 -31.76 -1.51
CA ALA A 690 -36.28 -33.00 -1.08
C ALA A 690 -35.31 -34.09 -1.48
N PHE A 691 -34.95 -34.98 -0.57
CA PHE A 691 -34.09 -36.11 -0.93
C PHE A 691 -34.89 -37.38 -1.03
N GLU A 692 -34.68 -38.11 -2.10
CA GLU A 692 -35.53 -39.25 -2.41
C GLU A 692 -34.78 -40.56 -2.20
N HIS A 693 -33.55 -40.52 -1.73
CA HIS A 693 -32.76 -41.76 -1.59
C HIS A 693 -31.63 -41.44 -0.64
N TYR A 694 -31.28 -42.36 0.22
CA TYR A 694 -30.20 -42.15 1.17
C TYR A 694 -29.03 -43.04 0.74
N ILE A 695 -27.87 -42.44 0.53
CA ILE A 695 -26.72 -43.20 0.15
C ILE A 695 -25.95 -43.53 1.44
N ALA A 696 -25.83 -44.81 1.75
CA ALA A 696 -25.26 -45.24 3.02
C ALA A 696 -23.77 -45.35 2.91
N ASP A 697 -23.26 -45.66 1.71
CA ASP A 697 -21.81 -45.66 1.49
C ASP A 697 -21.45 -45.03 0.17
N TRP A 698 -20.85 -43.83 0.21
CA TRP A 698 -20.52 -43.09 -1.00
C TRP A 698 -19.30 -43.69 -1.76
N THR A 699 -18.62 -44.64 -1.13
CA THR A 699 -17.52 -45.34 -1.76
C THR A 699 -17.90 -45.80 -3.16
N THR A 700 -19.10 -46.33 -3.32
CA THR A 700 -19.46 -46.93 -4.61
C THR A 700 -19.89 -45.96 -5.71
N VAL A 701 -20.13 -44.72 -5.33
CA VAL A 701 -20.63 -43.71 -6.25
C VAL A 701 -19.51 -43.30 -7.16
N THR A 702 -19.76 -43.29 -8.47
CA THR A 702 -18.72 -42.90 -9.43
C THR A 702 -18.97 -41.54 -10.07
N GLY A 703 -20.21 -41.06 -10.02
CA GLY A 703 -20.59 -39.81 -10.66
C GLY A 703 -21.90 -39.21 -10.12
N LEU A 704 -22.07 -37.92 -10.40
CA LEU A 704 -23.21 -37.08 -10.01
C LEU A 704 -23.63 -36.34 -11.27
N GLU A 705 -24.93 -36.28 -11.51
CA GLU A 705 -25.44 -35.58 -12.67
C GLU A 705 -26.56 -34.67 -12.21
N TYR A 706 -26.64 -33.49 -12.85
CA TYR A 706 -27.51 -32.39 -12.46
C TYR A 706 -28.23 -31.86 -13.69
N ARG A 707 -29.53 -31.68 -13.57
CA ARG A 707 -30.34 -31.13 -14.61
C ARG A 707 -30.97 -29.87 -14.02
N LEU A 708 -30.76 -28.70 -14.65
CA LEU A 708 -31.36 -27.41 -14.22
C LEU A 708 -32.38 -26.77 -15.19
N PHE A 709 -33.55 -26.39 -14.70
CA PHE A 709 -34.65 -25.96 -15.56
C PHE A 709 -35.20 -24.62 -15.10
N GLU A 710 -35.61 -23.77 -16.04
CA GLU A 710 -36.24 -22.50 -15.69
C GLU A 710 -37.71 -22.78 -15.73
N ILE A 711 -38.36 -22.70 -14.59
CA ILE A 711 -39.81 -22.82 -14.56
C ILE A 711 -40.41 -21.52 -15.06
N ASP A 712 -39.85 -20.40 -14.59
CA ASP A 712 -40.21 -19.11 -15.12
C ASP A 712 -39.21 -18.06 -14.70
N SER A 713 -39.51 -16.83 -15.10
CA SER A 713 -38.86 -15.61 -14.63
C SER A 713 -38.08 -15.80 -13.32
N GLU A 714 -38.80 -16.20 -12.27
CA GLU A 714 -38.32 -16.15 -10.90
C GLU A 714 -38.04 -17.51 -10.24
N GLN A 715 -38.07 -18.61 -11.01
CA GLN A 715 -37.79 -19.93 -10.42
C GLN A 715 -37.00 -20.94 -11.25
N LEU A 716 -35.93 -21.42 -10.63
CA LEU A 716 -35.18 -22.57 -11.09
C LEU A 716 -35.49 -23.86 -10.33
N GLU A 717 -35.44 -24.97 -11.06
CA GLU A 717 -35.54 -26.28 -10.47
C GLU A 717 -34.37 -27.12 -10.84
N LEU A 718 -33.84 -27.81 -9.84
CA LEU A 718 -32.63 -28.61 -10.00
C LEU A 718 -32.99 -30.05 -9.66
N GLU A 719 -32.68 -30.97 -10.56
CA GLU A 719 -32.81 -32.40 -10.33
C GLU A 719 -31.40 -32.89 -10.19
N PHE A 720 -31.16 -33.82 -9.27
CA PHE A 720 -29.85 -34.45 -9.22
C PHE A 720 -29.88 -35.94 -8.93
N ASP A 721 -28.99 -36.65 -9.64
CA ASP A 721 -28.81 -38.07 -9.56
C ASP A 721 -27.39 -38.42 -9.27
N PHE A 722 -27.19 -39.68 -8.94
CA PHE A 722 -25.86 -40.27 -8.84
C PHE A 722 -25.80 -41.55 -9.67
N ARG A 723 -24.60 -42.03 -9.93
CA ARG A 723 -24.44 -43.33 -10.55
C ARG A 723 -23.33 -44.09 -9.85
N ARG A 724 -23.42 -45.41 -10.01
CA ARG A 724 -22.45 -46.36 -9.53
C ARG A 724 -21.96 -47.11 -10.75
N SER A 725 -20.73 -47.59 -10.68
CA SER A 725 -20.11 -48.33 -11.79
C SER A 725 -21.05 -49.40 -12.34
N GLY A 726 -21.36 -49.31 -13.63
CA GLY A 726 -22.19 -50.31 -14.32
C GLY A 726 -23.69 -50.31 -13.98
N GLU A 727 -24.13 -49.26 -13.28
CA GLU A 727 -25.56 -49.01 -13.02
C GLU A 727 -26.00 -47.79 -13.83
N GLN A 728 -27.30 -47.65 -14.04
CA GLN A 728 -27.83 -46.47 -14.71
C GLN A 728 -28.05 -45.44 -13.60
N PRO A 729 -28.16 -44.14 -13.93
CA PRO A 729 -28.31 -43.11 -12.89
C PRO A 729 -29.51 -43.38 -11.97
N THR A 730 -29.29 -43.28 -10.67
CA THR A 730 -30.37 -43.32 -9.67
C THR A 730 -30.71 -41.89 -9.24
N HIS A 731 -31.98 -41.63 -9.01
CA HIS A 731 -32.42 -40.32 -8.62
C HIS A 731 -32.08 -40.04 -7.18
N LEU A 732 -31.74 -38.80 -6.89
CA LEU A 732 -31.31 -38.48 -5.53
C LEU A 732 -32.19 -37.46 -4.89
N GLY A 733 -32.54 -36.44 -5.64
CA GLY A 733 -33.33 -35.37 -5.09
C GLY A 733 -33.60 -34.23 -6.03
N PHE A 734 -34.07 -33.14 -5.45
CA PHE A 734 -34.76 -32.13 -6.20
C PHE A 734 -34.79 -30.85 -5.37
N ALA A 735 -34.18 -29.79 -5.89
CA ALA A 735 -34.20 -28.46 -5.28
C ALA A 735 -35.00 -27.42 -6.10
N VAL A 736 -35.66 -26.49 -5.40
CA VAL A 736 -36.27 -25.29 -5.98
C VAL A 736 -35.47 -24.10 -5.50
N ILE A 737 -35.13 -23.21 -6.42
CA ILE A 737 -34.34 -22.01 -6.11
C ILE A 737 -35.10 -20.75 -6.54
N ASN A 738 -35.38 -19.89 -5.58
CA ASN A 738 -36.09 -18.66 -5.86
C ASN A 738 -35.32 -17.52 -5.28
N PRO A 739 -35.40 -16.36 -5.91
CA PRO A 739 -34.77 -15.20 -5.30
C PRO A 739 -35.77 -14.55 -4.37
N LEU A 740 -35.27 -14.10 -3.23
CA LEU A 740 -36.05 -13.31 -2.27
C LEU A 740 -36.42 -11.95 -2.84
N THR A 741 -37.61 -11.46 -2.52
CA THR A 741 -37.94 -10.04 -2.68
C THR A 741 -37.61 -9.32 -1.36
N SER A 742 -37.73 -8.00 -1.30
CA SER A 742 -37.70 -7.29 0.00
C SER A 742 -39.15 -7.10 0.53
N ASP A 743 -40.06 -7.86 -0.07
CA ASP A 743 -41.39 -8.15 0.49
C ASP A 743 -41.22 -9.10 1.71
N GLU A 744 -39.98 -9.32 2.14
CA GLU A 744 -39.64 -10.49 2.94
C GLU A 744 -39.84 -10.20 4.42
N PRO A 745 -40.76 -10.95 5.08
CA PRO A 745 -41.01 -10.70 6.51
C PRO A 745 -39.79 -11.01 7.33
N PRO A 746 -39.59 -10.29 8.46
CA PRO A 746 -38.40 -10.63 9.25
C PRO A 746 -38.68 -11.97 9.89
N LEU A 747 -37.72 -12.47 10.66
CA LEU A 747 -37.89 -13.82 11.20
C LEU A 747 -38.94 -13.89 12.32
N PRO A 748 -39.68 -15.00 12.41
CA PRO A 748 -40.64 -15.04 13.51
C PRO A 748 -40.01 -14.82 14.87
N GLN A 749 -40.75 -14.16 15.75
CA GLN A 749 -40.20 -13.56 16.98
C GLN A 749 -39.72 -14.64 17.98
N GLN A 750 -40.63 -15.55 18.30
CA GLN A 750 -40.38 -16.78 19.05
C GLN A 750 -39.01 -17.36 18.68
N TRP A 751 -38.93 -17.80 17.42
CA TRP A 751 -37.70 -18.37 16.86
C TRP A 751 -36.48 -17.54 17.24
N LEU A 752 -36.58 -16.21 17.17
CA LEU A 752 -35.40 -15.37 17.52
C LEU A 752 -35.14 -15.35 19.04
N ASP A 753 -36.21 -15.31 19.83
CA ASP A 753 -36.12 -15.38 21.30
C ASP A 753 -35.36 -16.66 21.69
N ASP A 754 -35.85 -17.80 21.19
CA ASP A 754 -35.25 -19.11 21.44
C ASP A 754 -33.79 -19.09 21.07
N ALA A 755 -33.45 -18.56 19.91
CA ALA A 755 -32.02 -18.51 19.52
C ALA A 755 -31.21 -17.69 20.49
N ARG A 756 -31.77 -16.55 20.88
CA ARG A 756 -31.15 -15.60 21.80
C ARG A 756 -30.82 -16.30 23.13
N GLU A 757 -31.83 -16.95 23.69
CA GLU A 757 -31.68 -17.57 24.99
C GLU A 757 -30.61 -18.63 24.90
N LEU A 758 -30.72 -19.51 23.89
CA LEU A 758 -29.75 -20.57 23.68
C LEU A 758 -28.31 -20.06 23.53
N LEU A 759 -28.10 -19.00 22.75
CA LEU A 759 -26.74 -18.43 22.63
C LEU A 759 -26.25 -17.84 23.95
N ASN A 760 -27.13 -17.17 24.67
CA ASN A 760 -26.73 -16.75 26.03
C ASN A 760 -26.34 -17.92 26.95
N ARG A 761 -27.15 -18.97 26.94
CA ARG A 761 -26.80 -20.16 27.73
C ARG A 761 -25.44 -20.71 27.38
N GLN A 762 -25.13 -20.72 26.07
CA GLN A 762 -23.78 -21.07 25.61
C GLN A 762 -22.71 -20.11 26.14
N ALA A 763 -22.91 -18.81 25.97
CA ALA A 763 -21.92 -17.84 26.46
C ALA A 763 -21.72 -18.01 27.99
N LEU A 764 -22.79 -18.27 28.73
CA LEU A 764 -22.70 -18.48 30.19
C LEU A 764 -22.27 -19.87 30.64
N GLN A 765 -22.10 -20.79 29.70
CA GLN A 765 -21.82 -22.20 30.01
C GLN A 765 -22.83 -22.77 30.98
N ALA A 766 -24.09 -22.42 30.75
CA ALA A 766 -25.20 -22.75 31.61
C ALA A 766 -25.89 -24.03 31.21
N GLY A 767 -26.33 -24.75 32.24
CA GLY A 767 -27.19 -25.92 32.09
C GLY A 767 -26.37 -27.11 31.63
N ARG A 768 -27.04 -28.01 30.92
CA ARG A 768 -26.41 -29.18 30.37
C ARG A 768 -25.49 -28.72 29.27
N GLN A 769 -24.22 -29.04 29.41
CA GLN A 769 -23.21 -28.71 28.45
C GLN A 769 -22.49 -30.01 28.19
N LEU A 770 -22.02 -30.23 26.97
CA LEU A 770 -21.04 -31.27 26.71
C LEU A 770 -19.78 -30.57 26.27
N SER A 771 -18.65 -30.88 26.90
CA SER A 771 -17.39 -30.35 26.42
C SER A 771 -17.13 -30.84 24.99
N ALA A 772 -16.17 -30.20 24.33
CA ALA A 772 -15.67 -30.62 23.03
C ALA A 772 -15.23 -32.10 23.05
N ALA A 773 -14.59 -32.52 24.13
CA ALA A 773 -14.13 -33.89 24.26
C ALA A 773 -15.33 -34.86 24.37
N GLU A 774 -16.38 -34.47 25.07
CA GLU A 774 -17.54 -35.36 25.24
C GLU A 774 -18.24 -35.54 23.91
N VAL A 775 -18.46 -34.44 23.21
CA VAL A 775 -19.09 -34.46 21.88
C VAL A 775 -18.26 -35.37 21.01
N SER A 776 -16.91 -35.23 21.09
CA SER A 776 -16.05 -36.12 20.32
C SER A 776 -16.33 -37.57 20.63
N GLN A 777 -16.55 -37.94 21.90
CA GLN A 777 -16.82 -39.36 22.19
C GLN A 777 -18.22 -39.84 21.83
N ARG A 778 -19.19 -38.94 21.84
CA ARG A 778 -20.53 -39.27 21.35
C ARG A 778 -20.46 -39.74 19.88
N LEU A 779 -19.74 -39.00 19.07
CA LEU A 779 -19.59 -39.30 17.68
C LEU A 779 -18.70 -40.52 17.47
N ALA A 780 -17.64 -40.64 18.26
CA ALA A 780 -16.75 -41.80 18.14
C ALA A 780 -17.49 -43.06 18.48
N GLN A 781 -18.22 -43.06 19.59
CA GLN A 781 -18.97 -44.24 19.96
C GLN A 781 -20.08 -44.52 18.93
N ALA A 782 -20.43 -43.56 18.07
CA ALA A 782 -21.48 -43.85 17.08
C ALA A 782 -20.88 -44.17 15.73
N GLY A 783 -19.56 -44.24 15.67
CA GLY A 783 -18.88 -44.73 14.50
C GLY A 783 -18.46 -43.72 13.46
N TYR A 784 -18.43 -42.45 13.82
CA TYR A 784 -18.03 -41.42 12.89
C TYR A 784 -16.54 -41.14 12.99
N ASP A 785 -16.01 -40.71 11.87
CA ASP A 785 -14.64 -40.27 11.74
C ASP A 785 -14.62 -39.12 10.73
N PHE A 786 -14.13 -37.97 11.16
CA PHE A 786 -14.17 -36.77 10.29
C PHE A 786 -12.81 -36.30 9.79
N ALA A 787 -11.76 -37.11 9.95
CA ALA A 787 -10.46 -36.74 9.39
C ALA A 787 -10.54 -36.77 7.88
N PRO A 788 -9.71 -35.97 7.20
CA PRO A 788 -8.69 -35.04 7.68
C PRO A 788 -9.15 -33.59 7.83
N TYR A 789 -10.35 -33.23 7.35
CA TYR A 789 -10.76 -31.79 7.31
C TYR A 789 -12.01 -31.37 8.06
N LEU A 790 -12.77 -32.30 8.60
CA LEU A 790 -14.06 -31.97 9.13
C LEU A 790 -14.16 -32.25 10.62
N ASP A 791 -13.00 -32.43 11.25
CA ASP A 791 -12.89 -32.87 12.65
C ASP A 791 -12.57 -31.81 13.71
N HIS A 792 -13.07 -30.60 13.66
CA HIS A 792 -12.88 -29.77 14.86
C HIS A 792 -14.17 -29.76 15.67
N ASP A 793 -14.39 -30.80 16.48
CA ASP A 793 -15.62 -30.88 17.24
C ASP A 793 -15.66 -29.79 18.34
N GLY A 794 -16.80 -29.11 18.46
CA GLY A 794 -16.97 -28.03 19.44
C GLY A 794 -17.93 -28.42 20.56
N GLU A 795 -18.15 -27.47 21.47
CA GLU A 795 -19.00 -27.72 22.66
C GLU A 795 -20.46 -27.72 22.25
N LEU A 796 -21.28 -28.44 23.02
CA LEU A 796 -22.72 -28.52 22.79
C LEU A 796 -23.48 -28.04 24.03
N THR A 797 -24.41 -27.14 23.82
CA THR A 797 -25.22 -26.64 24.90
C THR A 797 -26.62 -27.11 24.63
N ILE A 798 -27.29 -27.69 25.64
CA ILE A 798 -28.66 -28.17 25.52
C ILE A 798 -29.54 -27.39 26.48
N GLY A 799 -30.60 -26.78 25.96
CA GLY A 799 -31.57 -26.15 26.77
C GLY A 799 -32.91 -26.84 26.60
N ARG A 800 -33.90 -26.35 27.30
CA ARG A 800 -35.26 -26.90 27.28
C ARG A 800 -35.85 -27.01 25.90
N SER A 801 -35.59 -26.03 25.05
CA SER A 801 -36.28 -25.93 23.76
C SER A 801 -35.38 -26.01 22.53
N GLY A 802 -34.06 -26.09 22.69
CA GLY A 802 -33.21 -26.33 21.55
C GLY A 802 -31.79 -26.68 21.92
N LEU A 803 -30.90 -26.69 20.95
CA LEU A 803 -29.51 -26.80 21.33
C LEU A 803 -28.62 -26.03 20.44
N VAL A 804 -27.40 -25.85 20.89
CA VAL A 804 -26.40 -25.23 20.06
C VAL A 804 -25.07 -25.90 20.14
N LEU A 805 -24.52 -26.11 18.94
CA LEU A 805 -23.23 -26.66 18.73
C LEU A 805 -22.35 -25.62 18.06
N LYS A 806 -21.17 -25.46 18.63
CA LYS A 806 -20.18 -24.54 18.18
C LYS A 806 -19.34 -25.18 17.08
N GLY A 807 -19.09 -24.43 16.01
CA GLY A 807 -18.16 -24.86 14.97
C GLY A 807 -16.99 -23.89 14.83
N ARG A 808 -15.83 -24.46 14.56
CA ARG A 808 -14.60 -23.70 14.33
C ARG A 808 -13.90 -24.29 13.07
N PRO A 809 -14.13 -23.70 11.90
CA PRO A 809 -13.56 -24.21 10.67
C PRO A 809 -12.04 -24.08 10.66
N PRO A 810 -11.32 -25.17 10.38
CA PRO A 810 -9.87 -25.05 10.44
C PRO A 810 -9.36 -24.08 9.40
N VAL A 811 -8.21 -23.47 9.67
CA VAL A 811 -7.64 -22.48 8.75
C VAL A 811 -7.22 -23.16 7.43
N ASN A 812 -6.74 -24.40 7.51
CA ASN A 812 -6.30 -25.16 6.33
C ASN A 812 -7.33 -26.21 5.92
N ARG A 813 -7.85 -26.04 4.70
CA ARG A 813 -8.78 -26.98 4.12
C ARG A 813 -8.15 -27.59 2.88
N HIS A 814 -8.93 -28.37 2.13
CA HIS A 814 -8.37 -29.05 1.00
C HIS A 814 -8.34 -28.08 -0.16
N ASN A 815 -9.53 -27.57 -0.53
CA ASN A 815 -9.69 -26.72 -1.70
C ASN A 815 -9.73 -25.23 -1.31
N HIS A 816 -8.63 -24.52 -1.57
CA HIS A 816 -8.58 -23.10 -1.30
C HIS A 816 -8.81 -22.29 -2.57
N TYR A 817 -9.35 -22.93 -3.62
CA TYR A 817 -9.51 -22.26 -4.88
C TYR A 817 -10.95 -21.85 -5.12
N ALA A 818 -11.93 -22.71 -4.79
CA ALA A 818 -13.29 -22.41 -5.20
C ALA A 818 -13.75 -21.11 -4.59
N ASP A 819 -14.41 -20.29 -5.39
CA ASP A 819 -14.89 -19.00 -4.90
C ASP A 819 -16.40 -18.96 -4.86
N ASN A 820 -17.08 -20.08 -5.13
CA ASN A 820 -18.53 -20.05 -5.20
C ASN A 820 -19.17 -21.04 -4.22
N VAL A 821 -18.43 -21.29 -3.12
CA VAL A 821 -18.94 -22.07 -2.00
C VAL A 821 -19.51 -21.18 -0.88
N GLN A 822 -20.83 -21.11 -0.76
CA GLN A 822 -21.47 -20.28 0.28
C GLN A 822 -21.77 -20.97 1.63
N LEU A 823 -22.29 -22.19 1.58
CA LEU A 823 -22.52 -23.00 2.75
C LEU A 823 -21.42 -24.04 2.70
N SER A 824 -20.36 -23.84 3.48
CA SER A 824 -19.19 -24.66 3.34
C SER A 824 -19.49 -26.13 3.73
N PRO A 825 -18.68 -27.06 3.23
CA PRO A 825 -18.90 -28.43 3.67
C PRO A 825 -18.61 -28.67 5.16
N TYR A 826 -17.70 -27.88 5.73
CA TYR A 826 -17.45 -27.91 7.16
C TYR A 826 -18.67 -27.51 7.98
N LEU A 827 -19.40 -26.51 7.51
CA LEU A 827 -20.64 -26.10 8.14
C LEU A 827 -21.79 -27.14 7.93
N ALA A 828 -21.88 -27.64 6.70
CA ALA A 828 -22.83 -28.73 6.41
C ALA A 828 -22.61 -29.94 7.33
N THR A 829 -21.36 -30.34 7.50
CA THR A 829 -21.01 -31.50 8.28
C THR A 829 -21.18 -31.19 9.78
N THR A 830 -20.96 -29.93 10.16
CA THR A 830 -21.23 -29.49 11.52
C THR A 830 -22.73 -29.57 11.80
N ILE A 831 -23.55 -29.27 10.81
CA ILE A 831 -25.00 -29.49 10.94
C ILE A 831 -25.36 -30.98 11.11
N ASP A 832 -24.75 -31.84 10.29
CA ASP A 832 -24.91 -33.29 10.49
C ASP A 832 -24.57 -33.71 11.92
N LYS A 833 -23.52 -33.09 12.52
CA LYS A 833 -23.12 -33.45 13.89
C LYS A 833 -24.17 -33.05 14.89
N ALA A 834 -24.68 -31.84 14.70
CA ALA A 834 -25.68 -31.28 15.62
C ALA A 834 -26.90 -32.13 15.57
N LEU A 835 -27.22 -32.60 14.37
CA LEU A 835 -28.46 -33.35 14.21
C LEU A 835 -28.31 -34.74 14.89
N TYR A 836 -27.09 -35.29 14.81
CA TYR A 836 -26.79 -36.58 15.41
C TYR A 836 -26.92 -36.42 16.94
N LEU A 837 -26.31 -35.36 17.46
CA LEU A 837 -26.36 -35.06 18.88
C LEU A 837 -27.78 -34.85 19.36
N LEU A 838 -28.60 -34.25 18.52
CA LEU A 838 -30.03 -34.23 18.84
C LEU A 838 -30.58 -35.65 19.04
N LEU A 839 -30.38 -36.50 18.05
CA LEU A 839 -30.86 -37.89 18.13
C LEU A 839 -30.39 -38.57 19.41
N ASP A 840 -29.10 -38.45 19.69
CA ASP A 840 -28.48 -39.00 20.89
C ASP A 840 -29.23 -38.53 22.14
N GLU A 841 -29.50 -37.23 22.21
CA GLU A 841 -30.16 -36.66 23.37
C GLU A 841 -31.62 -37.07 23.46
N LEU A 842 -32.28 -37.39 22.34
CA LEU A 842 -33.63 -37.94 22.38
C LEU A 842 -33.67 -39.45 22.63
N GLY A 843 -32.50 -40.07 22.87
CA GLY A 843 -32.45 -41.48 23.24
C GLY A 843 -32.08 -42.40 22.10
N LEU A 844 -31.42 -41.87 21.05
CA LEU A 844 -30.92 -42.67 19.93
C LEU A 844 -29.40 -42.49 19.78
N PRO A 845 -28.64 -43.05 20.71
CA PRO A 845 -27.18 -42.87 20.65
C PRO A 845 -26.52 -43.46 19.40
N GLN A 846 -27.25 -44.32 18.68
CA GLN A 846 -26.82 -44.86 17.38
C GLN A 846 -27.78 -44.48 16.24
N GLY A 847 -28.60 -43.44 16.44
CA GLY A 847 -29.47 -42.95 15.40
C GLY A 847 -28.77 -42.56 14.10
N ARG A 848 -29.40 -42.96 12.99
CA ARG A 848 -29.04 -42.53 11.63
C ARG A 848 -29.63 -41.15 11.29
N VAL A 849 -28.78 -40.22 10.92
CA VAL A 849 -29.22 -38.94 10.30
C VAL A 849 -29.52 -39.07 8.80
N ILE A 850 -30.79 -39.08 8.51
CA ILE A 850 -31.26 -39.14 7.16
C ILE A 850 -32.15 -37.93 6.87
N VAL A 851 -31.60 -36.97 6.10
CA VAL A 851 -32.34 -35.77 5.77
C VAL A 851 -33.28 -36.05 4.63
N ARG A 852 -34.53 -35.78 4.87
CA ARG A 852 -35.58 -36.00 3.89
C ARG A 852 -35.87 -34.71 3.14
N ASN A 853 -35.88 -33.60 3.86
CA ASN A 853 -36.33 -32.35 3.32
C ASN A 853 -35.69 -31.18 3.98
N ILE A 854 -35.46 -30.15 3.18
CA ILE A 854 -34.97 -28.84 3.58
C ILE A 854 -35.92 -27.79 3.02
N GLU A 855 -36.69 -27.13 3.88
CA GLU A 855 -37.61 -26.08 3.42
C GLU A 855 -37.10 -24.67 3.73
N ARG A 856 -37.04 -23.84 2.68
CA ARG A 856 -36.76 -22.40 2.76
C ARG A 856 -35.44 -22.06 3.48
N LEU A 857 -34.34 -22.50 2.89
CA LEU A 857 -33.01 -22.16 3.35
C LEU A 857 -32.55 -20.88 2.66
N CYS A 858 -32.01 -19.93 3.44
CA CYS A 858 -31.36 -18.75 2.90
C CYS A 858 -30.02 -18.62 3.54
N CYS A 859 -29.05 -18.31 2.73
CA CYS A 859 -27.71 -18.18 3.18
C CYS A 859 -27.37 -16.70 2.99
N TYR A 860 -27.46 -15.92 4.06
CA TYR A 860 -27.32 -14.48 3.91
C TYR A 860 -25.88 -14.07 3.79
N HIS A 861 -25.01 -14.74 4.56
CA HIS A 861 -23.57 -14.55 4.47
C HIS A 861 -22.90 -15.86 4.78
N THR A 862 -21.60 -15.85 4.60
CA THR A 862 -20.75 -16.96 4.83
C THR A 862 -19.86 -16.61 6.02
N PRO A 863 -19.95 -17.36 7.14
CA PRO A 863 -19.14 -17.01 8.33
C PRO A 863 -17.69 -17.01 8.01
N ALA A 864 -16.99 -15.98 8.45
CA ALA A 864 -15.58 -15.85 8.20
C ALA A 864 -14.82 -16.86 9.04
N GLY A 865 -15.29 -17.05 10.26
CA GLY A 865 -14.67 -18.01 11.17
C GLY A 865 -15.72 -18.78 11.94
N GLY A 866 -15.65 -18.67 13.26
CA GLY A 866 -16.44 -19.49 14.17
C GLY A 866 -17.92 -19.27 13.94
N PHE A 867 -18.70 -20.27 14.30
CA PHE A 867 -20.15 -20.13 14.20
C PHE A 867 -20.85 -21.04 15.19
N SER A 868 -22.13 -20.84 15.32
CA SER A 868 -22.97 -21.62 16.18
C SER A 868 -24.14 -22.13 15.36
N VAL A 869 -24.47 -23.40 15.52
CA VAL A 869 -25.61 -24.00 14.89
C VAL A 869 -26.66 -24.17 15.96
N VAL A 870 -27.87 -23.68 15.72
CA VAL A 870 -28.93 -23.66 16.71
C VAL A 870 -30.10 -24.43 16.20
N LEU A 871 -30.57 -25.40 16.97
CA LEU A 871 -31.74 -26.21 16.54
C LEU A 871 -32.86 -25.93 17.47
N SER A 872 -34.10 -25.82 16.96
CA SER A 872 -35.24 -25.50 17.79
C SER A 872 -36.55 -25.80 17.07
N GLY A 873 -37.67 -25.65 17.79
CA GLY A 873 -38.99 -25.89 17.22
C GLY A 873 -39.04 -27.33 16.77
N ILE A 874 -38.65 -28.23 17.66
CA ILE A 874 -38.39 -29.61 17.30
C ILE A 874 -39.64 -30.38 17.50
N GLY A 875 -40.02 -31.18 16.53
CA GLY A 875 -41.29 -31.91 16.66
C GLY A 875 -41.17 -33.29 16.08
N LEU A 876 -42.03 -34.20 16.54
CA LEU A 876 -42.06 -35.55 16.07
C LEU A 876 -43.47 -35.88 15.69
N ASN A 877 -43.66 -36.24 14.44
CA ASN A 877 -44.97 -36.41 13.87
C ASN A 877 -44.86 -37.59 12.95
N ASP A 878 -45.57 -38.68 13.25
CA ASP A 878 -45.37 -39.95 12.55
C ASP A 878 -43.87 -40.32 12.65
N ASN A 879 -43.20 -40.49 11.52
CA ASN A 879 -41.80 -40.92 11.46
C ASN A 879 -40.84 -39.78 11.05
N GLU A 880 -41.26 -38.54 11.31
CA GLU A 880 -40.56 -37.36 10.88
C GLU A 880 -40.21 -36.49 12.08
N LEU A 881 -38.92 -36.31 12.28
CA LEU A 881 -38.42 -35.36 13.25
C LEU A 881 -38.13 -34.07 12.48
N SER A 882 -38.86 -33.01 12.80
CA SER A 882 -38.70 -31.76 12.11
C SER A 882 -38.24 -30.68 13.07
N LEU A 883 -37.44 -29.75 12.56
CA LEU A 883 -36.91 -28.64 13.35
C LEU A 883 -36.57 -27.45 12.46
N SER A 884 -36.31 -26.30 13.11
CA SER A 884 -35.89 -25.08 12.47
C SER A 884 -34.43 -24.91 12.82
N LEU A 885 -33.68 -24.20 12.00
CA LEU A 885 -32.24 -24.12 12.20
C LEU A 885 -31.70 -22.75 11.81
N LEU A 886 -30.71 -22.29 12.56
CA LEU A 886 -30.04 -21.04 12.33
C LEU A 886 -28.57 -21.30 12.43
N VAL A 887 -27.79 -20.58 11.63
CA VAL A 887 -26.33 -20.50 11.80
C VAL A 887 -25.94 -19.04 12.07
N LEU A 888 -25.19 -18.79 13.14
CA LEU A 888 -24.79 -17.43 13.51
C LEU A 888 -23.29 -17.39 13.66
N ASP A 889 -22.69 -16.24 13.32
CA ASP A 889 -21.26 -16.09 13.41
C ASP A 889 -20.90 -15.54 14.77
N GLU A 890 -19.63 -15.22 14.95
CA GLU A 890 -19.16 -14.75 16.24
C GLU A 890 -19.79 -13.44 16.70
N ARG A 891 -20.21 -12.59 15.75
CA ARG A 891 -20.97 -11.37 16.06
C ARG A 891 -22.43 -11.66 16.31
N GLU A 892 -22.80 -12.94 16.27
CA GLU A 892 -24.19 -13.34 16.37
C GLU A 892 -25.08 -12.77 15.29
N GLN A 893 -24.53 -12.51 14.13
CA GLN A 893 -25.35 -12.19 12.96
C GLN A 893 -25.82 -13.51 12.31
N ILE A 894 -27.04 -13.53 11.82
CA ILE A 894 -27.60 -14.71 11.22
C ILE A 894 -27.01 -14.91 9.82
N CYS A 895 -26.24 -15.98 9.67
CA CYS A 895 -25.61 -16.33 8.39
C CYS A 895 -26.48 -17.20 7.51
N VAL A 896 -27.32 -18.01 8.13
CA VAL A 896 -28.10 -19.02 7.47
C VAL A 896 -29.30 -19.23 8.34
N LYS A 897 -30.44 -19.26 7.73
CA LYS A 897 -31.66 -19.55 8.42
C LYS A 897 -32.37 -20.60 7.57
N LEU A 898 -33.19 -21.44 8.20
CA LEU A 898 -33.82 -22.57 7.54
C LEU A 898 -35.07 -22.97 8.28
N ASP A 899 -36.23 -22.71 7.68
CA ASP A 899 -37.49 -22.85 8.37
C ASP A 899 -37.69 -24.25 8.89
N LYS A 900 -37.25 -25.23 8.12
CA LYS A 900 -37.51 -26.58 8.47
C LYS A 900 -36.59 -27.62 7.83
N VAL A 901 -36.01 -28.44 8.69
CA VAL A 901 -35.35 -29.68 8.28
C VAL A 901 -36.27 -30.82 8.69
N SER A 902 -36.48 -31.75 7.78
CA SER A 902 -37.19 -32.98 8.10
C SER A 902 -36.26 -34.17 8.07
N LEU A 903 -36.19 -34.88 9.17
CA LEU A 903 -35.43 -36.11 9.29
C LEU A 903 -36.36 -37.30 9.21
N TYR A 904 -35.86 -38.36 8.61
CA TYR A 904 -36.56 -39.62 8.52
C TYR A 904 -36.08 -40.50 9.67
N LEU A 905 -37.03 -40.99 10.45
CA LEU A 905 -36.73 -42.01 11.46
C LEU A 905 -37.43 -43.32 11.09
N GLY A 906 -36.68 -44.41 11.04
CA GLY A 906 -37.25 -45.78 10.94
C GLY A 906 -38.10 -46.16 12.13
N LYS A 907 -38.75 -47.32 12.08
CA LYS A 907 -39.76 -47.63 13.08
C LYS A 907 -39.20 -47.93 14.46
N GLN A 908 -38.06 -48.60 14.53
CA GLN A 908 -37.46 -48.90 15.85
C GLN A 908 -36.90 -47.59 16.46
N GLU A 909 -36.41 -46.70 15.61
CA GLU A 909 -36.14 -45.33 16.01
C GLU A 909 -37.37 -44.59 16.55
N VAL A 910 -38.49 -44.63 15.83
CA VAL A 910 -39.72 -44.01 16.32
C VAL A 910 -40.12 -44.59 17.69
N ALA A 911 -39.93 -45.89 17.90
CA ALA A 911 -40.35 -46.50 19.16
C ALA A 911 -39.40 -46.15 20.31
N SER A 912 -38.17 -45.78 19.97
CA SER A 912 -37.14 -45.59 20.96
C SER A 912 -37.02 -44.14 21.46
N VAL A 913 -37.64 -43.19 20.76
CA VAL A 913 -37.51 -41.78 21.15
C VAL A 913 -38.25 -41.49 22.43
N ASP A 914 -37.62 -40.65 23.23
CA ASP A 914 -38.20 -40.19 24.47
C ASP A 914 -39.29 -39.13 24.18
N ARG A 915 -40.55 -39.53 24.08
CA ARG A 915 -41.68 -38.59 23.81
C ARG A 915 -41.94 -37.58 24.91
N LYS A 916 -41.46 -37.86 26.11
CA LYS A 916 -41.63 -36.95 27.23
C LYS A 916 -40.48 -35.95 27.36
N HIS A 917 -39.50 -36.02 26.48
CA HIS A 917 -38.33 -35.12 26.55
C HIS A 917 -38.79 -33.68 26.38
N SER A 918 -38.22 -32.73 27.12
CA SER A 918 -38.62 -31.31 27.06
C SER A 918 -38.55 -30.72 25.64
N LEU A 919 -37.57 -31.13 24.86
CA LEU A 919 -37.44 -30.68 23.46
C LEU A 919 -38.67 -30.89 22.60
N LEU A 920 -39.46 -31.90 22.92
CA LEU A 920 -40.71 -32.18 22.21
C LEU A 920 -41.93 -31.64 22.93
N THR A 921 -41.76 -31.25 24.19
CA THR A 921 -42.87 -31.00 25.13
C THR A 921 -43.28 -29.53 25.19
N GLU B 9 57.76 -44.52 -9.20
CA GLU B 9 56.64 -43.76 -9.85
C GLU B 9 55.33 -44.56 -9.97
N LEU B 10 55.31 -45.81 -9.52
CA LEU B 10 54.14 -46.66 -9.72
C LEU B 10 53.00 -46.29 -8.79
N ALA B 11 53.33 -45.69 -7.66
CA ALA B 11 52.32 -45.23 -6.73
C ALA B 11 51.52 -44.08 -7.32
N ASN B 12 52.06 -43.45 -8.36
CA ASN B 12 51.39 -42.33 -9.02
C ASN B 12 50.44 -42.78 -10.14
N TYR B 13 50.54 -44.04 -10.54
CA TYR B 13 49.70 -44.53 -11.62
C TYR B 13 48.52 -45.28 -11.04
N ILE B 14 47.45 -45.28 -11.81
CA ILE B 14 46.20 -45.87 -11.44
C ILE B 14 45.81 -46.91 -12.45
N ALA B 15 45.42 -48.09 -11.97
CA ALA B 15 45.05 -49.18 -12.84
C ALA B 15 43.53 -49.22 -12.91
N VAL B 16 43.02 -49.48 -14.11
CA VAL B 16 41.61 -49.78 -14.27
C VAL B 16 41.49 -51.32 -14.16
N ILE B 17 40.76 -51.79 -13.18
CA ILE B 17 40.69 -53.22 -12.92
C ILE B 17 39.31 -53.83 -13.16
N GLY B 18 38.38 -53.01 -13.58
CA GLY B 18 36.98 -53.39 -13.70
C GLY B 18 36.30 -52.46 -14.66
N LEU B 19 35.36 -52.98 -15.45
CA LEU B 19 34.70 -52.24 -16.52
C LEU B 19 33.29 -52.74 -16.74
N GLY B 20 32.31 -51.84 -16.78
CA GLY B 20 30.92 -52.23 -16.97
C GLY B 20 30.10 -51.08 -17.52
N GLY B 21 28.92 -51.36 -18.01
CA GLY B 21 28.00 -50.32 -18.43
C GLY B 21 26.87 -50.85 -19.32
N TYR B 22 25.84 -50.04 -19.56
CA TYR B 22 24.80 -50.35 -20.57
C TYR B 22 24.92 -49.33 -21.70
N TYR B 23 24.98 -49.82 -22.92
CA TYR B 23 25.15 -48.97 -24.09
C TYR B 23 24.16 -49.36 -25.18
N PRO B 24 23.74 -48.40 -26.01
CA PRO B 24 22.74 -48.72 -27.03
C PRO B 24 23.27 -49.74 -28.01
N GLY B 25 22.42 -50.67 -28.42
CA GLY B 25 22.77 -51.62 -29.47
C GLY B 25 23.61 -52.80 -28.99
N ALA B 26 23.82 -52.90 -27.67
CA ALA B 26 24.70 -53.92 -27.11
C ALA B 26 24.19 -54.43 -25.77
N ASP B 27 24.29 -55.74 -25.55
CA ASP B 27 23.81 -56.41 -24.34
C ASP B 27 24.95 -56.78 -23.42
N SER B 28 26.15 -56.46 -23.84
CA SER B 28 27.34 -56.73 -23.08
C SER B 28 28.41 -55.81 -23.61
N ILE B 29 29.43 -55.61 -22.78
CA ILE B 29 30.59 -54.88 -23.17
C ILE B 29 31.25 -55.51 -24.38
N ASP B 30 31.27 -56.83 -24.48
CA ASP B 30 31.91 -57.38 -25.65
C ASP B 30 31.07 -57.13 -26.93
N GLU B 31 29.74 -57.13 -26.83
CA GLU B 31 28.91 -56.77 -27.99
C GLU B 31 29.19 -55.32 -28.43
N LEU B 32 29.38 -54.44 -27.44
CA LEU B 32 29.77 -53.06 -27.71
C LEU B 32 31.04 -53.06 -28.56
N TRP B 33 32.05 -53.83 -28.18
CA TRP B 33 33.27 -53.92 -28.98
C TRP B 33 33.04 -54.42 -30.41
N GLN B 34 32.21 -55.44 -30.61
CA GLN B 34 31.93 -55.93 -31.98
C GLN B 34 31.30 -54.82 -32.82
N ASN B 35 30.38 -54.08 -32.25
CA ASN B 35 29.78 -52.96 -32.94
C ASN B 35 30.80 -51.89 -33.31
N LEU B 36 31.64 -51.52 -32.35
CA LEU B 36 32.72 -50.57 -32.63
C LEU B 36 33.64 -51.11 -33.70
N ALA B 37 34.16 -52.32 -33.47
CA ALA B 37 35.10 -52.93 -34.42
C ALA B 37 34.54 -52.98 -35.86
N ASN B 38 33.24 -53.20 -35.99
CA ASN B 38 32.59 -53.34 -37.28
C ASN B 38 31.95 -52.06 -37.82
N GLY B 39 32.25 -50.92 -37.19
CA GLY B 39 31.76 -49.63 -37.68
C GLY B 39 30.25 -49.56 -37.67
N VAL B 40 29.60 -50.07 -36.64
CA VAL B 40 28.15 -50.03 -36.60
C VAL B 40 27.67 -48.71 -36.02
N ASP B 41 26.73 -48.11 -36.73
CA ASP B 41 26.03 -46.94 -36.31
C ASP B 41 24.92 -47.36 -35.35
N CYS B 42 24.99 -46.93 -34.11
CA CYS B 42 24.07 -47.42 -33.08
C CYS B 42 23.01 -46.41 -32.74
N MET B 43 22.89 -45.34 -33.55
CA MET B 43 21.79 -44.36 -33.39
C MET B 43 20.48 -45.02 -33.81
N SER B 44 19.34 -44.55 -33.31
CA SER B 44 18.02 -45.05 -33.76
C SER B 44 16.94 -44.02 -33.49
N ASP B 45 15.73 -44.28 -33.96
CA ASP B 45 14.60 -43.40 -33.70
C ASP B 45 14.24 -43.41 -32.23
N PHE B 46 13.56 -42.36 -31.77
CA PHE B 46 13.06 -42.30 -30.41
C PHE B 46 12.09 -43.46 -30.26
N PRO B 47 12.29 -44.32 -29.27
CA PRO B 47 11.51 -45.57 -29.28
C PRO B 47 10.02 -45.41 -28.97
N ALA B 48 9.18 -46.11 -29.73
CA ALA B 48 7.71 -46.06 -29.57
C ALA B 48 7.23 -46.50 -28.20
N ASP B 49 8.00 -47.35 -27.53
CA ASP B 49 7.61 -47.82 -26.21
C ASP B 49 7.79 -46.81 -25.10
N ARG B 50 8.44 -45.68 -25.37
CA ARG B 50 8.52 -44.56 -24.41
C ARG B 50 7.45 -43.50 -24.65
N TRP B 51 7.56 -42.84 -25.80
CA TRP B 51 6.52 -41.91 -26.24
C TRP B 51 6.51 -41.93 -27.75
N ASP B 52 5.53 -41.26 -28.34
CA ASP B 52 5.38 -41.19 -29.78
C ASP B 52 5.97 -39.88 -30.25
N HIS B 53 7.18 -39.93 -30.81
CA HIS B 53 8.01 -38.74 -30.98
C HIS B 53 7.43 -37.80 -32.01
N SER B 54 6.64 -38.35 -32.94
CA SER B 54 5.96 -37.56 -33.95
C SER B 54 5.02 -36.51 -33.34
N LYS B 55 4.53 -36.78 -32.12
CA LYS B 55 3.65 -35.88 -31.40
C LYS B 55 4.32 -34.70 -30.78
N ILE B 56 5.63 -34.80 -30.49
CA ILE B 56 6.39 -33.67 -29.99
C ILE B 56 7.50 -33.13 -30.94
N TYR B 57 7.71 -33.74 -32.11
CA TYR B 57 8.79 -33.31 -33.01
C TYR B 57 8.41 -32.05 -33.80
N TYR B 58 9.34 -31.12 -33.98
CA TYR B 58 9.17 -30.06 -34.98
C TYR B 58 10.55 -29.68 -35.51
N LYS B 59 10.60 -29.29 -36.78
CA LYS B 59 11.89 -29.18 -37.45
C LYS B 59 12.82 -28.03 -37.01
N ASN B 60 12.30 -27.00 -36.35
CA ASN B 60 13.19 -25.94 -35.86
C ASN B 60 12.69 -25.44 -34.51
N ARG B 61 13.42 -24.51 -33.91
CA ARG B 61 13.16 -24.10 -32.53
C ARG B 61 12.06 -23.05 -32.37
N LYS B 62 11.40 -22.70 -33.45
CA LYS B 62 10.42 -21.64 -33.38
C LYS B 62 9.11 -21.98 -32.80
N VAL B 63 8.75 -23.24 -32.76
CA VAL B 63 7.50 -23.62 -32.10
C VAL B 63 7.91 -24.09 -30.69
N LEU B 64 7.62 -23.27 -29.70
CA LEU B 64 7.97 -23.57 -28.30
C LEU B 64 7.12 -24.73 -27.83
N GLY B 65 7.76 -25.66 -27.14
CA GLY B 65 7.06 -26.80 -26.61
C GLY B 65 7.31 -28.09 -27.40
N LYS B 66 7.78 -27.98 -28.64
CA LYS B 66 8.18 -29.14 -29.40
C LYS B 66 9.68 -29.35 -29.21
N THR B 67 10.23 -30.41 -29.80
CA THR B 67 11.68 -30.66 -29.81
C THR B 67 12.17 -30.86 -31.24
N THR B 68 13.38 -30.39 -31.50
CA THR B 68 14.01 -30.52 -32.81
C THR B 68 14.94 -31.72 -32.93
N CYS B 69 15.09 -32.46 -31.83
CA CYS B 69 15.92 -33.65 -31.81
C CYS B 69 15.27 -34.71 -32.70
N ILE B 70 15.99 -35.13 -33.73
CA ILE B 70 15.41 -36.01 -34.74
C ILE B 70 15.47 -37.44 -34.28
N ASN B 71 16.53 -37.76 -33.56
CA ASN B 71 16.77 -39.10 -33.10
C ASN B 71 17.81 -39.08 -31.99
N GLY B 72 18.22 -40.26 -31.54
CA GLY B 72 19.29 -40.38 -30.57
C GLY B 72 19.82 -41.80 -30.54
N SER B 73 20.22 -42.25 -29.36
CA SER B 73 20.61 -43.64 -29.16
C SER B 73 20.08 -44.00 -27.78
N PHE B 74 19.59 -45.22 -27.63
CA PHE B 74 18.81 -45.63 -26.47
C PHE B 74 19.25 -46.98 -25.96
N ILE B 75 19.31 -47.14 -24.64
CA ILE B 75 19.54 -48.46 -24.04
C ILE B 75 18.20 -49.12 -23.91
N LYS B 76 18.22 -50.42 -23.64
CA LYS B 76 16.99 -51.19 -23.52
C LYS B 76 16.58 -51.23 -22.08
N ASP B 77 15.29 -51.43 -21.85
CA ASP B 77 14.77 -51.74 -20.52
C ASP B 77 15.06 -50.68 -19.45
N VAL B 78 14.82 -49.43 -19.82
CA VAL B 78 15.13 -48.30 -18.95
C VAL B 78 14.25 -48.31 -17.69
N ASP B 79 13.10 -48.96 -17.79
CA ASP B 79 12.14 -49.08 -16.72
C ASP B 79 12.26 -50.36 -15.88
N LYS B 80 13.24 -51.20 -16.16
CA LYS B 80 13.35 -52.48 -15.46
C LYS B 80 14.32 -52.32 -14.30
N PHE B 81 14.03 -53.00 -13.19
CA PHE B 81 14.91 -52.92 -12.04
C PHE B 81 14.62 -54.09 -11.11
N ASP B 82 15.68 -54.75 -10.71
CA ASP B 82 15.58 -55.90 -9.83
C ASP B 82 15.50 -55.45 -8.38
N TYR B 83 14.35 -54.93 -8.01
CA TYR B 83 14.13 -54.40 -6.68
C TYR B 83 14.37 -55.44 -5.61
N SER B 84 13.99 -56.68 -5.90
CA SER B 84 14.16 -57.74 -4.94
C SER B 84 15.65 -57.99 -4.63
N TYR B 85 16.47 -57.99 -5.66
CA TYR B 85 17.90 -58.21 -5.50
C TYR B 85 18.51 -57.13 -4.60
N PHE B 86 18.03 -55.90 -4.71
CA PHE B 86 18.64 -54.81 -3.91
C PHE B 86 17.87 -54.52 -2.63
N LYS B 87 17.08 -55.50 -2.19
CA LYS B 87 16.41 -55.50 -0.88
C LYS B 87 15.59 -54.26 -0.62
N MET B 88 14.80 -53.92 -1.62
CA MET B 88 14.04 -52.70 -1.66
C MET B 88 12.58 -53.09 -1.88
N PRO B 89 11.65 -52.46 -1.14
CA PRO B 89 10.25 -52.70 -1.54
C PRO B 89 9.97 -52.11 -2.93
N LYS B 90 9.06 -52.75 -3.67
CA LYS B 90 8.72 -52.34 -5.02
C LYS B 90 8.20 -50.89 -5.13
N VAL B 91 7.34 -50.49 -4.20
CA VAL B 91 6.73 -49.17 -4.25
C VAL B 91 7.85 -48.12 -4.20
N TYR B 92 8.87 -48.42 -3.41
CA TYR B 92 10.03 -47.58 -3.31
C TYR B 92 10.79 -47.51 -4.64
N ALA B 93 10.96 -48.66 -5.31
CA ALA B 93 11.67 -48.67 -6.57
C ALA B 93 10.90 -47.89 -7.63
N ASP B 94 9.57 -48.00 -7.57
CA ASP B 94 8.68 -47.35 -8.53
C ASP B 94 8.81 -45.83 -8.48
N HIS B 95 9.21 -45.31 -7.33
CA HIS B 95 9.30 -43.87 -7.13
C HIS B 95 10.70 -43.36 -7.27
N MET B 96 11.64 -44.27 -7.39
CA MET B 96 13.05 -43.91 -7.40
C MET B 96 13.59 -43.64 -8.82
N SER B 97 14.48 -42.65 -8.95
CA SER B 97 14.97 -42.28 -10.28
C SER B 97 15.61 -43.50 -10.95
N PRO B 98 15.34 -43.69 -12.24
CA PRO B 98 16.08 -44.74 -12.94
C PRO B 98 17.58 -44.54 -12.92
N GLU B 99 18.01 -43.30 -12.82
CA GLU B 99 19.43 -43.07 -12.77
C GLU B 99 19.97 -43.86 -11.58
N VAL B 100 19.26 -43.88 -10.45
CA VAL B 100 19.76 -44.61 -9.26
C VAL B 100 19.74 -46.12 -9.48
N ARG B 101 18.63 -46.60 -10.02
CA ARG B 101 18.38 -48.03 -10.20
C ARG B 101 19.36 -48.72 -11.15
N LEU B 102 19.56 -48.09 -12.29
CA LEU B 102 20.33 -48.65 -13.35
C LEU B 102 21.80 -48.44 -13.03
N PHE B 103 22.15 -47.35 -12.38
CA PHE B 103 23.53 -47.25 -11.96
C PHE B 103 23.89 -48.33 -10.93
N LEU B 104 22.92 -48.69 -10.11
CA LEU B 104 23.11 -49.69 -9.11
C LEU B 104 23.37 -51.08 -9.76
N GLN B 105 22.60 -51.46 -10.78
CA GLN B 105 22.90 -52.63 -11.58
C GLN B 105 24.27 -52.54 -12.24
N VAL B 106 24.60 -51.42 -12.86
CA VAL B 106 25.90 -51.28 -13.51
C VAL B 106 27.05 -51.40 -12.51
N ALA B 107 26.83 -50.91 -11.30
CA ALA B 107 27.83 -51.00 -10.24
C ALA B 107 28.16 -52.46 -9.88
N VAL B 108 27.12 -53.28 -9.75
CA VAL B 108 27.29 -54.69 -9.49
C VAL B 108 28.07 -55.31 -10.65
N HIS B 109 27.70 -54.97 -11.89
CA HIS B 109 28.42 -55.53 -13.04
C HIS B 109 29.90 -55.13 -12.97
N THR B 110 30.19 -53.89 -12.57
CA THR B 110 31.59 -53.43 -12.65
C THR B 110 32.46 -54.06 -11.54
N PHE B 111 31.96 -54.05 -10.32
CA PHE B 111 32.62 -54.79 -9.24
C PHE B 111 32.81 -56.27 -9.59
N GLU B 112 31.75 -56.92 -10.10
CA GLU B 112 31.82 -58.33 -10.46
C GLU B 112 32.74 -58.55 -11.62
N ASP B 113 32.74 -57.64 -12.60
CA ASP B 113 33.68 -57.79 -13.71
C ASP B 113 35.11 -57.77 -13.22
N ALA B 114 35.40 -56.87 -12.28
CA ALA B 114 36.72 -56.75 -11.64
C ALA B 114 37.08 -57.93 -10.73
N GLY B 115 36.10 -58.77 -10.38
CA GLY B 115 36.36 -59.90 -9.50
C GLY B 115 36.23 -59.60 -8.02
N TYR B 116 35.28 -58.71 -7.69
CA TYR B 116 35.02 -58.23 -6.33
C TYR B 116 33.52 -58.33 -5.93
N SER B 117 33.16 -59.45 -5.35
CA SER B 117 31.88 -59.57 -4.67
C SER B 117 31.85 -58.59 -3.50
N LYS B 118 30.64 -58.32 -3.01
CA LYS B 118 30.44 -57.52 -1.78
C LYS B 118 31.24 -58.07 -0.61
N GLU B 119 31.21 -59.38 -0.49
CA GLU B 119 31.76 -60.07 0.66
C GLU B 119 33.28 -59.95 0.62
N THR B 120 33.84 -59.99 -0.59
CA THR B 120 35.27 -59.79 -0.81
C THR B 120 35.69 -58.33 -0.55
N LEU B 121 34.85 -57.35 -0.87
CA LEU B 121 35.17 -55.95 -0.52
C LEU B 121 35.24 -55.77 1.01
N LEU B 122 34.33 -56.42 1.72
CA LEU B 122 34.36 -56.35 3.17
C LEU B 122 35.63 -57.03 3.70
N SER B 123 35.92 -58.26 3.27
CA SER B 123 37.12 -58.99 3.72
C SER B 123 38.41 -58.25 3.46
N ARG B 124 38.56 -57.77 2.24
CA ARG B 124 39.80 -57.19 1.79
C ARG B 124 40.02 -55.79 2.33
N TYR B 125 38.97 -54.97 2.29
CA TYR B 125 39.12 -53.53 2.53
C TYR B 125 38.18 -52.99 3.58
N ASN B 126 37.43 -53.86 4.25
CA ASN B 126 36.41 -53.43 5.17
C ASN B 126 35.55 -52.31 4.57
N GLY B 127 35.21 -52.47 3.30
CA GLY B 127 34.37 -51.51 2.60
C GLY B 127 35.02 -50.18 2.27
N ASP B 128 36.35 -50.07 2.35
CA ASP B 128 36.99 -48.75 2.13
C ASP B 128 37.14 -48.47 0.65
N VAL B 129 36.01 -48.14 0.03
CA VAL B 129 35.90 -47.95 -1.40
C VAL B 129 34.97 -46.76 -1.68
N GLY B 130 35.40 -45.91 -2.62
CA GLY B 130 34.63 -44.72 -2.97
C GLY B 130 33.80 -44.96 -4.22
N VAL B 131 32.79 -44.11 -4.42
CA VAL B 131 31.95 -44.13 -5.61
C VAL B 131 31.77 -42.67 -6.07
N LEU B 132 32.14 -42.38 -7.31
CA LEU B 132 32.09 -41.02 -7.85
C LEU B 132 31.42 -41.05 -9.19
N LEU B 133 30.37 -40.28 -9.41
CA LEU B 133 29.73 -40.26 -10.71
C LEU B 133 28.97 -38.94 -10.91
N GLY B 134 28.57 -38.66 -12.15
CA GLY B 134 27.71 -37.52 -12.44
C GLY B 134 26.73 -37.83 -13.56
N THR B 135 25.66 -37.04 -13.62
CA THR B 135 24.78 -37.01 -14.79
C THR B 135 24.31 -35.58 -14.97
N MET B 136 23.95 -35.24 -16.20
CA MET B 136 23.35 -33.94 -16.51
C MET B 136 21.81 -33.94 -16.45
N SER B 137 21.18 -35.07 -16.29
CA SER B 137 19.77 -34.99 -16.02
C SER B 137 19.33 -36.05 -15.09
N ASN B 138 18.19 -35.77 -14.51
CA ASN B 138 17.52 -36.62 -13.57
C ASN B 138 16.06 -36.13 -13.53
N ASP B 139 15.30 -36.52 -14.53
CA ASP B 139 13.96 -35.94 -14.76
C ASP B 139 12.75 -36.70 -14.24
N TYR B 140 13.00 -37.76 -13.49
CA TYR B 140 11.92 -38.64 -13.01
C TYR B 140 10.98 -37.89 -12.10
N HIS B 141 11.49 -36.85 -11.43
CA HIS B 141 10.66 -36.04 -10.51
C HIS B 141 9.49 -35.37 -11.19
N TYR B 142 9.56 -35.25 -12.52
CA TYR B 142 8.43 -34.70 -13.30
C TYR B 142 7.19 -35.51 -13.28
N TYR B 143 7.30 -36.81 -13.07
CA TYR B 143 6.12 -37.65 -13.00
C TYR B 143 5.23 -37.26 -11.79
N GLY B 144 5.85 -37.17 -10.62
CA GLY B 144 5.12 -36.77 -9.42
C GLY B 144 4.70 -35.30 -9.41
N PHE B 145 5.58 -34.42 -9.92
CA PHE B 145 5.17 -33.04 -10.07
C PHE B 145 3.91 -32.89 -10.95
N GLU B 146 3.90 -33.51 -12.13
CA GLU B 146 2.81 -33.34 -13.06
C GLU B 146 1.53 -33.93 -12.46
N SER B 147 1.64 -35.10 -11.83
CA SER B 147 0.51 -35.68 -11.17
C SER B 147 -0.01 -34.72 -10.11
N ASN B 148 0.90 -34.07 -9.37
CA ASN B 148 0.48 -33.09 -8.37
C ASN B 148 -0.15 -31.82 -8.93
N VAL B 149 0.15 -31.49 -10.17
CA VAL B 149 -0.55 -30.41 -10.87
C VAL B 149 -2.02 -30.74 -11.00
N PHE B 150 -2.33 -32.03 -11.15
CA PHE B 150 -3.74 -32.48 -11.26
C PHE B 150 -4.44 -32.86 -9.95
N ARG B 151 -3.74 -33.60 -9.09
CA ARG B 151 -4.31 -34.23 -7.89
C ARG B 151 -3.24 -34.49 -6.83
N GLY B 152 -3.67 -34.67 -5.59
CA GLY B 152 -2.74 -34.97 -4.51
C GLY B 152 -2.06 -36.27 -4.85
N SER B 153 -0.73 -36.27 -4.91
CA SER B 153 0.05 -37.43 -5.37
C SER B 153 1.38 -37.52 -4.64
N MET B 154 2.01 -38.67 -4.76
CA MET B 154 3.38 -38.89 -4.29
C MET B 154 4.37 -38.22 -5.21
N ALA B 155 5.35 -37.56 -4.60
CA ALA B 155 6.48 -37.04 -5.33
C ALA B 155 7.21 -38.24 -5.92
N SER B 156 8.01 -38.01 -6.95
CA SER B 156 8.87 -39.03 -7.56
C SER B 156 10.28 -38.50 -7.72
N GLY B 157 11.21 -39.44 -7.92
CA GLY B 157 12.57 -39.08 -8.29
C GLY B 157 13.48 -39.05 -7.10
N SER B 158 14.80 -38.99 -7.34
CA SER B 158 15.80 -39.12 -6.25
C SER B 158 16.76 -37.97 -6.44
N GLY B 159 17.28 -37.42 -5.34
CA GLY B 159 18.34 -36.45 -5.40
C GLY B 159 19.60 -36.98 -6.07
N MET B 160 20.34 -36.10 -6.74
CA MET B 160 21.57 -36.51 -7.41
C MET B 160 22.48 -37.33 -6.50
N ALA B 161 22.68 -36.91 -5.26
CA ALA B 161 23.61 -37.60 -4.39
C ALA B 161 23.12 -38.99 -3.96
N THR B 162 21.83 -39.30 -4.20
CA THR B 162 21.27 -40.56 -3.86
C THR B 162 21.86 -41.59 -4.78
N ILE B 163 22.30 -41.19 -5.98
CA ILE B 163 22.84 -42.16 -6.91
C ILE B 163 24.11 -42.85 -6.36
N PRO B 164 25.15 -42.08 -6.08
CA PRO B 164 26.33 -42.78 -5.51
C PRO B 164 26.11 -43.35 -4.10
N MET B 165 25.28 -42.69 -3.29
CA MET B 165 25.19 -43.12 -1.90
C MET B 165 24.38 -44.39 -1.74
N THR B 166 23.48 -44.66 -2.67
CA THR B 166 22.77 -45.90 -2.72
C THR B 166 23.72 -47.06 -3.09
N VAL B 167 24.68 -46.84 -3.98
CA VAL B 167 25.67 -47.90 -4.23
C VAL B 167 26.47 -48.15 -2.94
N SER B 168 26.82 -47.09 -2.24
CA SER B 168 27.70 -47.22 -1.10
C SER B 168 26.90 -47.89 0.00
N TYR B 169 25.61 -47.57 0.05
CA TYR B 169 24.74 -48.16 1.05
C TYR B 169 24.62 -49.67 0.79
N PHE B 170 24.27 -50.04 -0.44
CA PHE B 170 24.02 -51.44 -0.74
C PHE B 170 25.30 -52.28 -0.53
N TYR B 171 26.44 -51.75 -0.96
CA TYR B 171 27.71 -52.45 -0.78
C TYR B 171 28.34 -52.24 0.61
N GLY B 172 27.77 -51.41 1.48
CA GLY B 172 28.38 -51.14 2.82
C GLY B 172 29.75 -50.46 2.75
N LEU B 173 29.91 -49.52 1.84
CA LEU B 173 31.20 -48.86 1.62
C LEU B 173 31.39 -47.65 2.52
N THR B 174 32.63 -47.41 2.93
CA THR B 174 32.95 -46.28 3.83
C THR B 174 33.78 -45.20 3.18
N GLY B 175 34.19 -45.40 1.93
CA GLY B 175 34.98 -44.40 1.21
C GLY B 175 34.06 -43.31 0.70
N PRO B 176 34.64 -42.27 0.10
CA PRO B 176 33.87 -41.10 -0.34
C PRO B 176 32.85 -41.43 -1.42
N SER B 177 31.62 -41.02 -1.19
CA SER B 177 30.50 -41.25 -2.10
C SER B 177 30.01 -39.86 -2.56
N LEU B 178 30.33 -39.48 -3.78
CA LEU B 178 30.09 -38.12 -4.27
C LEU B 178 29.40 -38.16 -5.61
N PHE B 179 28.49 -37.20 -5.77
CA PHE B 179 27.96 -36.82 -7.07
C PHE B 179 28.73 -35.60 -7.57
N ILE B 180 29.32 -35.67 -8.77
CA ILE B 180 30.04 -34.54 -9.34
C ILE B 180 29.53 -34.19 -10.70
N ASP B 181 29.13 -32.93 -10.90
CA ASP B 181 28.66 -32.45 -12.20
C ASP B 181 29.62 -31.39 -12.76
N THR B 182 30.25 -31.69 -13.90
CA THR B 182 30.94 -30.69 -14.69
C THR B 182 30.46 -30.77 -16.12
N MET B 183 29.15 -30.87 -16.27
CA MET B 183 28.51 -30.98 -17.56
C MET B 183 29.07 -32.16 -18.33
N CYS B 184 29.47 -31.94 -19.59
CA CYS B 184 29.86 -33.05 -20.48
C CYS B 184 31.10 -33.83 -19.98
N SER B 185 31.96 -33.16 -19.21
CA SER B 185 33.18 -33.77 -18.74
C SER B 185 33.01 -34.46 -17.37
N SER B 186 31.77 -34.62 -16.92
CA SER B 186 31.48 -35.11 -15.55
C SER B 186 32.11 -36.47 -15.24
N SER B 187 31.88 -37.48 -16.07
CA SER B 187 32.51 -38.82 -15.78
C SER B 187 34.05 -38.73 -15.79
N SER B 188 34.61 -37.94 -16.69
CA SER B 188 36.09 -37.76 -16.69
C SER B 188 36.58 -37.03 -15.44
N THR B 189 35.81 -36.04 -14.97
CA THR B 189 36.13 -35.36 -13.72
C THR B 189 36.09 -36.31 -12.52
N CYS B 190 35.08 -37.19 -12.49
CA CYS B 190 35.03 -38.27 -11.48
C CYS B 190 36.23 -39.20 -11.55
N ILE B 191 36.58 -39.63 -12.75
CA ILE B 191 37.79 -40.45 -12.96
C ILE B 191 39.06 -39.72 -12.52
N HIS B 192 39.19 -38.45 -12.88
CA HIS B 192 40.35 -37.70 -12.45
C HIS B 192 40.42 -37.58 -10.92
N THR B 193 39.29 -37.27 -10.30
CA THR B 193 39.22 -37.15 -8.85
C THR B 193 39.53 -38.47 -8.19
N ALA B 194 38.99 -39.56 -8.73
CA ALA B 194 39.27 -40.85 -8.17
C ALA B 194 40.80 -41.09 -8.15
N CYS B 195 41.49 -40.70 -9.22
CA CYS B 195 42.91 -40.94 -9.32
C CYS B 195 43.63 -40.19 -8.22
N GLN B 196 43.19 -38.98 -7.88
CA GLN B 196 43.89 -38.22 -6.87
C GLN B 196 43.67 -38.86 -5.50
N MET B 197 42.42 -39.25 -5.26
CA MET B 197 42.07 -39.93 -4.01
C MET B 197 42.90 -41.16 -3.80
N LEU B 198 43.12 -41.91 -4.87
CA LEU B 198 43.84 -43.16 -4.78
C LEU B 198 45.33 -42.89 -4.67
N LYS B 199 45.85 -41.95 -5.46
CA LYS B 199 47.25 -41.58 -5.40
C LYS B 199 47.65 -41.21 -3.99
N HIS B 200 46.78 -40.49 -3.30
CA HIS B 200 47.08 -40.03 -1.95
C HIS B 200 46.52 -40.96 -0.87
N ASP B 201 46.13 -42.16 -1.23
CA ASP B 201 45.77 -43.22 -0.27
C ASP B 201 44.63 -42.84 0.67
N GLU B 202 43.62 -42.20 0.10
CA GLU B 202 42.47 -41.80 0.86
C GLU B 202 41.42 -42.89 0.90
N THR B 203 41.45 -43.80 -0.06
CA THR B 203 40.55 -44.95 -0.08
C THR B 203 41.28 -45.99 -0.94
N LYS B 204 40.87 -47.25 -0.93
CA LYS B 204 41.67 -48.32 -1.56
C LYS B 204 41.24 -48.59 -2.99
N MET B 205 39.97 -48.34 -3.29
CA MET B 205 39.48 -48.43 -4.66
C MET B 205 38.43 -47.35 -4.81
N VAL B 206 38.17 -46.97 -6.05
CA VAL B 206 37.10 -46.09 -6.40
C VAL B 206 36.38 -46.59 -7.62
N LEU B 207 35.06 -46.64 -7.51
CA LEU B 207 34.20 -46.85 -8.66
C LEU B 207 33.82 -45.48 -9.24
N ALA B 208 34.19 -45.24 -10.48
CA ALA B 208 33.91 -43.94 -11.08
C ALA B 208 33.14 -44.07 -12.38
N GLY B 209 32.17 -43.17 -12.60
CA GLY B 209 31.40 -43.21 -13.85
C GLY B 209 30.41 -42.10 -14.11
N GLY B 210 29.45 -42.39 -14.98
CA GLY B 210 28.46 -41.42 -15.31
C GLY B 210 27.35 -42.03 -16.12
N LEU B 211 26.34 -41.24 -16.40
CA LEU B 211 25.24 -41.71 -17.18
C LEU B 211 24.52 -40.56 -17.86
N ASN B 212 23.76 -40.93 -18.87
CA ASN B 212 22.81 -40.05 -19.47
C ASN B 212 21.62 -40.85 -19.94
N LEU B 213 20.42 -40.40 -19.55
CA LEU B 213 19.18 -41.03 -19.99
C LEU B 213 18.17 -40.00 -20.50
N MET B 214 17.20 -40.48 -21.27
CA MET B 214 16.16 -39.67 -21.87
C MET B 214 14.87 -40.46 -21.83
N TYR B 215 14.31 -40.66 -20.64
CA TYR B 215 13.10 -41.46 -20.50
C TYR B 215 11.84 -40.59 -20.42
N HIS B 216 11.99 -39.29 -20.17
CA HIS B 216 10.84 -38.36 -20.15
C HIS B 216 10.95 -37.46 -21.40
N PRO B 217 9.85 -37.27 -22.14
CA PRO B 217 9.85 -36.46 -23.36
C PRO B 217 10.28 -35.01 -23.17
N TYR B 218 9.97 -34.43 -22.02
CA TYR B 218 10.45 -33.11 -21.70
C TYR B 218 11.96 -32.98 -21.68
N THR B 219 12.65 -34.05 -21.34
CA THR B 219 14.09 -34.03 -21.43
C THR B 219 14.50 -33.55 -22.86
N THR B 220 13.79 -34.01 -23.89
CA THR B 220 14.15 -33.61 -25.27
C THR B 220 13.69 -32.21 -25.66
N VAL B 221 12.61 -31.74 -25.04
CA VAL B 221 12.20 -30.35 -25.19
C VAL B 221 13.26 -29.43 -24.56
N ASN B 222 13.67 -29.74 -23.35
CA ASN B 222 14.68 -28.91 -22.70
C ASN B 222 16.01 -28.94 -23.46
N THR B 223 16.43 -30.11 -23.88
CA THR B 223 17.61 -30.22 -24.74
C THR B 223 17.54 -29.33 -25.99
N SER B 224 16.44 -29.47 -26.75
CA SER B 224 16.21 -28.67 -27.93
C SER B 224 16.34 -27.18 -27.65
N GLN B 225 15.79 -26.70 -26.54
CA GLN B 225 15.87 -25.25 -26.27
C GLN B 225 17.25 -24.86 -25.84
N GLY B 226 18.07 -25.79 -25.41
CA GLY B 226 19.45 -25.47 -25.13
C GLY B 226 20.22 -25.07 -26.38
N ASN B 227 19.69 -25.33 -27.58
CA ASN B 227 20.31 -24.87 -28.79
C ASN B 227 21.78 -25.34 -29.00
N PHE B 228 22.04 -26.64 -28.86
CA PHE B 228 23.37 -27.21 -29.12
C PHE B 228 23.32 -28.57 -29.82
N THR B 229 22.13 -29.01 -30.23
CA THR B 229 21.98 -30.24 -30.95
C THR B 229 21.56 -29.92 -32.39
N SER B 230 21.95 -30.79 -33.31
CA SER B 230 21.62 -30.63 -34.73
C SER B 230 20.12 -30.76 -34.97
N ILE B 231 19.63 -29.96 -35.92
CA ILE B 231 18.27 -30.05 -36.41
C ILE B 231 18.25 -30.67 -37.79
N THR B 232 19.40 -31.16 -38.28
CA THR B 232 19.46 -31.86 -39.59
C THR B 232 20.07 -33.25 -39.54
N SER B 233 21.12 -33.44 -38.76
CA SER B 233 21.87 -34.69 -38.76
C SER B 233 21.21 -35.76 -37.89
N GLU B 234 21.37 -37.02 -38.30
CA GLU B 234 20.95 -38.18 -37.53
C GLU B 234 22.16 -38.93 -36.98
N SER B 235 23.31 -38.26 -37.05
CA SER B 235 24.58 -38.84 -36.68
C SER B 235 25.45 -37.74 -36.10
N VAL B 236 26.44 -38.13 -35.29
CA VAL B 236 27.54 -37.25 -34.86
C VAL B 236 28.74 -37.56 -35.73
N ASN B 237 29.04 -36.61 -36.61
CA ASN B 237 30.05 -36.79 -37.62
C ASN B 237 31.38 -36.32 -37.07
N SER B 238 31.91 -37.12 -36.16
CA SER B 238 33.16 -36.80 -35.46
C SER B 238 34.29 -36.54 -36.46
N TYR B 239 34.68 -35.27 -36.55
CA TYR B 239 35.78 -34.79 -37.39
C TYR B 239 35.47 -34.90 -38.86
N GLY B 240 34.22 -35.19 -39.16
CA GLY B 240 33.76 -35.26 -40.54
C GLY B 240 32.98 -34.01 -40.89
N VAL B 241 31.97 -34.16 -41.75
CA VAL B 241 31.15 -33.05 -42.22
C VAL B 241 30.40 -32.37 -41.04
N GLY B 242 30.96 -31.26 -40.56
CA GLY B 242 30.54 -30.65 -39.31
C GLY B 242 29.08 -30.25 -39.33
N ALA B 243 28.38 -30.44 -38.23
CA ALA B 243 26.95 -30.13 -38.23
C ALA B 243 26.78 -28.83 -37.51
N ASP B 244 25.58 -28.28 -37.61
CA ASP B 244 25.17 -27.19 -36.73
C ASP B 244 25.32 -27.64 -35.27
N GLY B 245 25.17 -28.95 -35.01
CA GLY B 245 25.30 -29.44 -33.63
C GLY B 245 25.36 -30.94 -33.43
N THR B 246 25.53 -31.32 -32.16
CA THR B 246 25.70 -32.70 -31.78
C THR B 246 24.37 -33.44 -31.70
N VAL B 247 24.43 -34.71 -31.39
CA VAL B 247 23.21 -35.51 -31.20
C VAL B 247 23.32 -36.33 -29.91
N ILE B 248 22.27 -36.30 -29.08
CA ILE B 248 22.39 -36.85 -27.74
C ILE B 248 22.06 -38.33 -27.77
N GLY B 249 22.86 -39.10 -27.04
CA GLY B 249 22.59 -40.52 -26.85
C GLY B 249 22.55 -40.92 -25.39
N GLU B 250 22.12 -42.15 -25.16
CA GLU B 250 22.03 -42.71 -23.82
C GLU B 250 23.15 -43.67 -23.49
N GLY B 251 23.51 -43.75 -22.21
CA GLY B 251 24.40 -44.79 -21.71
C GLY B 251 24.68 -44.64 -20.24
N ILE B 252 25.23 -45.71 -19.66
CA ILE B 252 25.65 -45.78 -18.26
C ILE B 252 26.96 -46.49 -18.22
N GLY B 253 27.96 -45.91 -17.56
CA GLY B 253 29.26 -46.56 -17.52
C GLY B 253 29.97 -46.36 -16.22
N ALA B 254 30.80 -47.35 -15.90
CA ALA B 254 31.66 -47.28 -14.71
C ALA B 254 32.97 -48.05 -14.89
N VAL B 255 33.99 -47.58 -14.20
CA VAL B 255 35.23 -48.32 -14.11
C VAL B 255 35.57 -48.44 -12.66
N LEU B 256 36.24 -49.53 -12.31
CA LEU B 256 36.77 -49.67 -10.96
C LEU B 256 38.24 -49.35 -11.05
N LEU B 257 38.71 -48.46 -10.19
CA LEU B 257 40.06 -47.94 -10.22
C LEU B 257 40.79 -48.31 -8.94
N LYS B 258 42.05 -48.65 -9.08
CA LYS B 258 42.90 -49.02 -7.94
C LYS B 258 44.28 -48.48 -8.24
N ARG B 259 45.02 -48.12 -7.20
CA ARG B 259 46.40 -47.69 -7.37
C ARG B 259 47.26 -48.83 -7.92
N LEU B 260 48.21 -48.52 -8.79
CA LEU B 260 48.80 -49.54 -9.63
C LEU B 260 49.62 -50.60 -8.89
N ASP B 261 50.51 -50.18 -7.99
CA ASP B 261 51.29 -51.11 -7.11
C ASP B 261 50.37 -52.16 -6.46
N ARG B 262 49.23 -51.70 -5.95
CA ARG B 262 48.29 -52.60 -5.28
C ARG B 262 47.57 -53.55 -6.26
N ALA B 263 47.19 -53.03 -7.44
CA ALA B 263 46.53 -53.88 -8.44
C ALA B 263 47.47 -55.00 -8.88
N ILE B 264 48.75 -54.66 -9.06
CA ILE B 264 49.78 -55.66 -9.35
C ILE B 264 49.87 -56.70 -8.24
N ALA B 265 50.05 -56.26 -7.00
CA ALA B 265 50.10 -57.18 -5.83
C ALA B 265 48.86 -58.04 -5.72
N ASP B 266 47.69 -57.46 -5.97
CA ASP B 266 46.45 -58.21 -5.82
C ASP B 266 46.14 -59.11 -7.01
N ARG B 267 46.95 -59.05 -8.05
CA ARG B 267 46.74 -59.87 -9.24
C ARG B 267 45.34 -59.70 -9.83
N ASP B 268 44.98 -58.43 -10.02
CA ASP B 268 43.77 -58.02 -10.73
C ASP B 268 44.01 -58.04 -12.21
N GLN B 269 42.92 -58.12 -12.97
CA GLN B 269 42.98 -57.80 -14.40
C GLN B 269 43.26 -56.31 -14.50
N ILE B 270 44.22 -55.93 -15.33
CA ILE B 270 44.52 -54.55 -15.55
C ILE B 270 44.24 -54.21 -17.01
N TYR B 271 43.14 -53.52 -17.28
CA TYR B 271 42.75 -53.15 -18.65
C TYR B 271 43.69 -52.11 -19.25
N GLY B 272 44.25 -51.28 -18.38
CA GLY B 272 45.14 -50.20 -18.79
C GLY B 272 45.51 -49.35 -17.58
N VAL B 273 46.53 -48.51 -17.75
CA VAL B 273 47.09 -47.73 -16.65
C VAL B 273 46.90 -46.27 -16.96
N ILE B 274 46.27 -45.53 -16.06
CA ILE B 274 46.18 -44.07 -16.21
C ILE B 274 47.45 -43.46 -15.65
N LYS B 275 48.25 -42.84 -16.50
CA LYS B 275 49.54 -42.30 -16.07
C LYS B 275 49.57 -40.80 -15.95
N GLY B 276 48.50 -40.15 -16.40
CA GLY B 276 48.39 -38.73 -16.25
C GLY B 276 46.98 -38.27 -16.53
N SER B 277 46.55 -37.26 -15.78
CA SER B 277 45.21 -36.72 -15.90
C SER B 277 45.28 -35.28 -15.47
N ALA B 278 44.54 -34.40 -16.16
CA ALA B 278 44.59 -32.96 -15.85
C ALA B 278 43.30 -32.32 -16.30
N MET B 279 42.89 -31.29 -15.54
CA MET B 279 41.68 -30.57 -15.85
C MET B 279 42.02 -29.10 -15.89
N THR B 280 41.34 -28.37 -16.74
CA THR B 280 41.44 -26.92 -16.75
C THR B 280 40.07 -26.34 -17.05
N ASN B 281 39.86 -25.08 -16.69
CA ASN B 281 38.67 -24.37 -17.13
C ASN B 281 39.01 -23.35 -18.21
N ALA B 282 38.10 -23.20 -19.16
CA ALA B 282 38.30 -22.35 -20.34
C ALA B 282 38.72 -20.94 -20.01
N GLY B 283 38.14 -20.37 -18.97
CA GLY B 283 38.59 -19.06 -18.49
C GLY B 283 37.92 -17.93 -19.22
N GLU B 284 38.69 -16.86 -19.42
CA GLU B 284 38.24 -15.63 -20.05
C GLU B 284 37.95 -15.91 -21.51
N ARG B 285 36.74 -15.64 -21.94
CA ARG B 285 36.36 -15.86 -23.29
C ARG B 285 35.10 -15.10 -23.55
N ASN B 286 34.73 -15.01 -24.81
CA ASN B 286 33.56 -14.28 -25.19
C ASN B 286 32.45 -15.27 -25.52
N GLY B 287 31.65 -15.62 -24.52
CA GLY B 287 30.55 -16.56 -24.68
C GLY B 287 30.73 -17.73 -23.72
N PHE B 288 29.68 -18.03 -22.97
CA PHE B 288 29.72 -19.04 -21.91
C PHE B 288 30.10 -20.39 -22.50
N ASN B 289 29.40 -20.75 -23.57
CA ASN B 289 29.55 -22.00 -24.32
C ASN B 289 30.66 -21.99 -25.37
N VAL B 290 31.56 -21.02 -25.33
CA VAL B 290 32.67 -20.94 -26.26
C VAL B 290 33.95 -21.51 -25.63
N PRO B 291 34.64 -22.40 -26.35
CA PRO B 291 35.89 -22.97 -25.84
C PRO B 291 37.10 -22.08 -26.05
N ASN B 292 38.15 -22.32 -25.28
CA ASN B 292 39.42 -21.68 -25.56
C ASN B 292 40.41 -22.81 -25.88
N PRO B 293 40.80 -22.94 -27.16
CA PRO B 293 41.80 -24.00 -27.49
C PRO B 293 43.00 -24.02 -26.58
N ASP B 294 43.51 -22.87 -26.18
CA ASP B 294 44.76 -22.91 -25.40
C ASP B 294 44.64 -23.61 -24.05
N LEU B 295 43.46 -23.56 -23.43
CA LEU B 295 43.25 -24.21 -22.15
C LEU B 295 43.01 -25.70 -22.35
N GLN B 296 42.42 -26.09 -23.48
CA GLN B 296 42.46 -27.53 -23.84
C GLN B 296 43.91 -28.02 -23.98
N THR B 297 44.65 -27.36 -24.87
CA THR B 297 46.06 -27.63 -25.05
C THR B 297 46.79 -27.79 -23.69
N LEU B 298 46.55 -26.86 -22.76
CA LEU B 298 47.21 -26.92 -21.45
C LEU B 298 46.91 -28.19 -20.67
N ALA B 299 45.66 -28.65 -20.68
CA ALA B 299 45.32 -29.85 -19.95
C ALA B 299 46.05 -31.04 -20.58
N ILE B 300 46.13 -31.02 -21.91
CA ILE B 300 46.72 -32.11 -22.66
C ILE B 300 48.21 -32.15 -22.30
N ARG B 301 48.85 -30.98 -22.26
CA ARG B 301 50.30 -30.90 -21.94
C ARG B 301 50.58 -31.31 -20.52
N GLN B 302 49.75 -30.87 -19.58
CA GLN B 302 49.93 -31.28 -18.19
C GLN B 302 49.81 -32.79 -17.99
N ALA B 303 48.84 -33.41 -18.64
CA ALA B 303 48.65 -34.86 -18.58
C ALA B 303 49.85 -35.63 -19.14
N MET B 304 50.38 -35.20 -20.29
CA MET B 304 51.55 -35.82 -20.89
C MET B 304 52.78 -35.66 -19.99
N ASP B 305 52.92 -34.47 -19.43
CA ASP B 305 54.04 -34.14 -18.55
C ASP B 305 54.03 -35.06 -17.32
N GLN B 306 52.87 -35.21 -16.75
CA GLN B 306 52.70 -36.01 -15.57
C GLN B 306 52.95 -37.50 -15.89
N ALA B 307 52.59 -37.92 -17.10
CA ALA B 307 52.78 -39.30 -17.50
C ALA B 307 54.26 -39.56 -17.90
N LYS B 308 55.04 -38.47 -17.93
CA LYS B 308 56.37 -38.42 -18.51
C LYS B 308 56.41 -39.02 -19.91
N VAL B 309 55.45 -38.68 -20.76
CA VAL B 309 55.43 -39.18 -22.13
C VAL B 309 55.58 -38.10 -23.16
N HIS B 310 56.46 -38.36 -24.12
CA HIS B 310 56.68 -37.51 -25.27
C HIS B 310 55.55 -37.72 -26.27
N PRO B 311 55.07 -36.67 -26.91
CA PRO B 311 53.86 -36.85 -27.75
C PRO B 311 54.03 -37.74 -28.99
N SER B 312 55.25 -37.87 -29.54
CA SER B 312 55.56 -38.89 -30.57
C SER B 312 55.19 -40.31 -30.17
N SER B 313 55.19 -40.56 -28.88
CA SER B 313 54.85 -41.89 -28.36
C SER B 313 53.35 -42.18 -28.27
N ILE B 314 52.48 -41.17 -28.38
CA ILE B 314 51.01 -41.40 -28.39
C ILE B 314 50.59 -41.85 -29.78
N SER B 315 49.80 -42.92 -29.87
CA SER B 315 49.38 -43.46 -31.16
C SER B 315 47.85 -43.47 -31.36
N TYR B 316 47.10 -43.14 -30.33
CA TYR B 316 45.66 -43.00 -30.46
C TYR B 316 45.17 -41.91 -29.52
N ILE B 317 44.21 -41.12 -30.02
CA ILE B 317 43.48 -40.16 -29.21
C ILE B 317 41.99 -40.49 -29.33
N GLU B 318 41.33 -40.67 -28.18
CA GLU B 318 39.90 -40.71 -28.16
C GLU B 318 39.49 -39.29 -27.88
N GLY B 319 39.15 -38.58 -28.95
CA GLY B 319 38.79 -37.16 -28.85
C GLY B 319 37.40 -36.98 -28.31
N HIS B 320 37.09 -35.75 -27.89
CA HIS B 320 35.70 -35.37 -27.63
C HIS B 320 34.82 -35.60 -28.87
N GLY B 321 35.15 -34.93 -29.97
CA GLY B 321 34.57 -35.24 -31.26
C GLY B 321 33.06 -35.06 -31.32
N SER B 322 32.56 -33.93 -30.84
CA SER B 322 31.10 -33.80 -30.68
C SER B 322 30.33 -33.48 -31.98
N GLY B 323 31.04 -33.26 -33.08
CA GLY B 323 30.43 -33.20 -34.41
C GLY B 323 30.06 -31.82 -34.96
N THR B 324 30.35 -30.75 -34.23
CA THR B 324 29.94 -29.39 -34.64
C THR B 324 30.94 -28.75 -35.63
N LYS B 325 30.42 -27.85 -36.50
CA LYS B 325 31.23 -27.01 -37.43
C LYS B 325 32.49 -26.43 -36.78
N LEU B 326 32.32 -25.87 -35.58
CA LEU B 326 33.33 -25.05 -34.92
C LEU B 326 34.01 -25.68 -33.69
N GLY B 327 33.34 -26.57 -32.98
CA GLY B 327 33.99 -27.30 -31.89
C GLY B 327 35.07 -28.29 -32.39
N ASP B 328 34.76 -29.04 -33.44
CA ASP B 328 35.74 -30.00 -33.89
C ASP B 328 37.10 -29.37 -34.28
N PRO B 329 37.12 -28.35 -35.17
CA PRO B 329 38.39 -27.70 -35.52
C PRO B 329 39.13 -27.11 -34.35
N ILE B 330 38.38 -26.56 -33.41
CA ILE B 330 38.97 -26.03 -32.20
C ILE B 330 39.64 -27.15 -31.42
N GLU B 331 38.94 -28.27 -31.27
CA GLU B 331 39.52 -29.39 -30.56
C GLU B 331 40.85 -29.85 -31.19
N VAL B 332 40.86 -29.98 -32.50
CA VAL B 332 42.06 -30.43 -33.23
C VAL B 332 43.21 -29.43 -33.13
N LEU B 333 42.89 -28.14 -33.21
CA LEU B 333 43.88 -27.09 -32.97
C LEU B 333 44.50 -27.24 -31.55
N GLY B 334 43.64 -27.44 -30.55
CA GLY B 334 44.05 -27.74 -29.18
C GLY B 334 45.03 -28.91 -29.16
N LEU B 335 44.68 -29.99 -29.85
CA LEU B 335 45.55 -31.19 -29.94
C LEU B 335 46.81 -30.91 -30.69
N ASN B 336 46.67 -30.26 -31.83
CA ASN B 336 47.86 -29.95 -32.62
C ASN B 336 48.86 -29.15 -31.80
N ASN B 337 48.38 -28.13 -31.08
CA ASN B 337 49.30 -27.27 -30.34
C ASN B 337 49.91 -28.00 -29.18
N ALA B 338 49.21 -29.01 -28.70
CA ALA B 338 49.75 -29.85 -27.65
C ALA B 338 50.76 -30.89 -28.16
N PHE B 339 50.89 -31.06 -29.47
CA PHE B 339 51.88 -32.01 -30.03
C PHE B 339 53.06 -31.29 -30.68
N ARG B 340 52.77 -30.26 -31.49
CA ARG B 340 53.77 -29.76 -32.48
C ARG B 340 54.94 -29.00 -31.85
N TRP B 341 54.82 -28.66 -30.57
CA TRP B 341 55.95 -28.12 -29.83
C TRP B 341 57.07 -29.17 -29.68
N ALA B 342 56.70 -30.45 -29.75
CA ALA B 342 57.64 -31.57 -29.54
C ALA B 342 58.05 -32.33 -30.81
N THR B 343 57.33 -32.15 -31.90
CA THR B 343 57.62 -32.87 -33.12
C THR B 343 57.00 -32.19 -34.32
N ASP B 344 57.60 -32.37 -35.49
CA ASP B 344 57.01 -31.90 -36.75
C ASP B 344 56.31 -33.02 -37.48
N ASP B 345 56.34 -34.24 -36.92
CA ASP B 345 55.83 -35.38 -37.67
C ASP B 345 54.33 -35.21 -37.86
N LYS B 346 53.87 -35.59 -39.04
CA LYS B 346 52.49 -35.44 -39.46
C LYS B 346 51.79 -36.81 -39.55
N GLN B 347 50.53 -36.86 -39.13
CA GLN B 347 49.64 -38.01 -39.38
C GLN B 347 50.26 -39.36 -38.99
N PHE B 348 50.82 -39.39 -37.77
CA PHE B 348 51.34 -40.59 -37.18
C PHE B 348 50.47 -41.04 -36.03
N CYS B 349 49.46 -40.27 -35.62
CA CYS B 349 48.60 -40.69 -34.52
C CYS B 349 47.14 -40.78 -34.98
N TYR B 350 46.46 -41.86 -34.61
CA TYR B 350 45.05 -42.03 -34.93
C TYR B 350 44.15 -41.22 -34.00
N LEU B 351 43.03 -40.76 -34.55
CA LEU B 351 42.08 -39.90 -33.82
C LEU B 351 40.65 -40.30 -34.11
N GLY B 352 39.90 -40.63 -33.06
CA GLY B 352 38.51 -41.04 -33.24
C GLY B 352 37.64 -40.70 -32.08
N SER B 353 36.35 -41.00 -32.22
CA SER B 353 35.41 -40.81 -31.13
C SER B 353 34.26 -41.78 -31.20
N ILE B 354 33.99 -42.42 -30.06
CA ILE B 354 32.80 -43.24 -29.91
C ILE B 354 31.48 -42.51 -30.13
N LYS B 355 31.51 -41.19 -30.01
CA LYS B 355 30.31 -40.38 -30.35
C LYS B 355 29.81 -40.72 -31.75
N SER B 356 30.73 -41.06 -32.66
CA SER B 356 30.29 -41.41 -34.01
C SER B 356 29.32 -42.60 -34.03
N ASN B 357 29.56 -43.55 -33.13
CA ASN B 357 28.75 -44.76 -33.05
C ASN B 357 27.45 -44.58 -32.24
N ILE B 358 27.54 -43.95 -31.08
CA ILE B 358 26.42 -43.93 -30.10
C ILE B 358 25.96 -42.53 -29.68
N GLY B 359 26.62 -41.51 -30.21
CA GLY B 359 26.25 -40.14 -29.93
C GLY B 359 26.88 -39.61 -28.67
N HIS B 360 26.43 -38.40 -28.29
CA HIS B 360 27.01 -37.63 -27.21
C HIS B 360 26.28 -37.98 -25.93
N LEU B 361 26.95 -38.72 -25.04
CA LEU B 361 26.34 -39.19 -23.79
C LEU B 361 26.47 -38.23 -22.61
N LEU B 362 26.77 -36.97 -22.92
CA LEU B 362 26.79 -35.88 -21.97
C LEU B 362 27.72 -36.23 -20.80
N ALA B 363 27.22 -36.30 -19.57
CA ALA B 363 28.04 -36.65 -18.39
C ALA B 363 28.86 -37.94 -18.59
N ALA B 364 28.28 -38.89 -19.33
CA ALA B 364 28.92 -40.20 -19.61
C ALA B 364 29.85 -40.25 -20.85
N SER B 365 30.04 -39.12 -21.53
CA SER B 365 30.87 -39.07 -22.71
C SER B 365 32.29 -39.54 -22.40
N GLY B 366 32.84 -39.11 -21.27
CA GLY B 366 34.20 -39.50 -20.88
C GLY B 366 34.40 -41.00 -20.64
N ILE B 367 33.49 -41.60 -19.88
CA ILE B 367 33.54 -43.04 -19.58
C ILE B 367 33.23 -43.85 -20.82
N ALA B 368 32.34 -43.36 -21.68
CA ALA B 368 32.12 -44.07 -22.95
C ALA B 368 33.42 -44.14 -23.74
N GLY B 369 34.12 -43.01 -23.80
CA GLY B 369 35.36 -42.92 -24.57
C GLY B 369 36.46 -43.80 -24.03
N LEU B 370 36.56 -43.84 -22.71
CA LEU B 370 37.55 -44.68 -22.03
C LEU B 370 37.23 -46.14 -22.24
N THR B 371 35.95 -46.49 -22.24
CA THR B 371 35.52 -47.86 -22.49
C THR B 371 36.01 -48.35 -23.86
N LYS B 372 35.74 -47.57 -24.91
CA LYS B 372 36.25 -47.88 -26.23
C LYS B 372 37.76 -48.03 -26.23
N THR B 373 38.44 -47.10 -25.55
CA THR B 373 39.90 -47.07 -25.64
C THR B 373 40.50 -48.30 -24.97
N LEU B 374 39.93 -48.69 -23.83
CA LEU B 374 40.36 -49.90 -23.12
C LEU B 374 40.12 -51.13 -23.99
N LEU B 375 38.96 -51.19 -24.63
CA LEU B 375 38.66 -52.28 -25.53
C LEU B 375 39.70 -52.37 -26.66
N GLN B 376 40.17 -51.22 -27.13
CA GLN B 376 41.17 -51.20 -28.17
C GLN B 376 42.51 -51.74 -27.65
N PHE B 377 42.89 -51.39 -26.43
CA PHE B 377 44.09 -51.98 -25.79
C PHE B 377 43.99 -53.50 -25.72
N LYS B 378 42.84 -53.98 -25.27
CA LYS B 378 42.60 -55.39 -25.07
C LYS B 378 42.70 -56.17 -26.37
N HIS B 379 42.07 -55.68 -27.44
CA HIS B 379 42.14 -56.35 -28.75
C HIS B 379 43.30 -55.89 -29.62
N LYS B 380 44.07 -54.93 -29.16
CA LYS B 380 45.19 -54.47 -29.96
C LYS B 380 44.74 -54.03 -31.39
N GLN B 381 43.56 -53.43 -31.47
CA GLN B 381 43.02 -52.92 -32.72
C GLN B 381 42.52 -51.50 -32.49
N ILE B 382 42.50 -50.69 -33.56
CA ILE B 382 41.85 -49.39 -33.55
C ILE B 382 40.57 -49.50 -34.37
N ALA B 383 39.45 -49.13 -33.75
CA ALA B 383 38.16 -49.24 -34.39
C ALA B 383 38.00 -48.14 -35.42
N PRO B 384 37.13 -48.36 -36.41
CA PRO B 384 36.83 -47.21 -37.24
C PRO B 384 36.18 -46.09 -36.42
N SER B 385 36.40 -44.84 -36.81
CA SER B 385 35.66 -43.71 -36.27
C SER B 385 34.77 -43.32 -37.41
N ILE B 386 33.46 -43.55 -37.29
CA ILE B 386 32.59 -43.50 -38.45
C ILE B 386 32.06 -42.07 -38.73
N HIS B 387 31.24 -41.98 -39.79
CA HIS B 387 30.64 -40.76 -40.33
C HIS B 387 31.68 -39.71 -40.65
N SER B 388 32.84 -40.15 -41.06
CA SER B 388 33.92 -39.25 -41.39
C SER B 388 34.65 -39.66 -42.67
N SER B 389 33.95 -40.35 -43.58
CA SER B 389 34.55 -40.68 -44.88
C SER B 389 34.89 -39.38 -45.64
N GLN B 390 34.15 -38.30 -45.39
CA GLN B 390 34.60 -36.95 -45.77
C GLN B 390 35.03 -36.20 -44.50
N LEU B 391 36.27 -35.73 -44.46
CA LEU B 391 36.78 -35.01 -43.29
C LEU B 391 36.37 -33.54 -43.31
N ASN B 392 36.24 -32.98 -42.11
CA ASN B 392 35.80 -31.61 -41.89
C ASN B 392 36.69 -30.71 -42.71
N GLN B 393 36.05 -29.96 -43.59
CA GLN B 393 36.72 -29.09 -44.57
C GLN B 393 37.50 -27.97 -43.92
N ASP B 394 37.15 -27.60 -42.68
CA ASP B 394 37.87 -26.53 -42.00
C ASP B 394 39.06 -27.07 -41.24
N ILE B 395 39.33 -28.37 -41.34
CA ILE B 395 40.49 -28.97 -40.71
C ILE B 395 41.42 -29.49 -41.78
N ASP B 396 42.68 -29.08 -41.70
CA ASP B 396 43.73 -29.56 -42.59
C ASP B 396 44.51 -30.65 -41.88
N PHE B 397 43.96 -31.85 -41.90
CA PHE B 397 44.57 -32.97 -41.17
C PHE B 397 46.03 -33.22 -41.57
N ALA B 398 46.39 -32.94 -42.82
CA ALA B 398 47.77 -33.14 -43.30
C ALA B 398 48.80 -32.32 -42.52
N ASP B 399 48.40 -31.19 -41.97
CA ASP B 399 49.30 -30.39 -41.13
C ASP B 399 49.13 -30.71 -39.63
N THR B 400 48.52 -31.88 -39.32
CA THR B 400 48.34 -32.32 -37.93
C THR B 400 49.05 -33.64 -37.72
N PRO B 401 49.19 -34.05 -36.45
CA PRO B 401 49.70 -35.38 -36.17
C PRO B 401 48.68 -36.51 -36.41
N PHE B 402 47.49 -36.17 -36.91
CA PHE B 402 46.33 -37.00 -36.74
C PHE B 402 45.74 -37.55 -38.02
N VAL B 403 45.38 -38.83 -37.99
CA VAL B 403 44.51 -39.42 -39.01
C VAL B 403 43.30 -40.06 -38.35
N VAL B 404 42.15 -39.83 -38.95
CA VAL B 404 40.90 -40.37 -38.47
C VAL B 404 40.69 -41.72 -39.12
N PRO B 405 40.67 -42.80 -38.32
CA PRO B 405 40.70 -44.15 -38.91
C PRO B 405 39.37 -44.55 -39.53
N GLN B 406 39.39 -45.00 -40.78
CA GLN B 406 38.18 -45.33 -41.52
C GLN B 406 37.87 -46.83 -41.53
N GLN B 407 38.80 -47.67 -41.09
CA GLN B 407 38.55 -49.13 -41.00
C GLN B 407 39.16 -49.70 -39.73
N LEU B 408 38.81 -50.94 -39.41
CA LEU B 408 39.43 -51.61 -38.30
C LEU B 408 40.87 -51.87 -38.71
N ILE B 409 41.82 -51.52 -37.84
CA ILE B 409 43.24 -51.77 -38.14
C ILE B 409 44.01 -52.28 -36.93
N GLU B 410 45.09 -52.99 -37.19
CA GLU B 410 46.02 -53.42 -36.16
C GLU B 410 46.59 -52.21 -35.44
N TRP B 411 46.49 -52.20 -34.12
CA TRP B 411 47.13 -51.17 -33.35
C TRP B 411 48.55 -51.65 -33.17
N ARG B 412 49.48 -51.07 -33.92
CA ARG B 412 50.87 -51.42 -33.79
C ARG B 412 51.55 -50.54 -32.77
N GLN B 413 52.41 -51.16 -31.99
CA GLN B 413 53.34 -50.45 -31.12
C GLN B 413 54.19 -49.60 -32.02
N PRO B 414 54.16 -48.29 -31.83
CA PRO B 414 54.90 -47.44 -32.74
C PRO B 414 56.38 -47.45 -32.41
N GLU B 415 57.22 -47.32 -33.42
CA GLU B 415 58.67 -47.21 -33.23
C GLU B 415 59.08 -45.81 -33.68
N ARG B 416 60.03 -45.19 -32.99
CA ARG B 416 60.38 -43.79 -33.22
C ARG B 416 61.81 -43.47 -32.76
N GLN B 423 63.61 -46.57 -30.35
CA GLN B 423 62.78 -47.29 -29.35
C GLN B 423 61.42 -47.67 -29.95
N VAL B 424 60.93 -48.85 -29.60
CA VAL B 424 59.54 -49.26 -29.76
C VAL B 424 58.80 -48.81 -28.50
N PHE B 425 57.61 -48.25 -28.66
CA PHE B 425 56.88 -47.74 -27.52
C PHE B 425 55.64 -48.58 -27.28
N PRO B 426 55.17 -48.62 -26.04
CA PRO B 426 53.92 -49.31 -25.82
C PRO B 426 52.73 -48.50 -26.36
N ARG B 427 51.58 -49.15 -26.48
CA ARG B 427 50.37 -48.49 -26.90
C ARG B 427 49.95 -47.51 -25.83
N ARG B 428 49.89 -46.22 -26.21
CA ARG B 428 49.55 -45.12 -25.34
C ARG B 428 48.49 -44.29 -26.04
N ALA B 429 47.45 -43.93 -25.30
CA ALA B 429 46.40 -43.10 -25.83
C ALA B 429 46.19 -41.89 -24.94
N GLY B 430 45.63 -40.84 -25.53
CA GLY B 430 45.10 -39.72 -24.76
C GLY B 430 43.60 -39.69 -24.92
N LEU B 431 42.92 -39.20 -23.89
CA LEU B 431 41.45 -39.04 -23.92
C LEU B 431 41.04 -37.66 -23.46
N THR B 432 40.19 -37.03 -24.25
CA THR B 432 39.74 -35.69 -23.97
C THR B 432 38.23 -35.67 -23.76
N SER B 433 37.79 -34.94 -22.74
CA SER B 433 36.38 -34.60 -22.57
C SER B 433 36.25 -33.08 -22.37
N ILE B 434 35.28 -32.48 -23.04
CA ILE B 434 35.08 -31.03 -22.97
C ILE B 434 33.66 -30.68 -22.55
N ALA B 435 33.57 -29.85 -21.52
CA ALA B 435 32.30 -29.26 -21.06
C ALA B 435 31.95 -27.97 -21.81
N ALA B 436 30.72 -27.88 -22.30
CA ALA B 436 30.12 -26.65 -22.84
C ALA B 436 30.50 -25.40 -22.02
N GLY B 437 30.36 -25.51 -20.70
CA GLY B 437 30.54 -24.39 -19.76
C GLY B 437 31.95 -24.03 -19.37
N GLY B 438 32.94 -24.75 -19.91
CA GLY B 438 34.33 -24.40 -19.74
C GLY B 438 35.29 -25.48 -19.29
N MET B 439 34.80 -26.54 -18.67
CA MET B 439 35.69 -27.53 -18.07
C MET B 439 36.23 -28.54 -19.08
N ASN B 440 37.53 -28.75 -18.98
CA ASN B 440 38.26 -29.68 -19.84
C ASN B 440 38.91 -30.76 -19.01
N ALA B 441 39.06 -31.92 -19.61
CA ALA B 441 39.79 -33.05 -19.00
C ALA B 441 40.58 -33.78 -20.09
N HIS B 442 41.85 -34.03 -19.81
CA HIS B 442 42.64 -34.94 -20.58
C HIS B 442 43.37 -35.95 -19.69
N MET B 443 43.38 -37.20 -20.10
CA MET B 443 44.23 -38.21 -19.44
C MET B 443 44.99 -39.09 -20.44
N ILE B 444 46.17 -39.52 -20.00
CA ILE B 444 47.03 -40.44 -20.75
C ILE B 444 46.91 -41.83 -20.17
N VAL B 445 46.60 -42.80 -21.03
CA VAL B 445 46.41 -44.19 -20.64
C VAL B 445 47.33 -45.10 -21.45
N GLU B 446 47.78 -46.17 -20.81
CA GLU B 446 48.72 -47.07 -21.44
C GLU B 446 48.31 -48.51 -21.19
N GLU B 447 48.54 -49.36 -22.18
CA GLU B 447 48.31 -50.79 -22.05
C GLU B 447 49.17 -51.38 -20.92
N TYR B 448 48.75 -52.53 -20.39
CA TYR B 448 49.57 -53.29 -19.43
C TYR B 448 49.61 -54.77 -19.83
N PRO B 449 50.79 -55.42 -19.80
CA PRO B 449 50.89 -56.83 -20.20
C PRO B 449 50.23 -57.84 -19.23
N GLU B 450 49.53 -58.84 -19.74
CA GLU B 450 49.09 -59.94 -18.91
C GLU B 450 50.32 -60.65 -18.30
N PRO B 451 50.27 -60.94 -16.99
CA PRO B 451 51.36 -61.71 -16.38
C PRO B 451 51.57 -63.09 -17.00
N ALA B 452 52.81 -63.58 -16.95
CA ALA B 452 53.12 -64.93 -17.41
C ALA B 452 52.39 -66.01 -16.61
N ASP B 453 52.16 -65.79 -15.33
CA ASP B 453 51.67 -66.86 -14.46
C ASP B 453 50.19 -66.65 -14.08
N SER B 454 49.41 -66.06 -14.96
CA SER B 454 48.08 -65.58 -14.59
C SER B 454 47.08 -66.70 -14.24
N ALA B 455 47.34 -67.91 -14.74
CA ALA B 455 46.46 -69.08 -14.48
C ALA B 455 46.49 -69.57 -13.04
N GLY B 456 47.55 -69.22 -12.31
CA GLY B 456 47.66 -69.58 -10.90
C GLY B 456 48.07 -71.01 -10.72
N GLN B 457 47.93 -71.52 -9.49
CA GLN B 457 48.19 -72.95 -9.20
C GLN B 457 47.14 -73.50 -8.26
N ILE B 458 46.43 -74.51 -8.75
CA ILE B 458 45.50 -75.27 -7.93
C ILE B 458 45.56 -76.71 -8.42
N SER B 459 45.48 -77.65 -7.49
CA SER B 459 45.42 -79.05 -7.85
C SER B 459 44.02 -79.32 -8.45
N GLU B 460 43.95 -80.22 -9.44
CA GLU B 460 42.73 -80.37 -10.26
C GLU B 460 41.53 -80.93 -9.55
N ASP B 461 41.80 -81.86 -8.61
CA ASP B 461 40.74 -82.45 -7.78
C ASP B 461 40.16 -81.45 -6.77
N GLN B 462 40.68 -80.21 -6.74
CA GLN B 462 40.17 -79.14 -5.90
C GLN B 462 39.47 -78.04 -6.74
N LEU B 463 39.23 -78.30 -8.03
CA LEU B 463 38.47 -77.39 -8.87
C LEU B 463 36.97 -77.57 -8.63
N VAL B 464 36.29 -76.47 -8.33
CA VAL B 464 34.85 -76.52 -8.23
C VAL B 464 34.32 -75.19 -8.74
N PHE B 465 33.15 -75.24 -9.36
CA PHE B 465 32.60 -74.08 -10.00
C PHE B 465 31.27 -73.73 -9.31
N VAL B 466 31.24 -72.56 -8.70
CA VAL B 466 30.15 -72.19 -7.81
C VAL B 466 29.37 -71.03 -8.43
N PHE B 467 28.05 -71.18 -8.43
CA PHE B 467 27.14 -70.19 -8.99
C PHE B 467 26.03 -69.88 -7.97
N SER B 468 25.61 -68.63 -7.86
CA SER B 468 24.45 -68.33 -7.07
C SER B 468 23.54 -67.36 -7.77
N VAL B 469 22.24 -67.58 -7.67
CA VAL B 469 21.27 -66.58 -8.11
C VAL B 469 20.33 -66.26 -6.96
N HIS B 470 19.62 -65.15 -7.09
CA HIS B 470 18.71 -64.71 -6.06
C HIS B 470 17.30 -65.30 -6.31
N LYS B 471 16.98 -65.61 -7.57
CA LYS B 471 15.68 -66.18 -7.96
C LYS B 471 15.91 -67.42 -8.79
N LEU B 472 15.24 -68.50 -8.40
CA LEU B 472 15.34 -69.76 -9.10
C LEU B 472 14.78 -69.66 -10.49
N ALA B 473 13.79 -68.81 -10.69
CA ALA B 473 13.31 -68.53 -12.04
C ALA B 473 14.45 -68.13 -12.99
N LEU B 474 15.47 -67.46 -12.48
CA LEU B 474 16.56 -66.95 -13.34
C LEU B 474 17.76 -67.88 -13.41
N LEU B 475 17.74 -68.98 -12.68
CA LEU B 475 18.91 -69.85 -12.67
C LEU B 475 19.25 -70.36 -14.07
N ALA B 476 18.23 -70.88 -14.79
CA ALA B 476 18.43 -71.45 -16.15
C ALA B 476 19.06 -70.47 -17.13
N GLN B 477 18.61 -69.22 -17.08
CA GLN B 477 19.18 -68.17 -17.90
C GLN B 477 20.63 -67.86 -17.55
N ASN B 478 20.92 -67.73 -16.25
CA ASN B 478 22.27 -67.34 -15.83
C ASN B 478 23.28 -68.40 -16.24
N LEU B 479 22.90 -69.66 -16.09
CA LEU B 479 23.76 -70.77 -16.43
C LEU B 479 23.89 -70.93 -17.95
N THR B 480 22.81 -70.67 -18.67
CA THR B 480 22.81 -70.72 -20.13
C THR B 480 23.74 -69.65 -20.67
N SER B 481 23.65 -68.46 -20.11
CA SER B 481 24.56 -67.38 -20.44
C SER B 481 26.01 -67.74 -20.12
N PHE B 482 26.26 -68.34 -18.96
CA PHE B 482 27.61 -68.77 -18.61
C PHE B 482 28.13 -69.94 -19.49
N ARG B 483 27.26 -70.88 -19.86
CA ARG B 483 27.68 -72.02 -20.71
C ARG B 483 28.17 -71.58 -22.11
N ASP B 484 27.49 -70.62 -22.73
CA ASP B 484 27.88 -70.10 -24.07
C ASP B 484 29.14 -69.27 -23.98
N TRP B 485 29.28 -68.47 -22.93
CA TRP B 485 30.51 -67.74 -22.73
C TRP B 485 31.68 -68.74 -22.66
N LEU B 486 31.45 -69.85 -21.97
CA LEU B 486 32.49 -70.84 -21.70
C LEU B 486 33.01 -71.48 -22.97
N ALA B 487 32.09 -71.92 -23.82
CA ALA B 487 32.41 -72.50 -25.13
C ALA B 487 33.40 -71.65 -25.94
N SER B 488 33.32 -70.34 -25.85
CA SER B 488 34.23 -69.52 -26.64
C SER B 488 35.24 -68.75 -25.79
N SER B 489 35.34 -69.07 -24.51
CA SER B 489 36.34 -68.42 -23.67
C SER B 489 37.68 -69.11 -23.86
N GLU B 490 38.74 -68.35 -23.63
CA GLU B 490 40.11 -68.85 -23.73
C GLU B 490 40.70 -69.12 -22.35
N ALA B 491 40.00 -68.71 -21.30
CA ALA B 491 40.56 -68.67 -19.95
C ALA B 491 40.77 -70.05 -19.36
N PRO B 492 41.88 -70.23 -18.64
CA PRO B 492 42.14 -71.46 -17.87
C PRO B 492 41.08 -71.68 -16.82
N LEU B 493 40.75 -72.95 -16.58
CA LEU B 493 39.72 -73.32 -15.61
C LEU B 493 39.93 -72.75 -14.20
N ALA B 494 41.18 -72.59 -13.76
CA ALA B 494 41.49 -72.09 -12.42
C ALA B 494 41.20 -70.61 -12.28
N GLN B 495 41.23 -69.87 -13.37
CA GLN B 495 40.88 -68.46 -13.27
C GLN B 495 39.38 -68.30 -13.19
N ILE B 496 38.68 -69.16 -13.91
CA ILE B 496 37.23 -69.15 -13.89
C ILE B 496 36.72 -69.54 -12.49
N ALA B 497 37.24 -70.63 -11.96
CA ALA B 497 36.87 -71.12 -10.64
C ALA B 497 37.13 -70.06 -9.58
N TYR B 498 38.32 -69.48 -9.59
CA TYR B 498 38.72 -68.51 -8.58
C TYR B 498 37.85 -67.24 -8.60
N THR B 499 37.60 -66.73 -9.80
CA THR B 499 36.83 -65.53 -9.93
C THR B 499 35.35 -65.77 -9.56
N LEU B 500 34.83 -66.96 -9.80
CA LEU B 500 33.46 -67.26 -9.37
C LEU B 500 33.33 -67.26 -7.84
N GLN B 501 34.42 -67.70 -7.20
CA GLN B 501 34.52 -67.89 -5.75
C GLN B 501 34.66 -66.57 -4.99
N VAL B 502 35.23 -65.60 -5.68
CA VAL B 502 35.72 -64.37 -5.06
C VAL B 502 35.07 -63.10 -5.65
N GLY B 503 34.52 -63.23 -6.86
CA GLY B 503 34.05 -62.06 -7.65
C GLY B 503 32.57 -62.07 -8.04
N LYS B 504 31.76 -62.86 -7.35
CA LYS B 504 30.32 -62.88 -7.60
C LYS B 504 29.58 -62.73 -6.28
N ASN B 505 28.67 -61.77 -6.21
CA ASN B 505 27.85 -61.65 -5.01
C ASN B 505 27.24 -63.01 -4.64
N ASN B 506 27.34 -63.37 -3.37
CA ASN B 506 26.93 -64.66 -2.92
C ASN B 506 25.48 -64.55 -2.52
N LEU B 507 24.62 -65.21 -3.26
CA LEU B 507 23.19 -65.03 -3.16
C LEU B 507 22.60 -66.29 -2.57
N ARG B 508 21.27 -66.29 -2.38
CA ARG B 508 20.58 -67.32 -1.55
C ARG B 508 20.37 -68.70 -2.17
N ASN B 509 20.37 -68.78 -3.51
CA ASN B 509 20.27 -70.07 -4.18
C ASN B 509 21.62 -70.39 -4.76
N ARG B 510 22.23 -71.44 -4.19
CA ARG B 510 23.63 -71.80 -4.43
C ARG B 510 23.79 -73.17 -5.13
N LEU B 511 24.72 -73.22 -6.08
CA LEU B 511 25.01 -74.40 -6.90
C LEU B 511 26.52 -74.57 -7.09
N ALA B 512 26.99 -75.80 -6.94
CA ALA B 512 28.39 -76.13 -7.09
C ALA B 512 28.53 -77.27 -8.06
N ILE B 513 29.52 -77.18 -8.94
CA ILE B 513 29.83 -78.24 -9.87
C ILE B 513 31.28 -78.54 -9.68
N ARG B 514 31.57 -79.73 -9.18
CA ARG B 514 32.92 -80.19 -9.04
C ARG B 514 33.28 -81.06 -10.24
N CYS B 515 34.24 -80.60 -11.03
CA CYS B 515 34.77 -81.30 -12.20
C CYS B 515 36.08 -80.62 -12.59
N ARG B 516 36.80 -81.18 -13.54
CA ARG B 516 38.12 -80.69 -13.87
C ARG B 516 38.38 -80.42 -15.36
N THR B 517 37.37 -80.63 -16.21
CA THR B 517 37.46 -80.27 -17.61
C THR B 517 36.33 -79.35 -18.06
N ARG B 518 36.53 -78.76 -19.24
CA ARG B 518 35.49 -77.99 -19.90
C ARG B 518 34.30 -78.85 -20.31
N GLN B 519 34.58 -80.07 -20.79
CA GLN B 519 33.51 -80.98 -21.21
C GLN B 519 32.58 -81.16 -20.05
N ALA B 520 33.13 -81.71 -18.97
CA ALA B 520 32.34 -82.05 -17.81
C ALA B 520 31.54 -80.84 -17.38
N LEU B 521 32.17 -79.67 -17.31
CA LEU B 521 31.48 -78.45 -16.87
C LEU B 521 30.23 -78.11 -17.72
N SER B 522 30.35 -78.29 -19.03
CA SER B 522 29.25 -78.01 -19.98
C SER B 522 28.09 -78.96 -19.84
N ARG B 523 28.40 -80.26 -19.76
CA ARG B 523 27.38 -81.31 -19.57
C ARG B 523 26.64 -81.03 -18.28
N ALA B 524 27.41 -80.78 -17.23
CA ALA B 524 26.85 -80.52 -15.92
C ALA B 524 25.95 -79.31 -16.04
N LEU B 525 26.44 -78.27 -16.69
CA LEU B 525 25.64 -77.08 -16.91
C LEU B 525 24.30 -77.37 -17.57
N ASN B 526 24.33 -78.19 -18.62
CA ASN B 526 23.12 -78.57 -19.34
C ASN B 526 22.13 -79.41 -18.54
N ALA B 527 22.62 -80.24 -17.64
CA ALA B 527 21.76 -81.03 -16.75
C ALA B 527 21.01 -80.15 -15.73
N CYS B 528 21.64 -79.03 -15.37
CA CYS B 528 21.06 -78.03 -14.51
C CYS B 528 20.09 -77.17 -15.28
N ILE B 529 20.50 -76.69 -16.46
CA ILE B 529 19.62 -75.90 -17.32
C ILE B 529 18.33 -76.68 -17.66
N ASP B 530 18.46 -77.98 -17.92
CA ASP B 530 17.31 -78.83 -18.21
C ASP B 530 16.50 -79.18 -16.96
N GLY B 531 17.05 -78.93 -15.78
CA GLY B 531 16.30 -78.92 -14.53
C GLY B 531 16.34 -80.19 -13.70
N HIS B 532 17.15 -81.18 -14.08
CA HIS B 532 17.20 -82.44 -13.31
C HIS B 532 18.42 -82.60 -12.39
N TYR B 533 19.52 -81.92 -12.69
CA TYR B 533 20.72 -81.90 -11.81
C TYR B 533 21.39 -83.26 -11.58
N GLN B 534 21.17 -84.23 -12.46
CA GLN B 534 21.78 -85.55 -12.32
C GLN B 534 23.29 -85.39 -12.51
N SER B 535 24.02 -85.62 -11.39
CA SER B 535 25.48 -85.49 -11.34
C SER B 535 26.17 -86.60 -12.12
N SER B 536 26.86 -86.23 -13.19
CA SER B 536 27.42 -87.20 -14.15
C SER B 536 28.62 -87.97 -13.59
N ALA B 537 29.33 -88.71 -14.44
CA ALA B 537 30.49 -89.47 -13.99
C ALA B 537 31.69 -88.52 -13.85
N ASP B 538 31.83 -87.62 -14.83
CA ASP B 538 32.86 -86.58 -14.82
C ASP B 538 32.53 -85.34 -13.98
N SER B 539 31.43 -85.34 -13.23
CA SER B 539 31.10 -84.20 -12.37
C SER B 539 30.18 -84.56 -11.21
N LYS B 540 30.41 -83.89 -10.08
CA LYS B 540 29.46 -83.89 -8.97
C LYS B 540 28.78 -82.51 -8.88
N ILE B 541 27.47 -82.57 -8.61
CA ILE B 541 26.61 -81.39 -8.55
C ILE B 541 26.02 -81.35 -7.13
N PHE B 542 26.27 -80.24 -6.43
CA PHE B 542 25.68 -79.97 -5.13
C PHE B 542 24.96 -78.64 -5.15
N TYR B 543 23.87 -78.55 -4.39
CA TYR B 543 23.18 -77.29 -4.27
C TYR B 543 22.45 -77.10 -2.95
N ARG B 544 22.23 -75.85 -2.59
CA ARG B 544 21.31 -75.49 -1.52
C ARG B 544 20.53 -74.26 -1.97
N PHE B 545 19.24 -74.45 -2.25
CA PHE B 545 18.36 -73.40 -2.74
C PHE B 545 17.44 -72.89 -1.63
N GLN B 546 17.87 -71.85 -0.94
CA GLN B 546 17.16 -71.38 0.26
C GLN B 546 15.77 -70.87 -0.09
N GLU B 547 15.62 -70.35 -1.29
CA GLU B 547 14.32 -69.90 -1.77
C GLU B 547 13.27 -71.00 -1.68
N SER B 548 13.63 -72.21 -2.11
CA SER B 548 12.68 -73.35 -2.09
C SER B 548 12.95 -74.35 -0.98
N ASP B 549 14.07 -74.20 -0.27
CA ASP B 549 14.53 -75.16 0.72
C ASP B 549 15.07 -76.45 0.10
N ALA B 550 15.36 -76.48 -1.19
CA ALA B 550 15.85 -77.73 -1.82
C ALA B 550 17.36 -77.87 -1.64
N VAL B 551 17.79 -79.06 -1.29
CA VAL B 551 19.20 -79.35 -1.00
C VAL B 551 19.59 -80.66 -1.66
N GLN B 552 20.68 -80.63 -2.43
CA GLN B 552 21.35 -81.84 -2.90
C GLN B 552 22.70 -81.87 -2.20
N PRO B 553 22.75 -82.47 -1.00
CA PRO B 553 23.82 -82.29 -0.03
C PRO B 553 25.18 -82.82 -0.49
N LEU B 554 26.25 -82.13 -0.12
CA LEU B 554 27.59 -82.62 -0.34
C LEU B 554 27.87 -83.78 0.58
N GLU B 555 28.18 -84.95 0.01
CA GLU B 555 28.68 -86.09 0.80
C GLU B 555 30.18 -85.83 0.98
N SER B 556 30.59 -85.62 2.25
CA SER B 556 31.90 -85.03 2.58
C SER B 556 32.94 -86.05 3.04
N ASP B 557 34.21 -85.67 2.90
CA ASP B 557 35.34 -86.56 3.10
C ASP B 557 36.35 -85.90 4.06
N LEU B 558 37.08 -86.74 4.80
CA LEU B 558 38.02 -86.30 5.84
C LEU B 558 39.32 -85.73 5.26
N ASN B 559 39.77 -86.32 4.16
CA ASN B 559 41.09 -86.07 3.60
C ASN B 559 41.04 -84.93 2.55
N ASP B 560 39.95 -84.16 2.55
CA ASP B 560 39.61 -83.29 1.42
C ASP B 560 39.38 -81.83 1.85
N PRO B 561 40.42 -80.97 1.69
CA PRO B 561 40.38 -79.53 2.04
C PRO B 561 39.15 -78.77 1.50
N LEU B 562 38.59 -79.26 0.41
CA LEU B 562 37.46 -78.63 -0.27
C LEU B 562 36.11 -78.87 0.40
N ALA B 563 35.97 -80.06 1.00
CA ALA B 563 34.74 -80.47 1.65
C ALA B 563 34.15 -79.45 2.64
N PRO B 564 34.94 -79.03 3.66
CA PRO B 564 34.38 -78.06 4.61
C PRO B 564 34.09 -76.70 3.96
N LEU B 565 35.01 -76.22 3.13
CA LEU B 565 34.82 -74.92 2.47
C LEU B 565 33.49 -74.90 1.73
N LEU B 566 33.25 -75.97 0.99
CA LEU B 566 32.07 -76.09 0.16
C LEU B 566 30.82 -76.27 0.99
N THR B 567 30.96 -76.96 2.11
CA THR B 567 29.89 -77.13 3.11
C THR B 567 29.46 -75.80 3.70
N GLN B 568 30.43 -74.94 4.02
CA GLN B 568 30.11 -73.60 4.55
C GLN B 568 29.38 -72.77 3.51
N TRP B 569 29.88 -72.82 2.27
CA TRP B 569 29.30 -72.01 1.21
C TRP B 569 27.88 -72.47 0.98
N LEU B 570 27.71 -73.77 0.78
CA LEU B 570 26.37 -74.29 0.56
C LEU B 570 25.43 -73.98 1.73
N ASN B 571 25.95 -73.95 2.94
CA ASN B 571 25.10 -73.66 4.09
C ASN B 571 24.77 -72.18 4.16
N GLY B 572 25.41 -71.35 3.36
CA GLY B 572 25.00 -69.96 3.30
C GLY B 572 25.97 -68.98 3.89
N ASP B 573 27.09 -69.44 4.46
CA ASP B 573 28.12 -68.53 4.97
C ASP B 573 28.61 -67.60 3.88
N SER B 574 29.03 -66.41 4.27
CA SER B 574 29.40 -65.39 3.30
C SER B 574 30.90 -65.13 3.25
N GLN B 575 31.66 -65.84 4.09
CA GLN B 575 33.09 -65.58 4.24
C GLN B 575 33.86 -66.88 4.26
N VAL B 576 34.12 -67.42 3.07
CA VAL B 576 34.71 -68.74 2.90
C VAL B 576 36.14 -68.63 2.37
N ASP B 577 37.10 -69.33 2.98
CA ASP B 577 38.52 -69.17 2.65
C ASP B 577 38.94 -69.92 1.36
N TRP B 578 38.26 -69.62 0.25
CA TRP B 578 38.58 -70.23 -1.03
C TRP B 578 40.07 -70.16 -1.39
N ALA B 579 40.71 -69.07 -1.04
CA ALA B 579 42.09 -68.82 -1.45
C ALA B 579 43.03 -69.87 -0.93
N SER B 580 42.69 -70.45 0.21
CA SER B 580 43.49 -71.51 0.81
C SER B 580 43.63 -72.75 -0.07
N LEU B 581 42.71 -72.94 -1.02
CA LEU B 581 42.81 -74.04 -1.98
C LEU B 581 43.92 -73.84 -3.01
N TYR B 582 44.41 -72.60 -3.15
CA TYR B 582 45.32 -72.25 -4.24
C TYR B 582 46.76 -72.03 -3.74
N ALA B 583 47.72 -72.66 -4.41
CA ALA B 583 49.14 -72.50 -4.10
C ALA B 583 49.58 -71.14 -4.62
N GLN B 584 48.98 -70.72 -5.71
CA GLN B 584 49.09 -69.35 -6.18
C GLN B 584 47.71 -68.92 -6.64
N PRO B 585 47.24 -67.75 -6.20
CA PRO B 585 45.95 -67.29 -6.71
C PRO B 585 46.01 -66.93 -8.20
N PRO B 586 45.01 -67.37 -9.00
CA PRO B 586 44.92 -66.90 -10.37
C PRO B 586 44.61 -65.39 -10.43
N VAL B 587 45.07 -64.76 -11.51
CA VAL B 587 44.72 -63.39 -11.82
C VAL B 587 43.23 -63.37 -12.12
N ARG B 588 42.58 -62.29 -11.71
CA ARG B 588 41.15 -62.14 -11.95
C ARG B 588 40.82 -61.96 -13.44
N ILE B 589 39.64 -62.42 -13.86
CA ILE B 589 39.16 -62.28 -15.24
C ILE B 589 37.73 -61.85 -15.27
N SER B 590 37.31 -61.44 -16.46
CA SER B 590 35.96 -61.00 -16.72
C SER B 590 35.05 -62.19 -16.86
N LEU B 591 33.97 -62.21 -16.07
CA LEU B 591 32.94 -63.22 -16.21
C LEU B 591 31.65 -62.58 -16.66
N PRO B 592 30.79 -63.36 -17.35
CA PRO B 592 29.53 -62.84 -17.84
C PRO B 592 28.74 -62.18 -16.75
N ALA B 593 28.14 -61.04 -17.08
CA ALA B 593 27.31 -60.30 -16.16
C ALA B 593 26.15 -61.13 -15.57
N TYR B 594 25.85 -60.90 -14.31
CA TYR B 594 24.65 -61.45 -13.70
C TYR B 594 23.42 -61.01 -14.48
N ARG B 595 22.49 -61.91 -14.71
CA ARG B 595 21.25 -61.59 -15.41
C ARG B 595 20.20 -61.16 -14.41
N PHE B 596 20.01 -59.87 -14.27
CA PHE B 596 19.02 -59.33 -13.36
C PHE B 596 17.61 -59.66 -13.82
N GLU B 597 16.69 -59.74 -12.86
CA GLU B 597 15.28 -59.89 -13.13
C GLU B 597 14.76 -58.56 -13.71
N LYS B 598 13.98 -58.63 -14.79
CA LYS B 598 13.57 -57.44 -15.52
C LYS B 598 12.14 -57.05 -15.20
N THR B 599 11.92 -56.73 -13.94
CA THR B 599 10.61 -56.32 -13.44
C THR B 599 10.45 -54.78 -13.62
N ARG B 600 9.37 -54.37 -14.29
CA ARG B 600 9.11 -52.97 -14.56
C ARG B 600 8.76 -52.25 -13.26
N CYS B 601 9.47 -51.16 -12.99
CA CYS B 601 9.18 -50.27 -11.86
C CYS B 601 9.08 -48.85 -12.43
N TRP B 602 7.86 -48.32 -12.48
CA TRP B 602 7.62 -47.04 -13.11
C TRP B 602 6.48 -46.37 -12.43
N TYR B 603 6.53 -45.04 -12.37
CA TYR B 603 5.50 -44.28 -11.69
C TYR B 603 4.13 -44.37 -12.38
N THR B 604 4.09 -44.56 -13.68
CA THR B 604 2.81 -44.54 -14.42
C THR B 604 2.57 -45.84 -15.16
N GLU B 605 1.34 -45.98 -15.64
CA GLU B 605 0.90 -47.07 -16.53
C GLU B 605 1.63 -46.98 -17.87
N GLU B 606 1.69 -48.09 -18.59
CA GLU B 606 2.47 -48.15 -19.81
C GLU B 606 1.97 -47.26 -20.94
N GLY B 607 0.65 -47.14 -21.10
CA GLY B 607 0.16 -46.21 -22.15
C GLY B 607 0.20 -44.71 -21.83
N TYR B 608 0.78 -44.35 -20.70
CA TYR B 608 0.78 -42.96 -20.21
C TYR B 608 1.43 -41.98 -21.18
N GLU B 609 0.77 -40.86 -21.42
CA GLU B 609 1.39 -39.76 -22.13
C GLU B 609 1.35 -38.56 -21.26
N SER B 610 2.54 -38.03 -20.96
CA SER B 610 2.63 -36.80 -20.24
C SER B 610 1.91 -35.69 -20.98
N SER B 611 1.44 -34.69 -20.22
CA SER B 611 0.85 -33.47 -20.79
C SER B 611 1.83 -32.73 -21.70
N ILE B 612 3.14 -32.93 -21.51
CA ILE B 612 4.14 -32.39 -22.42
C ILE B 612 3.85 -32.85 -23.88
N VAL B 613 3.30 -34.06 -24.05
CA VAL B 613 2.94 -34.61 -25.35
C VAL B 613 1.62 -34.00 -25.80
N ASN B 614 0.62 -34.01 -24.92
CA ASN B 614 -0.65 -33.32 -25.15
C ASN B 614 -0.93 -32.26 -24.10
N PRO B 615 -0.55 -31.00 -24.37
CA PRO B 615 -0.85 -30.02 -23.34
C PRO B 615 -2.32 -29.62 -23.27
N LEU B 616 -2.63 -28.87 -22.22
CA LEU B 616 -4.00 -28.56 -21.87
C LEU B 616 -4.66 -27.56 -22.82
N MET B 617 -3.87 -26.72 -23.51
CA MET B 617 -4.41 -25.94 -24.64
C MET B 617 -5.02 -26.85 -25.69
N PHE B 618 -4.68 -28.14 -25.70
CA PHE B 618 -5.39 -29.10 -26.55
C PHE B 618 -6.38 -29.95 -25.77
N LYS B 619 -5.90 -30.62 -24.75
CA LYS B 619 -6.77 -31.59 -24.13
C LYS B 619 -7.87 -31.03 -23.24
N ASN B 620 -7.84 -29.75 -22.91
CA ASN B 620 -8.91 -29.14 -22.14
C ASN B 620 -10.04 -28.55 -22.98
N LYS B 621 -10.09 -28.94 -24.24
CA LYS B 621 -11.02 -28.32 -25.17
C LYS B 621 -11.88 -29.44 -25.71
N LEU B 622 -13.15 -29.18 -25.95
CA LEU B 622 -13.99 -30.15 -26.60
C LEU B 622 -13.56 -30.33 -28.05
N HIS B 623 -12.98 -29.28 -28.63
CA HIS B 623 -12.58 -29.23 -30.06
C HIS B 623 -11.65 -28.03 -30.21
N PRO B 624 -10.64 -28.12 -31.07
CA PRO B 624 -9.67 -27.05 -31.06
C PRO B 624 -10.26 -25.64 -31.17
N LEU B 625 -11.38 -25.46 -31.87
CA LEU B 625 -12.03 -24.14 -31.99
C LEU B 625 -13.34 -23.96 -31.17
N VAL B 626 -13.62 -24.94 -30.29
CA VAL B 626 -14.81 -24.98 -29.44
C VAL B 626 -14.39 -25.52 -28.07
N ALA B 627 -13.92 -24.63 -27.22
CA ALA B 627 -13.31 -25.01 -25.97
C ALA B 627 -14.28 -25.57 -24.94
N LYS B 628 -15.32 -24.79 -24.60
CA LYS B 628 -16.15 -25.01 -23.41
C LYS B 628 -17.63 -24.91 -23.75
N ASN B 629 -18.42 -25.80 -23.17
CA ASN B 629 -19.87 -25.70 -23.13
C ASN B 629 -20.39 -24.76 -22.00
N CYS B 630 -21.01 -23.67 -22.39
CA CYS B 630 -21.49 -22.63 -21.48
C CYS B 630 -23.03 -22.52 -21.55
N SER B 631 -23.70 -23.64 -21.82
CA SER B 631 -25.13 -23.59 -22.07
C SER B 631 -25.90 -23.18 -20.82
N THR B 632 -27.06 -22.54 -21.00
CA THR B 632 -27.95 -22.16 -19.91
C THR B 632 -29.20 -23.01 -19.99
N PRO B 633 -30.09 -22.87 -19.00
CA PRO B 633 -31.28 -23.68 -19.05
C PRO B 633 -32.15 -23.38 -20.25
N GLN B 634 -31.95 -22.22 -20.89
CA GLN B 634 -32.65 -21.92 -22.15
C GLN B 634 -32.43 -22.97 -23.23
N PRO B 635 -33.43 -23.11 -24.13
CA PRO B 635 -33.22 -23.86 -25.37
C PRO B 635 -31.98 -23.39 -26.13
N GLY B 636 -31.17 -24.35 -26.57
CA GLY B 636 -30.00 -24.12 -27.38
C GLY B 636 -28.82 -24.38 -26.49
N ALA B 637 -27.73 -24.81 -27.12
CA ALA B 637 -26.50 -25.07 -26.45
C ALA B 637 -25.64 -23.92 -26.83
N ILE B 638 -24.73 -23.53 -25.94
CA ILE B 638 -23.85 -22.42 -26.15
C ILE B 638 -22.43 -22.93 -25.88
N PHE B 639 -21.51 -22.64 -26.80
CA PHE B 639 -20.10 -22.93 -26.60
C PHE B 639 -19.29 -21.66 -26.84
N ARG B 640 -18.14 -21.62 -26.19
CA ARG B 640 -17.21 -20.47 -26.19
C ARG B 640 -15.78 -20.92 -26.25
N THR B 641 -14.94 -20.07 -26.85
CA THR B 641 -13.52 -20.35 -27.01
C THR B 641 -12.77 -19.05 -26.87
N ASP B 642 -11.68 -19.01 -26.09
CA ASP B 642 -10.72 -17.91 -26.15
C ASP B 642 -9.84 -18.11 -27.38
N PHE B 643 -9.77 -17.09 -28.22
CA PHE B 643 -8.92 -17.16 -29.39
C PHE B 643 -7.48 -16.79 -29.02
N VAL B 644 -6.61 -17.78 -28.85
CA VAL B 644 -5.18 -17.50 -28.52
C VAL B 644 -4.34 -18.02 -29.66
N GLU B 645 -3.73 -17.16 -30.45
CA GLU B 645 -3.07 -17.65 -31.68
C GLU B 645 -2.07 -18.79 -31.48
N ASP B 646 -1.26 -18.69 -30.44
CA ASP B 646 -0.22 -19.69 -30.17
C ASP B 646 -0.77 -21.04 -29.69
N GLU B 647 -2.05 -21.11 -29.31
CA GLU B 647 -2.73 -22.38 -29.05
C GLU B 647 -3.30 -22.99 -30.35
N LEU B 648 -3.16 -22.25 -31.44
CA LEU B 648 -3.88 -22.56 -32.69
C LEU B 648 -2.93 -22.42 -33.89
N LEU B 649 -1.69 -22.85 -33.68
CA LEU B 649 -0.66 -22.80 -34.71
C LEU B 649 -1.00 -23.71 -35.93
N ASP B 650 -1.92 -24.67 -35.75
CA ASP B 650 -2.49 -25.45 -36.88
C ASP B 650 -3.41 -24.65 -37.82
N TYR B 651 -3.94 -23.52 -37.36
CA TYR B 651 -5.06 -22.85 -38.00
C TYR B 651 -4.75 -21.51 -38.61
N VAL B 652 -3.89 -20.71 -37.96
CA VAL B 652 -3.77 -19.31 -38.31
C VAL B 652 -2.62 -19.11 -39.28
N TYR B 653 -2.84 -18.27 -40.27
CA TYR B 653 -1.79 -17.91 -41.18
C TYR B 653 -1.76 -16.40 -41.45
N SER B 654 -0.69 -15.94 -42.10
CA SER B 654 -0.60 -14.54 -42.53
C SER B 654 -0.95 -14.38 -43.98
N GLY B 655 -1.74 -13.34 -44.26
CA GLY B 655 -1.89 -12.83 -45.64
C GLY B 655 -1.77 -11.31 -45.68
N ARG B 656 -1.80 -10.74 -46.88
CA ARG B 656 -1.88 -9.28 -47.03
C ARG B 656 -2.96 -8.71 -46.12
N GLY B 657 -2.55 -7.86 -45.19
CA GLY B 657 -3.54 -7.15 -44.40
C GLY B 657 -3.92 -7.83 -43.10
N GLY B 658 -3.35 -9.00 -42.81
CA GLY B 658 -3.46 -9.57 -41.48
C GLY B 658 -3.36 -11.07 -41.35
N ARG B 659 -3.65 -11.55 -40.14
CA ARG B 659 -3.60 -12.93 -39.80
C ARG B 659 -4.99 -13.53 -40.14
N ARG B 660 -5.01 -14.71 -40.74
CA ARG B 660 -6.25 -15.31 -41.28
C ARG B 660 -6.44 -16.72 -40.78
N LEU B 661 -7.59 -17.29 -41.10
CA LEU B 661 -7.95 -18.60 -40.69
C LEU B 661 -9.00 -19.05 -41.70
N SER B 662 -8.80 -20.21 -42.32
CA SER B 662 -9.74 -20.60 -43.41
C SER B 662 -11.16 -20.64 -42.92
N ALA B 663 -12.03 -20.03 -43.70
CA ALA B 663 -13.47 -20.23 -43.54
C ALA B 663 -13.88 -21.71 -43.46
N PHE B 664 -13.11 -22.58 -44.12
CA PHE B 664 -13.49 -23.99 -44.19
C PHE B 664 -13.29 -24.70 -42.86
N ASN B 665 -12.49 -24.09 -41.97
CA ASN B 665 -12.40 -24.63 -40.61
C ASN B 665 -13.72 -24.62 -39.87
N PHE B 666 -14.57 -23.64 -40.17
CA PHE B 666 -15.93 -23.62 -39.59
C PHE B 666 -16.77 -24.70 -40.18
N ALA B 667 -16.41 -25.19 -41.35
CA ALA B 667 -17.06 -26.43 -41.82
C ALA B 667 -16.67 -27.56 -40.88
N ASP B 668 -15.42 -27.61 -40.43
CA ASP B 668 -15.03 -28.68 -39.52
C ASP B 668 -15.73 -28.61 -38.15
N VAL B 669 -16.04 -27.39 -37.71
CA VAL B 669 -16.78 -27.15 -36.47
C VAL B 669 -18.20 -27.61 -36.62
N ALA B 670 -18.83 -27.35 -37.76
CA ALA B 670 -20.20 -27.77 -37.98
C ALA B 670 -20.31 -29.29 -37.97
N LEU B 671 -19.31 -29.94 -38.55
CA LEU B 671 -19.20 -31.41 -38.59
C LEU B 671 -19.03 -31.99 -37.18
N ALA B 672 -18.35 -31.28 -36.28
CA ALA B 672 -18.06 -31.76 -34.93
C ALA B 672 -19.21 -31.58 -33.95
N MET B 673 -20.23 -30.83 -34.35
CA MET B 673 -21.27 -30.35 -33.46
C MET B 673 -22.25 -31.44 -33.03
N PRO B 674 -22.73 -32.25 -33.99
CA PRO B 674 -23.68 -33.26 -33.61
C PRO B 674 -23.19 -34.20 -32.48
N ALA B 675 -21.90 -34.49 -32.45
CA ALA B 675 -21.34 -35.33 -31.38
C ALA B 675 -21.31 -34.54 -30.06
N LEU B 676 -20.97 -33.27 -30.13
CA LEU B 676 -21.08 -32.40 -28.97
C LEU B 676 -22.52 -32.26 -28.51
N ALA B 677 -23.49 -32.65 -29.31
CA ALA B 677 -24.86 -32.65 -28.84
C ALA B 677 -25.40 -34.07 -28.64
N SER B 678 -24.52 -35.08 -28.72
CA SER B 678 -24.93 -36.48 -28.66
C SER B 678 -26.06 -36.77 -29.65
N ARG B 679 -25.76 -36.56 -30.94
CA ARG B 679 -26.76 -36.48 -31.98
C ARG B 679 -26.18 -36.99 -33.32
N PHE B 680 -27.07 -37.48 -34.20
CA PHE B 680 -26.71 -38.15 -35.47
C PHE B 680 -25.52 -39.12 -35.36
N ASP B 681 -25.45 -39.85 -34.25
CA ASP B 681 -24.24 -40.60 -33.91
C ASP B 681 -23.90 -41.61 -35.00
N GLY B 682 -22.60 -41.73 -35.30
CA GLY B 682 -22.11 -42.65 -36.33
C GLY B 682 -22.55 -42.38 -37.76
N ARG B 683 -23.31 -41.30 -38.00
CA ARG B 683 -23.74 -40.91 -39.34
C ARG B 683 -22.78 -39.87 -39.94
N THR B 684 -22.60 -39.93 -41.25
CA THR B 684 -21.83 -38.94 -41.97
C THR B 684 -22.79 -37.83 -42.45
N LEU B 685 -22.27 -36.60 -42.51
CA LEU B 685 -23.11 -35.41 -42.48
C LEU B 685 -22.97 -34.57 -43.74
N SER B 686 -24.06 -33.96 -44.21
CA SER B 686 -23.97 -32.77 -45.05
C SER B 686 -23.97 -31.51 -44.18
N VAL B 687 -23.17 -30.50 -44.56
CA VAL B 687 -23.29 -29.17 -43.95
C VAL B 687 -23.26 -28.04 -45.00
N SER B 688 -24.14 -27.06 -44.81
CA SER B 688 -24.02 -25.79 -45.48
C SER B 688 -23.64 -24.72 -44.47
N CYS B 689 -23.11 -23.60 -44.94
CA CYS B 689 -22.52 -22.58 -44.06
C CYS B 689 -22.52 -21.24 -44.78
N ALA B 690 -23.04 -20.21 -44.15
CA ALA B 690 -23.11 -18.89 -44.75
C ALA B 690 -22.41 -17.86 -43.85
N PHE B 691 -21.51 -17.06 -44.43
CA PHE B 691 -20.76 -16.04 -43.70
C PHE B 691 -21.29 -14.61 -43.93
N GLU B 692 -21.60 -13.91 -42.84
CA GLU B 692 -22.12 -12.55 -42.89
C GLU B 692 -21.04 -11.53 -42.57
N HIS B 693 -19.78 -11.93 -42.46
CA HIS B 693 -18.70 -11.00 -42.14
C HIS B 693 -17.34 -11.60 -42.47
N TYR B 694 -16.41 -10.76 -42.92
CA TYR B 694 -15.07 -11.18 -43.34
C TYR B 694 -14.07 -10.56 -42.40
N ILE B 695 -13.23 -11.38 -41.77
CA ILE B 695 -12.28 -10.92 -40.79
C ILE B 695 -11.00 -10.85 -41.54
N ALA B 696 -10.56 -9.64 -41.83
CA ALA B 696 -9.32 -9.43 -42.58
C ALA B 696 -8.10 -9.67 -41.70
N ASP B 697 -8.23 -9.39 -40.40
CA ASP B 697 -7.14 -9.55 -39.41
C ASP B 697 -7.65 -10.14 -38.10
N TRP B 698 -7.32 -11.41 -37.86
CA TRP B 698 -7.75 -12.08 -36.63
C TRP B 698 -6.91 -11.67 -35.43
N THR B 699 -5.96 -10.77 -35.62
CA THR B 699 -5.02 -10.44 -34.53
C THR B 699 -5.70 -10.03 -33.21
N THR B 700 -6.82 -9.30 -33.30
CA THR B 700 -7.42 -8.69 -32.12
C THR B 700 -8.72 -9.38 -31.73
N VAL B 701 -9.06 -10.44 -32.45
CA VAL B 701 -10.12 -11.32 -32.02
C VAL B 701 -9.74 -11.99 -30.73
N THR B 702 -10.62 -11.87 -29.76
CA THR B 702 -10.37 -12.46 -28.46
C THR B 702 -11.23 -13.68 -28.24
N GLY B 703 -12.36 -13.80 -28.90
CA GLY B 703 -13.21 -14.94 -28.59
C GLY B 703 -14.08 -15.36 -29.73
N LEU B 704 -14.65 -16.57 -29.58
CA LEU B 704 -15.65 -17.08 -30.50
C LEU B 704 -16.81 -17.60 -29.70
N GLU B 705 -18.05 -17.38 -30.16
CA GLU B 705 -19.18 -17.97 -29.47
C GLU B 705 -20.06 -18.70 -30.48
N TYR B 706 -20.67 -19.79 -30.02
CA TYR B 706 -21.47 -20.65 -30.87
C TYR B 706 -22.74 -20.94 -30.18
N ARG B 707 -23.84 -20.93 -30.94
CA ARG B 707 -25.14 -21.31 -30.48
C ARG B 707 -25.73 -22.40 -31.40
N LEU B 708 -26.13 -23.51 -30.80
CA LEU B 708 -26.54 -24.67 -31.51
C LEU B 708 -27.99 -24.94 -31.14
N PHE B 709 -28.83 -25.07 -32.16
CA PHE B 709 -30.25 -25.29 -31.96
C PHE B 709 -30.69 -26.55 -32.68
N GLU B 710 -31.63 -27.25 -32.10
CA GLU B 710 -32.21 -28.42 -32.73
C GLU B 710 -33.48 -27.93 -33.36
N ILE B 711 -33.59 -28.04 -34.68
CA ILE B 711 -34.80 -27.55 -35.39
C ILE B 711 -35.81 -28.67 -35.58
N ASP B 712 -35.29 -29.86 -35.84
CA ASP B 712 -36.08 -31.06 -35.66
C ASP B 712 -35.12 -32.22 -35.52
N SER B 713 -35.66 -33.42 -35.69
CA SER B 713 -34.88 -34.64 -35.54
C SER B 713 -33.79 -34.77 -36.60
N GLU B 714 -33.97 -34.14 -37.75
CA GLU B 714 -33.04 -34.30 -38.87
C GLU B 714 -32.04 -33.14 -38.93
N GLN B 715 -32.17 -32.13 -38.08
CA GLN B 715 -31.54 -30.85 -38.35
C GLN B 715 -31.08 -30.03 -37.15
N LEU B 716 -29.87 -29.50 -37.27
CA LEU B 716 -29.24 -28.68 -36.28
C LEU B 716 -28.84 -27.40 -36.99
N GLU B 717 -28.94 -26.26 -36.30
CA GLU B 717 -28.43 -24.98 -36.82
C GLU B 717 -27.45 -24.34 -35.86
N LEU B 718 -26.40 -23.76 -36.43
CA LEU B 718 -25.30 -23.24 -35.70
C LEU B 718 -25.08 -21.75 -36.05
N GLU B 719 -25.33 -20.85 -35.10
CA GLU B 719 -24.99 -19.44 -35.27
C GLU B 719 -23.60 -19.33 -34.71
N PHE B 720 -22.74 -18.58 -35.34
CA PHE B 720 -21.48 -18.29 -34.63
C PHE B 720 -21.07 -16.83 -34.71
N ASP B 721 -20.37 -16.36 -33.67
CA ASP B 721 -19.90 -14.99 -33.60
C ASP B 721 -18.48 -14.96 -33.14
N PHE B 722 -17.88 -13.78 -33.30
CA PHE B 722 -16.62 -13.47 -32.69
C PHE B 722 -16.72 -12.15 -31.92
N ARG B 723 -15.72 -11.89 -31.11
CA ARG B 723 -15.54 -10.58 -30.55
C ARG B 723 -14.07 -10.22 -30.34
N ARG B 724 -13.86 -8.93 -30.12
CA ARG B 724 -12.54 -8.33 -29.89
C ARG B 724 -12.53 -7.58 -28.58
N SER B 725 -11.34 -7.25 -28.10
CA SER B 725 -11.26 -6.55 -26.83
C SER B 725 -12.11 -5.28 -26.92
N GLY B 726 -12.84 -5.01 -25.85
CA GLY B 726 -13.68 -3.81 -25.76
C GLY B 726 -14.97 -3.79 -26.59
N GLU B 727 -15.10 -4.63 -27.61
CA GLU B 727 -16.28 -4.56 -28.50
C GLU B 727 -17.37 -5.52 -28.12
N GLN B 728 -18.57 -5.19 -28.58
CA GLN B 728 -19.68 -6.09 -28.57
C GLN B 728 -19.38 -7.24 -29.53
N PRO B 729 -20.06 -8.39 -29.38
CA PRO B 729 -20.00 -9.45 -30.36
C PRO B 729 -20.39 -9.01 -31.77
N THR B 730 -19.69 -9.57 -32.75
CA THR B 730 -20.03 -9.43 -34.17
C THR B 730 -20.47 -10.80 -34.65
N HIS B 731 -21.63 -10.84 -35.32
CA HIS B 731 -22.09 -12.06 -35.94
C HIS B 731 -21.19 -12.44 -37.14
N LEU B 732 -20.78 -13.70 -37.15
CA LEU B 732 -19.86 -14.21 -38.14
C LEU B 732 -20.51 -15.09 -39.20
N GLY B 733 -21.35 -16.02 -38.78
CA GLY B 733 -21.91 -16.97 -39.72
C GLY B 733 -22.99 -17.88 -39.17
N PHE B 734 -23.43 -18.76 -40.04
CA PHE B 734 -24.62 -19.56 -39.77
C PHE B 734 -24.51 -20.84 -40.59
N ALA B 735 -24.62 -21.98 -39.94
CA ALA B 735 -24.51 -23.27 -40.60
C ALA B 735 -25.70 -24.15 -40.30
N VAL B 736 -26.00 -25.03 -41.25
CA VAL B 736 -27.06 -26.01 -41.10
C VAL B 736 -26.46 -27.40 -41.31
N ILE B 737 -26.75 -28.32 -40.38
CA ILE B 737 -26.12 -29.64 -40.35
C ILE B 737 -27.15 -30.78 -40.44
N ASN B 738 -26.94 -31.68 -41.39
CA ASN B 738 -27.87 -32.79 -41.62
C ASN B 738 -27.17 -34.11 -41.73
N PRO B 739 -27.77 -35.18 -41.18
CA PRO B 739 -27.21 -36.48 -41.41
C PRO B 739 -27.35 -36.84 -42.88
N LEU B 740 -26.49 -37.75 -43.31
CA LEU B 740 -26.43 -38.19 -44.70
C LEU B 740 -26.96 -39.62 -44.79
N THR B 741 -27.28 -40.07 -46.00
CA THR B 741 -27.92 -41.38 -46.20
C THR B 741 -27.69 -41.96 -47.63
N SER B 742 -28.10 -43.22 -47.87
CA SER B 742 -28.21 -43.82 -49.23
C SER B 742 -29.12 -42.98 -50.14
N ASP B 743 -29.92 -42.11 -49.51
CA ASP B 743 -31.05 -41.43 -50.13
C ASP B 743 -30.66 -40.42 -51.21
N GLU B 744 -29.43 -39.91 -51.10
CA GLU B 744 -28.98 -38.76 -51.87
C GLU B 744 -28.56 -39.19 -53.29
N PRO B 745 -28.65 -38.26 -54.27
CA PRO B 745 -28.49 -38.61 -55.69
C PRO B 745 -27.08 -39.11 -56.04
N PRO B 746 -26.93 -39.89 -57.14
CA PRO B 746 -25.56 -40.15 -57.63
C PRO B 746 -24.86 -38.86 -58.09
N LEU B 747 -23.54 -38.84 -57.96
CA LEU B 747 -22.72 -37.73 -58.46
C LEU B 747 -23.01 -37.45 -59.94
N PRO B 748 -23.25 -36.16 -60.31
CA PRO B 748 -23.45 -35.82 -61.73
C PRO B 748 -22.24 -36.26 -62.55
N GLN B 749 -22.50 -36.84 -63.72
CA GLN B 749 -21.42 -37.38 -64.52
C GLN B 749 -20.43 -36.34 -65.04
N GLN B 750 -20.94 -35.18 -65.42
CA GLN B 750 -20.09 -34.09 -65.87
C GLN B 750 -18.97 -33.76 -64.88
N TRP B 751 -19.29 -33.79 -63.60
CA TRP B 751 -18.34 -33.43 -62.54
C TRP B 751 -17.20 -34.45 -62.44
N LEU B 752 -17.54 -35.74 -62.49
CA LEU B 752 -16.54 -36.81 -62.44
C LEU B 752 -15.67 -36.82 -63.71
N ASP B 753 -16.26 -36.58 -64.88
CA ASP B 753 -15.49 -36.46 -66.13
C ASP B 753 -14.44 -35.34 -65.99
N ASP B 754 -14.87 -34.15 -65.56
CA ASP B 754 -13.95 -33.02 -65.36
C ASP B 754 -12.82 -33.38 -64.41
N ALA B 755 -13.14 -33.98 -63.28
CA ALA B 755 -12.10 -34.38 -62.35
C ALA B 755 -11.21 -35.49 -62.95
N ARG B 756 -11.80 -36.50 -63.59
CA ARG B 756 -10.98 -37.51 -64.29
C ARG B 756 -9.93 -36.81 -65.18
N GLU B 757 -10.40 -35.88 -66.00
CA GLU B 757 -9.56 -35.23 -67.00
C GLU B 757 -8.49 -34.32 -66.38
N LEU B 758 -8.84 -33.65 -65.29
CA LEU B 758 -7.92 -32.80 -64.56
C LEU B 758 -6.86 -33.61 -63.82
N LEU B 759 -7.27 -34.68 -63.15
CA LEU B 759 -6.32 -35.59 -62.53
C LEU B 759 -5.39 -36.28 -63.54
N ASN B 760 -5.89 -36.55 -64.73
CA ASN B 760 -5.06 -37.20 -65.73
C ASN B 760 -4.00 -36.25 -66.32
N ARG B 761 -4.37 -34.99 -66.55
CA ARG B 761 -3.42 -33.97 -66.96
C ARG B 761 -2.39 -33.65 -65.84
N GLN B 762 -2.71 -34.00 -64.57
CA GLN B 762 -1.77 -33.85 -63.44
C GLN B 762 -0.77 -35.02 -63.35
N ALA B 763 -1.26 -36.25 -63.54
CA ALA B 763 -0.40 -37.43 -63.60
C ALA B 763 0.47 -37.44 -64.88
N LEU B 764 0.04 -36.71 -65.92
CA LEU B 764 0.77 -36.60 -67.20
C LEU B 764 1.46 -35.24 -67.41
N GLN B 765 1.09 -34.24 -66.62
CA GLN B 765 1.69 -32.87 -66.64
C GLN B 765 1.47 -32.07 -67.94
N ALA B 766 0.25 -32.13 -68.49
CA ALA B 766 -0.16 -31.33 -69.64
C ALA B 766 -0.94 -30.05 -69.22
N GLY B 767 -0.83 -29.01 -70.06
CA GLY B 767 -1.49 -27.71 -69.84
C GLY B 767 -0.65 -26.84 -68.93
N ARG B 768 -1.16 -25.65 -68.58
CA ARG B 768 -0.49 -24.82 -67.57
C ARG B 768 -0.21 -25.66 -66.32
N GLN B 769 1.01 -25.58 -65.85
CA GLN B 769 1.54 -26.53 -64.89
C GLN B 769 2.62 -25.81 -64.08
N LEU B 770 2.43 -25.72 -62.77
CA LEU B 770 3.34 -25.04 -61.87
C LEU B 770 3.92 -26.02 -60.90
N SER B 771 5.22 -25.94 -60.69
CA SER B 771 5.88 -26.73 -59.66
C SER B 771 5.46 -26.26 -58.27
N ALA B 772 5.70 -27.09 -57.28
CA ALA B 772 5.55 -26.70 -55.88
C ALA B 772 6.27 -25.39 -55.60
N ALA B 773 7.52 -25.32 -56.06
CA ALA B 773 8.35 -24.11 -55.96
C ALA B 773 7.67 -22.89 -56.56
N GLU B 774 7.13 -23.00 -57.77
CA GLU B 774 6.38 -21.88 -58.37
C GLU B 774 5.06 -21.57 -57.64
N VAL B 775 4.43 -22.59 -57.06
CA VAL B 775 3.21 -22.34 -56.26
C VAL B 775 3.57 -21.52 -55.03
N SER B 776 4.58 -21.96 -54.28
CA SER B 776 5.22 -21.13 -53.23
C SER B 776 5.53 -19.64 -53.61
N GLN B 777 6.09 -19.36 -54.78
CA GLN B 777 6.43 -17.97 -55.11
C GLN B 777 5.17 -17.14 -55.34
N ARG B 778 4.13 -17.70 -55.99
CA ARG B 778 2.89 -16.96 -56.18
C ARG B 778 2.27 -16.59 -54.83
N LEU B 779 2.31 -17.51 -53.88
CA LEU B 779 1.68 -17.26 -52.59
C LEU B 779 2.54 -16.25 -51.83
N ALA B 780 3.84 -16.50 -51.83
CA ALA B 780 4.84 -15.56 -51.25
C ALA B 780 4.67 -14.15 -51.80
N GLN B 781 4.60 -13.99 -53.13
CA GLN B 781 4.42 -12.64 -53.70
C GLN B 781 3.03 -12.09 -53.47
N ALA B 782 2.06 -12.91 -53.09
CA ALA B 782 0.72 -12.37 -52.74
C ALA B 782 0.62 -11.97 -51.27
N GLY B 783 1.72 -12.13 -50.53
CA GLY B 783 1.78 -11.75 -49.11
C GLY B 783 1.26 -12.85 -48.19
N TYR B 784 1.32 -14.10 -48.61
CA TYR B 784 1.01 -15.22 -47.71
C TYR B 784 2.26 -15.75 -46.99
N ASP B 785 2.06 -16.06 -45.71
CA ASP B 785 3.02 -16.84 -44.94
C ASP B 785 2.27 -17.91 -44.13
N PHE B 786 2.68 -19.14 -44.31
CA PHE B 786 1.95 -20.32 -43.84
C PHE B 786 2.69 -21.11 -42.78
N ALA B 787 3.86 -20.64 -42.39
CA ALA B 787 4.61 -21.25 -41.32
C ALA B 787 3.84 -21.09 -40.01
N PRO B 788 4.06 -22.00 -39.06
CA PRO B 788 4.97 -23.16 -39.10
C PRO B 788 4.38 -24.46 -39.62
N TYR B 789 3.06 -24.57 -39.78
CA TYR B 789 2.44 -25.89 -40.06
C TYR B 789 1.62 -26.02 -41.35
N LEU B 790 1.42 -24.92 -42.08
CA LEU B 790 0.56 -24.90 -43.25
C LEU B 790 1.31 -24.63 -44.56
N ASP B 791 2.64 -24.72 -44.55
CA ASP B 791 3.44 -24.24 -45.66
C ASP B 791 3.95 -25.32 -46.58
N HIS B 792 3.48 -26.56 -46.46
CA HIS B 792 3.85 -27.53 -47.49
C HIS B 792 2.96 -27.26 -48.72
N ASP B 793 3.59 -26.89 -49.81
CA ASP B 793 2.84 -26.56 -51.01
C ASP B 793 2.95 -27.67 -52.05
N GLY B 794 1.89 -27.84 -52.83
CA GLY B 794 1.90 -28.87 -53.85
C GLY B 794 1.87 -28.33 -55.26
N GLU B 795 1.91 -29.24 -56.24
CA GLU B 795 1.93 -28.85 -57.64
C GLU B 795 0.55 -28.36 -58.03
N LEU B 796 0.50 -27.48 -59.01
CA LEU B 796 -0.76 -26.98 -59.52
C LEU B 796 -0.91 -27.38 -60.97
N THR B 797 -2.06 -27.95 -61.33
CA THR B 797 -2.41 -28.14 -62.72
C THR B 797 -3.55 -27.21 -63.05
N ILE B 798 -3.46 -26.51 -64.18
CA ILE B 798 -4.56 -25.72 -64.71
C ILE B 798 -5.04 -26.38 -65.99
N GLY B 799 -6.35 -26.49 -66.10
CA GLY B 799 -6.94 -27.20 -67.18
C GLY B 799 -7.91 -26.33 -67.91
N ARG B 800 -8.42 -26.89 -69.00
CA ARG B 800 -9.56 -26.36 -69.71
C ARG B 800 -10.71 -26.06 -68.75
N SER B 801 -11.04 -27.05 -67.90
CA SER B 801 -12.27 -27.07 -67.09
C SER B 801 -12.10 -26.65 -65.60
N GLY B 802 -10.86 -26.64 -65.12
CA GLY B 802 -10.58 -26.12 -63.79
C GLY B 802 -9.14 -26.32 -63.37
N LEU B 803 -8.91 -26.55 -62.08
CA LEU B 803 -7.56 -26.74 -61.61
C LEU B 803 -7.48 -27.79 -60.51
N VAL B 804 -6.30 -28.36 -60.36
CA VAL B 804 -5.98 -29.27 -59.29
C VAL B 804 -4.69 -28.84 -58.53
N LEU B 805 -4.79 -28.78 -57.21
CA LEU B 805 -3.68 -28.44 -56.33
C LEU B 805 -3.51 -29.60 -55.39
N LYS B 806 -2.30 -30.17 -55.34
CA LYS B 806 -2.02 -31.23 -54.40
C LYS B 806 -1.56 -30.73 -53.04
N GLY B 807 -1.88 -31.51 -52.02
CA GLY B 807 -1.42 -31.25 -50.68
C GLY B 807 -0.87 -32.52 -50.08
N ARG B 808 0.07 -32.39 -49.14
CA ARG B 808 0.54 -33.51 -48.36
C ARG B 808 0.62 -33.05 -46.90
N PRO B 809 -0.31 -33.53 -46.06
CA PRO B 809 -0.26 -33.04 -44.67
C PRO B 809 1.09 -33.37 -44.01
N PRO B 810 1.65 -32.41 -43.27
CA PRO B 810 2.84 -32.69 -42.52
C PRO B 810 2.63 -33.85 -41.55
N VAL B 811 3.65 -34.67 -41.39
CA VAL B 811 3.66 -35.72 -40.40
C VAL B 811 3.55 -35.07 -38.99
N ASN B 812 4.27 -33.98 -38.78
CA ASN B 812 4.22 -33.32 -37.49
C ASN B 812 3.31 -32.10 -37.59
N ARG B 813 2.22 -32.13 -36.85
CA ARG B 813 1.40 -30.96 -36.67
C ARG B 813 1.45 -30.46 -35.22
N HIS B 814 0.64 -29.45 -34.90
CA HIS B 814 0.78 -28.79 -33.61
C HIS B 814 0.06 -29.65 -32.60
N ASN B 815 -1.23 -29.85 -32.86
CA ASN B 815 -2.16 -30.59 -32.00
C ASN B 815 -2.38 -32.04 -32.42
N HIS B 816 -1.75 -32.98 -31.71
CA HIS B 816 -1.92 -34.42 -31.98
C HIS B 816 -2.90 -35.10 -31.02
N TYR B 817 -3.73 -34.32 -30.32
CA TYR B 817 -4.65 -34.84 -29.30
C TYR B 817 -6.06 -34.97 -29.86
N ALA B 818 -6.52 -33.96 -30.58
CA ALA B 818 -7.92 -33.93 -30.95
C ALA B 818 -8.28 -35.09 -31.87
N ASP B 819 -9.36 -35.78 -31.56
CA ASP B 819 -9.80 -36.96 -32.32
C ASP B 819 -11.07 -36.66 -33.09
N ASN B 820 -11.48 -35.39 -33.11
CA ASN B 820 -12.74 -34.98 -33.75
C ASN B 820 -12.57 -33.88 -34.78
N VAL B 821 -11.39 -33.84 -35.39
CA VAL B 821 -11.16 -32.95 -36.53
C VAL B 821 -11.29 -33.78 -37.82
N GLN B 822 -12.39 -33.60 -38.54
CA GLN B 822 -12.62 -34.35 -39.78
C GLN B 822 -12.00 -33.64 -41.00
N LEU B 823 -12.24 -32.34 -41.12
CA LEU B 823 -11.77 -31.55 -42.24
C LEU B 823 -10.66 -30.69 -41.66
N SER B 824 -9.44 -31.15 -41.85
CA SER B 824 -8.30 -30.65 -41.12
C SER B 824 -7.95 -29.20 -41.54
N PRO B 825 -7.30 -28.47 -40.67
CA PRO B 825 -6.91 -27.13 -41.05
C PRO B 825 -5.90 -27.07 -42.15
N TYR B 826 -4.97 -28.03 -42.23
CA TYR B 826 -4.05 -28.14 -43.41
C TYR B 826 -4.87 -28.22 -44.70
N LEU B 827 -5.84 -29.12 -44.73
CA LEU B 827 -6.73 -29.25 -45.89
C LEU B 827 -7.46 -27.95 -46.14
N ALA B 828 -8.09 -27.41 -45.11
CA ALA B 828 -8.85 -26.15 -45.21
C ALA B 828 -8.00 -25.10 -45.85
N THR B 829 -6.78 -24.96 -45.34
CA THR B 829 -5.92 -23.96 -45.84
C THR B 829 -5.49 -24.29 -47.24
N THR B 830 -5.27 -25.57 -47.51
CA THR B 830 -4.92 -25.98 -48.88
C THR B 830 -6.01 -25.52 -49.83
N ILE B 831 -7.26 -25.53 -49.37
CA ILE B 831 -8.35 -25.05 -50.22
C ILE B 831 -8.25 -23.54 -50.42
N ASP B 832 -7.90 -22.81 -49.36
CA ASP B 832 -7.75 -21.38 -49.47
C ASP B 832 -6.72 -21.08 -50.58
N LYS B 833 -5.66 -21.87 -50.61
CA LYS B 833 -4.58 -21.70 -51.61
C LYS B 833 -5.06 -21.98 -53.02
N ALA B 834 -5.84 -23.07 -53.18
CA ALA B 834 -6.36 -23.39 -54.49
C ALA B 834 -7.22 -22.24 -54.95
N LEU B 835 -8.03 -21.71 -54.05
CA LEU B 835 -8.95 -20.65 -54.41
C LEU B 835 -8.17 -19.42 -54.82
N TYR B 836 -7.13 -19.07 -54.06
CA TYR B 836 -6.29 -17.90 -54.41
C TYR B 836 -5.64 -18.07 -55.78
N LEU B 837 -5.09 -19.26 -56.00
CA LEU B 837 -4.49 -19.56 -57.28
C LEU B 837 -5.47 -19.50 -58.45
N LEU B 838 -6.73 -19.78 -58.18
CA LEU B 838 -7.79 -19.60 -59.18
C LEU B 838 -7.94 -18.13 -59.46
N LEU B 839 -7.97 -17.35 -58.40
CA LEU B 839 -8.14 -15.91 -58.53
C LEU B 839 -7.01 -15.33 -59.36
N ASP B 840 -5.81 -15.80 -59.05
CA ASP B 840 -4.59 -15.42 -59.75
C ASP B 840 -4.67 -15.74 -61.21
N GLU B 841 -5.06 -16.99 -61.50
CA GLU B 841 -5.25 -17.46 -62.87
C GLU B 841 -6.26 -16.65 -63.65
N LEU B 842 -7.23 -16.06 -62.96
CA LEU B 842 -8.24 -15.21 -63.60
C LEU B 842 -7.83 -13.72 -63.59
N GLY B 843 -6.53 -13.45 -63.51
CA GLY B 843 -6.03 -12.08 -63.61
C GLY B 843 -6.14 -11.30 -62.31
N LEU B 844 -6.17 -12.00 -61.18
CA LEU B 844 -6.22 -11.31 -59.89
C LEU B 844 -5.11 -11.76 -59.01
N PRO B 845 -3.87 -11.33 -59.33
CA PRO B 845 -2.69 -11.72 -58.53
C PRO B 845 -2.73 -11.25 -57.08
N GLN B 846 -3.57 -10.27 -56.79
CA GLN B 846 -3.71 -9.75 -55.45
C GLN B 846 -5.11 -9.93 -54.90
N GLY B 847 -5.96 -10.70 -55.56
CA GLY B 847 -7.35 -10.84 -55.11
C GLY B 847 -7.52 -11.48 -53.73
N ARG B 848 -8.39 -10.89 -52.90
CA ARG B 848 -8.76 -11.50 -51.62
C ARG B 848 -9.79 -12.60 -51.83
N VAL B 849 -9.54 -13.73 -51.15
CA VAL B 849 -10.41 -14.85 -51.09
C VAL B 849 -11.34 -14.61 -49.91
N ILE B 850 -12.59 -14.34 -50.23
CA ILE B 850 -13.63 -14.16 -49.24
C ILE B 850 -14.78 -15.12 -49.60
N VAL B 851 -14.99 -16.12 -48.73
CA VAL B 851 -16.00 -17.13 -48.87
C VAL B 851 -17.32 -16.63 -48.29
N ARG B 852 -18.35 -16.50 -49.13
CA ARG B 852 -19.68 -16.07 -48.69
C ARG B 852 -20.51 -17.26 -48.29
N ASN B 853 -20.41 -18.34 -49.04
CA ASN B 853 -21.27 -19.46 -48.80
C ASN B 853 -20.62 -20.78 -49.20
N ILE B 854 -21.00 -21.84 -48.47
CA ILE B 854 -20.58 -23.20 -48.75
C ILE B 854 -21.85 -24.03 -48.73
N GLU B 855 -22.16 -24.75 -49.82
CA GLU B 855 -23.42 -25.49 -49.91
C GLU B 855 -23.18 -26.97 -50.14
N ARG B 856 -23.62 -27.76 -49.17
CA ARG B 856 -23.64 -29.21 -49.21
C ARG B 856 -22.25 -29.82 -49.28
N LEU B 857 -21.58 -29.69 -48.15
CA LEU B 857 -20.25 -30.19 -48.00
C LEU B 857 -20.38 -31.50 -47.25
N CYS B 858 -19.90 -32.59 -47.83
CA CYS B 858 -19.77 -33.86 -47.12
C CYS B 858 -18.27 -34.14 -46.92
N CYS B 859 -17.88 -34.66 -45.74
CA CYS B 859 -16.45 -34.98 -45.49
C CYS B 859 -16.18 -36.30 -44.78
N TYR B 860 -15.75 -37.32 -45.54
CA TYR B 860 -15.42 -38.64 -44.97
C TYR B 860 -14.17 -38.61 -44.07
N HIS B 861 -13.04 -38.24 -44.64
CA HIS B 861 -11.89 -37.88 -43.81
C HIS B 861 -10.91 -37.07 -44.62
N THR B 862 -9.98 -36.45 -43.92
CA THR B 862 -8.79 -35.87 -44.53
C THR B 862 -7.85 -37.08 -44.73
N PRO B 863 -7.30 -37.28 -45.94
CA PRO B 863 -6.36 -38.41 -46.11
C PRO B 863 -5.01 -38.18 -45.43
N ALA B 864 -4.41 -39.25 -44.93
CA ALA B 864 -3.13 -39.14 -44.21
C ALA B 864 -1.97 -38.98 -45.17
N GLY B 865 -2.16 -39.41 -46.42
CA GLY B 865 -1.20 -39.18 -47.49
C GLY B 865 -1.61 -37.98 -48.31
N GLY B 866 -0.93 -37.79 -49.44
CA GLY B 866 -1.32 -36.79 -50.42
C GLY B 866 -2.82 -36.71 -50.66
N PHE B 867 -3.25 -35.59 -51.25
CA PHE B 867 -4.59 -35.44 -51.80
C PHE B 867 -4.56 -34.38 -52.88
N SER B 868 -5.62 -34.32 -53.65
CA SER B 868 -5.75 -33.36 -54.72
C SER B 868 -7.01 -32.60 -54.44
N VAL B 869 -6.96 -31.30 -54.65
CA VAL B 869 -8.13 -30.45 -54.52
C VAL B 869 -8.51 -30.02 -55.92
N VAL B 870 -9.74 -30.34 -56.31
CA VAL B 870 -10.18 -30.12 -57.67
C VAL B 870 -11.31 -29.09 -57.68
N LEU B 871 -11.10 -28.01 -58.42
CA LEU B 871 -12.12 -27.00 -58.64
C LEU B 871 -12.62 -27.07 -60.08
N SER B 872 -13.93 -27.16 -60.25
CA SER B 872 -14.57 -27.20 -61.58
C SER B 872 -15.93 -26.53 -61.52
N GLY B 873 -16.58 -26.41 -62.68
CA GLY B 873 -17.88 -25.78 -62.77
C GLY B 873 -17.82 -24.37 -62.27
N ILE B 874 -16.79 -23.67 -62.72
CA ILE B 874 -16.50 -22.33 -62.26
C ILE B 874 -17.34 -21.35 -63.04
N GLY B 875 -18.07 -20.47 -62.36
CA GLY B 875 -18.87 -19.44 -63.05
C GLY B 875 -18.84 -18.11 -62.30
N LEU B 876 -19.07 -17.02 -63.04
CA LEU B 876 -19.09 -15.66 -62.52
C LEU B 876 -20.40 -14.95 -62.82
N ASN B 877 -21.01 -14.38 -61.78
CA ASN B 877 -22.28 -13.64 -61.86
C ASN B 877 -22.25 -12.41 -60.93
N ASP B 878 -22.49 -11.22 -61.49
CA ASP B 878 -22.52 -9.95 -60.77
C ASP B 878 -21.21 -9.77 -59.98
N ASN B 879 -21.18 -10.09 -58.69
CA ASN B 879 -19.93 -10.08 -57.91
C ASN B 879 -19.64 -11.41 -57.19
N GLU B 880 -20.11 -12.53 -57.74
CA GLU B 880 -19.95 -13.85 -57.13
C GLU B 880 -19.26 -14.88 -58.05
N LEU B 881 -18.24 -15.54 -57.53
CA LEU B 881 -17.55 -16.58 -58.25
C LEU B 881 -17.88 -17.93 -57.61
N SER B 882 -18.76 -18.70 -58.26
CA SER B 882 -19.21 -20.00 -57.75
C SER B 882 -18.43 -21.15 -58.38
N LEU B 883 -18.34 -22.28 -57.69
CA LEU B 883 -17.59 -23.44 -58.20
C LEU B 883 -17.74 -24.71 -57.36
N SER B 884 -17.33 -25.84 -57.91
CA SER B 884 -17.45 -27.11 -57.20
C SER B 884 -16.11 -27.66 -56.89
N LEU B 885 -16.05 -28.31 -55.76
CA LEU B 885 -14.81 -28.68 -55.21
C LEU B 885 -14.88 -30.14 -54.82
N LEU B 886 -13.75 -30.82 -54.98
CA LEU B 886 -13.62 -32.20 -54.58
C LEU B 886 -12.27 -32.34 -54.00
N VAL B 887 -12.15 -33.23 -53.02
CA VAL B 887 -10.86 -33.60 -52.51
C VAL B 887 -10.69 -35.11 -52.67
N LEU B 888 -9.71 -35.52 -53.47
CA LEU B 888 -9.45 -36.94 -53.65
C LEU B 888 -8.14 -37.30 -52.98
N ASP B 889 -8.03 -38.54 -52.50
CA ASP B 889 -6.75 -39.06 -52.00
C ASP B 889 -5.89 -39.65 -53.14
N GLU B 890 -4.69 -40.13 -52.79
CA GLU B 890 -3.75 -40.73 -53.75
C GLU B 890 -4.26 -41.97 -54.48
N ARG B 891 -5.28 -42.63 -53.93
CA ARG B 891 -5.97 -43.73 -54.63
C ARG B 891 -7.18 -43.19 -55.42
N GLU B 892 -7.36 -41.87 -55.41
CA GLU B 892 -8.47 -41.23 -56.15
C GLU B 892 -9.85 -41.55 -55.55
N GLN B 893 -9.87 -41.93 -54.29
CA GLN B 893 -11.12 -42.04 -53.54
C GLN B 893 -11.48 -40.63 -53.08
N ILE B 894 -12.74 -40.26 -53.33
CA ILE B 894 -13.29 -38.97 -52.92
C ILE B 894 -13.44 -38.92 -51.40
N CYS B 895 -12.75 -37.98 -50.79
CA CYS B 895 -12.73 -37.80 -49.35
C CYS B 895 -13.57 -36.59 -48.92
N VAL B 896 -13.65 -35.58 -49.80
CA VAL B 896 -14.58 -34.45 -49.64
C VAL B 896 -15.27 -34.07 -50.95
N LYS B 897 -16.55 -33.77 -50.83
CA LYS B 897 -17.42 -33.40 -51.95
C LYS B 897 -18.21 -32.18 -51.51
N LEU B 898 -18.19 -31.16 -52.32
CA LEU B 898 -18.73 -29.89 -51.94
C LEU B 898 -19.37 -29.32 -53.16
N ASP B 899 -20.70 -29.24 -53.10
CA ASP B 899 -21.49 -28.94 -54.29
C ASP B 899 -21.21 -27.54 -54.78
N LYS B 900 -21.13 -26.58 -53.88
CA LYS B 900 -20.93 -25.21 -54.33
C LYS B 900 -20.27 -24.32 -53.30
N VAL B 901 -19.14 -23.73 -53.68
CA VAL B 901 -18.55 -22.60 -52.95
C VAL B 901 -18.94 -21.32 -53.69
N SER B 902 -19.46 -20.35 -52.97
CA SER B 902 -19.70 -19.04 -53.53
C SER B 902 -18.65 -18.08 -52.94
N LEU B 903 -17.90 -17.36 -53.81
CA LEU B 903 -16.91 -16.35 -53.39
C LEU B 903 -17.46 -14.97 -53.63
N TYR B 904 -17.11 -14.04 -52.76
CA TYR B 904 -17.44 -12.63 -52.89
C TYR B 904 -16.23 -11.86 -53.42
N LEU B 905 -16.50 -11.14 -54.50
CA LEU B 905 -15.50 -10.30 -55.17
C LEU B 905 -15.75 -8.84 -54.80
N GLY B 906 -14.75 -8.26 -54.14
CA GLY B 906 -14.79 -6.83 -53.81
C GLY B 906 -14.89 -5.91 -55.02
N LYS B 907 -15.07 -4.62 -54.75
CA LYS B 907 -14.98 -3.55 -55.76
C LYS B 907 -13.90 -3.87 -56.78
N GLN B 908 -12.67 -3.94 -56.26
CA GLN B 908 -11.46 -4.07 -57.07
C GLN B 908 -11.39 -5.38 -57.84
N GLU B 909 -11.78 -6.47 -57.20
CA GLU B 909 -11.81 -7.77 -57.85
C GLU B 909 -12.79 -7.82 -59.05
N VAL B 910 -13.95 -7.17 -58.92
CA VAL B 910 -14.96 -7.15 -59.99
C VAL B 910 -14.45 -6.37 -61.19
N ALA B 911 -13.81 -5.24 -60.93
CA ALA B 911 -13.29 -4.38 -62.02
C ALA B 911 -12.07 -5.01 -62.75
N SER B 912 -11.24 -5.73 -62.00
CA SER B 912 -10.01 -6.32 -62.57
C SER B 912 -10.19 -7.71 -63.20
N VAL B 913 -11.17 -8.49 -62.72
CA VAL B 913 -11.29 -9.91 -63.11
C VAL B 913 -11.36 -10.07 -64.62
N ASP B 914 -10.64 -11.05 -65.13
CA ASP B 914 -10.62 -11.33 -66.57
C ASP B 914 -11.84 -12.14 -66.98
N ARG B 915 -12.87 -11.46 -67.48
CA ARG B 915 -14.12 -12.09 -67.94
C ARG B 915 -14.01 -12.97 -69.21
N LYS B 916 -12.90 -12.79 -69.94
CA LYS B 916 -12.59 -13.54 -71.16
C LYS B 916 -12.33 -15.02 -70.90
N HIS B 917 -11.86 -15.33 -69.71
CA HIS B 917 -11.11 -16.54 -69.47
C HIS B 917 -11.87 -17.80 -69.84
N SER B 918 -11.18 -18.76 -70.44
CA SER B 918 -11.84 -19.98 -70.89
C SER B 918 -12.63 -20.63 -69.74
N LEU B 919 -11.98 -20.82 -68.61
CA LEU B 919 -12.63 -21.26 -67.35
C LEU B 919 -14.02 -20.66 -67.10
N LEU B 920 -14.19 -19.38 -67.39
CA LEU B 920 -15.44 -18.71 -67.09
C LEU B 920 -16.57 -19.02 -68.08
N THR B 921 -16.26 -18.89 -69.38
CA THR B 921 -17.22 -19.06 -70.46
C THR B 921 -17.93 -20.43 -70.41
N GLU C 9 12.56 62.03 34.98
CA GLU C 9 11.84 60.74 34.84
C GLU C 9 10.75 60.75 33.74
N LEU C 10 10.55 61.90 33.06
CA LEU C 10 9.27 62.16 32.31
C LEU C 10 9.08 61.43 30.98
N ALA C 11 10.11 61.42 30.15
CA ALA C 11 10.07 60.74 28.86
C ALA C 11 9.77 59.24 28.96
N ASN C 12 9.88 58.69 30.18
CA ASN C 12 9.47 57.33 30.45
C ASN C 12 7.98 57.18 30.70
N TYR C 13 7.29 58.28 30.96
CA TYR C 13 5.87 58.18 31.23
C TYR C 13 5.09 58.48 29.98
N ILE C 14 3.91 57.90 29.94
CA ILE C 14 3.06 57.97 28.79
C ILE C 14 1.79 58.64 29.25
N ALA C 15 1.37 59.67 28.53
CA ALA C 15 0.10 60.36 28.77
C ALA C 15 -1.02 59.69 27.99
N VAL C 16 -2.20 59.60 28.62
CA VAL C 16 -3.44 59.25 27.91
C VAL C 16 -4.13 60.57 27.50
N ILE C 17 -4.30 60.79 26.21
CA ILE C 17 -4.77 62.08 25.74
C ILE C 17 -6.10 62.01 25.02
N GLY C 18 -6.67 60.82 24.95
CA GLY C 18 -7.88 60.61 24.20
C GLY C 18 -8.51 59.31 24.60
N LEU C 19 -9.84 59.30 24.59
CA LEU C 19 -10.59 58.19 25.15
C LEU C 19 -11.89 58.01 24.36
N GLY C 20 -12.23 56.80 23.97
CA GLY C 20 -13.48 56.57 23.26
C GLY C 20 -13.97 55.16 23.39
N GLY C 21 -15.23 54.92 23.02
CA GLY C 21 -15.79 53.58 22.97
C GLY C 21 -17.31 53.46 22.94
N TYR C 22 -17.77 52.25 22.69
CA TYR C 22 -19.18 51.92 22.79
C TYR C 22 -19.29 50.92 23.91
N TYR C 23 -20.16 51.18 24.88
CA TYR C 23 -20.34 50.29 26.02
C TYR C 23 -21.84 50.10 26.26
N PRO C 24 -22.26 48.93 26.76
CA PRO C 24 -23.69 48.69 26.96
C PRO C 24 -24.35 49.69 27.93
N GLY C 25 -25.55 50.12 27.59
CA GLY C 25 -26.34 51.00 28.45
C GLY C 25 -25.98 52.48 28.35
N ALA C 26 -25.14 52.85 27.39
CA ALA C 26 -24.62 54.21 27.35
C ALA C 26 -24.41 54.62 25.91
N ASP C 27 -24.83 55.84 25.55
CA ASP C 27 -24.63 56.40 24.19
C ASP C 27 -23.39 57.30 24.08
N SER C 28 -22.63 57.41 25.16
CA SER C 28 -21.47 58.28 25.21
C SER C 28 -20.64 57.85 26.38
N ILE C 29 -19.40 58.33 26.41
CA ILE C 29 -18.53 58.02 27.52
C ILE C 29 -19.03 58.66 28.82
N ASP C 30 -19.48 59.90 28.81
CA ASP C 30 -19.98 60.51 30.06
C ASP C 30 -21.22 59.78 30.60
N GLU C 31 -22.06 59.23 29.73
CA GLU C 31 -23.18 58.41 30.20
C GLU C 31 -22.67 57.12 30.87
N LEU C 32 -21.62 56.52 30.33
CA LEU C 32 -21.02 55.36 30.97
C LEU C 32 -20.69 55.72 32.43
N TRP C 33 -19.97 56.83 32.59
CA TRP C 33 -19.64 57.34 33.92
C TRP C 33 -20.85 57.51 34.84
N GLN C 34 -21.94 58.05 34.31
CA GLN C 34 -23.12 58.27 35.16
C GLN C 34 -23.62 56.91 35.62
N ASN C 35 -23.60 55.94 34.71
CA ASN C 35 -23.99 54.57 35.08
C ASN C 35 -23.09 53.98 36.17
N LEU C 36 -21.78 54.19 36.05
CA LEU C 36 -20.84 53.71 37.05
C LEU C 36 -21.04 54.41 38.36
N ALA C 37 -21.03 55.74 38.33
CA ALA C 37 -21.29 56.53 39.52
C ALA C 37 -22.58 56.13 40.25
N ASN C 38 -23.61 55.75 39.50
CA ASN C 38 -24.91 55.37 40.10
C ASN C 38 -25.12 53.88 40.39
N GLY C 39 -24.05 53.09 40.32
CA GLY C 39 -24.16 51.65 40.63
C GLY C 39 -25.15 50.96 39.73
N VAL C 40 -25.13 51.31 38.43
CA VAL C 40 -26.04 50.71 37.46
C VAL C 40 -25.52 49.38 36.92
N ASP C 41 -26.42 48.40 36.94
CA ASP C 41 -26.22 47.08 36.40
C ASP C 41 -26.62 47.14 34.94
N CYS C 42 -25.65 47.02 34.04
CA CYS C 42 -25.89 47.21 32.59
C CYS C 42 -26.07 45.88 31.81
N MET C 43 -26.22 44.78 32.55
CA MET C 43 -26.47 43.46 31.96
C MET C 43 -27.90 43.39 31.41
N SER C 44 -28.15 42.54 30.43
CA SER C 44 -29.52 42.37 29.92
C SER C 44 -29.67 41.07 29.18
N ASP C 45 -30.91 40.74 28.82
CA ASP C 45 -31.19 39.51 28.11
C ASP C 45 -30.56 39.55 26.72
N PHE C 46 -30.32 38.39 26.14
CA PHE C 46 -29.90 38.33 24.77
C PHE C 46 -31.01 38.93 23.90
N PRO C 47 -30.68 39.99 23.14
CA PRO C 47 -31.70 40.75 22.44
C PRO C 47 -32.40 39.98 21.35
N ALA C 48 -33.71 40.18 21.28
CA ALA C 48 -34.61 39.53 20.33
C ALA C 48 -34.35 39.91 18.88
N ASP C 49 -33.78 41.10 18.69
CA ASP C 49 -33.48 41.56 17.34
C ASP C 49 -32.24 40.89 16.72
N ARG C 50 -31.48 40.11 17.50
CA ARG C 50 -30.39 39.30 16.92
C ARG C 50 -30.84 37.86 16.72
N TRP C 51 -31.26 37.23 17.79
CA TRP C 51 -31.82 35.90 17.70
C TRP C 51 -32.67 35.68 18.94
N ASP C 52 -33.46 34.62 18.88
CA ASP C 52 -34.38 34.28 19.95
C ASP C 52 -33.66 33.26 20.84
N HIS C 53 -33.15 33.73 21.97
CA HIS C 53 -32.22 32.96 22.79
C HIS C 53 -32.85 31.73 23.36
N SER C 54 -34.18 31.73 23.49
CA SER C 54 -34.87 30.60 24.06
C SER C 54 -34.72 29.35 23.15
N LYS C 55 -34.47 29.57 21.86
CA LYS C 55 -34.31 28.47 20.93
C LYS C 55 -32.95 27.80 21.05
N ILE C 56 -31.96 28.46 21.68
CA ILE C 56 -30.62 27.85 21.83
C ILE C 56 -30.11 27.74 23.27
N TYR C 57 -30.88 28.27 24.25
CA TYR C 57 -30.54 28.14 25.63
C TYR C 57 -30.84 26.73 26.19
N TYR C 58 -29.92 26.24 27.03
CA TYR C 58 -30.17 25.07 27.87
C TYR C 58 -29.35 25.24 29.15
N LYS C 59 -29.84 24.68 30.25
CA LYS C 59 -29.35 25.03 31.59
C LYS C 59 -27.99 24.48 31.94
N ASN C 60 -27.57 23.42 31.26
CA ASN C 60 -26.26 22.86 31.51
C ASN C 60 -25.55 22.46 30.21
N ARG C 61 -24.32 21.97 30.31
CA ARG C 61 -23.57 21.73 29.09
C ARG C 61 -23.74 20.34 28.51
N LYS C 62 -24.59 19.53 29.12
CA LYS C 62 -24.78 18.15 28.62
C LYS C 62 -25.44 18.10 27.27
N VAL C 63 -26.25 19.09 26.91
CA VAL C 63 -26.85 19.10 25.54
C VAL C 63 -25.94 19.86 24.54
N LEU C 64 -25.19 19.10 23.76
CA LEU C 64 -24.27 19.67 22.77
C LEU C 64 -25.08 20.45 21.74
N GLY C 65 -24.63 21.68 21.45
CA GLY C 65 -25.25 22.52 20.43
C GLY C 65 -26.02 23.71 21.00
N LYS C 66 -26.44 23.61 22.26
CA LYS C 66 -27.10 24.67 22.97
C LYS C 66 -26.05 25.50 23.71
N THR C 67 -26.49 26.62 24.28
CA THR C 67 -25.61 27.43 25.16
C THR C 67 -26.16 27.60 26.58
N THR C 68 -25.28 27.58 27.56
CA THR C 68 -25.64 27.79 28.97
C THR C 68 -25.62 29.25 29.42
N CYS C 69 -25.18 30.14 28.54
CA CYS C 69 -25.08 31.56 28.86
C CYS C 69 -26.48 32.12 29.06
N ILE C 70 -26.77 32.64 30.24
CA ILE C 70 -28.10 33.06 30.58
C ILE C 70 -28.37 34.43 29.99
N ASN C 71 -27.42 35.34 30.18
CA ASN C 71 -27.56 36.67 29.62
C ASN C 71 -26.18 37.23 29.33
N GLY C 72 -26.11 38.54 29.08
CA GLY C 72 -24.82 39.20 28.90
C GLY C 72 -25.03 40.68 28.98
N SER C 73 -24.16 41.44 28.28
CA SER C 73 -24.33 42.88 28.06
C SER C 73 -24.11 43.18 26.58
N PHE C 74 -24.79 44.21 26.09
CA PHE C 74 -24.88 44.42 24.63
C PHE C 74 -24.88 45.88 24.25
N ILE C 75 -24.21 46.19 23.15
CA ILE C 75 -24.19 47.55 22.62
C ILE C 75 -25.25 47.61 21.56
N LYS C 76 -25.70 48.84 21.31
CA LYS C 76 -26.69 49.09 20.30
C LYS C 76 -26.01 49.09 18.97
N ASP C 77 -26.81 48.78 17.95
CA ASP C 77 -26.50 49.09 16.60
C ASP C 77 -25.25 48.40 16.12
N VAL C 78 -25.15 47.14 16.50
CA VAL C 78 -24.02 46.31 16.14
C VAL C 78 -23.90 46.17 14.63
N ASP C 79 -25.05 46.27 13.93
CA ASP C 79 -25.15 46.11 12.46
C ASP C 79 -25.04 47.40 11.65
N LYS C 80 -24.96 48.54 12.32
CA LYS C 80 -25.01 49.81 11.60
C LYS C 80 -23.59 50.24 11.31
N PHE C 81 -23.37 50.84 10.15
CA PHE C 81 -22.03 51.33 9.77
C PHE C 81 -22.13 52.42 8.71
N ASP C 82 -21.39 53.50 8.91
CA ASP C 82 -21.45 54.65 8.01
C ASP C 82 -20.48 54.42 6.83
N TYR C 83 -20.91 53.58 5.89
CA TYR C 83 -20.02 53.12 4.85
C TYR C 83 -19.55 54.25 3.99
N SER C 84 -20.43 55.22 3.82
CA SER C 84 -20.21 56.39 3.02
C SER C 84 -19.12 57.26 3.61
N TYR C 85 -19.22 57.51 4.90
CA TYR C 85 -18.26 58.31 5.60
C TYR C 85 -16.87 57.71 5.39
N PHE C 86 -16.78 56.39 5.38
CA PHE C 86 -15.48 55.77 5.25
C PHE C 86 -15.12 55.42 3.80
N LYS C 87 -15.88 56.00 2.86
CA LYS C 87 -15.50 55.98 1.44
C LYS C 87 -15.29 54.56 0.98
N MET C 88 -16.33 53.78 1.20
CA MET C 88 -16.32 52.37 0.96
C MET C 88 -17.70 51.99 0.40
N PRO C 89 -17.71 51.16 -0.67
CA PRO C 89 -19.01 50.74 -1.24
C PRO C 89 -19.83 49.89 -0.27
N LYS C 90 -21.15 50.04 -0.29
CA LYS C 90 -21.98 49.35 0.67
C LYS C 90 -21.84 47.80 0.63
N VAL C 91 -21.82 47.21 -0.56
CA VAL C 91 -21.66 45.76 -0.66
C VAL C 91 -20.40 45.29 0.06
N TYR C 92 -19.36 46.12 0.07
CA TYR C 92 -18.12 45.80 0.76
C TYR C 92 -18.30 45.85 2.30
N ALA C 93 -19.00 46.87 2.78
CA ALA C 93 -19.31 46.94 4.18
C ALA C 93 -20.16 45.78 4.64
N ASP C 94 -21.09 45.33 3.80
CA ASP C 94 -21.99 44.21 4.13
C ASP C 94 -21.22 42.90 4.35
N HIS C 95 -20.08 42.75 3.70
CA HIS C 95 -19.21 41.56 3.86
C HIS C 95 -18.09 41.69 4.92
N MET C 96 -17.93 42.87 5.46
CA MET C 96 -16.85 43.17 6.38
C MET C 96 -17.25 42.84 7.85
N SER C 97 -16.31 42.30 8.64
CA SER C 97 -16.57 42.05 10.08
C SER C 97 -17.02 43.35 10.74
N PRO C 98 -18.04 43.27 11.63
CA PRO C 98 -18.36 44.40 12.49
C PRO C 98 -17.22 44.82 13.41
N GLU C 99 -16.32 43.91 13.70
CA GLU C 99 -15.19 44.24 14.49
C GLU C 99 -14.39 45.38 13.80
N VAL C 100 -14.20 45.30 12.49
CA VAL C 100 -13.44 46.32 11.73
C VAL C 100 -14.24 47.61 11.67
N ARG C 101 -15.49 47.46 11.25
CA ARG C 101 -16.41 48.56 11.03
C ARG C 101 -16.61 49.43 12.25
N LEU C 102 -16.90 48.77 13.36
CA LEU C 102 -17.25 49.47 14.58
C LEU C 102 -16.01 50.02 15.24
N PHE C 103 -14.90 49.33 15.13
CA PHE C 103 -13.67 49.90 15.65
C PHE C 103 -13.20 51.12 14.83
N LEU C 104 -13.55 51.15 13.55
CA LEU C 104 -13.26 52.30 12.72
C LEU C 104 -13.98 53.55 13.30
N GLN C 105 -15.27 53.42 13.58
CA GLN C 105 -16.04 54.53 14.21
C GLN C 105 -15.46 54.95 15.57
N VAL C 106 -15.10 53.96 16.40
CA VAL C 106 -14.52 54.24 17.71
C VAL C 106 -13.15 54.92 17.56
N ALA C 107 -12.38 54.53 16.55
CA ALA C 107 -11.11 55.20 16.29
C ALA C 107 -11.33 56.69 15.98
N VAL C 108 -12.36 56.98 15.19
CA VAL C 108 -12.66 58.37 14.84
C VAL C 108 -12.97 59.11 16.14
N HIS C 109 -13.81 58.51 16.98
CA HIS C 109 -14.20 59.18 18.24
C HIS C 109 -12.99 59.46 19.11
N THR C 110 -12.06 58.51 19.14
CA THR C 110 -10.96 58.60 20.09
C THR C 110 -9.96 59.66 19.59
N PHE C 111 -9.69 59.65 18.30
CA PHE C 111 -8.86 60.71 17.71
C PHE C 111 -9.51 62.07 17.90
N GLU C 112 -10.83 62.16 17.73
CA GLU C 112 -11.49 63.46 17.84
C GLU C 112 -11.54 63.89 19.27
N ASP C 113 -11.80 62.94 20.18
CA ASP C 113 -11.84 63.26 21.61
C ASP C 113 -10.56 63.96 22.07
N ALA C 114 -9.44 63.49 21.49
CA ALA C 114 -8.09 63.99 21.76
C ALA C 114 -7.81 65.30 21.07
N GLY C 115 -8.66 65.67 20.12
CA GLY C 115 -8.45 66.88 19.32
C GLY C 115 -7.52 66.71 18.13
N TYR C 116 -7.63 65.57 17.45
CA TYR C 116 -6.80 65.27 16.31
C TYR C 116 -7.67 64.75 15.16
N SER C 117 -8.02 65.70 14.29
CA SER C 117 -8.53 65.40 12.97
C SER C 117 -7.48 64.64 12.15
N LYS C 118 -7.95 63.95 11.11
CA LYS C 118 -7.06 63.34 10.14
C LYS C 118 -6.05 64.36 9.63
N GLU C 119 -6.55 65.55 9.30
CA GLU C 119 -5.74 66.56 8.66
C GLU C 119 -4.62 67.01 9.62
N THR C 120 -4.94 67.11 10.90
CA THR C 120 -3.94 67.51 11.90
C THR C 120 -2.91 66.43 12.17
N LEU C 121 -3.33 65.17 12.15
CA LEU C 121 -2.39 64.07 12.31
C LEU C 121 -1.40 64.09 11.15
N LEU C 122 -1.87 64.42 9.95
CA LEU C 122 -0.95 64.60 8.83
C LEU C 122 -0.04 65.81 9.03
N SER C 123 -0.58 67.00 9.33
CA SER C 123 0.28 68.19 9.53
C SER C 123 1.35 68.01 10.58
N ARG C 124 0.95 67.46 11.72
CA ARG C 124 1.82 67.37 12.86
C ARG C 124 2.84 66.27 12.74
N TYR C 125 2.41 65.08 12.30
CA TYR C 125 3.26 63.87 12.38
C TYR C 125 3.49 63.15 11.07
N ASN C 126 2.92 63.68 10.00
CA ASN C 126 2.99 63.03 8.70
C ASN C 126 2.48 61.57 8.79
N GLY C 127 1.45 61.37 9.61
CA GLY C 127 0.83 60.07 9.77
C GLY C 127 1.57 59.09 10.67
N ASP C 128 2.58 59.56 11.41
CA ASP C 128 3.42 58.65 12.20
C ASP C 128 2.81 58.28 13.53
N VAL C 129 1.80 57.42 13.43
CA VAL C 129 0.93 57.03 14.53
C VAL C 129 0.64 55.55 14.38
N GLY C 130 0.67 54.83 15.51
CA GLY C 130 0.45 53.40 15.52
C GLY C 130 -0.99 53.05 15.91
N VAL C 131 -1.41 51.83 15.57
CA VAL C 131 -2.71 51.30 15.95
C VAL C 131 -2.53 49.84 16.39
N LEU C 132 -2.95 49.57 17.61
CA LEU C 132 -2.74 48.28 18.28
C LEU C 132 -4.01 47.86 18.97
N LEU C 133 -4.57 46.73 18.57
CA LEU C 133 -5.74 46.20 19.23
C LEU C 133 -5.83 44.67 19.13
N GLY C 134 -6.73 44.12 19.94
CA GLY C 134 -7.04 42.68 19.92
C GLY C 134 -8.52 42.44 20.11
N THR C 135 -8.95 41.28 19.65
CA THR C 135 -10.25 40.70 20.01
C THR C 135 -10.12 39.20 20.09
N MET C 136 -10.92 38.62 20.97
CA MET C 136 -10.99 37.16 21.08
C MET C 136 -12.04 36.55 20.14
N SER C 137 -12.81 37.36 19.45
CA SER C 137 -13.69 36.76 18.46
C SER C 137 -13.90 37.63 17.24
N ASN C 138 -14.31 36.94 16.19
CA ASN C 138 -14.47 37.54 14.91
C ASN C 138 -15.23 36.52 14.11
N ASP C 139 -16.53 36.46 14.35
CA ASP C 139 -17.29 35.34 13.85
C ASP C 139 -18.12 35.59 12.59
N TYR C 140 -17.93 36.76 11.97
CA TYR C 140 -18.77 37.18 10.85
C TYR C 140 -18.57 36.26 9.65
N HIS C 141 -17.43 35.61 9.59
CA HIS C 141 -17.14 34.64 8.53
C HIS C 141 -18.08 33.44 8.46
N TYR C 142 -18.74 33.09 9.56
CA TYR C 142 -19.78 32.03 9.52
C TYR C 142 -21.01 32.32 8.64
N TYR C 143 -21.29 33.58 8.36
CA TYR C 143 -22.45 33.89 7.51
C TYR C 143 -22.18 33.35 6.12
N GLY C 144 -21.05 33.73 5.53
CA GLY C 144 -20.66 33.21 4.25
C GLY C 144 -20.34 31.72 4.17
N PHE C 145 -19.74 31.21 5.25
CA PHE C 145 -19.44 29.81 5.33
C PHE C 145 -20.74 29.00 5.33
N GLU C 146 -21.68 29.40 6.17
CA GLU C 146 -23.00 28.71 6.26
C GLU C 146 -23.72 28.77 4.94
N SER C 147 -23.75 29.95 4.32
CA SER C 147 -24.41 30.07 3.04
C SER C 147 -23.79 29.12 2.01
N ASN C 148 -22.45 29.04 2.04
CA ASN C 148 -21.74 28.12 1.15
C ASN C 148 -21.97 26.63 1.41
N VAL C 149 -22.24 26.25 2.64
CA VAL C 149 -22.69 24.88 2.93
C VAL C 149 -23.97 24.58 2.11
N PHE C 150 -24.78 25.60 1.85
CA PHE C 150 -26.08 25.40 1.14
C PHE C 150 -25.97 25.67 -0.37
N ARG C 151 -25.29 26.76 -0.72
CA ARG C 151 -25.17 27.17 -2.12
C ARG C 151 -23.95 28.04 -2.33
N GLY C 152 -23.61 28.20 -3.61
CA GLY C 152 -22.46 29.01 -4.00
C GLY C 152 -22.69 30.43 -3.53
N SER C 153 -21.78 30.93 -2.70
CA SER C 153 -21.97 32.21 -2.03
C SER C 153 -20.71 33.00 -1.89
N MET C 154 -20.88 34.30 -1.70
CA MET C 154 -19.75 35.13 -1.26
C MET C 154 -19.29 34.78 0.15
N ALA C 155 -17.98 34.71 0.35
CA ALA C 155 -17.44 34.61 1.67
C ALA C 155 -17.71 35.90 2.43
N SER C 156 -17.71 35.83 3.74
CA SER C 156 -17.82 37.00 4.59
C SER C 156 -16.72 37.11 5.65
N GLY C 157 -16.60 38.31 6.20
CA GLY C 157 -15.74 38.57 7.36
C GLY C 157 -14.38 39.07 6.94
N SER C 158 -13.60 39.56 7.90
CA SER C 158 -12.30 40.17 7.62
C SER C 158 -11.25 39.46 8.50
N GLY C 159 -10.02 39.33 8.01
CA GLY C 159 -8.93 38.87 8.83
C GLY C 159 -8.70 39.78 10.03
N MET C 160 -8.14 39.24 11.11
CA MET C 160 -7.89 39.99 12.32
C MET C 160 -7.04 41.22 12.07
N ALA C 161 -5.99 41.10 11.27
CA ALA C 161 -5.08 42.22 11.02
C ALA C 161 -5.77 43.39 10.25
N THR C 162 -6.89 43.11 9.60
CA THR C 162 -7.67 44.09 8.88
C THR C 162 -8.26 45.12 9.83
N ILE C 163 -8.44 44.74 11.08
CA ILE C 163 -9.04 45.66 12.02
C ILE C 163 -8.15 46.91 12.22
N PRO C 164 -6.91 46.73 12.70
CA PRO C 164 -6.07 47.88 12.86
C PRO C 164 -5.65 48.50 11.54
N MET C 165 -5.52 47.68 10.50
CA MET C 165 -4.95 48.20 9.27
C MET C 165 -5.91 49.03 8.47
N THR C 166 -7.21 48.74 8.62
CA THR C 166 -8.24 49.55 8.00
C THR C 166 -8.27 50.95 8.69
N VAL C 167 -8.12 51.00 10.00
CA VAL C 167 -7.96 52.31 10.64
C VAL C 167 -6.74 53.07 10.07
N SER C 168 -5.63 52.38 9.94
CA SER C 168 -4.40 53.03 9.49
C SER C 168 -4.53 53.45 7.97
N TYR C 169 -5.25 52.65 7.19
CA TYR C 169 -5.55 52.98 5.81
C TYR C 169 -6.39 54.28 5.73
N PHE C 170 -7.50 54.32 6.44
CA PHE C 170 -8.40 55.48 6.37
C PHE C 170 -7.71 56.76 6.86
N TYR C 171 -6.88 56.65 7.87
CA TYR C 171 -6.18 57.80 8.40
C TYR C 171 -4.82 58.10 7.74
N GLY C 172 -4.34 57.27 6.81
CA GLY C 172 -3.02 57.55 6.21
C GLY C 172 -1.90 57.41 7.22
N LEU C 173 -1.97 56.42 8.10
CA LEU C 173 -0.95 56.27 9.12
C LEU C 173 0.19 55.36 8.69
N THR C 174 1.40 55.73 9.12
CA THR C 174 2.64 55.05 8.75
C THR C 174 3.31 54.33 9.93
N GLY C 175 2.81 54.55 11.13
CA GLY C 175 3.30 53.83 12.30
C GLY C 175 2.79 52.39 12.35
N PRO C 176 3.31 51.62 13.31
CA PRO C 176 2.99 50.19 13.44
C PRO C 176 1.50 49.93 13.64
N SER C 177 0.95 49.03 12.85
CA SER C 177 -0.45 48.71 12.84
C SER C 177 -0.52 47.18 13.06
N LEU C 178 -0.90 46.77 14.27
CA LEU C 178 -0.80 45.40 14.70
C LEU C 178 -2.07 44.97 15.38
N PHE C 179 -2.39 43.71 15.16
CA PHE C 179 -3.38 42.98 15.90
C PHE C 179 -2.62 42.11 16.89
N ILE C 180 -2.93 42.25 18.19
CA ILE C 180 -2.28 41.45 19.23
C ILE C 180 -3.34 40.76 20.08
N ASP C 181 -3.23 39.43 20.20
CA ASP C 181 -4.14 38.60 21.01
C ASP C 181 -3.38 37.96 22.17
N THR C 182 -3.80 38.28 23.40
CA THR C 182 -3.35 37.54 24.57
C THR C 182 -4.55 37.22 25.42
N MET C 183 -5.59 36.75 24.75
CA MET C 183 -6.86 36.44 25.36
C MET C 183 -7.38 37.67 26.14
N CYS C 184 -7.78 37.48 27.40
CA CYS C 184 -8.48 38.49 28.15
C CYS C 184 -7.59 39.72 28.41
N SER C 185 -6.28 39.55 28.37
CA SER C 185 -5.40 40.69 28.61
C SER C 185 -5.00 41.43 27.32
N SER C 186 -5.67 41.14 26.22
CA SER C 186 -5.28 41.69 24.91
C SER C 186 -5.19 43.19 24.85
N SER C 187 -6.26 43.87 25.23
CA SER C 187 -6.26 45.34 25.18
C SER C 187 -5.15 45.90 26.07
N SER C 188 -4.91 45.32 27.24
CA SER C 188 -3.81 45.77 28.15
C SER C 188 -2.40 45.51 27.55
N THR C 189 -2.25 44.38 26.87
CA THR C 189 -1.00 44.08 26.16
C THR C 189 -0.70 45.13 25.08
N CYS C 190 -1.76 45.54 24.40
CA CYS C 190 -1.70 46.57 23.38
C CYS C 190 -1.30 47.88 23.99
N ILE C 191 -1.93 48.21 25.11
CA ILE C 191 -1.57 49.45 25.82
C ILE C 191 -0.14 49.40 26.31
N HIS C 192 0.28 48.25 26.81
CA HIS C 192 1.65 48.11 27.33
C HIS C 192 2.71 48.19 26.22
N THR C 193 2.43 47.50 25.14
CA THR C 193 3.28 47.54 23.98
C THR C 193 3.35 48.96 23.42
N ALA C 194 2.20 49.59 23.29
CA ALA C 194 2.18 50.97 22.87
C ALA C 194 3.13 51.82 23.73
N CYS C 195 3.10 51.62 25.05
CA CYS C 195 3.96 52.39 25.92
C CYS C 195 5.44 52.20 25.59
N GLN C 196 5.87 50.97 25.29
CA GLN C 196 7.27 50.73 24.91
C GLN C 196 7.60 51.43 23.59
N MET C 197 6.75 51.26 22.59
CA MET C 197 6.97 51.96 21.33
C MET C 197 7.17 53.46 21.51
N LEU C 198 6.40 54.08 22.39
CA LEU C 198 6.43 55.53 22.54
C LEU C 198 7.70 55.95 23.32
N LYS C 199 7.96 55.26 24.43
CA LYS C 199 9.21 55.44 25.19
C LYS C 199 10.42 55.46 24.31
N HIS C 200 10.56 54.49 23.40
CA HIS C 200 11.76 54.38 22.56
C HIS C 200 11.64 55.14 21.22
N ASP C 201 10.63 55.99 21.10
CA ASP C 201 10.48 56.90 19.95
C ASP C 201 10.24 56.14 18.65
N GLU C 202 9.70 54.94 18.74
CA GLU C 202 9.35 54.19 17.54
C GLU C 202 8.24 54.88 16.73
N THR C 203 7.39 55.69 17.35
CA THR C 203 6.30 56.37 16.65
C THR C 203 5.83 57.49 17.59
N LYS C 204 4.99 58.39 17.11
CA LYS C 204 4.67 59.62 17.84
C LYS C 204 3.46 59.48 18.74
N MET C 205 2.53 58.66 18.32
CA MET C 205 1.35 58.39 19.10
C MET C 205 0.87 56.99 18.76
N VAL C 206 0.12 56.39 19.68
CA VAL C 206 -0.53 55.13 19.42
C VAL C 206 -1.99 55.10 19.89
N LEU C 207 -2.86 54.61 19.01
CA LEU C 207 -4.23 54.27 19.33
C LEU C 207 -4.25 52.80 19.75
N ALA C 208 -4.57 52.56 21.02
CA ALA C 208 -4.53 51.22 21.58
C ALA C 208 -5.91 50.84 22.11
N GLY C 209 -6.34 49.61 21.84
CA GLY C 209 -7.60 49.17 22.43
C GLY C 209 -7.99 47.74 22.21
N GLY C 210 -9.29 47.49 22.23
CA GLY C 210 -9.79 46.16 22.06
C GLY C 210 -11.29 46.11 21.94
N LEU C 211 -11.80 44.95 21.57
CA LEU C 211 -13.23 44.73 21.51
C LEU C 211 -13.67 43.31 21.81
N ASN C 212 -14.96 43.19 22.12
CA ASN C 212 -15.65 41.94 22.16
C ASN C 212 -17.12 42.07 21.70
N LEU C 213 -17.53 41.22 20.77
CA LEU C 213 -18.90 41.22 20.27
C LEU C 213 -19.50 39.80 20.26
N MET C 214 -20.83 39.74 20.24
CA MET C 214 -21.60 38.51 20.22
C MET C 214 -22.78 38.67 19.27
N TYR C 215 -22.55 38.81 17.98
CA TYR C 215 -23.66 39.04 17.05
C TYR C 215 -24.08 37.75 16.38
N HIS C 216 -23.29 36.69 16.50
CA HIS C 216 -23.64 35.39 15.94
C HIS C 216 -24.02 34.40 17.07
N PRO C 217 -25.13 33.70 16.94
CA PRO C 217 -25.48 32.82 18.09
C PRO C 217 -24.41 31.78 18.42
N TYR C 218 -23.74 31.27 17.40
CA TYR C 218 -22.68 30.31 17.62
C TYR C 218 -21.62 30.82 18.57
N THR C 219 -21.46 32.12 18.62
CA THR C 219 -20.42 32.68 19.48
C THR C 219 -20.72 32.23 20.94
N THR C 220 -22.00 32.17 21.31
CA THR C 220 -22.39 31.79 22.67
C THR C 220 -22.33 30.25 22.90
N VAL C 221 -22.48 29.50 21.82
CA VAL C 221 -22.37 28.06 21.89
C VAL C 221 -20.90 27.72 22.12
N ASN C 222 -20.03 28.37 21.36
CA ASN C 222 -18.59 28.15 21.53
C ASN C 222 -18.13 28.58 22.91
N THR C 223 -18.55 29.76 23.36
CA THR C 223 -18.26 30.24 24.71
C THR C 223 -18.72 29.23 25.80
N SER C 224 -19.96 28.77 25.69
CA SER C 224 -20.48 27.82 26.63
C SER C 224 -19.59 26.59 26.71
N GLN C 225 -19.20 26.07 25.54
CA GLN C 225 -18.41 24.86 25.51
C GLN C 225 -17.03 25.11 26.05
N GLY C 226 -16.55 26.36 26.09
CA GLY C 226 -15.26 26.65 26.75
C GLY C 226 -15.34 26.48 28.27
N ASN C 227 -16.56 26.34 28.83
CA ASN C 227 -16.68 25.97 30.25
C ASN C 227 -15.98 26.94 31.24
N PHE C 228 -16.24 28.24 31.13
CA PHE C 228 -15.66 29.21 32.07
C PHE C 228 -16.66 30.30 32.43
N THR C 229 -17.89 30.19 31.94
CA THR C 229 -18.95 31.13 32.26
C THR C 229 -19.94 30.45 33.20
N SER C 230 -20.71 31.26 33.94
CA SER C 230 -21.64 30.76 34.94
C SER C 230 -22.91 30.25 34.26
N ILE C 231 -23.44 29.15 34.79
CA ILE C 231 -24.74 28.60 34.34
C ILE C 231 -25.82 28.95 35.32
N THR C 232 -25.51 29.73 36.36
CA THR C 232 -26.55 30.15 37.33
C THR C 232 -26.74 31.66 37.46
N SER C 233 -25.66 32.42 37.36
CA SER C 233 -25.67 33.86 37.58
C SER C 233 -26.00 34.71 36.34
N GLU C 234 -26.60 35.87 36.62
CA GLU C 234 -26.86 36.91 35.62
C GLU C 234 -26.01 38.15 35.82
N SER C 235 -25.01 38.04 36.69
CA SER C 235 -24.12 39.15 37.01
C SER C 235 -22.71 38.65 37.26
N VAL C 236 -21.74 39.53 37.11
CA VAL C 236 -20.36 39.23 37.53
C VAL C 236 -20.21 39.83 38.91
N ASN C 237 -20.08 38.96 39.91
CA ASN C 237 -20.05 39.40 41.29
C ASN C 237 -18.62 39.57 41.69
N SER C 238 -18.02 40.62 41.18
CA SER C 238 -16.62 40.92 41.43
C SER C 238 -16.37 41.06 42.92
N TYR C 239 -15.63 40.07 43.44
CA TYR C 239 -15.21 39.99 44.85
C TYR C 239 -16.41 39.75 45.74
N GLY C 240 -17.54 39.38 45.16
CA GLY C 240 -18.71 39.04 45.96
C GLY C 240 -18.89 37.53 46.02
N VAL C 241 -20.15 37.09 46.09
CA VAL C 241 -20.42 35.67 46.08
C VAL C 241 -19.91 35.08 44.76
N GLY C 242 -18.70 34.50 44.79
CA GLY C 242 -18.03 34.06 43.56
C GLY C 242 -18.94 33.07 42.88
N ALA C 243 -18.95 33.04 41.56
CA ALA C 243 -19.84 32.12 40.87
C ALA C 243 -19.01 30.97 40.38
N ASP C 244 -19.67 30.00 39.76
CA ASP C 244 -18.98 28.95 39.00
C ASP C 244 -18.11 29.59 37.93
N GLY C 245 -18.60 30.68 37.35
CA GLY C 245 -17.88 31.38 36.26
C GLY C 245 -18.34 32.82 36.02
N THR C 246 -17.70 33.45 35.04
CA THR C 246 -17.92 34.86 34.72
C THR C 246 -19.11 35.00 33.77
N VAL C 247 -19.38 36.21 33.33
CA VAL C 247 -20.47 36.40 32.34
C VAL C 247 -19.89 37.32 31.30
N ILE C 248 -20.12 36.99 30.03
CA ILE C 248 -19.47 37.72 28.96
C ILE C 248 -20.28 38.94 28.60
N GLY C 249 -19.57 40.04 28.34
CA GLY C 249 -20.20 41.28 27.91
C GLY C 249 -19.61 41.79 26.62
N GLU C 250 -20.31 42.75 26.01
CA GLU C 250 -19.86 43.40 24.78
C GLU C 250 -19.25 44.76 25.10
N GLY C 251 -18.24 45.14 24.32
CA GLY C 251 -17.81 46.51 24.26
C GLY C 251 -16.68 46.74 23.28
N ILE C 252 -16.42 48.02 23.03
CA ILE C 252 -15.35 48.43 22.15
C ILE C 252 -14.70 49.64 22.78
N GLY C 253 -13.38 49.61 22.95
CA GLY C 253 -12.70 50.71 23.59
C GLY C 253 -11.38 51.05 22.97
N ALA C 254 -11.01 52.34 23.03
CA ALA C 254 -9.66 52.79 22.67
C ALA C 254 -9.20 53.99 23.47
N VAL C 255 -7.87 54.08 23.61
CA VAL C 255 -7.24 55.30 24.10
C VAL C 255 -6.22 55.74 23.09
N LEU C 256 -5.94 57.04 23.07
CA LEU C 256 -4.82 57.57 22.29
C LEU C 256 -3.69 57.90 23.27
N LEU C 257 -2.50 57.38 23.00
CA LEU C 257 -1.34 57.51 23.89
C LEU C 257 -0.21 58.29 23.22
N LYS C 258 0.47 59.07 24.05
CA LYS C 258 1.58 59.93 23.60
C LYS C 258 2.51 60.02 24.76
N ARG C 259 3.80 60.14 24.46
CA ARG C 259 4.79 60.27 25.50
C ARG C 259 4.50 61.53 26.30
N LEU C 260 4.71 61.48 27.61
CA LEU C 260 4.30 62.57 28.49
C LEU C 260 4.89 63.95 28.18
N ASP C 261 6.21 64.02 27.96
CA ASP C 261 6.82 65.31 27.62
C ASP C 261 6.16 65.96 26.40
N ARG C 262 5.99 65.20 25.32
CA ARG C 262 5.35 65.74 24.13
C ARG C 262 3.89 66.16 24.36
N ALA C 263 3.20 65.44 25.24
CA ALA C 263 1.80 65.72 25.55
C ALA C 263 1.67 67.05 26.28
N ILE C 264 2.64 67.31 27.15
CA ILE C 264 2.74 68.56 27.85
C ILE C 264 3.02 69.68 26.85
N ALA C 265 3.99 69.49 25.96
CA ALA C 265 4.37 70.55 25.03
C ALA C 265 3.26 70.87 24.04
N ASP C 266 2.52 69.86 23.62
CA ASP C 266 1.44 70.04 22.66
C ASP C 266 0.15 70.51 23.31
N ARG C 267 0.13 70.56 24.63
CA ARG C 267 -1.06 71.00 25.35
C ARG C 267 -2.30 70.18 24.99
N ASP C 268 -2.16 68.86 25.11
CA ASP C 268 -3.28 67.92 24.98
C ASP C 268 -4.00 67.78 26.32
N GLN C 269 -5.23 67.28 26.28
CA GLN C 269 -5.96 66.90 27.48
C GLN C 269 -5.24 65.65 27.98
N ILE C 270 -4.86 65.66 29.24
CA ILE C 270 -4.14 64.55 29.82
C ILE C 270 -5.06 63.88 30.83
N TYR C 271 -5.69 62.77 30.45
CA TYR C 271 -6.59 62.09 31.36
C TYR C 271 -5.82 61.46 32.54
N GLY C 272 -4.57 61.09 32.33
CA GLY C 272 -3.81 60.44 33.39
C GLY C 272 -2.51 59.92 32.83
N VAL C 273 -1.61 59.49 33.71
CA VAL C 273 -0.25 59.18 33.28
C VAL C 273 0.10 57.74 33.61
N ILE C 274 0.57 56.99 32.62
CA ILE C 274 0.98 55.62 32.87
C ILE C 274 2.41 55.69 33.32
N LYS C 275 2.69 55.40 34.58
CA LYS C 275 4.07 55.53 35.09
C LYS C 275 4.79 54.19 35.17
N GLY C 276 4.05 53.09 35.08
CA GLY C 276 4.63 51.76 35.07
C GLY C 276 3.70 50.75 34.44
N SER C 277 4.25 49.76 33.73
CA SER C 277 3.45 48.71 33.08
C SER C 277 4.33 47.47 32.95
N ALA C 278 3.78 46.30 33.26
CA ALA C 278 4.57 45.07 33.16
C ALA C 278 3.68 43.91 32.81
N MET C 279 4.28 42.90 32.17
CA MET C 279 3.56 41.68 31.87
C MET C 279 4.38 40.49 32.28
N THR C 280 3.68 39.40 32.61
CA THR C 280 4.30 38.15 32.94
C THR C 280 3.34 37.08 32.52
N ASN C 281 3.89 35.89 32.33
CA ASN C 281 3.07 34.79 32.02
C ASN C 281 3.07 33.85 33.21
N ALA C 282 1.95 33.18 33.43
CA ALA C 282 1.78 32.30 34.59
C ALA C 282 2.90 31.27 34.79
N GLY C 283 3.55 30.82 33.72
CA GLY C 283 4.59 29.79 33.81
C GLY C 283 4.15 28.37 34.21
N GLU C 284 5.01 27.69 34.95
CA GLU C 284 4.74 26.31 35.41
C GLU C 284 3.56 26.26 36.35
N ARG C 285 2.49 25.61 35.95
CA ARG C 285 1.38 25.38 36.83
C ARG C 285 0.72 24.10 36.43
N ASN C 286 -0.37 23.75 37.10
CA ASN C 286 -1.09 22.56 36.79
C ASN C 286 -2.47 22.86 36.27
N GLY C 287 -2.56 22.91 34.94
CA GLY C 287 -3.74 23.29 34.23
C GLY C 287 -3.50 24.57 33.43
N PHE C 288 -3.94 24.53 32.18
CA PHE C 288 -3.75 25.59 31.21
C PHE C 288 -4.43 26.87 31.68
N ASN C 289 -5.62 26.71 32.24
CA ASN C 289 -6.49 27.82 32.63
C ASN C 289 -6.38 28.16 34.10
N VAL C 290 -5.30 27.71 34.75
CA VAL C 290 -5.09 27.94 36.18
C VAL C 290 -4.04 29.03 36.40
N PRO C 291 -4.36 30.06 37.22
CA PRO C 291 -3.43 31.17 37.54
C PRO C 291 -2.34 30.83 38.52
N ASN C 292 -1.20 31.54 38.44
CA ASN C 292 -0.21 31.53 39.52
C ASN C 292 -0.11 32.91 40.20
N PRO C 293 -0.59 33.01 41.47
CA PRO C 293 -0.52 34.34 42.13
C PRO C 293 0.86 34.98 42.11
N ASP C 294 1.93 34.20 42.26
CA ASP C 294 3.26 34.82 42.32
C ASP C 294 3.68 35.55 41.05
N LEU C 295 3.18 35.12 39.89
CA LEU C 295 3.51 35.83 38.65
C LEU C 295 2.63 37.08 38.47
N GLN C 296 1.38 37.02 38.97
CA GLN C 296 0.55 38.25 39.13
C GLN C 296 1.26 39.25 40.07
N THR C 297 1.63 38.76 41.24
CA THR C 297 2.43 39.58 42.15
C THR C 297 3.67 40.20 41.44
N LEU C 298 4.38 39.41 40.62
CA LEU C 298 5.60 39.92 40.03
C LEU C 298 5.33 41.08 39.07
N ALA C 299 4.22 41.01 38.34
CA ALA C 299 3.86 42.07 37.40
C ALA C 299 3.52 43.33 38.15
N ILE C 300 2.74 43.16 39.21
CA ILE C 300 2.34 44.28 40.03
C ILE C 300 3.58 44.97 40.63
N ARG C 301 4.50 44.22 41.22
CA ARG C 301 5.77 44.81 41.75
C ARG C 301 6.58 45.52 40.72
N GLN C 302 6.76 44.87 39.58
CA GLN C 302 7.61 45.46 38.53
C GLN C 302 7.07 46.79 38.03
N ALA C 303 5.77 46.87 37.81
CA ALA C 303 5.12 48.13 37.47
C ALA C 303 5.34 49.20 38.55
N MET C 304 5.24 48.82 39.81
CA MET C 304 5.49 49.76 40.91
C MET C 304 6.92 50.24 40.95
N ASP C 305 7.90 49.36 40.74
CA ASP C 305 9.31 49.81 40.83
C ASP C 305 9.56 50.80 39.71
N GLN C 306 9.14 50.41 38.53
CA GLN C 306 9.14 51.22 37.33
C GLN C 306 8.54 52.60 37.56
N ALA C 307 7.38 52.67 38.22
CA ALA C 307 6.71 53.94 38.46
C ALA C 307 7.29 54.71 39.61
N LYS C 308 8.13 54.05 40.41
CA LYS C 308 8.68 54.58 41.67
C LYS C 308 7.58 54.98 42.64
N VAL C 309 6.57 54.13 42.77
CA VAL C 309 5.53 54.33 43.75
C VAL C 309 5.56 53.23 44.80
N HIS C 310 5.38 53.64 46.05
CA HIS C 310 5.32 52.76 47.18
C HIS C 310 3.87 52.29 47.27
N PRO C 311 3.66 51.01 47.63
CA PRO C 311 2.27 50.53 47.61
C PRO C 311 1.31 51.28 48.52
N SER C 312 1.79 51.81 49.65
CA SER C 312 1.01 52.70 50.52
C SER C 312 0.41 53.90 49.82
N SER C 313 1.10 54.36 48.77
CA SER C 313 0.66 55.53 48.06
C SER C 313 -0.43 55.22 47.06
N ILE C 314 -0.83 53.95 46.94
CA ILE C 314 -1.86 53.55 45.97
C ILE C 314 -3.24 53.57 46.65
N SER C 315 -4.20 54.23 46.03
CA SER C 315 -5.53 54.39 46.65
C SER C 315 -6.67 53.71 45.91
N TYR C 316 -6.45 53.28 44.68
CA TYR C 316 -7.44 52.49 43.99
C TYR C 316 -6.80 51.40 43.13
N ILE C 317 -7.47 50.26 43.03
CA ILE C 317 -7.12 49.21 42.06
C ILE C 317 -8.34 48.87 41.26
N GLU C 318 -8.21 48.92 39.95
CA GLU C 318 -9.19 48.34 39.07
C GLU C 318 -8.74 46.88 38.88
N GLY C 319 -9.31 46.00 39.67
CA GLY C 319 -9.07 44.59 39.52
C GLY C 319 -9.67 43.97 38.26
N HIS C 320 -9.13 42.81 37.93
CA HIS C 320 -9.74 41.95 36.95
C HIS C 320 -11.16 41.60 37.39
N GLY C 321 -11.29 40.99 38.57
CA GLY C 321 -12.57 40.75 39.21
C GLY C 321 -13.58 40.03 38.34
N SER C 322 -13.19 38.87 37.82
CA SER C 322 -14.07 38.17 36.88
C SER C 322 -15.15 37.33 37.57
N GLY C 323 -15.18 37.36 38.89
CA GLY C 323 -16.35 36.86 39.63
C GLY C 323 -16.41 35.37 39.93
N THR C 324 -15.35 34.63 39.63
CA THR C 324 -15.29 33.18 39.92
C THR C 324 -14.85 32.89 41.36
N LYS C 325 -15.44 31.84 41.94
CA LYS C 325 -15.09 31.37 43.30
C LYS C 325 -13.59 31.23 43.56
N LEU C 326 -12.84 30.70 42.60
CA LEU C 326 -11.38 30.52 42.74
C LEU C 326 -10.47 31.65 42.20
N GLY C 327 -10.83 32.28 41.08
CA GLY C 327 -10.01 33.36 40.52
C GLY C 327 -9.93 34.61 41.41
N ASP C 328 -11.06 35.04 41.94
CA ASP C 328 -11.07 36.24 42.78
C ASP C 328 -10.17 36.14 44.01
N PRO C 329 -10.21 35.01 44.78
CA PRO C 329 -9.27 34.98 45.94
C PRO C 329 -7.81 34.93 45.52
N ILE C 330 -7.56 34.26 44.40
CA ILE C 330 -6.20 34.20 43.87
C ILE C 330 -5.75 35.61 43.49
N GLU C 331 -6.61 36.37 42.81
CA GLU C 331 -6.22 37.73 42.44
C GLU C 331 -5.87 38.57 43.67
N VAL C 332 -6.70 38.48 44.71
CA VAL C 332 -6.48 39.31 45.91
C VAL C 332 -5.22 38.87 46.62
N LEU C 333 -4.99 37.56 46.63
CA LEU C 333 -3.74 37.05 47.19
C LEU C 333 -2.53 37.64 46.42
N GLY C 334 -2.60 37.65 45.08
CA GLY C 334 -1.55 38.26 44.28
C GLY C 334 -1.33 39.72 44.66
N LEU C 335 -2.43 40.45 44.80
CA LEU C 335 -2.39 41.86 45.18
C LEU C 335 -1.84 42.04 46.55
N ASN C 336 -2.33 41.25 47.50
CA ASN C 336 -1.85 41.37 48.88
C ASN C 336 -0.34 41.12 49.02
N ASN C 337 0.18 40.06 48.42
CA ASN C 337 1.62 39.82 48.40
C ASN C 337 2.43 40.91 47.69
N ALA C 338 1.81 41.63 46.75
CA ALA C 338 2.48 42.77 46.12
C ALA C 338 2.51 44.04 46.99
N PHE C 339 1.66 44.12 48.02
CA PHE C 339 1.60 45.27 48.94
C PHE C 339 2.26 44.97 50.27
N ARG C 340 1.94 43.82 50.88
CA ARG C 340 2.30 43.57 52.28
C ARG C 340 3.81 43.49 52.55
N TRP C 341 4.64 43.33 51.52
CA TRP C 341 6.08 43.39 51.72
C TRP C 341 6.49 44.78 52.16
N ALA C 342 5.71 45.79 51.79
CA ALA C 342 6.07 47.19 52.03
C ALA C 342 5.31 47.88 53.15
N THR C 343 4.10 47.41 53.49
CA THR C 343 3.38 47.93 54.65
C THR C 343 2.49 46.88 55.28
N ASP C 344 2.21 47.08 56.59
CA ASP C 344 1.24 46.30 57.38
C ASP C 344 -0.17 46.88 57.43
N ASP C 345 -0.39 48.04 56.80
CA ASP C 345 -1.67 48.74 56.92
C ASP C 345 -2.74 47.99 56.19
N LYS C 346 -3.91 47.85 56.83
CA LYS C 346 -5.02 47.15 56.23
C LYS C 346 -6.05 48.08 55.63
N GLN C 347 -6.73 47.62 54.58
CA GLN C 347 -7.94 48.27 54.09
C GLN C 347 -7.85 49.78 53.96
N PHE C 348 -6.82 50.24 53.28
CA PHE C 348 -6.65 51.64 52.98
C PHE C 348 -6.75 51.94 51.49
N CYS C 349 -6.92 50.93 50.65
CA CYS C 349 -6.94 51.11 49.21
C CYS C 349 -8.22 50.48 48.67
N TYR C 350 -8.93 51.19 47.81
CA TYR C 350 -10.19 50.68 47.30
C TYR C 350 -9.94 49.71 46.18
N LEU C 351 -10.84 48.75 46.00
CA LEU C 351 -10.67 47.76 44.97
C LEU C 351 -11.99 47.45 44.30
N GLY C 352 -12.04 47.68 42.98
CA GLY C 352 -13.27 47.45 42.23
C GLY C 352 -13.02 46.90 40.85
N SER C 353 -14.12 46.62 40.15
CA SER C 353 -14.06 46.15 38.78
C SER C 353 -15.31 46.54 38.01
N ILE C 354 -15.09 47.11 36.83
CA ILE C 354 -16.15 47.49 35.93
C ILE C 354 -16.94 46.26 35.45
N LYS C 355 -16.37 45.08 35.61
CA LYS C 355 -17.05 43.86 35.22
C LYS C 355 -18.32 43.72 36.03
N SER C 356 -18.36 44.24 37.25
CA SER C 356 -19.60 44.20 38.03
C SER C 356 -20.78 44.83 37.29
N ASN C 357 -20.49 45.88 36.52
CA ASN C 357 -21.53 46.62 35.79
C ASN C 357 -21.85 46.08 34.40
N ILE C 358 -20.80 45.74 33.64
CA ILE C 358 -20.96 45.44 32.21
C ILE C 358 -20.48 44.06 31.78
N GLY C 359 -19.99 43.28 32.74
CA GLY C 359 -19.51 41.96 32.46
C GLY C 359 -18.09 41.93 31.99
N HIS C 360 -17.71 40.73 31.54
CA HIS C 360 -16.35 40.43 31.19
C HIS C 360 -16.23 40.61 29.70
N LEU C 361 -15.51 41.66 29.30
CA LEU C 361 -15.45 42.03 27.88
C LEU C 361 -14.28 41.39 27.12
N LEU C 362 -13.65 40.41 27.76
CA LEU C 362 -12.63 39.55 27.18
C LEU C 362 -11.43 40.41 26.79
N ALA C 363 -11.10 40.44 25.49
CA ALA C 363 -9.97 41.24 25.01
C ALA C 363 -10.12 42.72 25.37
N ALA C 364 -11.34 43.22 25.46
CA ALA C 364 -11.59 44.61 25.87
C ALA C 364 -11.58 44.86 27.39
N SER C 365 -11.29 43.85 28.21
CA SER C 365 -11.45 43.99 29.66
C SER C 365 -10.46 45.02 30.26
N GLY C 366 -9.25 45.06 29.74
CA GLY C 366 -8.27 46.01 30.23
C GLY C 366 -8.62 47.45 29.85
N ILE C 367 -9.05 47.65 28.61
CA ILE C 367 -9.44 49.00 28.15
C ILE C 367 -10.69 49.52 28.84
N ALA C 368 -11.65 48.64 29.08
CA ALA C 368 -12.83 48.98 29.91
C ALA C 368 -12.41 49.43 31.29
N GLY C 369 -11.54 48.63 31.89
CA GLY C 369 -11.05 48.91 33.24
C GLY C 369 -10.41 50.29 33.33
N LEU C 370 -9.54 50.60 32.36
CA LEU C 370 -8.82 51.87 32.31
C LEU C 370 -9.75 53.03 32.07
N THR C 371 -10.80 52.77 31.31
CA THR C 371 -11.78 53.77 31.02
C THR C 371 -12.44 54.20 32.33
N LYS C 372 -12.92 53.23 33.11
CA LYS C 372 -13.48 53.51 34.45
C LYS C 372 -12.53 54.29 35.35
N THR C 373 -11.30 53.81 35.43
CA THR C 373 -10.30 54.44 36.26
C THR C 373 -10.03 55.90 35.84
N LEU C 374 -10.02 56.17 34.53
CA LEU C 374 -9.73 57.51 34.02
C LEU C 374 -10.89 58.47 34.34
N LEU C 375 -12.10 57.97 34.22
CA LEU C 375 -13.29 58.72 34.64
C LEU C 375 -13.27 59.00 36.14
N GLN C 376 -12.73 58.07 36.93
CA GLN C 376 -12.62 58.31 38.36
C GLN C 376 -11.65 59.42 38.66
N PHE C 377 -10.53 59.49 37.93
CA PHE C 377 -9.57 60.61 38.06
C PHE C 377 -10.17 61.99 37.71
N LYS C 378 -10.94 62.00 36.65
CA LYS C 378 -11.54 63.21 36.13
C LYS C 378 -12.55 63.75 37.15
N HIS C 379 -13.49 62.90 37.58
CA HIS C 379 -14.52 63.29 38.54
C HIS C 379 -14.09 63.17 40.00
N LYS C 380 -12.82 62.82 40.22
CA LYS C 380 -12.24 62.64 41.57
C LYS C 380 -13.16 61.91 42.55
N GLN C 381 -13.75 60.82 42.05
CA GLN C 381 -14.64 59.98 42.83
C GLN C 381 -14.37 58.53 42.50
N ILE C 382 -14.61 57.66 43.47
CA ILE C 382 -14.54 56.22 43.25
C ILE C 382 -15.95 55.67 43.16
N ALA C 383 -16.22 54.94 42.08
CA ALA C 383 -17.55 54.45 41.83
C ALA C 383 -17.77 53.17 42.62
N PRO C 384 -19.03 52.88 42.98
CA PRO C 384 -19.26 51.58 43.62
C PRO C 384 -18.86 50.44 42.68
N SER C 385 -18.38 49.36 43.31
CA SER C 385 -18.18 48.07 42.64
C SER C 385 -19.33 47.25 43.16
N ILE C 386 -20.17 46.81 42.25
CA ILE C 386 -21.46 46.27 42.61
C ILE C 386 -21.48 44.72 42.65
N HIS C 387 -22.66 44.19 43.03
CA HIS C 387 -22.89 42.78 43.30
C HIS C 387 -21.91 42.22 44.33
N SER C 388 -21.52 43.06 45.29
CA SER C 388 -20.60 42.63 46.33
C SER C 388 -20.98 43.15 47.72
N SER C 389 -22.27 43.32 48.02
CA SER C 389 -22.74 43.55 49.41
C SER C 389 -22.21 42.49 50.34
N GLN C 390 -22.24 41.24 49.86
CA GLN C 390 -21.63 40.11 50.52
C GLN C 390 -20.34 39.84 49.81
N LEU C 391 -19.25 40.02 50.53
CA LEU C 391 -17.92 39.75 50.02
C LEU C 391 -17.66 38.24 49.93
N ASN C 392 -16.91 37.85 48.90
CA ASN C 392 -16.42 36.47 48.75
C ASN C 392 -15.96 35.95 50.10
N GLN C 393 -16.56 34.86 50.54
CA GLN C 393 -16.32 34.33 51.87
C GLN C 393 -14.98 33.66 52.02
N ASP C 394 -14.29 33.37 50.89
CA ASP C 394 -12.93 32.84 50.98
C ASP C 394 -11.88 33.93 50.92
N ILE C 395 -12.30 35.19 50.92
CA ILE C 395 -11.34 36.26 51.04
C ILE C 395 -11.54 36.94 52.39
N ASP C 396 -10.44 37.04 53.13
CA ASP C 396 -10.43 37.73 54.40
C ASP C 396 -9.96 39.16 54.16
N PHE C 397 -10.87 40.02 53.73
CA PHE C 397 -10.51 41.39 53.32
C PHE C 397 -9.89 42.22 54.43
N ALA C 398 -10.27 41.93 55.69
CA ALA C 398 -9.69 42.59 56.85
C ALA C 398 -8.18 42.44 56.89
N ASP C 399 -7.68 41.30 56.43
CA ASP C 399 -6.24 41.05 56.43
C ASP C 399 -5.60 41.43 55.10
N THR C 400 -6.26 42.27 54.32
CA THR C 400 -5.69 42.80 53.08
C THR C 400 -5.56 44.32 53.21
N PRO C 401 -4.86 44.96 52.25
CA PRO C 401 -4.91 46.42 52.05
C PRO C 401 -6.23 46.99 51.48
N PHE C 402 -7.23 46.14 51.21
CA PHE C 402 -8.31 46.50 50.28
C PHE C 402 -9.69 46.58 50.86
N VAL C 403 -10.45 47.58 50.38
CA VAL C 403 -11.90 47.64 50.63
C VAL C 403 -12.63 47.80 49.30
N VAL C 404 -13.67 47.00 49.11
CA VAL C 404 -14.49 47.02 47.92
C VAL C 404 -15.60 48.10 48.09
N PRO C 405 -15.49 49.23 47.37
CA PRO C 405 -16.43 50.33 47.65
C PRO C 405 -17.86 49.92 47.31
N GLN C 406 -18.74 50.04 48.29
CA GLN C 406 -20.14 49.78 48.10
C GLN C 406 -20.87 51.06 47.73
N GLN C 407 -20.28 52.22 48.01
CA GLN C 407 -20.86 53.52 47.62
C GLN C 407 -20.01 54.36 46.70
N LEU C 408 -20.67 55.25 45.98
CA LEU C 408 -19.97 56.35 45.35
C LEU C 408 -19.32 57.13 46.46
N ILE C 409 -18.01 57.29 46.42
CA ILE C 409 -17.33 58.11 47.42
C ILE C 409 -16.37 59.08 46.77
N GLU C 410 -15.96 60.04 47.56
CA GLU C 410 -14.97 61.01 47.16
C GLU C 410 -13.62 60.32 47.15
N TRP C 411 -12.89 60.51 46.07
CA TRP C 411 -11.53 60.04 45.99
C TRP C 411 -10.64 61.13 46.57
N ARG C 412 -10.18 60.93 47.81
CA ARG C 412 -9.28 61.85 48.47
C ARG C 412 -7.87 61.50 48.09
N GLN C 413 -7.03 62.50 48.00
CA GLN C 413 -5.58 62.31 47.92
C GLN C 413 -5.10 61.79 49.26
N PRO C 414 -4.50 60.59 49.31
CA PRO C 414 -4.14 60.04 50.62
C PRO C 414 -2.94 60.73 51.26
N GLU C 415 -2.96 60.77 52.60
CA GLU C 415 -1.80 61.22 53.38
C GLU C 415 -1.22 60.04 54.18
N ARG C 416 0.11 60.00 54.34
CA ARG C 416 0.79 59.09 55.29
C ARG C 416 2.30 59.23 55.26
N GLN C 423 3.15 62.60 54.52
CA GLN C 423 3.03 63.26 53.21
C GLN C 423 1.68 63.08 52.53
N VAL C 424 1.26 64.06 51.72
CA VAL C 424 0.08 63.94 50.82
C VAL C 424 0.50 63.38 49.45
N PHE C 425 -0.25 62.40 48.93
CA PHE C 425 0.09 61.82 47.64
C PHE C 425 -0.91 62.13 46.54
N PRO C 426 -0.47 62.14 45.27
CA PRO C 426 -1.46 62.21 44.22
C PRO C 426 -2.28 60.93 44.17
N ARG C 427 -3.46 61.03 43.56
CA ARG C 427 -4.26 59.88 43.30
C ARG C 427 -3.47 58.95 42.38
N ARG C 428 -3.30 57.73 42.84
CA ARG C 428 -2.57 56.71 42.11
C ARG C 428 -3.37 55.43 42.07
N ALA C 429 -3.50 54.82 40.90
CA ALA C 429 -4.21 53.54 40.78
C ALA C 429 -3.37 52.44 40.08
N GLY C 430 -3.72 51.19 40.38
CA GLY C 430 -3.21 50.03 39.67
C GLY C 430 -4.34 49.41 38.85
N LEU C 431 -3.99 48.84 37.69
CA LEU C 431 -4.94 48.12 36.87
C LEU C 431 -4.37 46.75 36.49
N THR C 432 -5.22 45.73 36.58
CA THR C 432 -4.83 44.34 36.34
C THR C 432 -5.74 43.72 35.30
N SER C 433 -5.13 43.04 34.34
CA SER C 433 -5.86 42.23 33.38
C SER C 433 -5.20 40.87 33.35
N ILE C 434 -6.00 39.81 33.41
CA ILE C 434 -5.49 38.46 33.49
C ILE C 434 -6.10 37.60 32.39
N ALA C 435 -5.25 36.95 31.59
CA ALA C 435 -5.68 35.97 30.61
C ALA C 435 -5.72 34.56 31.20
N ALA C 436 -6.77 33.84 30.84
CA ALA C 436 -7.00 32.47 31.24
C ALA C 436 -5.77 31.58 30.97
N GLY C 437 -5.20 31.76 29.78
CA GLY C 437 -4.01 31.05 29.31
C GLY C 437 -2.65 31.40 29.90
N GLY C 438 -2.60 32.38 30.79
CA GLY C 438 -1.33 32.68 31.51
C GLY C 438 -0.89 34.13 31.66
N MET C 439 -1.23 34.94 30.65
CA MET C 439 -0.65 36.26 30.48
C MET C 439 -1.29 37.28 31.45
N ASN C 440 -0.44 37.98 32.18
CA ASN C 440 -0.82 39.02 33.14
C ASN C 440 -0.36 40.40 32.67
N ALA C 441 -1.15 41.42 32.99
CA ALA C 441 -0.75 42.83 32.82
C ALA C 441 -1.11 43.65 34.09
N HIS C 442 -0.15 44.46 34.53
CA HIS C 442 -0.45 45.43 35.57
C HIS C 442 0.11 46.75 35.14
N MET C 443 -0.64 47.82 35.35
CA MET C 443 -0.06 49.13 35.16
C MET C 443 -0.44 50.10 36.27
N ILE C 444 0.49 51.02 36.54
CA ILE C 444 0.29 52.09 37.49
C ILE C 444 0.00 53.40 36.75
N VAL C 445 -1.12 54.03 37.10
CA VAL C 445 -1.58 55.25 36.46
C VAL C 445 -1.83 56.33 37.51
N GLU C 446 -1.50 57.57 37.16
CA GLU C 446 -1.59 58.70 38.06
C GLU C 446 -2.32 59.87 37.44
N GLU C 447 -3.02 60.62 38.29
CA GLU C 447 -3.66 61.84 37.87
C GLU C 447 -2.63 62.87 37.42
N TYR C 448 -3.08 63.80 36.58
CA TYR C 448 -2.23 64.90 36.13
C TYR C 448 -3.04 66.19 36.26
N PRO C 449 -2.45 67.27 36.80
CA PRO C 449 -3.21 68.51 37.00
C PRO C 449 -3.52 69.29 35.73
N GLU C 450 -4.73 69.85 35.61
CA GLU C 450 -5.01 70.78 34.51
C GLU C 450 -4.14 72.02 34.63
N PRO C 451 -3.60 72.49 33.50
CA PRO C 451 -2.87 73.75 33.46
C PRO C 451 -3.77 74.93 33.84
N ALA C 452 -3.22 75.91 34.53
CA ALA C 452 -4.01 77.09 34.89
C ALA C 452 -4.26 78.01 33.67
N ASP C 453 -3.39 77.94 32.66
CA ASP C 453 -3.52 78.76 31.43
C ASP C 453 -4.22 77.99 30.30
N SER C 454 -5.07 77.02 30.62
CA SER C 454 -5.66 76.17 29.60
C SER C 454 -6.69 76.84 28.69
N ALA C 455 -7.15 78.05 29.03
CA ALA C 455 -8.12 78.74 28.18
C ALA C 455 -7.48 79.30 26.93
N GLY C 456 -6.16 79.50 26.95
CA GLY C 456 -5.45 80.09 25.82
C GLY C 456 -5.60 81.60 25.75
N GLN C 457 -5.17 82.17 24.63
CA GLN C 457 -5.31 83.61 24.36
C GLN C 457 -5.64 83.82 22.90
N ILE C 458 -6.79 84.46 22.65
CA ILE C 458 -7.24 84.82 21.32
C ILE C 458 -8.16 86.00 21.49
N SER C 459 -8.07 86.98 20.59
CA SER C 459 -9.00 88.09 20.57
C SER C 459 -10.44 87.56 20.36
N GLU C 460 -11.41 88.15 21.04
CA GLU C 460 -12.79 87.70 20.97
C GLU C 460 -13.43 87.91 19.58
N ASP C 461 -13.00 88.95 18.88
CA ASP C 461 -13.50 89.16 17.52
C ASP C 461 -12.95 88.13 16.51
N GLN C 462 -12.00 87.31 16.95
CA GLN C 462 -11.41 86.22 16.13
C GLN C 462 -11.97 84.84 16.47
N LEU C 463 -12.94 84.78 17.39
CA LEU C 463 -13.63 83.55 17.68
C LEU C 463 -14.60 83.14 16.58
N VAL C 464 -14.44 81.91 16.08
CA VAL C 464 -15.41 81.35 15.16
C VAL C 464 -15.57 79.88 15.45
N PHE C 465 -16.77 79.37 15.25
CA PHE C 465 -17.06 78.01 15.61
C PHE C 465 -17.37 77.22 14.37
N VAL C 466 -16.51 76.26 14.03
CA VAL C 466 -16.65 75.58 12.74
C VAL C 466 -17.13 74.14 12.93
N PHE C 467 -18.02 73.72 12.05
CA PHE C 467 -18.62 72.39 12.12
C PHE C 467 -18.63 71.81 10.72
N SER C 468 -18.39 70.50 10.57
CA SER C 468 -18.64 69.84 9.29
C SER C 468 -19.34 68.49 9.43
N VAL C 469 -20.19 68.16 8.47
CA VAL C 469 -20.81 66.85 8.40
C VAL C 469 -20.73 66.29 7.00
N HIS C 470 -20.77 64.97 6.93
CA HIS C 470 -20.65 64.25 5.69
C HIS C 470 -21.97 64.31 4.93
N LYS C 471 -23.06 64.28 5.68
CA LYS C 471 -24.38 64.20 5.10
C LYS C 471 -25.23 65.29 5.69
N LEU C 472 -25.89 66.04 4.82
CA LEU C 472 -26.71 67.14 5.25
C LEU C 472 -27.83 66.65 6.14
N ALA C 473 -28.45 65.53 5.77
CA ALA C 473 -29.48 64.96 6.61
C ALA C 473 -29.02 64.80 8.08
N LEU C 474 -27.72 64.77 8.35
CA LEU C 474 -27.23 64.59 9.74
C LEU C 474 -26.90 65.89 10.45
N LEU C 475 -27.00 66.99 9.74
CA LEU C 475 -26.57 68.27 10.28
C LEU C 475 -27.34 68.64 11.57
N ALA C 476 -28.66 68.64 11.51
CA ALA C 476 -29.49 69.02 12.68
C ALA C 476 -29.14 68.19 13.90
N GLN C 477 -29.04 66.88 13.70
CA GLN C 477 -28.67 65.99 14.78
C GLN C 477 -27.32 66.34 15.43
N ASN C 478 -26.26 66.54 14.64
CA ASN C 478 -24.95 66.86 15.22
C ASN C 478 -24.95 68.20 15.94
N LEU C 479 -25.62 69.17 15.33
CA LEU C 479 -25.76 70.49 15.92
C LEU C 479 -26.56 70.46 17.21
N THR C 480 -27.66 69.70 17.23
CA THR C 480 -28.48 69.54 18.43
C THR C 480 -27.60 68.98 19.55
N SER C 481 -27.01 67.83 19.27
CA SER C 481 -26.09 67.21 20.19
C SER C 481 -25.10 68.22 20.75
N PHE C 482 -24.41 68.95 19.86
CA PHE C 482 -23.44 69.96 20.30
C PHE C 482 -24.07 71.05 21.19
N ARG C 483 -25.27 71.48 20.83
CA ARG C 483 -25.91 72.58 21.55
C ARG C 483 -26.22 72.19 23.00
N ASP C 484 -26.69 70.95 23.19
CA ASP C 484 -27.03 70.43 24.52
C ASP C 484 -25.76 70.30 25.37
N TRP C 485 -24.71 69.76 24.78
CA TRP C 485 -23.42 69.70 25.43
C TRP C 485 -22.96 71.09 25.88
N LEU C 486 -23.17 72.07 25.02
CA LEU C 486 -22.70 73.42 25.28
C LEU C 486 -23.39 74.02 26.50
N ALA C 487 -24.71 73.84 26.60
CA ALA C 487 -25.46 74.34 27.75
C ALA C 487 -24.90 73.83 29.10
N SER C 488 -24.58 72.54 29.20
CA SER C 488 -24.08 71.99 30.47
C SER C 488 -22.55 71.99 30.61
N SER C 489 -21.85 72.73 29.75
CA SER C 489 -20.38 72.64 29.73
C SER C 489 -19.73 73.84 30.43
N GLU C 490 -18.61 73.59 31.11
CA GLU C 490 -17.85 74.62 31.81
C GLU C 490 -16.73 75.22 30.93
N ALA C 491 -16.51 74.65 29.75
CA ALA C 491 -15.35 74.99 28.91
C ALA C 491 -15.36 76.44 28.40
N PRO C 492 -14.20 77.13 28.49
CA PRO C 492 -14.06 78.42 27.82
C PRO C 492 -14.33 78.33 26.31
N LEU C 493 -14.93 79.36 25.75
CA LEU C 493 -15.21 79.43 24.31
C LEU C 493 -13.96 79.21 23.43
N ALA C 494 -12.80 79.66 23.90
CA ALA C 494 -11.57 79.57 23.12
C ALA C 494 -11.08 78.14 22.99
N GLN C 495 -11.28 77.33 24.01
CA GLN C 495 -10.93 75.93 23.91
C GLN C 495 -11.88 75.20 22.95
N ILE C 496 -13.15 75.60 23.00
CA ILE C 496 -14.15 74.99 22.15
C ILE C 496 -13.85 75.32 20.68
N ALA C 497 -13.51 76.57 20.41
CA ALA C 497 -13.20 77.00 19.04
C ALA C 497 -11.99 76.28 18.50
N TYR C 498 -10.96 76.17 19.33
CA TYR C 498 -9.68 75.63 18.87
C TYR C 498 -9.74 74.13 18.60
N THR C 499 -10.47 73.40 19.42
CA THR C 499 -10.61 71.98 19.19
C THR C 499 -11.55 71.69 18.00
N LEU C 500 -12.59 72.48 17.78
CA LEU C 500 -13.42 72.31 16.56
C LEU C 500 -12.59 72.47 15.27
N GLN C 501 -11.62 73.38 15.37
CA GLN C 501 -10.75 73.76 14.29
C GLN C 501 -9.62 72.78 13.99
N VAL C 502 -9.13 72.11 15.01
CA VAL C 502 -7.96 71.24 14.86
C VAL C 502 -8.26 69.73 15.14
N GLY C 503 -9.44 69.45 15.70
CA GLY C 503 -9.74 68.14 16.29
C GLY C 503 -10.96 67.45 15.71
N LYS C 504 -11.41 67.92 14.55
CA LYS C 504 -12.56 67.35 13.91
C LYS C 504 -12.27 67.06 12.45
N ASN C 505 -12.44 65.82 12.05
CA ASN C 505 -12.36 65.53 10.63
C ASN C 505 -13.15 66.58 9.82
N ASN C 506 -12.52 67.10 8.78
CA ASN C 506 -13.07 68.14 7.94
C ASN C 506 -13.79 67.53 6.76
N LEU C 507 -15.12 67.60 6.82
CA LEU C 507 -16.00 66.93 5.89
C LEU C 507 -16.62 67.93 4.89
N ARG C 508 -17.50 67.46 3.99
CA ARG C 508 -17.83 68.19 2.75
C ARG C 508 -18.92 69.25 2.87
N ASN C 509 -19.63 69.23 3.99
CA ASN C 509 -20.64 70.23 4.25
C ASN C 509 -20.19 71.00 5.47
N ARG C 510 -19.81 72.26 5.24
CA ARG C 510 -19.13 73.09 6.22
C ARG C 510 -19.98 74.28 6.63
N LEU C 511 -19.91 74.61 7.93
CA LEU C 511 -20.74 75.64 8.56
C LEU C 511 -19.94 76.35 9.62
N ALA C 512 -20.01 77.67 9.62
CA ALA C 512 -19.25 78.45 10.56
C ALA C 512 -20.15 79.48 11.19
N ILE C 513 -19.94 79.68 12.48
CA ILE C 513 -20.70 80.66 13.21
C ILE C 513 -19.66 81.54 13.88
N ARG C 514 -19.65 82.80 13.49
CA ARG C 514 -18.83 83.79 14.15
C ARG C 514 -19.66 84.50 15.24
N CYS C 515 -19.15 84.44 16.47
CA CYS C 515 -19.77 85.10 17.64
C CYS C 515 -18.81 84.99 18.84
N ARG C 516 -19.12 85.65 19.94
CA ARG C 516 -18.23 85.65 21.09
C ARG C 516 -18.84 85.25 22.46
N THR C 517 -20.13 84.92 22.47
CA THR C 517 -20.76 84.45 23.69
C THR C 517 -21.46 83.14 23.46
N ARG C 518 -21.66 82.42 24.56
CA ARG C 518 -22.45 81.20 24.53
C ARG C 518 -23.86 81.52 24.05
N GLN C 519 -24.37 82.64 24.53
CA GLN C 519 -25.71 83.10 24.20
C GLN C 519 -25.90 83.13 22.70
N ALA C 520 -24.98 83.81 22.03
CA ALA C 520 -25.07 83.98 20.58
C ALA C 520 -25.03 82.62 19.90
N LEU C 521 -24.05 81.81 20.29
CA LEU C 521 -23.76 80.56 19.63
C LEU C 521 -24.95 79.61 19.68
N SER C 522 -25.54 79.52 20.88
CA SER C 522 -26.88 78.94 21.08
C SER C 522 -27.96 79.36 20.10
N ARG C 523 -28.23 80.65 20.04
CA ARG C 523 -29.24 81.18 19.11
C ARG C 523 -28.89 80.73 17.70
N ALA C 524 -27.62 80.89 17.33
CA ALA C 524 -27.14 80.58 15.98
C ALA C 524 -27.33 79.11 15.69
N LEU C 525 -27.00 78.27 16.66
CA LEU C 525 -27.18 76.84 16.51
C LEU C 525 -28.66 76.49 16.25
N ASN C 526 -29.57 77.06 17.06
CA ASN C 526 -31.01 76.85 16.83
C ASN C 526 -31.48 77.28 15.44
N ALA C 527 -30.99 78.42 14.96
CA ALA C 527 -31.35 78.92 13.63
C ALA C 527 -31.01 77.88 12.56
N CYS C 528 -29.80 77.32 12.65
CA CYS C 528 -29.36 76.30 11.72
C CYS C 528 -30.16 74.99 11.87
N ILE C 529 -30.38 74.57 13.11
CA ILE C 529 -31.18 73.37 13.39
C ILE C 529 -32.59 73.49 12.81
N ASP C 530 -33.13 74.70 12.86
CA ASP C 530 -34.43 74.98 12.23
C ASP C 530 -34.37 75.11 10.69
N GLY C 531 -33.16 75.18 10.12
CA GLY C 531 -32.98 75.09 8.67
C GLY C 531 -33.02 76.42 7.94
N HIS C 532 -33.32 77.48 8.67
CA HIS C 532 -33.11 78.83 8.17
C HIS C 532 -31.81 79.28 8.83
N TYR C 533 -30.80 79.61 8.05
CA TYR C 533 -29.52 79.89 8.63
C TYR C 533 -29.36 81.42 8.76
N GLN C 534 -30.36 82.03 9.38
CA GLN C 534 -30.44 83.48 9.50
C GLN C 534 -29.40 84.05 10.46
N SER C 535 -28.40 84.71 9.88
CA SER C 535 -27.28 85.30 10.63
C SER C 535 -27.78 86.47 11.48
N SER C 536 -27.99 86.22 12.78
CA SER C 536 -28.64 87.18 13.69
C SER C 536 -27.76 88.40 14.03
N ALA C 537 -28.21 89.24 14.97
CA ALA C 537 -27.46 90.46 15.29
C ALA C 537 -26.12 90.16 15.97
N ASP C 538 -26.10 89.22 16.90
CA ASP C 538 -24.87 88.88 17.63
C ASP C 538 -24.12 87.62 17.10
N SER C 539 -24.49 87.17 15.89
CA SER C 539 -23.78 86.08 15.21
C SER C 539 -23.76 86.26 13.70
N LYS C 540 -22.68 85.84 13.07
CA LYS C 540 -22.65 85.71 11.62
C LYS C 540 -22.51 84.23 11.24
N ILE C 541 -23.33 83.79 10.29
CA ILE C 541 -23.36 82.40 9.87
C ILE C 541 -22.96 82.29 8.41
N PHE C 542 -21.99 81.41 8.13
CA PHE C 542 -21.52 81.20 6.77
C PHE C 542 -21.46 79.70 6.53
N TYR C 543 -21.74 79.25 5.31
CA TYR C 543 -21.63 77.84 4.98
C TYR C 543 -21.38 77.54 3.50
N ARG C 544 -20.66 76.45 3.26
CA ARG C 544 -20.61 75.88 1.92
C ARG C 544 -20.91 74.40 2.02
N PHE C 545 -22.06 74.03 1.48
CA PHE C 545 -22.47 72.64 1.50
C PHE C 545 -22.13 72.01 0.16
N GLN C 546 -21.04 71.27 0.09
CA GLN C 546 -20.61 70.71 -1.17
C GLN C 546 -21.56 69.63 -1.62
N GLU C 547 -22.32 69.05 -0.72
CA GLU C 547 -23.26 68.00 -1.08
C GLU C 547 -24.40 68.53 -1.92
N SER C 548 -24.89 69.73 -1.60
CA SER C 548 -25.99 70.33 -2.33
C SER C 548 -25.52 71.50 -3.19
N ASP C 549 -24.27 71.91 -2.99
CA ASP C 549 -23.71 73.08 -3.63
C ASP C 549 -24.29 74.42 -3.14
N ALA C 550 -25.01 74.41 -2.02
CA ALA C 550 -25.56 75.65 -1.45
C ALA C 550 -24.45 76.35 -0.69
N VAL C 551 -24.35 77.66 -0.93
CA VAL C 551 -23.37 78.50 -0.29
C VAL C 551 -24.08 79.68 0.34
N GLN C 552 -23.58 80.09 1.50
CA GLN C 552 -23.92 81.36 2.14
C GLN C 552 -22.56 81.95 2.47
N PRO C 553 -21.99 82.72 1.53
CA PRO C 553 -20.56 83.02 1.63
C PRO C 553 -20.30 84.21 2.56
N LEU C 554 -19.08 84.35 3.05
CA LEU C 554 -18.72 85.54 3.82
C LEU C 554 -18.29 86.68 2.90
N GLU C 555 -18.43 87.92 3.37
CA GLU C 555 -18.00 89.10 2.61
C GLU C 555 -16.55 89.47 3.00
N SER C 556 -15.60 89.24 2.09
CA SER C 556 -14.15 89.26 2.39
C SER C 556 -13.62 90.63 2.86
N ASP C 557 -12.69 90.61 3.83
CA ASP C 557 -12.14 91.83 4.47
C ASP C 557 -10.62 91.82 4.48
N LEU C 558 -10.02 92.98 4.17
CA LEU C 558 -8.56 93.15 4.15
C LEU C 558 -7.95 93.18 5.56
N ASN C 559 -8.65 93.78 6.51
CA ASN C 559 -8.08 94.00 7.85
C ASN C 559 -8.33 92.88 8.86
N ASP C 560 -9.04 91.84 8.44
CA ASP C 560 -9.51 90.80 9.36
C ASP C 560 -8.74 89.51 9.13
N PRO C 561 -7.81 89.17 10.04
CA PRO C 561 -6.99 87.96 9.83
C PRO C 561 -7.78 86.64 9.68
N LEU C 562 -9.00 86.62 10.19
CA LEU C 562 -9.90 85.46 10.12
C LEU C 562 -10.46 85.25 8.71
N ALA C 563 -10.75 86.33 7.98
CA ALA C 563 -11.49 86.21 6.72
C ALA C 563 -10.85 85.22 5.74
N PRO C 564 -9.55 85.38 5.43
CA PRO C 564 -8.89 84.44 4.51
C PRO C 564 -8.99 83.00 5.00
N LEU C 565 -8.74 82.82 6.29
CA LEU C 565 -8.67 81.49 6.85
C LEU C 565 -10.01 80.79 6.65
N LEU C 566 -11.08 81.49 6.99
CA LEU C 566 -12.43 80.95 6.86
C LEU C 566 -12.89 80.78 5.39
N THR C 567 -12.39 81.62 4.48
CA THR C 567 -12.63 81.44 3.03
C THR C 567 -12.01 80.16 2.53
N GLN C 568 -10.77 79.91 2.92
CA GLN C 568 -10.14 78.64 2.56
C GLN C 568 -10.94 77.47 3.10
N TRP C 569 -11.27 77.51 4.39
CA TRP C 569 -11.97 76.38 4.99
C TRP C 569 -13.34 76.18 4.35
N LEU C 570 -14.08 77.26 4.12
CA LEU C 570 -15.38 77.13 3.47
C LEU C 570 -15.25 76.60 2.04
N ASN C 571 -14.16 76.95 1.38
CA ASN C 571 -13.89 76.43 0.04
C ASN C 571 -13.42 74.99 -0.02
N GLY C 572 -13.25 74.32 1.11
CA GLY C 572 -12.93 72.90 1.12
C GLY C 572 -11.46 72.57 1.35
N ASP C 573 -10.60 73.55 1.59
CA ASP C 573 -9.19 73.26 1.87
C ASP C 573 -9.06 72.49 3.15
N SER C 574 -7.96 71.77 3.28
CA SER C 574 -7.81 70.83 4.38
C SER C 574 -6.74 71.19 5.40
N GLN C 575 -5.93 72.20 5.10
CA GLN C 575 -4.77 72.55 5.92
C GLN C 575 -4.76 74.04 6.24
N VAL C 576 -5.74 74.48 7.01
CA VAL C 576 -5.95 75.89 7.31
C VAL C 576 -5.19 76.29 8.57
N ASP C 577 -4.39 77.35 8.55
CA ASP C 577 -3.55 77.66 9.72
C ASP C 577 -4.37 78.37 10.80
N TRP C 578 -5.28 77.64 11.44
CA TRP C 578 -6.12 78.27 12.45
C TRP C 578 -5.34 78.75 13.63
N ALA C 579 -4.23 78.08 13.91
CA ALA C 579 -3.46 78.33 15.11
C ALA C 579 -2.87 79.73 15.12
N SER C 580 -2.63 80.30 13.94
CA SER C 580 -2.13 81.66 13.83
C SER C 580 -3.07 82.73 14.41
N LEU C 581 -4.34 82.40 14.69
CA LEU C 581 -5.26 83.36 15.30
C LEU C 581 -5.08 83.50 16.82
N TYR C 582 -4.39 82.54 17.44
CA TYR C 582 -4.25 82.46 18.89
C TYR C 582 -2.86 82.93 19.28
N ALA C 583 -2.80 83.87 20.20
CA ALA C 583 -1.53 84.31 20.74
C ALA C 583 -0.91 83.14 21.48
N GLN C 584 -1.76 82.38 22.18
CA GLN C 584 -1.39 81.11 22.81
C GLN C 584 -2.43 80.04 22.50
N PRO C 585 -1.99 78.84 22.07
CA PRO C 585 -3.00 77.83 21.82
C PRO C 585 -3.71 77.37 23.11
N PRO C 586 -5.04 77.20 23.06
CA PRO C 586 -5.70 76.59 24.20
C PRO C 586 -5.42 75.09 24.26
N VAL C 587 -5.66 74.51 25.42
CA VAL C 587 -5.50 73.08 25.66
C VAL C 587 -6.67 72.34 25.05
N ARG C 588 -6.41 71.16 24.48
CA ARG C 588 -7.49 70.35 23.91
C ARG C 588 -8.57 70.02 24.95
N ILE C 589 -9.80 69.80 24.47
CA ILE C 589 -10.90 69.29 25.27
C ILE C 589 -11.75 68.26 24.51
N SER C 590 -12.59 67.57 25.28
CA SER C 590 -13.48 66.59 24.75
C SER C 590 -14.71 67.27 24.15
N LEU C 591 -15.00 66.98 22.90
CA LEU C 591 -16.19 67.53 22.28
C LEU C 591 -17.10 66.36 21.99
N PRO C 592 -18.41 66.64 21.86
CA PRO C 592 -19.38 65.60 21.53
C PRO C 592 -18.99 64.83 20.27
N ALA C 593 -19.15 63.52 20.35
CA ALA C 593 -18.89 62.62 19.24
C ALA C 593 -19.67 62.97 17.98
N TYR C 594 -19.04 62.78 16.83
CA TYR C 594 -19.74 62.79 15.57
C TYR C 594 -20.82 61.72 15.63
N ARG C 595 -22.01 62.08 15.19
CA ARG C 595 -23.11 61.14 15.06
C ARG C 595 -23.09 60.59 13.64
N PHE C 596 -22.82 59.30 13.54
CA PHE C 596 -22.66 58.63 12.27
C PHE C 596 -24.03 58.24 11.72
N GLU C 597 -24.14 58.15 10.39
CA GLU C 597 -25.30 57.55 9.76
C GLU C 597 -25.44 56.07 10.18
N LYS C 598 -26.63 55.73 10.69
CA LYS C 598 -26.94 54.40 11.17
C LYS C 598 -27.61 53.56 10.08
N THR C 599 -26.85 53.27 9.05
CA THR C 599 -27.26 52.40 7.96
C THR C 599 -26.81 50.94 8.23
N ARG C 600 -27.78 50.03 8.17
CA ARG C 600 -27.53 48.62 8.33
C ARG C 600 -26.71 48.04 7.19
N CYS C 601 -25.61 47.38 7.55
CA CYS C 601 -24.78 46.63 6.60
C CYS C 601 -24.64 45.23 7.18
N TRP C 602 -25.28 44.26 6.53
CA TRP C 602 -25.34 42.90 7.06
C TRP C 602 -25.50 41.92 5.91
N TYR C 603 -24.90 40.75 6.10
CA TYR C 603 -24.88 39.70 5.07
C TYR C 603 -26.26 39.13 4.84
N THR C 604 -27.10 39.04 5.85
CA THR C 604 -28.43 38.47 5.70
C THR C 604 -29.48 39.53 5.98
N GLU C 605 -30.70 39.21 5.57
CA GLU C 605 -31.91 39.92 5.98
C GLU C 605 -32.12 39.83 7.47
N GLU C 606 -32.85 40.79 7.99
CA GLU C 606 -33.37 40.71 9.35
C GLU C 606 -34.36 39.57 9.29
N GLY C 607 -34.48 38.83 10.36
CA GLY C 607 -35.38 37.68 10.37
C GLY C 607 -34.66 36.38 10.09
N TYR C 608 -33.38 36.47 9.71
CA TYR C 608 -32.57 35.30 9.42
C TYR C 608 -32.31 34.58 10.70
N GLU C 609 -32.35 33.27 10.62
CA GLU C 609 -31.98 32.48 11.76
C GLU C 609 -31.00 31.50 11.20
N SER C 610 -29.78 31.50 11.76
CA SER C 610 -28.79 30.50 11.41
C SER C 610 -29.28 29.07 11.71
N SER C 611 -28.80 28.10 10.93
CA SER C 611 -28.98 26.67 11.22
C SER C 611 -28.50 26.31 12.62
N ILE C 612 -27.62 27.12 13.19
CA ILE C 612 -27.26 26.96 14.60
C ILE C 612 -28.50 27.06 15.51
N VAL C 613 -29.43 27.94 15.13
CA VAL C 613 -30.66 28.10 15.85
C VAL C 613 -31.54 26.87 15.51
N ASN C 614 -31.68 26.55 14.22
CA ASN C 614 -32.51 25.41 13.76
C ASN C 614 -31.72 24.41 12.93
N PRO C 615 -31.08 23.46 13.60
CA PRO C 615 -30.23 22.61 12.80
C PRO C 615 -31.02 21.70 11.86
N LEU C 616 -30.31 21.18 10.88
CA LEU C 616 -30.92 20.36 9.85
C LEU C 616 -31.58 19.07 10.37
N MET C 617 -31.07 18.53 11.49
CA MET C 617 -31.72 17.43 12.17
C MET C 617 -33.19 17.76 12.56
N PHE C 618 -33.53 19.04 12.64
CA PHE C 618 -34.88 19.50 12.84
C PHE C 618 -35.47 19.95 11.52
N LYS C 619 -34.74 20.84 10.85
CA LYS C 619 -35.35 21.55 9.74
C LYS C 619 -35.40 20.75 8.45
N ASN C 620 -34.67 19.65 8.37
CA ASN C 620 -34.78 18.79 7.22
C ASN C 620 -35.77 17.63 7.37
N LYS C 621 -36.71 17.74 8.31
CA LYS C 621 -37.75 16.73 8.51
C LYS C 621 -39.12 17.29 8.27
N LEU C 622 -40.02 16.49 7.71
CA LEU C 622 -41.42 16.87 7.65
C LEU C 622 -42.04 16.92 9.03
N HIS C 623 -41.52 16.14 9.98
CA HIS C 623 -42.04 16.06 11.35
C HIS C 623 -40.95 15.36 12.14
N PRO C 624 -40.78 15.68 13.44
CA PRO C 624 -39.66 15.05 14.14
C PRO C 624 -39.55 13.54 14.01
N LEU C 625 -40.66 12.84 13.94
CA LEU C 625 -40.66 11.40 13.78
C LEU C 625 -40.95 10.91 12.37
N VAL C 626 -41.20 11.83 11.44
CA VAL C 626 -41.49 11.51 10.04
C VAL C 626 -40.60 12.37 9.10
N ALA C 627 -39.36 11.93 8.90
CA ALA C 627 -38.35 12.69 8.14
C ALA C 627 -38.68 12.98 6.67
N LYS C 628 -38.90 11.93 5.88
CA LYS C 628 -38.90 12.05 4.41
C LYS C 628 -40.02 11.21 3.81
N ASN C 629 -40.57 11.73 2.73
CA ASN C 629 -41.50 11.00 1.92
C ASN C 629 -40.76 10.14 0.86
N CYS C 630 -40.84 8.81 1.03
CA CYS C 630 -40.30 7.80 0.10
C CYS C 630 -41.39 7.09 -0.75
N SER C 631 -42.48 7.78 -1.01
CA SER C 631 -43.59 7.13 -1.68
C SER C 631 -43.22 6.73 -3.10
N THR C 632 -43.73 5.56 -3.51
CA THR C 632 -43.54 4.99 -4.84
C THR C 632 -44.80 5.15 -5.65
N PRO C 633 -44.73 4.77 -6.93
CA PRO C 633 -45.93 4.89 -7.76
C PRO C 633 -47.16 4.09 -7.26
N GLN C 634 -46.95 3.11 -6.39
CA GLN C 634 -48.09 2.39 -5.83
C GLN C 634 -48.94 3.27 -4.90
N PRO C 635 -50.25 2.94 -4.79
CA PRO C 635 -51.12 3.63 -3.85
C PRO C 635 -50.60 3.53 -2.42
N GLY C 636 -50.84 4.59 -1.66
CA GLY C 636 -50.26 4.73 -0.34
C GLY C 636 -49.12 5.70 -0.44
N ALA C 637 -48.88 6.43 0.64
CA ALA C 637 -47.69 7.25 0.77
C ALA C 637 -46.82 6.51 1.75
N ILE C 638 -45.51 6.67 1.61
CA ILE C 638 -44.55 6.01 2.47
C ILE C 638 -43.58 7.09 2.97
N PHE C 639 -43.31 7.03 4.27
CA PHE C 639 -42.41 7.94 4.90
C PHE C 639 -41.45 7.12 5.69
N ARG C 640 -40.17 7.53 5.72
CA ARG C 640 -39.17 6.89 6.55
C ARG C 640 -38.43 7.87 7.42
N THR C 641 -37.93 7.37 8.53
CA THR C 641 -37.17 8.16 9.47
C THR C 641 -35.99 7.32 9.91
N ASP C 642 -34.82 7.95 9.94
CA ASP C 642 -33.65 7.38 10.67
C ASP C 642 -33.82 7.73 12.14
N PHE C 643 -33.83 6.71 13.01
CA PHE C 643 -33.96 6.92 14.44
C PHE C 643 -32.58 7.11 15.09
N VAL C 644 -32.28 8.38 15.38
CA VAL C 644 -31.05 8.79 15.97
C VAL C 644 -31.42 9.45 17.30
N GLU C 645 -30.95 8.86 18.41
CA GLU C 645 -31.41 9.35 19.73
C GLU C 645 -31.09 10.82 19.97
N ASP C 646 -29.88 11.22 19.62
CA ASP C 646 -29.40 12.57 19.91
C ASP C 646 -30.08 13.64 19.10
N GLU C 647 -30.83 13.25 18.05
CA GLU C 647 -31.65 14.18 17.24
C GLU C 647 -33.04 14.30 17.82
N LEU C 648 -33.34 13.45 18.81
CA LEU C 648 -34.69 13.28 19.35
C LEU C 648 -34.70 13.41 20.88
N LEU C 649 -33.91 14.38 21.39
CA LEU C 649 -33.79 14.56 22.83
C LEU C 649 -35.15 14.94 23.45
N ASP C 650 -36.07 15.46 22.66
CA ASP C 650 -37.41 15.79 23.17
C ASP C 650 -38.25 14.55 23.49
N TYR C 651 -37.90 13.39 22.92
CA TYR C 651 -38.74 12.19 22.90
C TYR C 651 -38.29 11.01 23.76
N VAL C 652 -37.00 10.80 23.82
CA VAL C 652 -36.46 9.56 24.37
C VAL C 652 -36.11 9.69 25.85
N TYR C 653 -36.57 8.74 26.66
CA TYR C 653 -36.18 8.69 28.08
C TYR C 653 -35.64 7.31 28.50
N SER C 654 -35.17 7.21 29.76
CA SER C 654 -34.66 5.94 30.29
C SER C 654 -35.66 5.33 31.26
N GLY C 655 -35.97 4.05 31.03
CA GLY C 655 -36.73 3.26 31.99
C GLY C 655 -36.00 1.98 32.35
N ARG C 656 -36.46 1.34 33.42
CA ARG C 656 -35.99 0.00 33.78
C ARG C 656 -35.90 -0.86 32.53
N GLY C 657 -34.69 -1.23 32.11
CA GLY C 657 -34.54 -2.14 30.97
C GLY C 657 -34.40 -1.50 29.58
N GLY C 658 -34.31 -0.18 29.53
CA GLY C 658 -33.88 0.42 28.30
C GLY C 658 -34.33 1.84 28.07
N ARG C 659 -34.11 2.26 26.84
CA ARG C 659 -34.57 3.53 26.39
C ARG C 659 -36.01 3.40 25.87
N ARG C 660 -36.84 4.39 26.22
CA ARG C 660 -38.29 4.39 25.87
C ARG C 660 -38.68 5.68 25.16
N LEU C 661 -39.90 5.64 24.62
CA LEU C 661 -40.45 6.62 23.77
C LEU C 661 -41.95 6.40 23.98
N SER C 662 -42.68 7.41 24.44
CA SER C 662 -44.09 7.25 24.70
C SER C 662 -44.85 6.74 23.48
N ALA C 663 -45.65 5.71 23.71
CA ALA C 663 -46.64 5.31 22.72
C ALA C 663 -47.48 6.49 22.19
N PHE C 664 -47.69 7.52 23.01
CA PHE C 664 -48.61 8.61 22.62
C PHE C 664 -48.03 9.58 21.62
N ASN C 665 -46.71 9.57 21.47
CA ASN C 665 -46.07 10.29 20.38
C ASN C 665 -46.57 9.78 19.06
N PHE C 666 -46.99 8.52 19.00
CA PHE C 666 -47.49 7.99 17.72
C PHE C 666 -48.89 8.49 17.43
N ALA C 667 -49.59 8.90 18.48
CA ALA C 667 -50.88 9.59 18.35
C ALA C 667 -50.67 10.91 17.60
N ASP C 668 -49.58 11.61 17.92
CA ASP C 668 -49.26 12.87 17.25
C ASP C 668 -48.91 12.69 15.78
N VAL C 669 -48.09 11.68 15.49
CA VAL C 669 -47.79 11.33 14.10
C VAL C 669 -49.09 11.19 13.33
N ALA C 670 -50.01 10.38 13.84
CA ALA C 670 -51.29 10.22 13.17
C ALA C 670 -51.95 11.60 12.99
N LEU C 671 -51.89 12.41 14.05
CA LEU C 671 -52.45 13.77 14.00
C LEU C 671 -51.82 14.60 12.86
N ALA C 672 -50.50 14.50 12.67
CA ALA C 672 -49.78 15.22 11.62
C ALA C 672 -50.03 14.76 10.18
N MET C 673 -50.66 13.60 10.01
CA MET C 673 -50.69 12.92 8.71
C MET C 673 -51.62 13.55 7.67
N PRO C 674 -52.85 13.86 8.05
CA PRO C 674 -53.70 14.53 7.08
C PRO C 674 -52.98 15.70 6.39
N ALA C 675 -52.29 16.52 7.16
CA ALA C 675 -51.57 17.68 6.61
C ALA C 675 -50.37 17.26 5.77
N LEU C 676 -49.76 16.11 6.05
CA LEU C 676 -48.75 15.57 5.14
C LEU C 676 -49.32 15.07 3.82
N ALA C 677 -50.64 14.92 3.72
CA ALA C 677 -51.26 14.51 2.47
C ALA C 677 -52.34 15.48 1.98
N SER C 678 -52.31 16.73 2.44
CA SER C 678 -53.29 17.73 2.02
C SER C 678 -54.69 17.17 2.13
N ARG C 679 -54.97 16.61 3.29
CA ARG C 679 -56.28 16.05 3.57
C ARG C 679 -56.83 16.61 4.88
N PHE C 680 -58.17 16.69 4.94
CA PHE C 680 -58.95 17.18 6.11
C PHE C 680 -58.46 18.53 6.63
N ASP C 681 -58.31 19.48 5.72
CA ASP C 681 -57.69 20.74 6.04
C ASP C 681 -58.52 21.50 7.07
N GLY C 682 -57.86 21.93 8.14
CA GLY C 682 -58.52 22.68 9.22
C GLY C 682 -59.73 21.99 9.81
N ARG C 683 -59.59 20.71 10.16
CA ARG C 683 -60.64 20.01 10.88
C ARG C 683 -60.06 19.48 12.18
N THR C 684 -60.94 19.12 13.09
CA THR C 684 -60.53 18.44 14.29
C THR C 684 -60.57 16.96 13.99
N LEU C 685 -59.57 16.25 14.51
CA LEU C 685 -59.33 14.89 14.15
C LEU C 685 -59.60 13.95 15.33
N SER C 686 -60.17 12.78 15.03
CA SER C 686 -60.20 11.68 15.97
C SER C 686 -59.26 10.60 15.49
N VAL C 687 -58.31 10.21 16.33
CA VAL C 687 -57.48 9.06 16.03
C VAL C 687 -57.67 7.91 17.02
N SER C 688 -57.59 6.70 16.49
CA SER C 688 -57.51 5.48 17.28
C SER C 688 -56.27 4.77 16.86
N CYS C 689 -55.60 4.13 17.81
CA CYS C 689 -54.30 3.53 17.57
C CYS C 689 -54.15 2.15 18.28
N ALA C 690 -53.58 1.16 17.57
CA ALA C 690 -53.40 -0.20 18.11
C ALA C 690 -51.94 -0.58 17.96
N PHE C 691 -51.34 -1.10 19.03
CA PHE C 691 -49.93 -1.44 19.02
C PHE C 691 -49.78 -2.95 19.04
N GLU C 692 -49.08 -3.49 18.04
CA GLU C 692 -48.88 -4.93 17.88
C GLU C 692 -47.58 -5.40 18.55
N HIS C 693 -46.71 -4.49 18.97
CA HIS C 693 -45.37 -4.90 19.47
C HIS C 693 -44.88 -3.92 20.52
N TYR C 694 -44.18 -4.43 21.53
CA TYR C 694 -43.72 -3.59 22.63
C TYR C 694 -42.20 -3.51 22.57
N ILE C 695 -41.68 -2.29 22.46
CA ILE C 695 -40.25 -2.03 22.38
C ILE C 695 -39.80 -1.66 23.77
N ALA C 696 -39.16 -2.61 24.43
CA ALA C 696 -38.56 -2.42 25.76
C ALA C 696 -37.33 -1.55 25.73
N ASP C 697 -36.59 -1.56 24.61
CA ASP C 697 -35.37 -0.73 24.52
C ASP C 697 -35.15 -0.19 23.14
N TRP C 698 -35.33 1.11 22.99
CA TRP C 698 -35.17 1.72 21.67
C TRP C 698 -33.74 1.86 21.19
N THR C 699 -32.77 1.63 22.08
CA THR C 699 -31.36 1.81 21.70
C THR C 699 -31.00 1.28 20.30
N THR C 700 -31.40 0.06 19.97
CA THR C 700 -30.93 -0.55 18.72
C THR C 700 -31.89 -0.33 17.52
N VAL C 701 -33.00 0.37 17.74
CA VAL C 701 -33.87 0.77 16.64
C VAL C 701 -33.12 1.73 15.73
N THR C 702 -33.13 1.43 14.43
CA THR C 702 -32.40 2.26 13.48
C THR C 702 -33.32 3.11 12.64
N GLY C 703 -34.58 2.71 12.48
CA GLY C 703 -35.47 3.42 11.60
C GLY C 703 -36.93 3.15 11.92
N LEU C 704 -37.76 4.04 11.40
CA LEU C 704 -39.19 3.93 11.45
C LEU C 704 -39.69 4.09 10.03
N GLU C 705 -40.75 3.36 9.71
CA GLU C 705 -41.39 3.45 8.40
C GLU C 705 -42.90 3.52 8.61
N TYR C 706 -43.52 4.35 7.78
CA TYR C 706 -44.92 4.66 7.89
C TYR C 706 -45.55 4.45 6.53
N ARG C 707 -46.67 3.76 6.50
CA ARG C 707 -47.45 3.66 5.26
C ARG C 707 -48.83 4.25 5.54
N LEU C 708 -49.29 5.11 4.63
CA LEU C 708 -50.52 5.85 4.83
C LEU C 708 -51.42 5.65 3.65
N PHE C 709 -52.62 5.13 3.89
CA PHE C 709 -53.62 4.90 2.82
C PHE C 709 -54.86 5.71 3.06
N GLU C 710 -55.47 6.13 1.96
CA GLU C 710 -56.75 6.83 1.97
C GLU C 710 -57.84 5.78 1.66
N ILE C 711 -58.62 5.39 2.67
CA ILE C 711 -59.56 4.28 2.53
C ILE C 711 -60.80 4.79 1.86
N ASP C 712 -61.33 5.89 2.38
CA ASP C 712 -62.28 6.70 1.65
C ASP C 712 -62.13 8.18 2.03
N SER C 713 -63.12 8.96 1.60
CA SER C 713 -63.22 10.40 1.85
C SER C 713 -63.02 10.83 3.30
N GLU C 714 -63.44 9.99 4.24
CA GLU C 714 -63.36 10.29 5.68
C GLU C 714 -62.09 9.71 6.28
N GLN C 715 -61.63 8.59 5.75
CA GLN C 715 -60.71 7.79 6.51
C GLN C 715 -59.33 7.60 5.90
N LEU C 716 -58.35 7.65 6.80
CA LEU C 716 -56.95 7.43 6.53
C LEU C 716 -56.51 6.34 7.48
N GLU C 717 -55.83 5.34 6.95
CA GLU C 717 -55.19 4.29 7.76
C GLU C 717 -53.69 4.46 7.73
N LEU C 718 -53.03 4.26 8.88
CA LEU C 718 -51.60 4.40 8.98
C LEU C 718 -50.97 3.17 9.61
N GLU C 719 -50.20 2.41 8.82
CA GLU C 719 -49.41 1.29 9.32
C GLU C 719 -48.07 1.89 9.66
N PHE C 720 -47.46 1.43 10.74
CA PHE C 720 -46.10 1.84 10.98
C PHE C 720 -45.29 0.71 11.61
N ASP C 721 -44.01 0.65 11.22
CA ASP C 721 -43.08 -0.46 11.49
C ASP C 721 -41.85 0.20 11.96
N PHE C 722 -41.01 -0.55 12.66
CA PHE C 722 -39.67 -0.06 13.00
C PHE C 722 -38.67 -1.04 12.43
N ARG C 723 -37.40 -0.72 12.58
CA ARG C 723 -36.37 -1.65 12.15
C ARG C 723 -35.15 -1.54 13.08
N ARG C 724 -34.43 -2.65 13.22
CA ARG C 724 -33.11 -2.64 13.86
C ARG C 724 -32.02 -2.87 12.82
N SER C 725 -30.79 -2.76 13.24
CA SER C 725 -29.71 -2.80 12.29
C SER C 725 -29.70 -4.12 11.54
N GLY C 726 -29.52 -4.02 10.22
CA GLY C 726 -29.53 -5.18 9.33
C GLY C 726 -30.64 -6.17 9.56
N GLU C 727 -31.88 -5.71 9.56
CA GLU C 727 -33.02 -6.62 9.52
C GLU C 727 -34.25 -5.95 8.98
N GLN C 728 -35.16 -6.79 8.50
CA GLN C 728 -36.41 -6.35 7.90
C GLN C 728 -37.29 -5.58 8.92
N PRO C 729 -38.14 -4.67 8.41
CA PRO C 729 -39.17 -3.98 9.16
C PRO C 729 -40.02 -4.90 10.01
N THR C 730 -40.24 -4.50 11.26
CA THR C 730 -41.23 -5.13 12.15
C THR C 730 -42.48 -4.26 12.35
N HIS C 731 -43.65 -4.84 12.15
CA HIS C 731 -44.90 -4.12 12.35
C HIS C 731 -45.01 -3.67 13.81
N LEU C 732 -45.17 -2.36 13.99
CA LEU C 732 -45.29 -1.78 15.31
C LEU C 732 -46.75 -1.48 15.66
N GLY C 733 -47.50 -0.91 14.72
CA GLY C 733 -48.90 -0.57 15.01
C GLY C 733 -49.68 -0.06 13.82
N PHE C 734 -50.87 0.42 14.13
CA PHE C 734 -51.87 0.70 13.11
C PHE C 734 -52.79 1.78 13.69
N ALA C 735 -52.99 2.87 12.95
CA ALA C 735 -53.85 3.92 13.42
C ALA C 735 -54.91 4.23 12.40
N VAL C 736 -56.01 4.80 12.89
CA VAL C 736 -57.08 5.29 12.05
C VAL C 736 -57.33 6.75 12.38
N ILE C 737 -57.47 7.57 11.34
CA ILE C 737 -57.65 9.00 11.47
C ILE C 737 -58.93 9.40 10.68
N ASN C 738 -59.90 9.96 11.39
CA ASN C 738 -61.14 10.50 10.82
C ASN C 738 -61.25 11.99 11.22
N PRO C 739 -61.83 12.85 10.35
CA PRO C 739 -62.17 14.19 10.83
C PRO C 739 -63.33 14.10 11.84
N LEU C 740 -63.31 14.93 12.88
CA LEU C 740 -64.40 14.97 13.86
C LEU C 740 -65.61 15.64 13.24
N THR C 741 -66.76 15.45 13.86
CA THR C 741 -68.01 16.00 13.37
C THR C 741 -68.97 16.26 14.52
N LEU C 747 -69.24 15.22 25.39
CA LEU C 747 -68.73 14.08 26.15
C LEU C 747 -69.74 13.79 27.22
N PRO C 748 -69.82 12.52 27.64
CA PRO C 748 -70.73 12.18 28.74
C PRO C 748 -70.48 12.98 30.03
N GLN C 749 -71.57 13.28 30.72
CA GLN C 749 -71.59 14.09 31.94
C GLN C 749 -70.88 13.45 33.16
N GLN C 750 -71.02 12.13 33.28
CA GLN C 750 -70.41 11.36 34.36
C GLN C 750 -68.85 11.39 34.26
N TRP C 751 -68.32 11.56 33.06
CA TRP C 751 -66.88 11.70 32.87
C TRP C 751 -66.49 13.12 33.31
N LEU C 752 -67.26 14.09 32.86
CA LEU C 752 -67.08 15.51 33.22
C LEU C 752 -67.16 15.76 34.75
N ASP C 753 -68.08 15.06 35.42
CA ASP C 753 -68.22 15.18 36.87
C ASP C 753 -67.03 14.57 37.58
N ASP C 754 -66.62 13.40 37.12
CA ASP C 754 -65.45 12.74 37.67
C ASP C 754 -64.24 13.66 37.61
N ALA C 755 -64.06 14.35 36.50
CA ALA C 755 -62.94 15.26 36.38
C ALA C 755 -63.12 16.49 37.26
N ARG C 756 -64.33 17.07 37.24
CA ARG C 756 -64.63 18.22 38.10
C ARG C 756 -64.17 17.87 39.53
N GLU C 757 -64.57 16.69 39.98
CA GLU C 757 -64.36 16.30 41.36
C GLU C 757 -62.89 15.98 41.69
N LEU C 758 -62.13 15.46 40.73
CA LEU C 758 -60.70 15.24 40.94
C LEU C 758 -59.90 16.54 40.89
N LEU C 759 -60.29 17.43 39.97
CA LEU C 759 -59.73 18.78 39.91
C LEU C 759 -60.10 19.56 41.16
N ASN C 760 -61.35 19.45 41.58
CA ASN C 760 -61.75 20.03 42.83
C ASN C 760 -60.81 19.51 43.94
N ARG C 761 -60.73 18.19 44.06
CA ARG C 761 -59.98 17.61 45.17
C ARG C 761 -58.48 17.92 45.04
N GLN C 762 -58.02 18.37 43.86
CA GLN C 762 -56.62 18.86 43.64
C GLN C 762 -56.38 20.34 44.02
N ALA C 763 -57.37 21.22 43.82
CA ALA C 763 -57.27 22.61 44.30
C ALA C 763 -57.45 22.66 45.82
N LEU C 764 -58.47 21.99 46.34
CA LEU C 764 -58.64 21.84 47.80
C LEU C 764 -57.45 21.03 48.38
N GLN C 765 -56.87 20.16 47.57
CA GLN C 765 -55.63 19.43 47.89
C GLN C 765 -55.86 18.33 48.93
N ALA C 766 -56.99 17.61 48.80
CA ALA C 766 -57.35 16.53 49.71
C ALA C 766 -57.14 15.14 49.08
N GLY C 767 -57.35 14.09 49.88
CA GLY C 767 -57.10 12.72 49.45
C GLY C 767 -55.60 12.52 49.40
N ARG C 768 -55.14 11.32 49.01
CA ARG C 768 -53.70 11.11 48.86
C ARG C 768 -53.17 12.20 47.92
N GLN C 769 -52.03 12.76 48.31
CA GLN C 769 -51.46 13.95 47.72
C GLN C 769 -49.96 13.71 47.75
N LEU C 770 -49.33 13.67 46.58
CA LEU C 770 -47.87 13.53 46.50
C LEU C 770 -47.28 14.80 45.94
N SER C 771 -46.30 15.36 46.64
CA SER C 771 -45.60 16.56 46.20
C SER C 771 -44.82 16.24 44.93
N ALA C 772 -44.33 17.27 44.26
CA ALA C 772 -43.49 17.06 43.09
C ALA C 772 -42.29 16.16 43.43
N ALA C 773 -41.69 16.41 44.59
CA ALA C 773 -40.56 15.60 45.10
C ALA C 773 -40.95 14.13 45.24
N GLU C 774 -42.09 13.90 45.86
CA GLU C 774 -42.52 12.53 46.07
C GLU C 774 -42.71 11.82 44.73
N VAL C 775 -43.31 12.51 43.74
CA VAL C 775 -43.50 11.92 42.41
C VAL C 775 -42.17 11.55 41.79
N SER C 776 -41.21 12.46 41.83
CA SER C 776 -39.87 12.17 41.33
C SER C 776 -39.25 10.94 41.97
N GLN C 777 -39.33 10.83 43.29
CA GLN C 777 -38.77 9.67 43.95
C GLN C 777 -39.44 8.35 43.47
N ARG C 778 -40.76 8.35 43.31
CA ARG C 778 -41.43 7.15 42.81
C ARG C 778 -40.92 6.78 41.41
N LEU C 779 -40.73 7.80 40.56
CA LEU C 779 -40.23 7.56 39.21
C LEU C 779 -38.78 7.09 39.25
N ALA C 780 -37.97 7.71 40.11
CA ALA C 780 -36.56 7.32 40.22
C ALA C 780 -36.40 5.90 40.77
N GLN C 781 -37.07 5.53 41.86
CA GLN C 781 -36.98 4.12 42.32
C GLN C 781 -37.48 3.09 41.30
N ALA C 782 -38.24 3.53 40.30
CA ALA C 782 -38.76 2.61 39.27
C ALA C 782 -37.87 2.57 38.05
N GLY C 783 -36.71 3.25 38.15
CA GLY C 783 -35.68 3.18 37.15
C GLY C 783 -35.84 4.21 36.06
N TYR C 784 -36.66 5.25 36.30
CA TYR C 784 -36.87 6.28 35.27
C TYR C 784 -35.86 7.37 35.38
N ASP C 785 -35.38 7.82 34.21
CA ASP C 785 -34.62 9.08 34.06
C ASP C 785 -35.12 9.84 32.84
N PHE C 786 -35.55 11.07 33.04
CA PHE C 786 -36.20 11.84 31.98
C PHE C 786 -35.40 13.05 31.51
N ALA C 787 -34.13 13.11 31.90
CA ALA C 787 -33.22 14.14 31.43
C ALA C 787 -32.92 13.92 29.94
N PRO C 788 -32.59 14.99 29.22
CA PRO C 788 -32.47 16.38 29.63
C PRO C 788 -33.75 17.27 29.52
N TYR C 789 -34.83 16.79 28.88
CA TYR C 789 -35.98 17.63 28.58
C TYR C 789 -37.31 17.21 29.16
N LEU C 790 -37.41 16.04 29.76
CA LEU C 790 -38.73 15.49 30.08
C LEU C 790 -38.93 15.34 31.57
N ASP C 791 -38.05 15.96 32.34
CA ASP C 791 -37.89 15.65 33.75
C ASP C 791 -38.40 16.71 34.69
N HIS C 792 -39.31 17.55 34.26
CA HIS C 792 -39.92 18.43 35.21
C HIS C 792 -41.15 17.70 35.73
N ASP C 793 -41.19 17.40 37.02
CA ASP C 793 -42.27 16.59 37.56
C ASP C 793 -43.26 17.46 38.35
N GLY C 794 -44.51 17.05 38.33
CA GLY C 794 -45.59 17.79 38.97
C GLY C 794 -46.23 16.99 40.10
N GLU C 795 -47.26 17.60 40.69
CA GLU C 795 -47.96 17.06 41.84
C GLU C 795 -48.96 16.01 41.40
N LEU C 796 -49.21 15.04 42.27
CA LEU C 796 -50.16 13.98 41.97
C LEU C 796 -51.28 13.99 42.99
N THR C 797 -52.51 13.91 42.52
CA THR C 797 -53.64 13.77 43.41
C THR C 797 -54.27 12.43 43.11
N ILE C 798 -54.50 11.63 44.15
CA ILE C 798 -55.17 10.34 44.02
C ILE C 798 -56.49 10.47 44.76
N GLY C 799 -57.61 10.33 44.05
CA GLY C 799 -58.94 10.42 44.66
C GLY C 799 -59.70 9.11 44.57
N ARG C 800 -60.97 9.12 45.00
CA ARG C 800 -61.86 7.96 44.97
C ARG C 800 -61.86 7.23 43.62
N SER C 801 -62.18 7.99 42.55
CA SER C 801 -62.47 7.47 41.20
C SER C 801 -61.26 7.40 40.23
N GLY C 802 -60.35 8.36 40.35
CA GLY C 802 -59.14 8.37 39.50
C GLY C 802 -57.94 9.11 40.09
N LEU C 803 -57.11 9.69 39.23
CA LEU C 803 -56.00 10.52 39.71
C LEU C 803 -55.69 11.68 38.78
N VAL C 804 -54.87 12.60 39.26
CA VAL C 804 -54.46 13.69 38.40
C VAL C 804 -53.03 14.16 38.68
N LEU C 805 -52.29 14.24 37.57
CA LEU C 805 -50.91 14.60 37.57
C LEU C 805 -50.72 15.92 36.79
N LYS C 806 -50.06 16.86 37.43
CA LYS C 806 -49.73 18.14 36.83
C LYS C 806 -48.44 18.09 36.01
N GLY C 807 -48.43 18.81 34.89
CA GLY C 807 -47.21 19.01 34.13
C GLY C 807 -47.05 20.47 33.74
N ARG C 808 -45.80 20.89 33.55
CA ARG C 808 -45.49 22.16 32.94
C ARG C 808 -44.33 21.99 31.99
N PRO C 809 -44.55 22.19 30.69
CA PRO C 809 -43.45 22.03 29.74
C PRO C 809 -42.32 23.02 30.01
N PRO C 810 -41.07 22.59 29.86
CA PRO C 810 -40.03 23.61 30.01
C PRO C 810 -40.09 24.63 28.88
N VAL C 811 -39.78 25.87 29.21
CA VAL C 811 -39.63 26.96 28.23
C VAL C 811 -38.61 26.57 27.13
N ASN C 812 -37.53 25.92 27.49
CA ASN C 812 -36.55 25.49 26.50
C ASN C 812 -36.66 24.00 26.26
N ARG C 813 -36.88 23.65 24.99
CA ARG C 813 -36.86 22.29 24.55
C ARG C 813 -35.75 22.12 23.51
N HIS C 814 -35.72 20.98 22.85
CA HIS C 814 -34.64 20.69 21.96
C HIS C 814 -34.93 21.33 20.61
N ASN C 815 -36.04 20.91 20.00
CA ASN C 815 -36.45 21.31 18.68
C ASN C 815 -37.49 22.42 18.76
N HIS C 816 -37.06 23.64 18.43
CA HIS C 816 -37.92 24.79 18.36
C HIS C 816 -38.29 25.10 16.92
N TYR C 817 -38.02 24.18 16.02
CA TYR C 817 -38.37 24.39 14.64
C TYR C 817 -39.75 23.86 14.26
N ALA C 818 -40.04 22.59 14.58
CA ALA C 818 -41.26 21.95 14.02
C ALA C 818 -42.51 22.71 14.40
N ASP C 819 -43.45 22.90 13.47
CA ASP C 819 -44.70 23.61 13.75
C ASP C 819 -45.90 22.69 13.61
N ASN C 820 -45.66 21.39 13.57
CA ASN C 820 -46.75 20.43 13.37
C ASN C 820 -46.76 19.34 14.45
N VAL C 821 -46.37 19.74 15.65
CA VAL C 821 -46.45 18.89 16.83
C VAL C 821 -47.63 19.36 17.65
N GLN C 822 -48.73 18.62 17.60
CA GLN C 822 -49.93 19.00 18.36
C GLN C 822 -50.04 18.43 19.77
N LEU C 823 -49.71 17.16 19.91
CA LEU C 823 -49.66 16.51 21.22
C LEU C 823 -48.18 16.27 21.43
N SER C 824 -47.58 17.09 22.28
CA SER C 824 -46.13 17.15 22.41
C SER C 824 -45.51 15.96 23.14
N PRO C 825 -44.21 15.68 22.92
CA PRO C 825 -43.62 14.60 23.68
C PRO C 825 -43.60 14.85 25.18
N TYR C 826 -43.46 16.12 25.61
CA TYR C 826 -43.54 16.43 27.05
C TYR C 826 -44.89 15.97 27.62
N LEU C 827 -45.96 16.29 26.92
CA LEU C 827 -47.30 15.85 27.32
C LEU C 827 -47.43 14.33 27.23
N ALA C 828 -47.04 13.75 26.11
CA ALA C 828 -47.05 12.29 25.94
C ALA C 828 -46.29 11.57 27.06
N THR C 829 -45.12 12.10 27.42
CA THR C 829 -44.34 11.49 28.46
C THR C 829 -44.93 11.72 29.86
N THR C 830 -45.60 12.87 30.07
CA THR C 830 -46.33 13.12 31.32
C THR C 830 -47.47 12.10 31.46
N ILE C 831 -48.10 11.76 30.34
CA ILE C 831 -49.09 10.69 30.38
C ILE C 831 -48.41 9.37 30.76
N ASP C 832 -47.19 9.10 30.27
CA ASP C 832 -46.51 7.86 30.64
C ASP C 832 -46.35 7.81 32.17
N LYS C 833 -45.96 8.94 32.75
CA LYS C 833 -45.72 9.03 34.19
C LYS C 833 -46.97 8.74 34.96
N ALA C 834 -48.09 9.30 34.50
CA ALA C 834 -49.39 9.13 35.18
C ALA C 834 -49.91 7.71 35.10
N LEU C 835 -49.64 7.05 33.98
CA LEU C 835 -50.03 5.66 33.87
C LEU C 835 -49.14 4.82 34.79
N TYR C 836 -47.82 5.11 34.82
CA TYR C 836 -46.93 4.39 35.74
C TYR C 836 -47.38 4.62 37.20
N LEU C 837 -47.74 5.86 37.53
CA LEU C 837 -48.23 6.18 38.89
C LEU C 837 -49.52 5.48 39.28
N LEU C 838 -50.40 5.29 38.31
CA LEU C 838 -51.61 4.50 38.53
C LEU C 838 -51.22 3.08 38.89
N LEU C 839 -50.33 2.52 38.10
CA LEU C 839 -49.84 1.18 38.28
C LEU C 839 -49.20 1.00 39.68
N ASP C 840 -48.39 1.96 40.08
CA ASP C 840 -47.85 2.04 41.42
C ASP C 840 -48.95 2.03 42.45
N GLU C 841 -49.94 2.89 42.24
CA GLU C 841 -51.05 2.99 43.18
C GLU C 841 -51.80 1.69 43.28
N LEU C 842 -51.81 0.90 42.22
CA LEU C 842 -52.55 -0.37 42.25
C LEU C 842 -51.69 -1.52 42.76
N GLY C 843 -50.51 -1.19 43.29
CA GLY C 843 -49.69 -2.16 43.97
C GLY C 843 -48.58 -2.70 43.10
N LEU C 844 -48.23 -1.96 42.04
CA LEU C 844 -47.17 -2.38 41.13
C LEU C 844 -46.11 -1.33 40.97
N PRO C 845 -45.24 -1.16 42.00
CA PRO C 845 -44.20 -0.15 41.97
C PRO C 845 -43.21 -0.35 40.84
N GLN C 846 -43.18 -1.51 40.24
CA GLN C 846 -42.32 -1.75 39.12
C GLN C 846 -43.11 -2.23 37.90
N GLY C 847 -44.40 -1.93 37.85
CA GLY C 847 -45.24 -2.37 36.74
C GLY C 847 -44.77 -1.70 35.46
N ARG C 848 -44.62 -2.45 34.38
CA ARG C 848 -44.32 -1.85 33.09
C ARG C 848 -45.64 -1.35 32.45
N VAL C 849 -45.55 -0.15 31.90
CA VAL C 849 -46.66 0.51 31.25
C VAL C 849 -46.62 0.08 29.80
N ILE C 850 -47.64 -0.65 29.34
CA ILE C 850 -47.65 -1.15 27.98
C ILE C 850 -48.96 -0.77 27.34
N VAL C 851 -48.90 0.23 26.48
CA VAL C 851 -50.07 0.70 25.81
C VAL C 851 -50.37 -0.24 24.65
N ARG C 852 -51.54 -0.87 24.71
CA ARG C 852 -51.98 -1.80 23.68
C ARG C 852 -52.87 -1.07 22.69
N ASN C 853 -53.68 -0.15 23.20
CA ASN C 853 -54.68 0.52 22.39
C ASN C 853 -55.04 1.91 22.88
N ILE C 854 -55.29 2.80 21.93
CA ILE C 854 -55.76 4.13 22.23
C ILE C 854 -56.96 4.33 21.36
N GLU C 855 -58.14 4.39 21.95
CA GLU C 855 -59.36 4.54 21.19
C GLU C 855 -59.94 5.96 21.33
N ARG C 856 -60.14 6.60 20.18
CA ARG C 856 -60.86 7.86 20.03
C ARG C 856 -60.25 9.02 20.85
N LEU C 857 -59.06 9.41 20.41
CA LEU C 857 -58.37 10.58 20.92
C LEU C 857 -58.63 11.80 20.04
N CYS C 858 -58.96 12.93 20.67
CA CYS C 858 -58.96 14.25 20.02
C CYS C 858 -58.03 15.22 20.74
N CYS C 859 -57.20 15.92 19.97
CA CYS C 859 -56.42 17.05 20.45
C CYS C 859 -57.20 18.23 19.92
N TYR C 860 -57.91 18.92 20.81
CA TYR C 860 -58.65 20.13 20.44
C TYR C 860 -57.70 21.31 20.40
N HIS C 861 -56.81 21.38 21.38
CA HIS C 861 -55.85 22.45 21.45
C HIS C 861 -54.54 21.87 22.00
N THR C 862 -53.49 22.66 21.92
CA THR C 862 -52.19 22.29 22.46
C THR C 862 -52.01 23.18 23.67
N PRO C 863 -51.69 22.61 24.83
CA PRO C 863 -51.70 23.45 26.03
C PRO C 863 -50.67 24.57 26.01
N ALA C 864 -51.07 25.75 26.47
CA ALA C 864 -50.17 26.90 26.54
C ALA C 864 -48.99 26.55 27.44
N GLY C 865 -49.24 26.52 28.75
CA GLY C 865 -48.19 26.19 29.69
C GLY C 865 -48.64 24.93 30.40
N GLY C 866 -48.98 25.07 31.67
CA GLY C 866 -49.29 23.95 32.53
C GLY C 866 -50.55 23.17 32.17
N PHE C 867 -50.63 21.94 32.68
CA PHE C 867 -51.76 21.10 32.39
C PHE C 867 -51.94 20.05 33.47
N SER C 868 -53.07 19.36 33.39
CA SER C 868 -53.42 18.33 34.33
C SER C 868 -53.80 17.10 33.55
N VAL C 869 -53.15 15.99 33.83
CA VAL C 869 -53.58 14.74 33.21
C VAL C 869 -54.50 14.01 34.16
N VAL C 870 -55.74 13.82 33.72
CA VAL C 870 -56.76 13.23 34.54
C VAL C 870 -57.10 11.83 34.02
N LEU C 871 -56.99 10.84 34.90
CA LEU C 871 -57.32 9.43 34.63
C LEU C 871 -58.54 9.06 35.43
N SER C 872 -59.51 8.44 34.80
CA SER C 872 -60.74 8.06 35.49
C SER C 872 -61.35 6.87 34.78
N GLY C 873 -62.47 6.33 35.28
CA GLY C 873 -63.13 5.19 34.63
C GLY C 873 -62.22 3.98 34.55
N ILE C 874 -61.58 3.66 35.66
CA ILE C 874 -60.50 2.71 35.64
C ILE C 874 -61.06 1.31 35.88
N GLY C 875 -60.71 0.38 35.00
CA GLY C 875 -61.33 -0.94 34.97
C GLY C 875 -60.34 -2.02 34.60
N LEU C 876 -60.48 -3.18 35.25
CA LEU C 876 -59.60 -4.32 35.03
C LEU C 876 -60.41 -5.49 34.50
N ASN C 877 -60.07 -5.99 33.30
CA ASN C 877 -60.65 -7.22 32.76
C ASN C 877 -59.54 -8.07 32.14
N ASP C 878 -59.38 -9.28 32.69
CA ASP C 878 -58.34 -10.23 32.29
C ASP C 878 -56.97 -9.55 32.43
N ASN C 879 -56.13 -9.59 31.41
CA ASN C 879 -54.87 -8.85 31.49
C ASN C 879 -54.95 -7.38 30.96
N GLU C 880 -56.15 -6.81 30.89
CA GLU C 880 -56.34 -5.44 30.40
C GLU C 880 -56.84 -4.47 31.47
N LEU C 881 -56.09 -3.41 31.68
CA LEU C 881 -56.47 -2.28 32.51
C LEU C 881 -56.83 -1.16 31.57
N SER C 882 -58.09 -0.73 31.63
CA SER C 882 -58.57 0.33 30.76
C SER C 882 -59.00 1.54 31.59
N LEU C 883 -58.94 2.71 30.96
CA LEU C 883 -59.33 3.97 31.60
C LEU C 883 -59.61 5.05 30.57
N SER C 884 -60.18 6.16 31.05
CA SER C 884 -60.35 7.37 30.26
C SER C 884 -59.35 8.41 30.73
N LEU C 885 -58.94 9.27 29.79
CA LEU C 885 -57.97 10.32 30.04
C LEU C 885 -58.43 11.67 29.47
N LEU C 886 -58.29 12.70 30.28
CA LEU C 886 -58.49 14.05 29.80
C LEU C 886 -57.20 14.79 30.07
N VAL C 887 -56.88 15.74 29.21
CA VAL C 887 -55.83 16.71 29.48
C VAL C 887 -56.48 18.08 29.51
N LEU C 888 -56.32 18.79 30.64
CA LEU C 888 -56.78 20.17 30.75
C LEU C 888 -55.67 21.16 31.03
N ASP C 889 -55.82 22.37 30.48
CA ASP C 889 -54.90 23.49 30.77
C ASP C 889 -55.25 24.16 32.12
N GLU C 890 -54.50 25.21 32.44
CA GLU C 890 -54.70 25.94 33.68
C GLU C 890 -56.04 26.63 33.74
N ARG C 891 -56.57 27.04 32.59
CA ARG C 891 -57.94 27.57 32.55
C ARG C 891 -58.93 26.41 32.77
N GLU C 892 -58.41 25.22 33.06
CA GLU C 892 -59.21 24.02 33.30
C GLU C 892 -60.19 23.73 32.15
N GLN C 893 -59.71 23.95 30.93
CA GLN C 893 -60.48 23.63 29.74
C GLN C 893 -59.80 22.47 29.01
N ILE C 894 -60.62 21.62 28.40
CA ILE C 894 -60.14 20.36 27.85
C ILE C 894 -59.37 20.58 26.55
N CYS C 895 -58.08 20.23 26.55
CA CYS C 895 -57.27 20.25 25.33
C CYS C 895 -57.21 18.88 24.68
N VAL C 896 -57.18 17.83 25.51
CA VAL C 896 -57.17 16.50 24.98
C VAL C 896 -58.16 15.64 25.69
N LYS C 897 -58.79 14.78 24.91
CA LYS C 897 -59.69 13.83 25.44
C LYS C 897 -59.41 12.49 24.77
N LEU C 898 -59.55 11.42 25.55
CA LEU C 898 -59.28 10.10 25.06
C LEU C 898 -60.22 9.07 25.73
N ASP C 899 -61.14 8.51 24.94
CA ASP C 899 -62.23 7.66 25.45
C ASP C 899 -61.69 6.47 26.26
N LYS C 900 -60.72 5.77 25.69
CA LYS C 900 -60.26 4.53 26.26
C LYS C 900 -58.81 4.24 25.93
N VAL C 901 -57.97 4.22 26.97
CA VAL C 901 -56.64 3.65 26.88
C VAL C 901 -56.67 2.21 27.41
N SER C 902 -56.18 1.27 26.60
CA SER C 902 -56.01 -0.10 27.04
C SER C 902 -54.53 -0.34 27.33
N LEU C 903 -54.26 -0.66 28.60
CA LEU C 903 -52.96 -1.15 29.04
C LEU C 903 -52.92 -2.71 29.00
N TYR C 904 -51.77 -3.25 28.59
CA TYR C 904 -51.46 -4.68 28.70
C TYR C 904 -50.72 -4.91 30.01
N LEU C 905 -51.27 -5.83 30.78
CA LEU C 905 -50.68 -6.30 32.02
C LEU C 905 -50.04 -7.66 31.79
N GLY C 906 -48.72 -7.74 31.98
CA GLY C 906 -47.99 -9.00 31.86
C GLY C 906 -48.35 -9.95 32.98
N LYS C 907 -47.78 -11.16 32.95
CA LYS C 907 -48.10 -12.20 33.95
C LYS C 907 -47.99 -11.66 35.35
N GLN C 908 -46.86 -10.98 35.61
CA GLN C 908 -46.52 -10.48 36.93
C GLN C 908 -47.47 -9.40 37.43
N GLU C 909 -47.76 -8.45 36.56
CA GLU C 909 -48.70 -7.41 36.89
C GLU C 909 -50.09 -7.99 37.15
N VAL C 910 -50.50 -8.99 36.35
CA VAL C 910 -51.83 -9.63 36.56
C VAL C 910 -51.88 -10.26 37.94
N ALA C 911 -50.81 -10.97 38.29
CA ALA C 911 -50.75 -11.68 39.59
C ALA C 911 -50.70 -10.73 40.77
N SER C 912 -50.09 -9.57 40.59
CA SER C 912 -49.80 -8.66 41.70
C SER C 912 -50.81 -7.54 41.92
N VAL C 913 -51.53 -7.17 40.86
CA VAL C 913 -52.41 -6.00 40.94
C VAL C 913 -53.40 -6.10 42.11
N ASP C 914 -53.58 -4.99 42.82
CA ASP C 914 -54.44 -4.93 44.00
C ASP C 914 -55.88 -4.86 43.53
N ARG C 915 -56.49 -6.02 43.35
CA ARG C 915 -57.85 -6.08 42.85
C ARG C 915 -58.88 -5.49 43.81
N LYS C 916 -58.52 -5.27 45.07
CA LYS C 916 -59.47 -4.73 46.06
C LYS C 916 -59.37 -3.21 46.19
N HIS C 917 -58.65 -2.56 45.28
CA HIS C 917 -58.48 -1.10 45.38
C HIS C 917 -59.79 -0.43 44.99
N SER C 918 -60.09 0.73 45.58
CA SER C 918 -61.39 1.35 45.38
C SER C 918 -61.57 1.82 43.93
N LEU C 919 -60.51 2.38 43.37
CA LEU C 919 -60.34 2.58 41.92
C LEU C 919 -60.80 1.44 41.02
N LEU C 920 -60.68 0.21 41.51
CA LEU C 920 -61.12 -0.99 40.79
C LEU C 920 -62.41 -1.55 41.39
N ASN D 8 29.00 47.80 25.34
CA ASN D 8 28.77 46.79 24.27
C ASN D 8 27.89 47.39 23.18
N GLU D 9 28.51 47.76 22.06
CA GLU D 9 27.80 47.83 20.77
C GLU D 9 26.99 46.51 20.58
N LEU D 10 27.55 45.41 21.06
CA LEU D 10 26.93 44.09 20.99
C LEU D 10 25.55 43.93 21.62
N ALA D 11 25.26 44.70 22.66
CA ALA D 11 23.96 44.57 23.30
C ALA D 11 22.85 45.18 22.44
N ASN D 12 23.20 45.76 21.29
CA ASN D 12 22.15 46.19 20.35
C ASN D 12 21.74 45.13 19.33
N TYR D 13 22.53 44.08 19.24
CA TYR D 13 22.30 43.06 18.23
C TYR D 13 21.77 41.80 18.81
N ILE D 14 21.05 41.06 17.99
CA ILE D 14 20.38 39.86 18.41
C ILE D 14 20.97 38.68 17.63
N ALA D 15 21.36 37.64 18.36
CA ALA D 15 21.77 36.35 17.77
C ALA D 15 20.57 35.41 17.55
N VAL D 16 20.54 34.77 16.39
CA VAL D 16 19.68 33.64 16.16
C VAL D 16 20.45 32.42 16.60
N ILE D 17 19.90 31.68 17.56
CA ILE D 17 20.59 30.55 18.19
C ILE D 17 19.92 29.21 18.01
N GLY D 18 18.71 29.18 17.45
CA GLY D 18 18.05 27.94 17.15
C GLY D 18 17.13 28.19 15.97
N LEU D 19 16.86 27.11 15.23
CA LEU D 19 16.12 27.20 13.99
C LEU D 19 15.40 25.92 13.83
N GLY D 20 14.10 25.99 13.57
CA GLY D 20 13.35 24.80 13.28
C GLY D 20 12.17 25.14 12.42
N GLY D 21 11.50 24.09 11.95
CA GLY D 21 10.41 24.25 11.00
C GLY D 21 9.95 23.05 10.22
N TYR D 22 8.75 23.14 9.68
CA TYR D 22 8.23 22.13 8.78
C TYR D 22 7.91 22.81 7.45
N TYR D 23 8.51 22.32 6.37
CA TYR D 23 8.42 22.89 5.05
C TYR D 23 8.11 21.84 3.99
N PRO D 24 7.46 22.25 2.89
CA PRO D 24 7.14 21.25 1.88
C PRO D 24 8.38 20.65 1.20
N GLY D 25 8.33 19.34 0.92
CA GLY D 25 9.35 18.59 0.20
C GLY D 25 10.54 18.24 1.07
N ALA D 26 10.49 18.54 2.36
CA ALA D 26 11.67 18.31 3.19
C ALA D 26 11.23 17.71 4.51
N ASP D 27 11.90 16.70 4.98
CA ASP D 27 11.62 16.18 6.35
C ASP D 27 12.58 16.77 7.41
N SER D 28 13.47 17.69 7.05
CA SER D 28 14.33 18.35 8.04
C SER D 28 14.83 19.68 7.47
N ILE D 29 15.43 20.51 8.31
CA ILE D 29 15.99 21.75 7.84
C ILE D 29 17.10 21.48 6.80
N ASP D 30 17.92 20.46 7.00
CA ASP D 30 19.00 20.15 6.05
C ASP D 30 18.45 19.70 4.68
N GLU D 31 17.35 18.96 4.66
CA GLU D 31 16.76 18.57 3.40
C GLU D 31 16.28 19.83 2.67
N LEU D 32 15.64 20.76 3.39
CA LEU D 32 15.28 22.06 2.80
C LEU D 32 16.51 22.71 2.12
N TRP D 33 17.61 22.75 2.84
CA TRP D 33 18.80 23.34 2.24
C TRP D 33 19.19 22.65 0.97
N GLN D 34 19.21 21.33 0.98
CA GLN D 34 19.58 20.59 -0.22
C GLN D 34 18.63 20.93 -1.36
N ASN D 35 17.36 21.01 -1.06
CA ASN D 35 16.37 21.38 -2.08
C ASN D 35 16.58 22.84 -2.64
N LEU D 36 16.81 23.78 -1.75
CA LEU D 36 17.20 25.13 -2.18
C LEU D 36 18.49 25.17 -2.99
N ALA D 37 19.53 24.53 -2.48
CA ALA D 37 20.81 24.43 -3.20
C ALA D 37 20.61 23.87 -4.62
N ASN D 38 19.72 22.90 -4.77
CA ASN D 38 19.53 22.19 -6.04
C ASN D 38 18.45 22.82 -6.93
N GLY D 39 17.84 23.93 -6.51
CA GLY D 39 16.89 24.61 -7.38
C GLY D 39 15.60 23.85 -7.47
N VAL D 40 15.20 23.13 -6.42
CA VAL D 40 14.04 22.25 -6.50
C VAL D 40 12.71 23.03 -6.38
N ASP D 41 11.78 22.80 -7.29
CA ASP D 41 10.45 23.38 -7.20
C ASP D 41 9.68 22.46 -6.25
N CYS D 42 9.19 22.97 -5.13
CA CYS D 42 8.55 22.13 -4.10
C CYS D 42 7.03 22.30 -4.09
N MET D 43 6.48 22.83 -5.19
CA MET D 43 5.02 22.96 -5.34
C MET D 43 4.45 21.63 -5.71
N SER D 44 3.15 21.43 -5.44
CA SER D 44 2.50 20.20 -5.83
C SER D 44 0.99 20.43 -5.91
N ASP D 45 0.31 19.45 -6.45
CA ASP D 45 -1.15 19.45 -6.48
C ASP D 45 -1.76 19.33 -5.09
N PHE D 46 -2.88 20.00 -4.86
CA PHE D 46 -3.67 19.77 -3.65
C PHE D 46 -3.80 18.29 -3.32
N PRO D 47 -3.32 17.87 -2.14
CA PRO D 47 -3.24 16.42 -1.90
C PRO D 47 -4.58 15.67 -1.82
N ALA D 48 -4.68 14.53 -2.50
CA ALA D 48 -5.91 13.70 -2.48
C ALA D 48 -6.22 13.18 -1.07
N ASP D 49 -5.26 13.10 -0.14
CA ASP D 49 -5.65 12.68 1.20
C ASP D 49 -6.32 13.79 2.01
N ARG D 50 -6.39 15.00 1.52
CA ARG D 50 -7.19 16.01 2.22
C ARG D 50 -8.58 16.13 1.56
N TRP D 51 -8.67 16.49 0.27
CA TRP D 51 -9.97 16.49 -0.44
C TRP D 51 -9.59 16.39 -1.89
N ASP D 52 -10.57 16.11 -2.69
CA ASP D 52 -10.42 15.94 -4.13
C ASP D 52 -10.65 17.31 -4.72
N HIS D 53 -9.54 17.97 -5.07
CA HIS D 53 -9.61 19.37 -5.46
C HIS D 53 -10.45 19.56 -6.74
N SER D 54 -10.52 18.54 -7.58
CA SER D 54 -11.25 18.63 -8.84
C SER D 54 -12.76 18.96 -8.56
N LYS D 55 -13.25 18.59 -7.38
CA LYS D 55 -14.62 18.84 -7.03
C LYS D 55 -14.81 20.29 -6.59
N ILE D 56 -13.73 21.00 -6.28
CA ILE D 56 -13.89 22.37 -5.88
C ILE D 56 -13.27 23.41 -6.80
N TYR D 57 -12.41 22.98 -7.71
CA TYR D 57 -11.71 23.86 -8.61
C TYR D 57 -12.57 24.41 -9.77
N TYR D 58 -12.48 25.71 -10.02
CA TYR D 58 -12.99 26.32 -11.26
C TYR D 58 -11.99 27.37 -11.74
N LYS D 59 -11.91 27.58 -13.07
CA LYS D 59 -10.79 28.32 -13.68
C LYS D 59 -10.81 29.81 -13.47
N ASN D 60 -11.97 30.38 -13.13
CA ASN D 60 -12.00 31.80 -12.77
C ASN D 60 -12.97 32.03 -11.61
N ARG D 61 -13.08 33.29 -11.19
CA ARG D 61 -13.76 33.65 -9.98
C ARG D 61 -15.28 33.82 -10.16
N LYS D 62 -15.81 33.58 -11.35
CA LYS D 62 -17.26 33.86 -11.58
C LYS D 62 -18.19 32.84 -10.99
N VAL D 63 -17.68 31.65 -10.71
CA VAL D 63 -18.46 30.64 -10.01
C VAL D 63 -18.21 30.69 -8.50
N LEU D 64 -19.16 31.31 -7.80
CA LEU D 64 -19.18 31.38 -6.34
C LEU D 64 -19.22 30.02 -5.69
N GLY D 65 -18.28 29.79 -4.77
CA GLY D 65 -18.27 28.53 -4.04
C GLY D 65 -17.07 27.67 -4.42
N LYS D 66 -16.59 27.85 -5.65
CA LYS D 66 -15.41 27.14 -6.14
C LYS D 66 -14.15 27.95 -5.83
N THR D 67 -12.97 27.34 -6.02
CA THR D 67 -11.69 28.02 -5.86
C THR D 67 -10.89 27.98 -7.16
N THR D 68 -10.13 29.06 -7.42
CA THR D 68 -9.29 29.18 -8.63
C THR D 68 -7.82 28.81 -8.40
N CYS D 69 -7.51 28.44 -7.16
CA CYS D 69 -6.17 28.05 -6.77
C CYS D 69 -5.84 26.69 -7.41
N ILE D 70 -4.86 26.69 -8.31
CA ILE D 70 -4.57 25.51 -9.10
C ILE D 70 -3.77 24.50 -8.28
N ASN D 71 -2.78 24.99 -7.53
CA ASN D 71 -1.95 24.09 -6.76
C ASN D 71 -1.46 24.82 -5.54
N GLY D 72 -0.51 24.28 -4.79
CA GLY D 72 0.15 25.09 -3.74
C GLY D 72 1.40 24.38 -3.32
N SER D 73 1.73 24.44 -2.03
CA SER D 73 2.78 23.58 -1.44
C SER D 73 2.30 23.09 -0.07
N PHE D 74 2.68 21.90 0.31
CA PHE D 74 2.05 21.24 1.44
C PHE D 74 3.05 20.47 2.28
N ILE D 75 2.95 20.59 3.60
CA ILE D 75 3.74 19.77 4.51
C ILE D 75 3.02 18.45 4.71
N LYS D 76 3.76 17.47 5.22
CA LYS D 76 3.22 16.13 5.46
C LYS D 76 2.56 16.09 6.83
N ASP D 77 1.61 15.18 7.02
CA ASP D 77 1.13 14.80 8.34
C ASP D 77 0.54 15.94 9.11
N VAL D 78 -0.27 16.75 8.44
CA VAL D 78 -0.85 17.91 9.10
C VAL D 78 -1.81 17.48 10.21
N ASP D 79 -2.35 16.26 10.08
CA ASP D 79 -3.29 15.64 11.05
C ASP D 79 -2.66 14.84 12.22
N LYS D 80 -1.32 14.75 12.27
CA LYS D 80 -0.62 13.93 13.24
C LYS D 80 -0.14 14.82 14.36
N PHE D 81 -0.24 14.30 15.59
CA PHE D 81 0.21 15.02 16.75
C PHE D 81 0.49 14.05 17.91
N ASP D 82 1.62 14.24 18.59
CA ASP D 82 2.01 13.37 19.71
C ASP D 82 1.33 13.86 20.98
N TYR D 83 0.02 13.60 21.11
CA TYR D 83 -0.73 14.11 22.23
C TYR D 83 -0.13 13.65 23.58
N SER D 84 0.40 12.45 23.59
CA SER D 84 0.94 11.83 24.78
C SER D 84 2.17 12.59 25.32
N TYR D 85 3.07 12.98 24.43
CA TYR D 85 4.27 13.76 24.78
C TYR D 85 3.90 15.10 25.40
N PHE D 86 2.89 15.73 24.85
CA PHE D 86 2.40 17.00 25.38
C PHE D 86 1.32 16.86 26.50
N LYS D 87 1.23 15.67 27.11
CA LYS D 87 0.53 15.51 28.39
C LYS D 87 -0.91 15.95 28.31
N MET D 88 -1.58 15.49 27.25
CA MET D 88 -2.87 15.96 26.87
C MET D 88 -3.77 14.76 26.48
N PRO D 89 -5.05 14.76 26.90
CA PRO D 89 -5.85 13.63 26.38
C PRO D 89 -6.08 13.71 24.87
N LYS D 90 -6.12 12.57 24.20
CA LYS D 90 -6.41 12.53 22.77
C LYS D 90 -7.65 13.30 22.33
N VAL D 91 -8.74 13.11 23.01
CA VAL D 91 -9.96 13.83 22.65
C VAL D 91 -9.75 15.36 22.67
N TYR D 92 -8.91 15.86 23.55
CA TYR D 92 -8.63 17.28 23.53
C TYR D 92 -7.80 17.64 22.27
N ALA D 93 -6.76 16.84 22.00
CA ALA D 93 -5.99 16.97 20.75
C ALA D 93 -6.85 16.97 19.50
N ASP D 94 -7.85 16.07 19.46
CA ASP D 94 -8.68 15.96 18.30
C ASP D 94 -9.46 17.26 18.02
N HIS D 95 -9.76 18.04 19.06
CA HIS D 95 -10.61 19.23 18.90
C HIS D 95 -9.75 20.49 18.75
N MET D 96 -8.48 20.32 18.92
CA MET D 96 -7.51 21.44 18.91
C MET D 96 -6.96 21.77 17.52
N SER D 97 -6.84 23.06 17.20
CA SER D 97 -6.32 23.46 15.89
C SER D 97 -5.00 22.82 15.65
N PRO D 98 -4.79 22.36 14.40
CA PRO D 98 -3.46 21.92 14.01
C PRO D 98 -2.39 22.97 14.13
N GLU D 99 -2.78 24.24 14.00
CA GLU D 99 -1.86 25.34 14.21
C GLU D 99 -1.21 25.22 15.58
N VAL D 100 -2.02 24.99 16.61
CA VAL D 100 -1.48 24.86 17.94
C VAL D 100 -0.62 23.60 18.00
N ARG D 101 -1.20 22.50 17.52
CA ARG D 101 -0.51 21.20 17.61
C ARG D 101 0.84 21.20 16.94
N LEU D 102 0.90 21.69 15.72
CA LEU D 102 2.13 21.58 14.93
C LEU D 102 3.18 22.61 15.38
N PHE D 103 2.72 23.77 15.83
CA PHE D 103 3.63 24.75 16.30
C PHE D 103 4.28 24.30 17.57
N LEU D 104 3.52 23.58 18.39
CA LEU D 104 4.05 23.00 19.61
C LEU D 104 5.23 22.04 19.31
N GLN D 105 5.04 21.16 18.32
CA GLN D 105 6.13 20.29 17.85
C GLN D 105 7.33 21.07 17.29
N VAL D 106 7.07 22.13 16.53
CA VAL D 106 8.17 22.96 16.02
C VAL D 106 8.88 23.72 17.14
N ALA D 107 8.13 24.16 18.13
CA ALA D 107 8.72 24.81 19.28
C ALA D 107 9.76 23.90 19.98
N VAL D 108 9.40 22.65 20.22
CA VAL D 108 10.33 21.64 20.74
C VAL D 108 11.55 21.50 19.85
N HIS D 109 11.34 21.37 18.55
CA HIS D 109 12.49 21.22 17.63
C HIS D 109 13.44 22.39 17.68
N THR D 110 12.86 23.56 17.79
CA THR D 110 13.61 24.79 17.74
C THR D 110 14.38 25.01 19.07
N PHE D 111 13.74 24.82 20.22
CA PHE D 111 14.45 24.87 21.49
C PHE D 111 15.56 23.85 21.59
N GLU D 112 15.27 22.62 21.21
CA GLU D 112 16.30 21.58 21.19
C GLU D 112 17.40 21.89 20.21
N ASP D 113 17.06 22.45 19.04
CA ASP D 113 18.13 22.78 18.07
C ASP D 113 19.11 23.76 18.65
N ALA D 114 18.57 24.70 19.42
CA ALA D 114 19.38 25.66 20.17
C ALA D 114 20.17 25.06 21.31
N GLY D 115 19.82 23.88 21.77
CA GLY D 115 20.55 23.29 22.85
C GLY D 115 19.92 23.63 24.18
N TYR D 116 18.60 23.80 24.20
CA TYR D 116 17.88 24.19 25.43
C TYR D 116 16.73 23.25 25.71
N SER D 117 16.98 22.30 26.62
CA SER D 117 15.90 21.44 27.11
C SER D 117 14.94 22.27 27.98
N LYS D 118 13.73 21.78 28.24
CA LYS D 118 12.84 22.45 29.17
C LYS D 118 13.49 22.69 30.52
N GLU D 119 14.23 21.69 30.98
CA GLU D 119 14.86 21.72 32.30
C GLU D 119 16.00 22.75 32.34
N THR D 120 16.72 22.87 31.21
CA THR D 120 17.79 23.88 31.10
C THR D 120 17.19 25.33 31.06
N LEU D 121 16.08 25.51 30.37
CA LEU D 121 15.39 26.79 30.38
C LEU D 121 15.00 27.20 31.82
N LEU D 122 14.49 26.26 32.60
CA LEU D 122 14.04 26.56 33.93
C LEU D 122 15.25 26.89 34.82
N SER D 123 16.31 26.13 34.79
CA SER D 123 17.42 26.47 35.67
C SER D 123 18.26 27.68 35.20
N ARG D 124 18.43 27.90 33.90
CA ARG D 124 19.21 29.08 33.46
C ARG D 124 18.44 30.38 33.62
N TYR D 125 17.15 30.37 33.35
CA TYR D 125 16.39 31.61 33.22
C TYR D 125 15.06 31.60 33.97
N ASN D 126 14.80 30.55 34.74
CA ASN D 126 13.54 30.48 35.45
C ASN D 126 12.35 30.59 34.51
N GLY D 127 12.55 30.16 33.28
CA GLY D 127 11.49 30.18 32.27
C GLY D 127 11.22 31.53 31.64
N ASP D 128 12.06 32.52 31.92
CA ASP D 128 11.84 33.87 31.39
C ASP D 128 12.20 33.94 29.93
N VAL D 129 11.30 33.41 29.11
CA VAL D 129 11.47 33.31 27.69
C VAL D 129 10.13 33.63 27.05
N GLY D 130 10.17 34.40 25.96
CA GLY D 130 8.94 34.80 25.29
C GLY D 130 8.59 33.90 24.12
N VAL D 131 7.36 33.99 23.67
CA VAL D 131 6.91 33.22 22.53
C VAL D 131 6.03 34.16 21.72
N LEU D 132 6.41 34.40 20.47
CA LEU D 132 5.75 35.37 19.56
C LEU D 132 5.56 34.74 18.20
N LEU D 133 4.31 34.60 17.78
CA LEU D 133 4.03 34.10 16.47
C LEU D 133 2.71 34.61 15.91
N GLY D 134 2.53 34.32 14.62
CA GLY D 134 1.35 34.74 13.88
C GLY D 134 1.00 33.72 12.79
N THR D 135 -0.31 33.67 12.47
CA THR D 135 -0.83 33.00 11.28
C THR D 135 -2.03 33.81 10.73
N MET D 136 -2.26 33.73 9.43
CA MET D 136 -3.42 34.38 8.81
C MET D 136 -4.64 33.42 8.72
N SER D 137 -4.50 32.17 9.10
CA SER D 137 -5.70 31.37 9.08
C SER D 137 -5.73 30.37 10.22
N ASN D 138 -6.93 29.94 10.55
CA ASN D 138 -7.15 29.00 11.63
C ASN D 138 -8.58 28.59 11.52
N ASP D 139 -8.77 27.59 10.64
CA ASP D 139 -10.05 27.25 10.10
C ASP D 139 -10.63 25.97 10.66
N TYR D 140 -10.00 25.42 11.69
CA TYR D 140 -10.38 24.13 12.23
C TYR D 140 -11.76 24.23 12.85
N HIS D 141 -12.12 25.42 13.34
CA HIS D 141 -13.46 25.68 13.90
C HIS D 141 -14.60 25.38 12.94
N TYR D 142 -14.32 25.33 11.64
CA TYR D 142 -15.35 24.99 10.69
C TYR D 142 -15.82 23.57 10.82
N TYR D 143 -15.03 22.68 11.37
CA TYR D 143 -15.50 21.29 11.47
C TYR D 143 -16.67 21.18 12.43
N GLY D 144 -16.49 21.79 13.61
CA GLY D 144 -17.53 21.75 14.65
C GLY D 144 -18.72 22.60 14.27
N PHE D 145 -18.44 23.72 13.59
CA PHE D 145 -19.52 24.62 13.16
C PHE D 145 -20.41 23.90 12.14
N GLU D 146 -19.80 23.31 11.11
CA GLU D 146 -20.52 22.59 10.13
C GLU D 146 -21.24 21.46 10.77
N SER D 147 -20.61 20.75 11.69
CA SER D 147 -21.30 19.66 12.32
C SER D 147 -22.53 20.17 13.09
N ASN D 148 -22.37 21.27 13.81
CA ASN D 148 -23.52 21.93 14.47
C ASN D 148 -24.64 22.44 13.57
N VAL D 149 -24.32 22.73 12.31
CA VAL D 149 -25.38 23.02 11.33
C VAL D 149 -26.33 21.83 11.15
N PHE D 150 -25.81 20.62 11.33
CA PHE D 150 -26.61 19.37 11.13
C PHE D 150 -27.21 18.83 12.41
N ARG D 151 -26.39 18.80 13.46
CA ARG D 151 -26.76 18.18 14.74
C ARG D 151 -25.94 18.73 15.89
N GLY D 152 -26.45 18.53 17.09
CA GLY D 152 -25.77 18.99 18.30
C GLY D 152 -24.38 18.41 18.34
N SER D 153 -23.36 19.25 18.35
CA SER D 153 -22.01 18.75 18.23
C SER D 153 -21.05 19.54 19.09
N MET D 154 -19.91 18.93 19.28
CA MET D 154 -18.83 19.61 19.87
C MET D 154 -18.21 20.63 18.93
N ALA D 155 -17.93 21.80 19.49
CA ALA D 155 -17.19 22.82 18.78
C ALA D 155 -15.76 22.37 18.56
N SER D 156 -15.10 22.94 17.55
CA SER D 156 -13.69 22.65 17.31
C SER D 156 -12.89 23.91 17.15
N GLY D 157 -11.57 23.74 17.28
CA GLY D 157 -10.62 24.78 17.07
C GLY D 157 -10.11 25.47 18.33
N SER D 158 -9.03 26.21 18.17
CA SER D 158 -8.37 26.90 19.27
C SER D 158 -8.29 28.37 18.87
N GLY D 159 -8.39 29.24 19.88
CA GLY D 159 -8.21 30.66 19.70
C GLY D 159 -6.78 30.97 19.27
N MET D 160 -6.61 32.10 18.58
CA MET D 160 -5.29 32.47 18.07
C MET D 160 -4.25 32.49 19.20
N ALA D 161 -4.59 33.13 20.31
CA ALA D 161 -3.64 33.29 21.43
C ALA D 161 -3.25 31.94 22.06
N THR D 162 -4.07 30.92 21.82
CA THR D 162 -3.77 29.61 22.33
C THR D 162 -2.49 29.03 21.71
N ILE D 163 -2.15 29.45 20.50
CA ILE D 163 -0.98 28.91 19.87
C ILE D 163 0.28 29.25 20.71
N PRO D 164 0.58 30.55 20.93
CA PRO D 164 1.77 30.76 21.76
C PRO D 164 1.64 30.31 23.24
N MET D 165 0.50 30.52 23.85
CA MET D 165 0.35 30.24 25.27
C MET D 165 0.42 28.76 25.59
N THR D 166 0.05 27.89 24.65
CA THR D 166 0.24 26.45 24.83
C THR D 166 1.73 26.10 24.91
N VAL D 167 2.53 26.73 24.06
CA VAL D 167 3.96 26.55 24.10
C VAL D 167 4.49 27.01 25.47
N SER D 168 4.11 28.20 25.88
CA SER D 168 4.56 28.75 27.15
C SER D 168 4.08 27.90 28.33
N TYR D 169 2.86 27.35 28.25
CA TYR D 169 2.33 26.44 29.26
C TYR D 169 3.16 25.14 29.34
N PHE D 170 3.31 24.45 28.21
CA PHE D 170 4.03 23.19 28.24
C PHE D 170 5.47 23.40 28.73
N TYR D 171 6.11 24.52 28.42
CA TYR D 171 7.51 24.74 28.82
C TYR D 171 7.66 25.51 30.13
N GLY D 172 6.53 25.85 30.77
CA GLY D 172 6.53 26.60 32.02
C GLY D 172 7.18 27.98 31.92
N LEU D 173 6.92 28.69 30.83
CA LEU D 173 7.62 29.98 30.56
C LEU D 173 6.88 31.19 31.15
N THR D 174 7.65 32.16 31.69
CA THR D 174 7.08 33.35 32.31
C THR D 174 7.24 34.63 31.48
N GLY D 175 7.98 34.56 30.37
CA GLY D 175 8.10 35.67 29.42
C GLY D 175 6.85 35.89 28.56
N PRO D 176 6.84 37.00 27.76
CA PRO D 176 5.62 37.34 27.00
C PRO D 176 5.24 36.35 25.90
N SER D 177 3.95 36.02 25.88
CA SER D 177 3.45 34.98 25.00
C SER D 177 2.32 35.62 24.19
N LEU D 178 2.64 36.01 22.96
CA LEU D 178 1.75 36.86 22.17
C LEU D 178 1.52 36.28 20.80
N PHE D 179 0.28 36.41 20.37
CA PHE D 179 -0.07 36.20 19.01
C PHE D 179 -0.12 37.54 18.30
N ILE D 180 0.65 37.68 17.22
CA ILE D 180 0.68 38.95 16.45
C ILE D 180 0.35 38.73 14.99
N ASP D 181 -0.64 39.48 14.48
CA ASP D 181 -1.05 39.38 13.10
C ASP D 181 -0.84 40.73 12.40
N THR D 182 0.10 40.73 11.46
CA THR D 182 0.22 41.78 10.48
C THR D 182 0.18 41.22 9.05
N MET D 183 -0.79 40.33 8.80
CA MET D 183 -0.89 39.63 7.53
C MET D 183 0.43 38.96 7.11
N CYS D 184 0.88 39.26 5.88
CA CYS D 184 1.99 38.49 5.29
C CYS D 184 3.28 38.84 6.00
N SER D 185 3.29 39.95 6.73
CA SER D 185 4.49 40.31 7.46
C SER D 185 4.55 39.80 8.92
N SER D 186 3.59 38.97 9.34
CA SER D 186 3.40 38.61 10.76
C SER D 186 4.64 38.03 11.43
N SER D 187 5.26 37.04 10.79
CA SER D 187 6.42 36.38 11.39
C SER D 187 7.57 37.36 11.48
N SER D 188 7.70 38.23 10.51
CA SER D 188 8.73 39.27 10.60
C SER D 188 8.41 40.29 11.69
N THR D 189 7.14 40.67 11.83
CA THR D 189 6.76 41.60 12.92
C THR D 189 7.17 40.95 14.26
N CYS D 190 6.90 39.66 14.35
CA CYS D 190 7.20 38.93 15.56
C CYS D 190 8.68 38.94 15.87
N ILE D 191 9.49 38.69 14.85
CA ILE D 191 10.96 38.69 14.99
C ILE D 191 11.43 40.08 15.38
N HIS D 192 10.88 41.09 14.71
CA HIS D 192 11.19 42.46 15.02
C HIS D 192 10.87 42.82 16.49
N THR D 193 9.66 42.46 16.92
CA THR D 193 9.20 42.75 18.27
C THR D 193 10.11 42.07 19.29
N ALA D 194 10.42 40.81 19.00
CA ALA D 194 11.33 40.03 19.79
C ALA D 194 12.70 40.70 19.94
N CYS D 195 13.22 41.30 18.86
CA CYS D 195 14.49 42.07 18.97
C CYS D 195 14.41 43.25 19.94
N GLN D 196 13.29 43.97 19.94
CA GLN D 196 13.09 45.10 20.88
C GLN D 196 12.99 44.59 22.31
N MET D 197 12.19 43.55 22.52
CA MET D 197 12.08 42.95 23.84
C MET D 197 13.45 42.53 24.34
N LEU D 198 14.22 41.87 23.49
CA LEU D 198 15.55 41.40 23.92
C LEU D 198 16.55 42.53 24.12
N LYS D 199 16.60 43.50 23.20
CA LYS D 199 17.48 44.68 23.38
C LYS D 199 17.23 45.40 24.71
N HIS D 200 15.98 45.50 25.11
CA HIS D 200 15.66 46.24 26.32
C HIS D 200 15.50 45.30 27.49
N ASP D 201 15.97 44.05 27.34
CA ASP D 201 16.05 43.13 28.46
C ASP D 201 14.69 42.87 29.12
N GLU D 202 13.62 42.90 28.33
CA GLU D 202 12.30 42.58 28.85
C GLU D 202 12.16 41.05 29.13
N THR D 203 12.98 40.22 28.47
CA THR D 203 12.99 38.78 28.67
C THR D 203 14.37 38.26 28.24
N LYS D 204 14.67 37.00 28.49
CA LYS D 204 16.02 36.49 28.26
C LYS D 204 16.22 35.84 26.87
N MET D 205 15.16 35.27 26.31
CA MET D 205 15.21 34.72 24.97
C MET D 205 13.79 34.81 24.49
N VAL D 206 13.63 34.73 23.16
CA VAL D 206 12.32 34.66 22.53
C VAL D 206 12.31 33.64 21.38
N LEU D 207 11.29 32.81 21.38
CA LEU D 207 10.99 31.95 20.26
C LEU D 207 10.06 32.78 19.40
N ALA D 208 10.45 33.01 18.14
CA ALA D 208 9.58 33.78 17.23
C ALA D 208 9.37 33.05 15.94
N GLY D 209 8.16 33.15 15.43
CA GLY D 209 7.90 32.46 14.19
C GLY D 209 6.53 32.66 13.66
N GLY D 210 6.10 31.75 12.82
CA GLY D 210 4.79 31.89 12.18
C GLY D 210 4.34 30.64 11.42
N LEU D 211 3.12 30.67 10.88
CA LEU D 211 2.67 29.55 10.10
C LEU D 211 1.59 29.88 9.08
N ASN D 212 1.49 28.98 8.10
CA ASN D 212 0.35 28.93 7.19
C ASN D 212 0.01 27.51 6.84
N LEU D 213 -1.25 27.15 7.02
CA LEU D 213 -1.78 25.84 6.68
C LEU D 213 -3.05 25.99 5.84
N MET D 214 -3.31 24.97 5.05
CA MET D 214 -4.54 24.86 4.25
C MET D 214 -5.04 23.45 4.40
N TYR D 215 -5.62 23.10 5.55
CA TYR D 215 -6.22 21.76 5.70
C TYR D 215 -7.72 21.70 5.42
N HIS D 216 -8.42 22.83 5.43
CA HIS D 216 -9.83 22.81 5.14
C HIS D 216 -10.08 23.32 3.75
N PRO D 217 -10.98 22.66 2.98
CA PRO D 217 -11.12 23.15 1.61
C PRO D 217 -11.57 24.59 1.53
N TYR D 218 -12.38 25.05 2.49
CA TYR D 218 -12.89 26.45 2.48
C TYR D 218 -11.79 27.49 2.63
N THR D 219 -10.68 27.09 3.22
CA THR D 219 -9.52 28.00 3.25
C THR D 219 -9.17 28.51 1.82
N THR D 220 -9.19 27.61 0.83
CA THR D 220 -8.82 27.91 -0.56
C THR D 220 -9.93 28.70 -1.29
N VAL D 221 -11.19 28.46 -0.92
CA VAL D 221 -12.27 29.22 -1.47
C VAL D 221 -12.14 30.65 -0.99
N ASN D 222 -12.05 30.80 0.31
CA ASN D 222 -11.87 32.11 0.85
C ASN D 222 -10.67 32.83 0.20
N THR D 223 -9.54 32.13 0.05
CA THR D 223 -8.35 32.73 -0.60
C THR D 223 -8.66 33.15 -2.01
N SER D 224 -9.35 32.27 -2.75
CA SER D 224 -9.73 32.56 -4.13
C SER D 224 -10.51 33.88 -4.21
N GLN D 225 -11.50 34.02 -3.35
CA GLN D 225 -12.32 35.25 -3.34
C GLN D 225 -11.54 36.50 -2.92
N GLY D 226 -10.40 36.35 -2.29
CA GLY D 226 -9.56 37.50 -2.02
C GLY D 226 -8.87 38.11 -3.25
N ASN D 227 -8.90 37.45 -4.40
CA ASN D 227 -8.36 38.08 -5.63
C ASN D 227 -6.91 38.55 -5.56
N PHE D 228 -5.99 37.68 -5.13
CA PHE D 228 -4.55 38.04 -5.16
C PHE D 228 -3.69 36.85 -5.51
N THR D 229 -4.31 35.72 -5.90
CA THR D 229 -3.54 34.55 -6.32
C THR D 229 -3.73 34.34 -7.82
N SER D 230 -2.74 33.74 -8.45
CA SER D 230 -2.80 33.48 -9.87
C SER D 230 -3.91 32.49 -10.20
N ILE D 231 -4.57 32.74 -11.30
CA ILE D 231 -5.45 31.77 -11.91
C ILE D 231 -4.80 31.06 -13.08
N THR D 232 -3.54 31.36 -13.38
CA THR D 232 -2.85 30.75 -14.54
C THR D 232 -1.59 29.96 -14.19
N SER D 233 -0.96 30.23 -13.06
CA SER D 233 0.40 29.76 -12.82
C SER D 233 0.41 28.72 -11.71
N GLU D 234 1.39 27.82 -11.78
CA GLU D 234 1.63 26.80 -10.80
C GLU D 234 2.86 27.11 -10.00
N SER D 235 3.44 28.28 -10.21
CA SER D 235 4.65 28.67 -9.49
C SER D 235 4.61 30.14 -9.12
N VAL D 236 5.37 30.54 -8.10
CA VAL D 236 5.66 31.95 -7.88
C VAL D 236 6.94 32.29 -8.60
N ASN D 237 6.80 33.13 -9.62
CA ASN D 237 7.90 33.44 -10.51
C ASN D 237 8.51 34.75 -10.08
N SER D 238 9.20 34.67 -8.95
CA SER D 238 9.82 35.81 -8.33
C SER D 238 10.75 36.54 -9.26
N TYR D 239 10.38 37.76 -9.59
CA TYR D 239 11.20 38.62 -10.42
C TYR D 239 11.30 38.07 -11.84
N GLY D 240 10.44 37.09 -12.13
CA GLY D 240 10.40 36.46 -13.43
C GLY D 240 9.19 36.96 -14.23
N VAL D 241 9.03 36.38 -15.40
CA VAL D 241 7.87 36.62 -16.23
C VAL D 241 6.76 35.82 -15.63
N GLY D 242 5.62 35.86 -16.28
CA GLY D 242 4.45 35.11 -15.80
C GLY D 242 4.02 35.46 -14.38
N ALA D 243 4.31 36.68 -13.94
CA ALA D 243 3.98 37.05 -12.56
C ALA D 243 2.57 37.60 -12.42
N ASP D 244 1.52 36.76 -12.48
CA ASP D 244 0.13 37.30 -12.50
C ASP D 244 -0.73 36.97 -11.27
N GLY D 245 -0.07 36.83 -10.13
CA GLY D 245 -0.70 36.49 -8.86
C GLY D 245 0.25 35.53 -8.15
N THR D 246 0.27 35.62 -6.82
CA THR D 246 1.08 34.74 -6.04
C THR D 246 0.40 33.36 -5.91
N VAL D 247 1.10 32.41 -5.29
CA VAL D 247 0.51 31.07 -5.09
C VAL D 247 0.75 30.71 -3.64
N ILE D 248 -0.30 30.28 -2.92
CA ILE D 248 -0.14 30.08 -1.48
C ILE D 248 0.56 28.75 -1.15
N GLY D 249 1.49 28.79 -0.22
CA GLY D 249 2.13 27.61 0.34
C GLY D 249 1.93 27.42 1.86
N GLU D 250 2.27 26.22 2.32
CA GLU D 250 2.20 25.84 3.71
C GLU D 250 3.61 25.84 4.30
N GLY D 251 3.70 26.01 5.61
CA GLY D 251 4.98 26.01 6.30
C GLY D 251 4.81 26.49 7.72
N ILE D 252 5.68 26.01 8.59
CA ILE D 252 5.68 26.38 9.98
C ILE D 252 7.13 26.62 10.27
N GLY D 253 7.42 27.74 10.90
CA GLY D 253 8.80 28.09 11.16
C GLY D 253 8.99 28.85 12.44
N ALA D 254 10.15 28.62 13.06
CA ALA D 254 10.55 29.42 14.19
C ALA D 254 12.05 29.56 14.32
N VAL D 255 12.43 30.61 15.03
CA VAL D 255 13.78 30.83 15.44
C VAL D 255 13.77 31.18 16.90
N LEU D 256 14.86 30.83 17.57
CA LEU D 256 15.09 31.25 18.96
C LEU D 256 16.14 32.37 18.90
N LEU D 257 15.83 33.45 19.59
CA LEU D 257 16.56 34.70 19.55
C LEU D 257 17.09 35.06 20.94
N LYS D 258 18.28 35.61 20.99
CA LYS D 258 18.92 35.99 22.26
C LYS D 258 19.85 37.17 22.01
N ARG D 259 19.99 38.06 22.99
CA ARG D 259 20.86 39.20 22.81
C ARG D 259 22.25 38.71 22.52
N LEU D 260 22.91 39.31 21.54
CA LEU D 260 24.18 38.81 21.03
C LEU D 260 25.22 38.65 22.14
N ASP D 261 25.30 39.62 23.03
CA ASP D 261 26.32 39.57 24.09
C ASP D 261 26.11 38.34 24.98
N ARG D 262 24.86 37.98 25.25
CA ARG D 262 24.60 36.83 26.10
C ARG D 262 24.79 35.50 25.33
N ALA D 263 24.46 35.49 24.05
CA ALA D 263 24.70 34.34 23.21
C ALA D 263 26.19 34.01 23.16
N ILE D 264 27.01 35.04 23.02
CA ILE D 264 28.47 34.87 22.97
C ILE D 264 28.94 34.30 24.29
N ALA D 265 28.57 34.97 25.38
CA ALA D 265 28.96 34.51 26.71
C ALA D 265 28.45 33.10 27.00
N ASP D 266 27.23 32.75 26.59
CA ASP D 266 26.72 31.40 26.86
C ASP D 266 27.26 30.32 25.93
N ARG D 267 28.04 30.69 24.92
CA ARG D 267 28.53 29.77 23.95
C ARG D 267 27.42 28.98 23.21
N ASP D 268 26.37 29.67 22.84
CA ASP D 268 25.37 29.14 21.94
C ASP D 268 25.90 29.04 20.52
N GLN D 269 25.19 28.33 19.67
CA GLN D 269 25.46 28.38 18.24
C GLN D 269 24.76 29.66 17.73
N ILE D 270 25.46 30.43 16.90
CA ILE D 270 24.95 31.68 16.41
C ILE D 270 24.86 31.55 14.93
N TYR D 271 23.65 31.35 14.45
CA TYR D 271 23.44 31.12 13.03
C TYR D 271 23.72 32.40 12.28
N GLY D 272 23.39 33.51 12.93
CA GLY D 272 23.50 34.80 12.32
C GLY D 272 23.11 35.87 13.31
N VAL D 273 23.38 37.11 12.95
CA VAL D 273 23.13 38.22 13.85
C VAL D 273 22.23 39.26 13.19
N ILE D 274 21.11 39.54 13.83
CA ILE D 274 20.20 40.56 13.35
C ILE D 274 20.70 41.87 13.87
N LYS D 275 21.18 42.71 12.97
CA LYS D 275 21.84 43.94 13.40
C LYS D 275 20.94 45.16 13.29
N GLY D 276 19.83 45.03 12.56
CA GLY D 276 18.93 46.15 12.38
C GLY D 276 17.61 45.67 11.81
N SER D 277 16.55 46.37 12.20
CA SER D 277 15.20 45.96 11.93
C SER D 277 14.31 47.17 12.10
N ALA D 278 13.41 47.35 11.15
CA ALA D 278 12.50 48.47 11.10
C ALA D 278 11.18 48.00 10.48
N MET D 279 10.08 48.63 10.88
CA MET D 279 8.79 48.44 10.19
C MET D 279 8.20 49.78 9.87
N THR D 280 7.35 49.83 8.86
CA THR D 280 6.61 51.02 8.48
C THR D 280 5.31 50.51 7.89
N ASN D 281 4.29 51.35 7.92
CA ASN D 281 3.05 51.04 7.24
C ASN D 281 2.93 51.97 6.03
N ALA D 282 2.22 51.50 5.02
CA ALA D 282 2.21 52.13 3.71
C ALA D 282 1.64 53.53 3.69
N GLY D 283 0.91 53.93 4.72
CA GLY D 283 0.38 55.28 4.80
C GLY D 283 -0.71 55.57 3.78
N GLU D 284 -0.87 56.86 3.50
CA GLU D 284 -1.83 57.34 2.52
C GLU D 284 -1.55 56.69 1.17
N ARG D 285 -2.60 56.21 0.51
CA ARG D 285 -2.51 55.61 -0.83
C ARG D 285 -3.91 55.32 -1.34
N ASN D 286 -3.99 54.85 -2.57
CA ASN D 286 -5.28 54.60 -3.20
C ASN D 286 -5.52 53.11 -3.43
N GLY D 287 -6.20 52.50 -2.47
CA GLY D 287 -6.44 51.06 -2.46
C GLY D 287 -5.81 50.43 -1.21
N PHE D 288 -6.60 49.72 -0.43
CA PHE D 288 -6.11 49.01 0.76
C PHE D 288 -4.89 48.12 0.43
N ASN D 289 -4.97 47.40 -0.68
CA ASN D 289 -3.90 46.47 -1.03
C ASN D 289 -2.81 47.04 -1.91
N VAL D 290 -2.75 48.37 -2.01
CA VAL D 290 -1.74 49.00 -2.82
C VAL D 290 -0.58 49.43 -1.92
N PRO D 291 0.66 49.03 -2.29
CA PRO D 291 1.88 49.47 -1.59
C PRO D 291 2.32 50.89 -1.97
N ASN D 292 3.21 51.44 -1.15
CA ASN D 292 3.94 52.65 -1.49
C ASN D 292 5.44 52.31 -1.38
N PRO D 293 6.15 52.26 -2.52
CA PRO D 293 7.57 51.90 -2.48
C PRO D 293 8.40 52.76 -1.52
N ASP D 294 8.06 54.04 -1.39
CA ASP D 294 8.80 54.96 -0.51
C ASP D 294 8.74 54.54 0.94
N LEU D 295 7.62 53.96 1.37
CA LEU D 295 7.57 53.43 2.74
C LEU D 295 8.33 52.09 2.89
N GLN D 296 8.47 51.33 1.79
CA GLN D 296 9.36 50.16 1.76
C GLN D 296 10.79 50.69 1.84
N THR D 297 11.09 51.74 1.05
CA THR D 297 12.43 52.29 1.05
C THR D 297 12.78 52.79 2.46
N LEU D 298 11.84 53.45 3.12
CA LEU D 298 12.13 53.98 4.45
C LEU D 298 12.46 52.83 5.40
N ALA D 299 11.65 51.78 5.39
CA ALA D 299 11.91 50.63 6.27
C ALA D 299 13.33 50.07 6.04
N ILE D 300 13.69 49.94 4.77
CA ILE D 300 14.98 49.38 4.41
C ILE D 300 16.06 50.28 4.94
N ARG D 301 15.94 51.58 4.70
CA ARG D 301 17.01 52.52 5.16
C ARG D 301 17.08 52.61 6.66
N GLN D 302 15.95 52.59 7.33
CA GLN D 302 16.00 52.58 8.78
C GLN D 302 16.79 51.39 9.32
N ALA D 303 16.55 50.20 8.74
CA ALA D 303 17.23 48.98 9.19
C ALA D 303 18.75 49.08 8.99
N MET D 304 19.16 49.54 7.80
CA MET D 304 20.60 49.64 7.50
C MET D 304 21.25 50.65 8.40
N ASP D 305 20.57 51.78 8.55
CA ASP D 305 20.89 52.81 9.52
C ASP D 305 21.20 52.28 10.90
N GLN D 306 20.25 51.54 11.43
CA GLN D 306 20.35 51.03 12.77
C GLN D 306 21.40 49.95 12.87
N ALA D 307 21.56 49.14 11.81
CA ALA D 307 22.64 48.14 11.76
C ALA D 307 24.02 48.77 11.47
N LYS D 308 24.01 50.03 11.06
CA LYS D 308 25.20 50.79 10.70
C LYS D 308 25.91 50.16 9.55
N VAL D 309 25.16 49.82 8.53
CA VAL D 309 25.75 49.22 7.33
C VAL D 309 25.56 50.08 6.10
N HIS D 310 26.59 50.18 5.26
CA HIS D 310 26.50 50.87 3.99
C HIS D 310 25.94 49.88 2.96
N PRO D 311 25.11 50.37 2.03
CA PRO D 311 24.47 49.47 1.06
C PRO D 311 25.41 48.65 0.17
N SER D 312 26.56 49.22 -0.15
CA SER D 312 27.59 48.50 -0.89
C SER D 312 28.18 47.31 -0.14
N SER D 313 27.90 47.21 1.16
CA SER D 313 28.34 46.07 1.97
C SER D 313 27.32 44.93 2.02
N ILE D 314 26.13 45.17 1.47
CA ILE D 314 25.09 44.16 1.35
C ILE D 314 25.24 43.36 0.07
N SER D 315 25.34 42.04 0.20
CA SER D 315 25.63 41.18 -0.96
C SER D 315 24.55 40.18 -1.31
N TYR D 316 23.53 40.11 -0.46
CA TYR D 316 22.34 39.31 -0.75
C TYR D 316 21.08 39.98 -0.20
N ILE D 317 20.00 39.92 -0.99
CA ILE D 317 18.67 40.31 -0.51
C ILE D 317 17.69 39.14 -0.66
N GLU D 318 17.08 38.76 0.46
CA GLU D 318 15.99 37.81 0.38
C GLU D 318 14.75 38.71 0.28
N GLY D 319 14.28 38.86 -0.93
CA GLY D 319 13.14 39.73 -1.19
C GLY D 319 11.82 39.05 -0.92
N HIS D 320 10.79 39.87 -0.80
CA HIS D 320 9.45 39.36 -0.65
C HIS D 320 9.15 38.46 -1.84
N GLY D 321 9.38 38.98 -3.04
CA GLY D 321 9.34 38.21 -4.30
C GLY D 321 8.03 37.48 -4.54
N SER D 322 6.92 38.15 -4.31
CA SER D 322 5.63 37.45 -4.34
C SER D 322 5.12 37.04 -5.73
N GLY D 323 5.81 37.50 -6.77
CA GLY D 323 5.48 37.14 -8.15
C GLY D 323 4.13 37.70 -8.63
N THR D 324 3.82 38.93 -8.20
CA THR D 324 2.70 39.68 -8.82
C THR D 324 3.20 40.68 -9.85
N LYS D 325 2.27 41.07 -10.72
CA LYS D 325 2.52 41.94 -11.87
C LYS D 325 2.96 43.31 -11.40
N LEU D 326 2.23 43.84 -10.42
CA LEU D 326 2.54 45.15 -9.86
C LEU D 326 3.54 45.10 -8.70
N GLY D 327 3.39 44.09 -7.83
CA GLY D 327 4.26 43.94 -6.62
C GLY D 327 5.77 43.84 -6.88
N ASP D 328 6.21 42.97 -7.80
CA ASP D 328 7.65 42.73 -7.93
C ASP D 328 8.37 43.99 -8.43
N PRO D 329 7.82 44.66 -9.46
CA PRO D 329 8.49 45.89 -9.93
C PRO D 329 8.53 46.96 -8.86
N ILE D 330 7.41 47.12 -8.14
CA ILE D 330 7.37 48.03 -7.00
C ILE D 330 8.39 47.65 -5.93
N GLU D 331 8.49 46.37 -5.54
CA GLU D 331 9.49 45.99 -4.54
C GLU D 331 10.90 46.31 -4.99
N VAL D 332 11.22 46.01 -6.25
CA VAL D 332 12.59 46.33 -6.71
C VAL D 332 12.84 47.82 -6.74
N LEU D 333 11.82 48.60 -7.11
CA LEU D 333 11.94 50.07 -6.99
C LEU D 333 12.28 50.47 -5.55
N GLY D 334 11.52 49.94 -4.58
CA GLY D 334 11.77 50.22 -3.17
C GLY D 334 13.23 50.00 -2.83
N LEU D 335 13.72 48.81 -3.14
CA LEU D 335 15.14 48.47 -2.90
C LEU D 335 16.11 49.35 -3.61
N ASN D 336 15.85 49.56 -4.88
CA ASN D 336 16.74 50.42 -5.66
C ASN D 336 16.94 51.83 -5.04
N ASN D 337 15.84 52.42 -4.56
CA ASN D 337 15.91 53.75 -3.93
C ASN D 337 16.58 53.73 -2.55
N ALA D 338 16.47 52.62 -1.84
CA ALA D 338 17.22 52.42 -0.60
C ALA D 338 18.70 52.22 -0.82
N PHE D 339 19.10 51.94 -2.07
CA PHE D 339 20.51 51.69 -2.40
C PHE D 339 21.21 52.79 -3.17
N ARG D 340 20.51 53.35 -4.17
CA ARG D 340 21.20 54.10 -5.21
C ARG D 340 21.71 55.47 -4.77
N TRP D 341 21.20 55.97 -3.64
CA TRP D 341 21.72 57.23 -3.04
C TRP D 341 23.18 57.06 -2.60
N ALA D 342 23.56 55.82 -2.32
CA ALA D 342 24.86 55.50 -1.73
C ALA D 342 25.92 54.92 -2.71
N THR D 343 25.49 54.51 -3.88
CA THR D 343 26.41 53.90 -4.82
C THR D 343 25.81 53.87 -6.20
N ASP D 344 26.70 54.02 -7.17
CA ASP D 344 26.38 53.97 -8.59
C ASP D 344 26.52 52.55 -9.13
N ASP D 345 27.25 51.68 -8.42
CA ASP D 345 27.45 50.29 -8.89
C ASP D 345 26.12 49.61 -9.25
N LYS D 346 26.12 48.82 -10.32
CA LYS D 346 24.95 48.03 -10.77
C LYS D 346 25.18 46.53 -10.70
N GLN D 347 24.12 45.80 -10.44
CA GLN D 347 24.12 44.33 -10.49
C GLN D 347 25.30 43.66 -9.74
N PHE D 348 25.56 44.17 -8.52
CA PHE D 348 26.61 43.60 -7.65
C PHE D 348 26.05 42.77 -6.51
N CYS D 349 24.77 42.90 -6.20
CA CYS D 349 24.13 42.24 -5.07
C CYS D 349 23.14 41.23 -5.57
N TYR D 350 23.18 40.02 -5.05
CA TYR D 350 22.20 39.00 -5.44
C TYR D 350 20.88 39.22 -4.77
N LEU D 351 19.82 38.90 -5.49
CA LEU D 351 18.48 39.07 -5.00
C LEU D 351 17.62 37.87 -5.37
N GLY D 352 17.05 37.21 -4.37
CA GLY D 352 16.14 36.10 -4.66
C GLY D 352 15.09 35.91 -3.60
N SER D 353 14.31 34.85 -3.74
CA SER D 353 13.23 34.59 -2.80
C SER D 353 12.91 33.11 -2.74
N ILE D 354 12.77 32.61 -1.51
CA ILE D 354 12.34 31.25 -1.26
C ILE D 354 10.93 31.01 -1.77
N LYS D 355 10.14 32.06 -1.98
CA LYS D 355 8.81 31.86 -2.53
C LYS D 355 8.87 31.17 -3.90
N SER D 356 9.97 31.39 -4.63
CA SER D 356 10.15 30.70 -5.91
C SER D 356 10.11 29.18 -5.72
N ASN D 357 10.59 28.70 -4.57
CA ASN D 357 10.64 27.25 -4.35
C ASN D 357 9.39 26.71 -3.72
N ILE D 358 8.83 27.43 -2.75
CA ILE D 358 7.76 26.86 -1.92
C ILE D 358 6.47 27.69 -1.87
N GLY D 359 6.39 28.74 -2.67
CA GLY D 359 5.20 29.55 -2.66
C GLY D 359 5.19 30.55 -1.51
N HIS D 360 4.06 31.23 -1.38
CA HIS D 360 3.91 32.34 -0.46
C HIS D 360 3.27 31.79 0.79
N LEU D 361 4.03 31.79 1.89
CA LEU D 361 3.58 31.22 3.14
C LEU D 361 2.90 32.24 4.03
N LEU D 362 2.37 33.30 3.43
CA LEU D 362 1.59 34.31 4.13
C LEU D 362 2.29 34.70 5.44
N ALA D 363 1.67 34.47 6.59
CA ALA D 363 2.29 34.85 7.88
C ALA D 363 3.70 34.28 8.08
N ALA D 364 4.01 33.11 7.49
CA ALA D 364 5.35 32.51 7.64
C ALA D 364 6.37 32.85 6.55
N SER D 365 6.05 33.87 5.74
CA SER D 365 6.95 34.27 4.65
C SER D 365 8.30 34.78 5.15
N GLY D 366 8.25 35.60 6.19
CA GLY D 366 9.43 36.21 6.81
C GLY D 366 10.32 35.14 7.41
N ILE D 367 9.80 34.27 8.28
CA ILE D 367 10.62 33.18 8.88
C ILE D 367 11.17 32.20 7.82
N ALA D 368 10.38 31.90 6.80
CA ALA D 368 10.89 31.10 5.68
C ALA D 368 12.08 31.75 5.03
N GLY D 369 12.00 33.06 4.76
CA GLY D 369 13.06 33.77 4.07
C GLY D 369 14.30 33.85 4.92
N LEU D 370 14.10 34.08 6.21
CA LEU D 370 15.22 34.10 7.17
C LEU D 370 15.86 32.73 7.22
N THR D 371 15.03 31.70 7.18
CA THR D 371 15.53 30.32 7.22
C THR D 371 16.46 30.03 6.03
N LYS D 372 16.07 30.47 4.83
CA LYS D 372 16.95 30.31 3.66
C LYS D 372 18.27 31.07 3.82
N THR D 373 18.18 32.28 4.34
CA THR D 373 19.30 33.19 4.39
C THR D 373 20.36 32.67 5.37
N LEU D 374 19.91 32.29 6.55
CA LEU D 374 20.70 31.60 7.54
C LEU D 374 21.38 30.34 6.99
N LEU D 375 20.67 29.54 6.21
CA LEU D 375 21.32 28.41 5.54
C LEU D 375 22.37 28.81 4.50
N GLN D 376 22.09 29.89 3.77
CA GLN D 376 23.09 30.45 2.90
C GLN D 376 24.34 30.86 3.68
N PHE D 377 24.21 31.48 4.85
CA PHE D 377 25.42 31.77 5.66
C PHE D 377 26.16 30.50 6.06
N LYS D 378 25.44 29.51 6.57
CA LYS D 378 26.03 28.26 7.05
C LYS D 378 26.88 27.65 5.97
N HIS D 379 26.34 27.52 4.77
CA HIS D 379 27.09 26.90 3.67
C HIS D 379 27.88 27.88 2.82
N LYS D 380 27.83 29.17 3.15
CA LYS D 380 28.51 30.20 2.35
C LYS D 380 28.27 30.10 0.87
N GLN D 381 27.00 29.97 0.54
CA GLN D 381 26.58 29.87 -0.82
C GLN D 381 25.24 30.63 -0.97
N ILE D 382 25.00 31.06 -2.20
CA ILE D 382 23.75 31.63 -2.59
C ILE D 382 23.03 30.62 -3.46
N ALA D 383 21.80 30.35 -3.09
CA ALA D 383 21.02 29.38 -3.77
C ALA D 383 20.33 30.01 -4.99
N PRO D 384 20.04 29.20 -6.02
CA PRO D 384 19.23 29.73 -7.11
C PRO D 384 17.86 30.27 -6.64
N SER D 385 17.40 31.32 -7.30
CA SER D 385 16.05 31.80 -7.16
C SER D 385 15.39 31.34 -8.44
N ILE D 386 14.47 30.36 -8.34
CA ILE D 386 14.00 29.64 -9.55
C ILE D 386 12.88 30.37 -10.25
N HIS D 387 12.47 29.87 -11.41
CA HIS D 387 11.37 30.42 -12.22
C HIS D 387 11.64 31.86 -12.67
N SER D 388 12.90 32.20 -12.87
CA SER D 388 13.26 33.54 -13.31
C SER D 388 14.35 33.53 -14.41
N SER D 389 14.40 32.46 -15.19
CA SER D 389 15.25 32.33 -16.42
C SER D 389 15.03 33.48 -17.34
N GLN D 390 13.77 33.88 -17.46
CA GLN D 390 13.37 35.10 -18.15
C GLN D 390 12.89 36.03 -17.07
N LEU D 391 13.50 37.20 -17.05
CA LEU D 391 13.28 38.16 -15.98
C LEU D 391 12.06 39.03 -16.26
N ASN D 392 11.44 39.56 -15.21
CA ASN D 392 10.23 40.42 -15.39
C ASN D 392 10.58 41.53 -16.40
N GLN D 393 9.88 41.62 -17.51
CA GLN D 393 10.21 42.64 -18.53
C GLN D 393 10.03 44.08 -18.09
N ASP D 394 9.15 44.32 -17.13
CA ASP D 394 8.94 45.67 -16.58
C ASP D 394 9.97 46.08 -15.50
N ILE D 395 10.95 45.24 -15.19
CA ILE D 395 11.99 45.62 -14.21
C ILE D 395 13.26 45.73 -14.94
N ASP D 396 13.89 46.90 -14.88
CA ASP D 396 15.15 47.09 -15.55
C ASP D 396 16.31 46.76 -14.62
N PHE D 397 16.59 45.46 -14.44
CA PHE D 397 17.66 45.02 -13.53
C PHE D 397 19.02 45.63 -13.79
N ALA D 398 19.36 45.95 -15.04
CA ALA D 398 20.68 46.58 -15.32
C ALA D 398 20.79 47.98 -14.73
N ASP D 399 19.65 48.65 -14.56
CA ASP D 399 19.68 49.93 -13.82
C ASP D 399 19.39 49.76 -12.32
N THR D 400 19.67 48.58 -11.75
CA THR D 400 19.60 48.41 -10.29
C THR D 400 20.91 47.84 -9.80
N PRO D 401 21.10 47.73 -8.49
CA PRO D 401 22.25 46.97 -7.91
C PRO D 401 22.09 45.43 -7.93
N PHE D 402 20.99 44.95 -8.46
CA PHE D 402 20.60 43.57 -8.29
C PHE D 402 20.72 42.64 -9.52
N VAL D 403 21.07 41.39 -9.21
CA VAL D 403 20.96 40.27 -10.14
C VAL D 403 20.35 39.10 -9.40
N VAL D 404 19.37 38.48 -10.05
CA VAL D 404 18.69 37.31 -9.57
C VAL D 404 19.45 36.00 -9.86
N PRO D 405 19.94 35.34 -8.83
CA PRO D 405 20.84 34.20 -9.09
C PRO D 405 20.13 33.01 -9.75
N GLN D 406 20.75 32.48 -10.78
CA GLN D 406 20.15 31.38 -11.56
C GLN D 406 20.77 30.01 -11.21
N GLN D 407 21.86 30.01 -10.45
CA GLN D 407 22.58 28.81 -10.11
C GLN D 407 23.11 28.88 -8.67
N LEU D 408 23.49 27.74 -8.12
CA LEU D 408 24.09 27.67 -6.80
C LEU D 408 25.46 28.33 -6.96
N ILE D 409 25.81 29.34 -6.20
CA ILE D 409 27.18 29.95 -6.34
C ILE D 409 27.83 30.26 -5.02
N GLU D 410 29.15 30.37 -5.03
CA GLU D 410 29.91 30.63 -3.82
C GLU D 410 29.56 32.04 -3.33
N TRP D 411 29.39 32.22 -2.03
CA TRP D 411 29.04 33.53 -1.49
C TRP D 411 30.33 34.22 -1.07
N ARG D 412 30.79 35.14 -1.89
CA ARG D 412 31.99 35.87 -1.55
C ARG D 412 31.71 37.06 -0.64
N GLN D 413 32.57 37.24 0.33
CA GLN D 413 32.64 38.47 1.14
C GLN D 413 33.05 39.68 0.29
N PRO D 414 32.16 40.66 0.09
CA PRO D 414 32.57 41.88 -0.63
C PRO D 414 33.67 42.69 0.06
N GLU D 415 34.34 43.50 -0.72
CA GLU D 415 35.42 44.31 -0.24
C GLU D 415 35.35 45.68 -0.92
N ARG D 416 35.44 46.75 -0.13
CA ARG D 416 35.57 48.10 -0.67
C ARG D 416 36.44 48.92 0.29
N ILE D 417 36.86 50.13 -0.11
CA ILE D 417 37.75 50.95 0.75
C ILE D 417 36.89 51.99 1.46
N ILE D 418 36.76 51.87 2.79
CA ILE D 418 35.81 52.68 3.60
C ILE D 418 36.53 53.37 4.79
N ASN D 419 36.34 54.70 4.93
CA ASN D 419 36.94 55.52 6.00
C ASN D 419 38.45 55.76 5.84
N GLY D 420 39.05 55.05 4.88
CA GLY D 420 40.49 54.99 4.72
C GLY D 420 41.04 53.58 4.48
N ARG D 421 40.32 52.57 4.97
CA ARG D 421 40.86 51.20 4.94
C ARG D 421 39.99 50.18 4.19
N LYS D 422 40.68 49.48 3.27
CA LYS D 422 40.16 48.30 2.64
C LYS D 422 39.41 47.47 3.66
N GLN D 423 38.08 47.45 3.57
CA GLN D 423 37.32 46.65 4.48
C GLN D 423 36.73 45.45 3.77
N VAL D 424 37.03 44.29 4.30
CA VAL D 424 36.41 43.08 3.89
C VAL D 424 35.18 42.98 4.78
N PHE D 425 34.00 42.92 4.17
CA PHE D 425 32.76 42.80 4.92
C PHE D 425 32.30 41.37 5.11
N PRO D 426 31.67 41.06 6.26
CA PRO D 426 31.11 39.75 6.36
C PRO D 426 30.00 39.64 5.39
N ARG D 427 29.55 38.41 5.20
CA ARG D 427 28.38 38.18 4.41
C ARG D 427 27.25 38.88 5.16
N ARG D 428 26.52 39.73 4.46
CA ARG D 428 25.40 40.49 5.00
C ARG D 428 24.28 40.45 4.01
N ALA D 429 23.08 40.26 4.56
CA ALA D 429 21.83 40.16 3.82
C ALA D 429 20.77 41.10 4.37
N GLY D 430 19.92 41.58 3.46
CA GLY D 430 18.70 42.27 3.84
C GLY D 430 17.57 41.32 3.52
N LEU D 431 16.52 41.38 4.34
CA LEU D 431 15.36 40.53 4.23
C LEU D 431 14.10 41.39 4.35
N THR D 432 13.22 41.24 3.39
CA THR D 432 12.04 42.04 3.32
C THR D 432 10.83 41.17 3.38
N SER D 433 9.82 41.66 4.10
CA SER D 433 8.47 41.06 4.10
C SER D 433 7.43 42.19 4.04
N ILE D 434 6.36 41.96 3.30
CA ILE D 434 5.38 43.00 2.93
C ILE D 434 3.95 42.43 3.05
N ALA D 435 3.08 43.18 3.71
CA ALA D 435 1.67 42.82 3.90
C ALA D 435 0.80 43.56 2.88
N ALA D 436 -0.24 42.87 2.39
CA ALA D 436 -1.22 43.43 1.48
C ALA D 436 -1.78 44.73 2.07
N GLY D 437 -2.09 44.69 3.36
CA GLY D 437 -2.78 45.78 4.04
C GLY D 437 -1.92 46.93 4.50
N GLY D 438 -0.61 46.83 4.27
CA GLY D 438 0.29 47.99 4.33
C GLY D 438 1.59 47.84 5.08
N MET D 439 1.65 46.89 6.01
CA MET D 439 2.84 46.79 6.89
C MET D 439 4.08 46.26 6.17
N ASN D 440 5.20 46.92 6.39
CA ASN D 440 6.48 46.49 5.85
C ASN D 440 7.44 46.13 6.97
N ALA D 441 8.30 45.15 6.71
CA ALA D 441 9.42 44.79 7.60
C ALA D 441 10.66 44.63 6.75
N HIS D 442 11.76 45.21 7.21
CA HIS D 442 13.07 44.89 6.65
C HIS D 442 14.01 44.64 7.79
N MET D 443 14.95 43.70 7.62
CA MET D 443 16.00 43.51 8.61
C MET D 443 17.31 43.17 7.96
N ILE D 444 18.40 43.56 8.63
CA ILE D 444 19.74 43.27 8.19
C ILE D 444 20.29 42.14 9.06
N VAL D 445 20.84 41.12 8.42
CA VAL D 445 21.36 39.99 9.12
C VAL D 445 22.76 39.71 8.59
N GLU D 446 23.64 39.35 9.50
CA GLU D 446 25.05 39.16 9.24
C GLU D 446 25.43 37.75 9.74
N GLU D 447 26.34 37.09 9.01
CA GLU D 447 26.95 35.80 9.41
C GLU D 447 27.78 36.03 10.66
N TYR D 448 28.11 34.98 11.41
CA TYR D 448 28.97 35.11 12.62
C TYR D 448 30.05 34.03 12.70
N PRO D 449 31.30 34.37 13.08
CA PRO D 449 32.35 33.33 13.04
C PRO D 449 32.26 32.26 14.15
N GLU D 450 32.37 30.97 13.82
CA GLU D 450 32.39 29.97 14.88
C GLU D 450 33.65 30.18 15.74
N PRO D 451 33.54 30.03 17.07
CA PRO D 451 34.72 30.15 17.92
C PRO D 451 35.75 29.08 17.58
N ALA D 452 37.02 29.41 17.76
CA ALA D 452 38.09 28.46 17.53
C ALA D 452 38.13 27.37 18.58
N ASP D 453 37.59 27.61 19.76
CA ASP D 453 37.68 26.64 20.85
C ASP D 453 36.28 26.06 21.13
N SER D 454 35.48 25.90 20.09
CA SER D 454 34.08 25.47 20.27
C SER D 454 33.98 24.04 20.80
N ALA D 455 35.02 23.22 20.60
CA ALA D 455 35.05 21.85 21.14
C ALA D 455 35.05 21.81 22.68
N GLY D 456 35.34 22.94 23.33
CA GLY D 456 35.45 22.92 24.79
C GLY D 456 36.52 21.92 25.23
N GLN D 457 36.53 21.56 26.51
CA GLN D 457 37.50 20.58 27.04
C GLN D 457 36.85 19.60 28.00
N ILE D 458 37.12 18.32 27.76
CA ILE D 458 36.72 17.27 28.67
C ILE D 458 37.61 16.07 28.44
N SER D 459 38.00 15.41 29.52
CA SER D 459 38.68 14.12 29.45
C SER D 459 37.79 13.09 28.76
N GLU D 460 38.38 12.28 27.87
CA GLU D 460 37.68 11.21 27.15
C GLU D 460 36.92 10.24 28.05
N ASP D 461 37.54 9.90 29.17
CA ASP D 461 36.97 9.00 30.16
C ASP D 461 35.68 9.48 30.74
N GLN D 462 35.34 10.74 30.52
CA GLN D 462 34.15 11.35 31.11
C GLN D 462 33.09 11.65 30.03
N LEU D 463 33.30 11.11 28.83
CA LEU D 463 32.34 11.23 27.76
C LEU D 463 31.23 10.23 27.96
N VAL D 464 30.01 10.73 28.03
CA VAL D 464 28.86 9.86 27.99
C VAL D 464 27.80 10.47 27.08
N PHE D 465 26.98 9.62 26.46
CA PHE D 465 25.96 10.05 25.50
C PHE D 465 24.62 9.60 25.96
N VAL D 466 23.75 10.55 26.28
CA VAL D 466 22.52 10.22 26.97
C VAL D 466 21.36 10.54 26.06
N PHE D 467 20.35 9.66 26.06
CA PHE D 467 19.20 9.72 25.12
C PHE D 467 17.93 9.44 25.88
N SER D 468 16.85 10.10 25.59
CA SER D 468 15.59 9.72 26.20
C SER D 468 14.43 9.84 25.26
N VAL D 469 13.41 9.00 25.48
CA VAL D 469 12.19 9.04 24.72
C VAL D 469 11.01 8.83 25.66
N HIS D 470 9.84 9.33 25.25
CA HIS D 470 8.59 9.24 26.02
CA HIS D 470 8.64 9.21 26.08
C HIS D 470 7.97 7.84 25.96
N LYS D 471 8.10 7.19 24.80
CA LYS D 471 7.54 5.85 24.56
C LYS D 471 8.61 4.92 23.99
N LEU D 472 8.73 3.74 24.58
CA LEU D 472 9.74 2.77 24.19
C LEU D 472 9.59 2.35 22.75
N ALA D 473 8.35 2.35 22.28
CA ALA D 473 8.08 2.03 20.90
C ALA D 473 8.75 3.00 19.93
N LEU D 474 9.09 4.21 20.38
CA LEU D 474 9.81 5.16 19.51
C LEU D 474 11.31 5.11 19.71
N LEU D 475 11.81 4.27 20.60
CA LEU D 475 13.28 4.35 20.91
C LEU D 475 14.15 4.01 19.68
N ALA D 476 13.88 2.86 19.06
CA ALA D 476 14.67 2.45 17.90
C ALA D 476 14.68 3.53 16.81
N GLN D 477 13.54 4.15 16.56
CA GLN D 477 13.48 5.14 15.48
C GLN D 477 14.29 6.40 15.81
N ASN D 478 14.22 6.83 17.07
CA ASN D 478 14.94 7.99 17.50
C ASN D 478 16.45 7.70 17.49
N LEU D 479 16.85 6.50 17.93
CA LEU D 479 18.26 6.16 17.94
C LEU D 479 18.82 5.94 16.52
N THR D 480 17.99 5.47 15.59
CA THR D 480 18.35 5.35 14.17
C THR D 480 18.59 6.68 13.53
N SER D 481 17.66 7.58 13.81
CA SER D 481 17.80 8.90 13.33
C SER D 481 19.15 9.54 13.84
N PHE D 482 19.50 9.30 15.10
CA PHE D 482 20.76 9.90 15.65
C PHE D 482 22.02 9.26 15.05
N ARG D 483 21.92 7.97 14.86
CA ARG D 483 23.03 7.15 14.31
C ARG D 483 23.35 7.57 12.86
N ASP D 484 22.30 7.73 12.06
CA ASP D 484 22.44 8.16 10.67
C ASP D 484 23.06 9.54 10.66
N TRP D 485 22.61 10.42 11.54
CA TRP D 485 23.19 11.75 11.65
C TRP D 485 24.65 11.71 12.06
N LEU D 486 24.96 10.87 13.01
CA LEU D 486 26.33 10.75 13.50
C LEU D 486 27.27 10.32 12.38
N ALA D 487 26.81 9.40 11.54
CA ALA D 487 27.61 8.92 10.42
C ALA D 487 28.03 10.04 9.48
N SER D 488 27.19 11.05 9.28
CA SER D 488 27.57 12.15 8.41
C SER D 488 28.04 13.38 9.17
N SER D 489 28.38 13.25 10.47
CA SER D 489 28.80 14.37 11.32
C SER D 489 30.27 14.33 11.70
N GLU D 490 30.91 15.48 11.63
CA GLU D 490 32.25 15.63 12.11
C GLU D 490 32.28 16.37 13.45
N ALA D 491 31.14 16.61 14.10
CA ALA D 491 31.25 17.33 15.41
C ALA D 491 32.14 16.61 16.39
N PRO D 492 32.96 17.37 17.12
CA PRO D 492 33.76 16.74 18.17
C PRO D 492 32.84 16.16 19.27
N LEU D 493 33.21 15.01 19.79
CA LEU D 493 32.38 14.30 20.77
C LEU D 493 31.92 15.10 21.97
N ALA D 494 32.80 15.99 22.46
CA ALA D 494 32.48 16.81 23.62
C ALA D 494 31.26 17.65 23.34
N GLN D 495 31.14 18.17 22.11
CA GLN D 495 29.96 18.99 21.76
C GLN D 495 28.70 18.15 21.60
N ILE D 496 28.86 16.91 21.13
CA ILE D 496 27.73 16.02 21.04
C ILE D 496 27.26 15.65 22.45
N ALA D 497 28.18 15.25 23.32
CA ALA D 497 27.81 14.81 24.68
C ALA D 497 27.06 15.92 25.42
N TYR D 498 27.65 17.11 25.37
CA TYR D 498 27.15 18.27 26.11
C TYR D 498 25.76 18.71 25.63
N THR D 499 25.56 18.82 24.31
CA THR D 499 24.26 19.20 23.82
C THR D 499 23.21 18.15 24.14
N LEU D 500 23.56 16.89 24.11
CA LEU D 500 22.66 15.85 24.58
C LEU D 500 22.23 16.01 26.06
N GLN D 501 23.18 16.45 26.88
CA GLN D 501 22.98 16.58 28.31
C GLN D 501 22.11 17.75 28.74
N VAL D 502 22.17 18.78 27.92
CA VAL D 502 21.66 20.10 28.23
C VAL D 502 20.55 20.56 27.27
N GLY D 503 20.53 19.98 26.08
CA GLY D 503 19.66 20.49 25.01
C GLY D 503 18.57 19.56 24.52
N LYS D 504 18.28 18.52 25.28
CA LYS D 504 17.25 17.58 24.94
C LYS D 504 16.27 17.43 26.10
N ASN D 505 14.96 17.50 25.84
CA ASN D 505 14.00 17.37 26.91
C ASN D 505 14.22 15.98 27.55
N ASN D 506 14.23 15.91 28.86
CA ASN D 506 14.56 14.69 29.61
C ASN D 506 13.27 13.90 29.86
N LEU D 507 13.13 12.73 29.23
CA LEU D 507 11.88 12.04 29.13
C LEU D 507 12.02 10.76 29.94
N ARG D 508 10.92 10.05 30.08
CA ARG D 508 10.86 9.00 31.09
C ARG D 508 11.68 7.71 30.77
N ASN D 509 12.11 7.50 29.54
CA ASN D 509 12.89 6.30 29.18
C ASN D 509 14.27 6.78 28.78
N ARG D 510 15.24 6.45 29.60
CA ARG D 510 16.58 6.98 29.55
C ARG D 510 17.63 5.91 29.34
N LEU D 511 18.59 6.27 28.49
CA LEU D 511 19.60 5.39 27.96
C LEU D 511 20.91 6.16 27.91
N ALA D 512 21.95 5.55 28.42
CA ALA D 512 23.24 6.17 28.39
C ALA D 512 24.23 5.22 27.82
N ILE D 513 25.07 5.76 26.94
CA ILE D 513 26.21 5.06 26.38
C ILE D 513 27.50 5.78 26.72
N ARG D 514 28.39 5.09 27.44
CA ARG D 514 29.65 5.66 27.83
C ARG D 514 30.80 5.08 26.98
N CYS D 515 31.50 5.93 26.22
CA CYS D 515 32.60 5.50 25.32
C CYS D 515 33.43 6.69 24.97
N ARG D 516 34.64 6.42 24.48
CA ARG D 516 35.63 7.44 24.17
C ARG D 516 35.83 7.74 22.71
N THR D 517 35.25 6.97 21.80
CA THR D 517 35.41 7.23 20.36
C THR D 517 34.05 7.28 19.69
N ARG D 518 33.97 8.04 18.60
CA ARG D 518 32.72 8.18 17.84
C ARG D 518 32.36 6.84 17.17
N GLN D 519 33.37 6.03 16.88
CA GLN D 519 33.15 4.69 16.29
C GLN D 519 32.56 3.74 17.32
N ALA D 520 33.08 3.78 18.53
CA ALA D 520 32.48 3.01 19.60
C ALA D 520 31.03 3.43 19.82
N LEU D 521 30.73 4.72 19.71
CA LEU D 521 29.35 5.18 19.89
C LEU D 521 28.45 4.67 18.78
N SER D 522 28.93 4.68 17.53
CA SER D 522 28.17 4.15 16.35
C SER D 522 27.88 2.67 16.49
N ARG D 523 28.88 1.88 16.84
CA ARG D 523 28.70 0.45 17.10
C ARG D 523 27.67 0.19 18.22
N ALA D 524 27.73 0.97 19.29
CA ALA D 524 26.80 0.80 20.39
C ALA D 524 25.37 1.20 19.96
N LEU D 525 25.24 2.23 19.17
CA LEU D 525 23.91 2.63 18.73
C LEU D 525 23.33 1.56 17.82
N ASN D 526 24.15 0.97 16.96
CA ASN D 526 23.67 -0.09 16.06
C ASN D 526 23.06 -1.23 16.85
N ALA D 527 23.73 -1.63 17.94
CA ALA D 527 23.21 -2.69 18.78
C ALA D 527 21.96 -2.31 19.54
N CYS D 528 21.92 -1.08 20.04
CA CYS D 528 20.82 -0.64 20.87
C CYS D 528 19.56 -0.54 20.01
N ILE D 529 19.73 -0.11 18.76
CA ILE D 529 18.64 -0.02 17.85
C ILE D 529 17.87 -1.34 17.79
N ASP D 530 18.57 -2.48 17.78
CA ASP D 530 17.91 -3.81 17.73
C ASP D 530 17.66 -4.40 19.11
N GLY D 531 17.74 -3.57 20.16
CA GLY D 531 17.42 -4.01 21.49
C GLY D 531 18.54 -4.78 22.18
N HIS D 532 19.76 -4.67 21.67
CA HIS D 532 20.87 -5.34 22.33
C HIS D 532 21.65 -4.28 23.11
N TYR D 533 21.42 -4.25 24.42
CA TYR D 533 21.86 -3.15 25.25
C TYR D 533 23.08 -3.45 26.04
N GLN D 534 23.70 -4.59 25.89
CA GLN D 534 24.69 -4.96 26.86
C GLN D 534 26.00 -4.17 26.73
N SER D 535 26.70 -4.03 27.84
CA SER D 535 28.02 -3.41 27.86
C SER D 535 29.01 -4.32 27.21
N SER D 536 30.10 -3.76 26.68
CA SER D 536 31.16 -4.56 26.06
C SER D 536 32.46 -3.80 26.30
N ALA D 537 33.52 -4.28 25.69
CA ALA D 537 34.83 -3.69 25.88
C ALA D 537 34.84 -2.19 25.55
N ASP D 538 34.24 -1.78 24.43
CA ASP D 538 34.37 -0.37 23.97
C ASP D 538 33.29 0.61 24.42
N SER D 539 32.26 0.11 25.08
CA SER D 539 31.21 0.97 25.56
C SER D 539 30.43 0.28 26.68
N LYS D 540 30.13 1.07 27.71
CA LYS D 540 29.35 0.63 28.85
C LYS D 540 28.03 1.30 28.69
N ILE D 541 26.97 0.56 28.91
CA ILE D 541 25.64 1.01 28.54
C ILE D 541 24.73 0.87 29.72
N PHE D 542 24.01 1.93 30.06
CA PHE D 542 23.13 1.87 31.23
C PHE D 542 21.77 2.42 30.84
N TYR D 543 20.73 2.06 31.59
CA TYR D 543 19.40 2.57 31.28
C TYR D 543 18.35 2.40 32.37
N ARG D 544 17.36 3.27 32.37
CA ARG D 544 16.16 3.02 33.18
C ARG D 544 14.98 3.40 32.37
N PHE D 545 14.10 2.43 32.12
CA PHE D 545 12.95 2.66 31.30
C PHE D 545 11.75 2.72 32.22
N GLN D 546 11.38 3.91 32.65
CA GLN D 546 10.30 4.02 33.62
C GLN D 546 9.02 3.41 33.09
N GLU D 547 8.76 3.56 31.79
CA GLU D 547 7.60 2.96 31.12
C GLU D 547 7.45 1.46 31.38
N SER D 548 8.56 0.73 31.44
CA SER D 548 8.48 -0.73 31.66
C SER D 548 9.16 -1.14 32.98
N ASP D 549 9.52 -0.15 33.79
CA ASP D 549 10.38 -0.40 34.94
C ASP D 549 11.60 -1.33 34.70
N ALA D 550 12.15 -1.37 33.49
CA ALA D 550 13.38 -2.15 33.22
C ALA D 550 14.60 -1.29 33.48
N VAL D 551 15.65 -1.87 34.06
CA VAL D 551 16.83 -1.14 34.54
C VAL D 551 18.16 -1.86 34.30
N GLN D 552 19.16 -1.11 33.85
CA GLN D 552 20.52 -1.64 33.76
C GLN D 552 21.42 -0.61 34.43
N PRO D 553 21.58 -0.72 35.75
CA PRO D 553 22.16 0.39 36.53
C PRO D 553 23.69 0.38 36.51
N LEU D 554 24.34 1.36 37.13
CA LEU D 554 25.82 1.30 37.25
C LEU D 554 26.35 1.12 38.69
N GLU D 555 27.69 1.08 38.84
CA GLU D 555 28.38 0.77 40.12
C GLU D 555 28.84 1.98 40.92
N ASP D 560 35.43 8.57 40.22
CA ASP D 560 34.82 8.82 38.91
C ASP D 560 33.75 9.93 38.97
N PRO D 561 34.09 11.14 38.48
CA PRO D 561 33.18 12.29 38.49
C PRO D 561 31.84 12.00 37.86
N LEU D 562 31.82 10.98 37.00
CA LEU D 562 30.69 10.71 36.15
C LEU D 562 29.60 9.84 36.78
N ALA D 563 29.95 8.97 37.73
CA ALA D 563 28.95 8.01 38.28
C ALA D 563 27.74 8.67 38.99
N PRO D 564 27.99 9.64 39.88
CA PRO D 564 26.87 10.27 40.59
C PRO D 564 25.95 11.06 39.69
N LEU D 565 26.51 11.76 38.69
CA LEU D 565 25.67 12.54 37.76
C LEU D 565 24.78 11.60 36.97
N LEU D 566 25.42 10.53 36.48
CA LEU D 566 24.75 9.57 35.63
C LEU D 566 23.68 8.83 36.40
N THR D 567 23.99 8.48 37.65
CA THR D 567 23.00 7.84 38.55
C THR D 567 21.80 8.72 38.78
N GLN D 568 22.02 10.01 39.05
CA GLN D 568 20.89 10.96 39.19
C GLN D 568 20.00 10.98 37.95
N TRP D 569 20.63 11.10 36.78
CA TRP D 569 19.87 11.25 35.52
C TRP D 569 19.05 9.98 35.27
N LEU D 570 19.71 8.83 35.39
CA LEU D 570 19.05 7.53 35.21
C LEU D 570 17.86 7.38 36.17
N ASN D 571 18.07 7.76 37.42
CA ASN D 571 16.97 7.74 38.41
C ASN D 571 15.82 8.64 38.08
N GLY D 572 16.06 9.63 37.23
CA GLY D 572 14.99 10.45 36.70
C GLY D 572 14.99 11.90 37.16
N ASP D 573 16.05 12.34 37.84
CA ASP D 573 16.22 13.73 38.23
C ASP D 573 16.28 14.65 37.04
N SER D 574 15.82 15.88 37.28
CA SER D 574 15.66 16.85 36.20
C SER D 574 16.78 17.88 36.16
N GLN D 575 17.49 18.06 37.28
CA GLN D 575 18.55 19.08 37.39
C GLN D 575 19.86 18.42 37.78
N VAL D 576 20.64 18.12 36.76
CA VAL D 576 21.90 17.44 36.86
C VAL D 576 22.98 18.38 36.37
N ASP D 577 24.05 18.55 37.15
CA ASP D 577 25.07 19.52 36.84
C ASP D 577 26.10 18.93 35.84
N TRP D 578 25.62 18.62 34.63
CA TRP D 578 26.49 18.04 33.56
C TRP D 578 27.74 18.93 33.27
N ALA D 579 27.53 20.24 33.27
CA ALA D 579 28.58 21.25 33.06
C ALA D 579 29.80 21.03 33.95
N SER D 580 29.55 20.52 35.14
CA SER D 580 30.62 20.27 36.09
C SER D 580 31.71 19.37 35.57
N LEU D 581 31.43 18.54 34.57
CA LEU D 581 32.43 17.61 34.04
C LEU D 581 33.36 18.27 33.07
N TYR D 582 33.06 19.46 32.58
CA TYR D 582 33.85 20.08 31.51
C TYR D 582 34.80 21.16 32.05
N ALA D 583 36.08 21.11 31.67
CA ALA D 583 37.03 22.14 32.09
C ALA D 583 36.66 23.43 31.36
N GLN D 584 36.04 23.29 30.20
CA GLN D 584 35.50 24.41 29.43
C GLN D 584 34.24 23.88 28.72
N PRO D 585 33.11 24.59 28.81
CA PRO D 585 31.89 24.04 28.18
C PRO D 585 31.95 24.07 26.67
N PRO D 586 31.52 23.01 26.00
CA PRO D 586 31.53 23.14 24.54
C PRO D 586 30.41 24.06 24.03
N VAL D 587 30.60 24.59 22.82
CA VAL D 587 29.62 25.36 22.11
C VAL D 587 28.52 24.41 21.66
N ARG D 588 27.26 24.81 21.81
CA ARG D 588 26.14 23.99 21.36
C ARG D 588 26.10 23.71 19.85
N ILE D 589 25.49 22.59 19.46
CA ILE D 589 25.37 22.22 18.06
C ILE D 589 23.97 21.74 17.78
N SER D 590 23.67 21.62 16.50
CA SER D 590 22.36 21.06 16.03
C SER D 590 22.37 19.55 16.11
N LEU D 591 21.45 18.98 16.87
CA LEU D 591 21.28 17.55 16.94
C LEU D 591 19.96 17.20 16.25
N PRO D 592 19.86 16.01 15.73
CA PRO D 592 18.64 15.72 14.97
C PRO D 592 17.34 15.82 15.82
N ALA D 593 16.32 16.42 15.22
CA ALA D 593 14.99 16.46 15.77
C ALA D 593 14.56 15.15 16.44
N TYR D 594 13.83 15.27 17.55
CA TYR D 594 13.14 14.15 18.20
C TYR D 594 12.11 13.66 17.18
N ARG D 595 11.91 12.34 17.08
CA ARG D 595 10.87 11.73 16.26
C ARG D 595 9.64 11.49 17.13
N PHE D 596 8.66 12.34 16.91
CA PHE D 596 7.41 12.33 17.62
C PHE D 596 6.55 11.18 17.13
N GLU D 597 5.57 10.78 17.92
CA GLU D 597 4.65 9.75 17.52
C GLU D 597 3.62 10.35 16.55
N LYS D 598 3.30 9.61 15.48
CA LYS D 598 2.48 10.14 14.40
C LYS D 598 1.04 9.66 14.47
N THR D 599 0.37 9.99 15.58
CA THR D 599 -1.02 9.55 15.82
C THR D 599 -1.97 10.60 15.21
N ARG D 600 -2.84 10.18 14.32
CA ARG D 600 -3.85 11.03 13.76
C ARG D 600 -4.78 11.56 14.82
N CYS D 601 -4.86 12.88 14.96
CA CYS D 601 -5.92 13.51 15.78
C CYS D 601 -6.76 14.43 14.92
N TRP D 602 -8.02 14.06 14.66
CA TRP D 602 -8.81 14.85 13.77
C TRP D 602 -10.28 14.77 14.14
N TYR D 603 -11.02 15.81 13.85
CA TYR D 603 -12.43 15.87 14.25
C TYR D 603 -13.26 14.88 13.50
N THR D 604 -12.91 14.62 12.24
CA THR D 604 -13.65 13.73 11.37
C THR D 604 -12.87 12.49 11.03
N GLU D 605 -13.61 11.52 10.53
CA GLU D 605 -13.07 10.28 10.00
C GLU D 605 -12.32 10.55 8.71
N GLU D 606 -11.53 9.59 8.29
CA GLU D 606 -10.93 9.70 6.97
C GLU D 606 -12.05 9.45 5.95
N GLY D 607 -11.99 10.15 4.83
CA GLY D 607 -13.04 9.98 3.83
C GLY D 607 -14.11 11.05 3.90
N TYR D 608 -14.14 11.80 5.00
CA TYR D 608 -15.01 12.97 5.14
C TYR D 608 -14.86 14.01 4.03
N GLU D 609 -16.00 14.40 3.47
CA GLU D 609 -16.09 15.57 2.60
C GLU D 609 -17.07 16.60 3.21
N SER D 610 -16.53 17.78 3.44
CA SER D 610 -17.31 18.93 3.85
C SER D 610 -18.42 19.22 2.85
N SER D 611 -19.45 19.87 3.33
CA SER D 611 -20.53 20.33 2.42
C SER D 611 -20.00 21.37 1.49
N ILE D 612 -18.89 21.97 1.85
CA ILE D 612 -18.20 22.84 0.95
C ILE D 612 -17.84 22.13 -0.37
N VAL D 613 -17.52 20.84 -0.29
CA VAL D 613 -17.21 20.08 -1.46
C VAL D 613 -18.52 19.71 -2.17
N ASN D 614 -19.52 19.31 -1.40
CA ASN D 614 -20.89 18.95 -1.88
C ASN D 614 -21.97 19.72 -1.12
N PRO D 615 -22.28 20.95 -1.57
CA PRO D 615 -23.25 21.74 -0.87
C PRO D 615 -24.64 21.12 -1.01
N LEU D 616 -25.53 21.53 -0.12
CA LEU D 616 -26.86 20.92 0.00
C LEU D 616 -27.68 21.17 -1.22
N MET D 617 -27.35 22.22 -1.97
CA MET D 617 -28.00 22.40 -3.25
C MET D 617 -27.80 21.20 -4.19
N PHE D 618 -26.81 20.35 -3.88
CA PHE D 618 -26.57 19.09 -4.56
C PHE D 618 -27.03 17.96 -3.65
N LYS D 619 -26.51 17.86 -2.41
CA LYS D 619 -26.83 16.65 -1.65
C LYS D 619 -28.20 16.52 -1.08
N ASN D 620 -28.97 17.60 -1.07
CA ASN D 620 -30.37 17.52 -0.63
C ASN D 620 -31.36 17.18 -1.74
N LYS D 621 -30.87 16.92 -2.94
CA LYS D 621 -31.77 16.58 -4.06
C LYS D 621 -31.76 15.07 -4.34
N LEU D 622 -32.89 14.51 -4.69
CA LEU D 622 -32.85 13.14 -5.17
C LEU D 622 -32.09 13.02 -6.52
N HIS D 623 -32.11 14.09 -7.32
CA HIS D 623 -31.56 14.11 -8.68
C HIS D 623 -31.49 15.57 -9.02
N PRO D 624 -30.43 16.02 -9.73
CA PRO D 624 -30.28 17.46 -9.91
C PRO D 624 -31.55 18.19 -10.35
N LEU D 625 -32.42 17.53 -11.12
CA LEU D 625 -33.66 18.14 -11.60
C LEU D 625 -34.93 17.59 -10.92
N VAL D 626 -34.74 16.73 -9.94
CA VAL D 626 -35.80 16.13 -9.14
C VAL D 626 -35.44 16.24 -7.66
N ALA D 627 -35.89 17.30 -7.00
CA ALA D 627 -35.38 17.62 -5.65
C ALA D 627 -36.03 16.79 -4.57
N LYS D 628 -37.38 16.76 -4.51
CA LYS D 628 -38.13 16.18 -3.38
C LYS D 628 -39.32 15.35 -3.86
N ASN D 629 -39.54 14.22 -3.18
CA ASN D 629 -40.82 13.48 -3.24
C ASN D 629 -41.92 14.15 -2.45
N CYS D 630 -43.03 14.45 -3.12
CA CYS D 630 -44.15 15.05 -2.45
C CYS D 630 -45.40 14.25 -2.74
N SER D 631 -45.34 12.92 -2.78
CA SER D 631 -46.50 12.14 -3.23
C SER D 631 -47.55 12.13 -2.14
N THR D 632 -48.80 11.90 -2.53
CA THR D 632 -49.87 11.70 -1.59
C THR D 632 -50.16 10.21 -1.60
N PRO D 633 -51.24 9.79 -0.92
CA PRO D 633 -51.71 8.40 -0.96
C PRO D 633 -52.48 8.03 -2.23
N GLN D 634 -52.84 9.02 -3.03
CA GLN D 634 -53.29 8.73 -4.37
C GLN D 634 -52.20 7.95 -5.10
N PRO D 635 -52.61 7.03 -5.99
CA PRO D 635 -51.65 6.31 -6.86
C PRO D 635 -50.72 7.26 -7.62
N GLY D 636 -49.62 6.73 -8.10
CA GLY D 636 -48.60 7.57 -8.74
C GLY D 636 -47.81 8.36 -7.72
N ALA D 637 -46.55 8.60 -8.04
CA ALA D 637 -45.64 9.39 -7.21
C ALA D 637 -45.47 10.82 -7.75
N ILE D 638 -45.19 11.76 -6.85
CA ILE D 638 -45.09 13.14 -7.24
C ILE D 638 -43.75 13.61 -6.79
N PHE D 639 -43.08 14.37 -7.67
CA PHE D 639 -41.84 15.04 -7.31
C PHE D 639 -41.87 16.52 -7.74
N ARG D 640 -41.13 17.36 -7.02
CA ARG D 640 -41.06 18.79 -7.29
C ARG D 640 -39.65 19.32 -7.12
N THR D 641 -39.35 20.38 -7.84
CA THR D 641 -38.08 21.01 -7.82
C THR D 641 -38.25 22.51 -7.96
N ASP D 642 -37.55 23.25 -7.11
CA ASP D 642 -37.38 24.69 -7.29
C ASP D 642 -36.33 24.92 -8.34
N PHE D 643 -36.65 25.72 -9.35
CA PHE D 643 -35.69 26.03 -10.38
C PHE D 643 -34.87 27.25 -10.01
N VAL D 644 -33.62 27.02 -9.64
CA VAL D 644 -32.71 28.09 -9.26
C VAL D 644 -31.48 27.95 -10.13
N GLU D 645 -31.30 28.87 -11.06
CA GLU D 645 -30.26 28.74 -12.09
C GLU D 645 -28.90 28.52 -11.50
N ASP D 646 -28.62 29.24 -10.44
CA ASP D 646 -27.33 29.14 -9.79
C ASP D 646 -27.09 27.82 -9.10
N GLU D 647 -28.13 27.02 -8.91
CA GLU D 647 -27.99 25.69 -8.35
C GLU D 647 -27.81 24.67 -9.47
N LEU D 648 -28.02 25.13 -10.71
CA LEU D 648 -27.99 24.28 -11.89
C LEU D 648 -26.99 24.83 -12.96
N LEU D 649 -25.85 25.29 -12.50
CA LEU D 649 -24.78 25.74 -13.41
C LEU D 649 -24.40 24.72 -14.49
N ASP D 650 -24.55 23.43 -14.19
CA ASP D 650 -24.34 22.34 -15.19
C ASP D 650 -25.29 22.27 -16.38
N TYR D 651 -26.48 22.89 -16.26
CA TYR D 651 -27.63 22.61 -17.10
C TYR D 651 -28.02 23.74 -18.04
N VAL D 652 -27.96 24.96 -17.55
CA VAL D 652 -28.64 26.06 -18.20
C VAL D 652 -27.65 26.83 -19.05
N TYR D 653 -28.09 27.24 -20.25
CA TYR D 653 -27.23 28.04 -21.13
C TYR D 653 -28.05 29.22 -21.68
N SER D 654 -27.38 30.11 -22.43
CA SER D 654 -28.07 31.22 -23.09
C SER D 654 -28.15 31.03 -24.62
N GLY D 655 -29.31 31.41 -25.15
CA GLY D 655 -29.59 31.35 -26.57
C GLY D 655 -30.26 32.66 -26.96
N ARG D 656 -30.64 32.80 -28.22
CA ARG D 656 -31.12 34.10 -28.72
C ARG D 656 -32.25 34.65 -27.87
N GLY D 657 -33.34 33.90 -27.77
CA GLY D 657 -34.47 34.39 -27.03
C GLY D 657 -34.40 34.32 -25.50
N GLY D 658 -33.33 33.83 -24.93
CA GLY D 658 -33.31 33.63 -23.49
C GLY D 658 -32.49 32.45 -23.00
N ARG D 659 -32.72 32.06 -21.75
CA ARG D 659 -32.03 30.94 -21.13
C ARG D 659 -32.63 29.57 -21.46
N ARG D 660 -31.77 28.59 -21.65
CA ARG D 660 -32.16 27.31 -22.24
C ARG D 660 -31.70 26.15 -21.42
N LEU D 661 -32.38 25.03 -21.61
CA LEU D 661 -32.01 23.80 -20.94
C LEU D 661 -32.39 22.70 -21.93
N SER D 662 -31.42 21.88 -22.27
CA SER D 662 -31.60 20.85 -23.31
C SER D 662 -32.74 19.89 -22.97
N ALA D 663 -33.56 19.62 -23.96
CA ALA D 663 -34.65 18.65 -23.87
C ALA D 663 -34.18 17.26 -23.42
N PHE D 664 -32.94 16.93 -23.79
CA PHE D 664 -32.32 15.63 -23.50
C PHE D 664 -31.98 15.42 -22.01
N ASN D 665 -31.99 16.50 -21.24
CA ASN D 665 -31.85 16.36 -19.78
C ASN D 665 -33.07 15.66 -19.17
N PHE D 666 -34.22 15.81 -19.80
CA PHE D 666 -35.43 15.07 -19.36
C PHE D 666 -35.39 13.62 -19.73
N ALA D 667 -34.53 13.25 -20.69
CA ALA D 667 -34.27 11.84 -20.98
C ALA D 667 -33.51 11.26 -19.82
N ASP D 668 -32.65 12.06 -19.24
CA ASP D 668 -31.91 11.61 -18.07
C ASP D 668 -32.78 11.49 -16.85
N VAL D 669 -33.76 12.40 -16.72
CA VAL D 669 -34.67 12.36 -15.61
C VAL D 669 -35.45 11.05 -15.72
N ALA D 670 -35.99 10.82 -16.90
CA ALA D 670 -36.76 9.60 -17.16
C ALA D 670 -36.00 8.33 -16.79
N LEU D 671 -34.68 8.34 -16.99
CA LEU D 671 -33.81 7.19 -16.69
C LEU D 671 -33.47 7.07 -15.22
N ALA D 672 -33.57 8.16 -14.46
CA ALA D 672 -33.41 8.09 -13.01
C ALA D 672 -34.68 7.58 -12.33
N MET D 673 -35.81 7.67 -13.02
CA MET D 673 -37.09 7.41 -12.33
C MET D 673 -37.20 6.00 -11.79
N PRO D 674 -36.82 5.00 -12.58
CA PRO D 674 -36.97 3.63 -12.10
C PRO D 674 -36.35 3.35 -10.75
N ALA D 675 -35.15 3.82 -10.53
CA ALA D 675 -34.53 3.64 -9.23
C ALA D 675 -35.33 4.39 -8.15
N LEU D 676 -35.76 5.62 -8.44
CA LEU D 676 -36.62 6.35 -7.51
C LEU D 676 -37.94 5.61 -7.23
N ALA D 677 -38.40 4.77 -8.14
CA ALA D 677 -39.65 4.03 -7.91
C ALA D 677 -39.42 2.58 -7.45
N SER D 678 -38.16 2.26 -7.16
CA SER D 678 -37.71 0.88 -6.92
C SER D 678 -38.10 -0.13 -8.00
N ARG D 679 -38.10 0.29 -9.27
CA ARG D 679 -38.52 -0.60 -10.35
C ARG D 679 -37.35 -0.87 -11.30
N PHE D 680 -37.43 -2.03 -11.97
CA PHE D 680 -36.48 -2.46 -12.98
C PHE D 680 -35.03 -2.52 -12.55
N ASP D 681 -34.73 -2.78 -11.28
CA ASP D 681 -33.33 -2.61 -10.82
C ASP D 681 -32.29 -3.38 -11.67
N GLY D 682 -31.12 -2.75 -11.90
CA GLY D 682 -30.02 -3.34 -12.67
C GLY D 682 -30.32 -3.76 -14.12
N ARG D 683 -31.38 -3.22 -14.71
CA ARG D 683 -31.75 -3.51 -16.10
C ARG D 683 -31.50 -2.30 -16.98
N THR D 684 -31.27 -2.53 -18.25
CA THR D 684 -31.08 -1.45 -19.20
C THR D 684 -32.44 -0.93 -19.66
N LEU D 685 -32.53 0.40 -19.76
CA LEU D 685 -33.80 1.08 -19.96
C LEU D 685 -34.00 1.57 -21.39
N SER D 686 -35.25 1.62 -21.82
CA SER D 686 -35.61 2.34 -23.04
C SER D 686 -36.47 3.51 -22.65
N VAL D 687 -36.32 4.62 -23.33
CA VAL D 687 -37.06 5.83 -23.01
C VAL D 687 -37.42 6.57 -24.27
N SER D 688 -38.72 6.71 -24.48
CA SER D 688 -39.24 7.68 -25.39
C SER D 688 -39.72 8.87 -24.59
N CYS D 689 -39.93 10.00 -25.25
CA CYS D 689 -40.11 11.26 -24.58
C CYS D 689 -40.72 12.27 -25.56
N ALA D 690 -41.96 12.70 -25.33
CA ALA D 690 -42.64 13.68 -26.18
C ALA D 690 -42.75 15.01 -25.44
N PHE D 691 -42.64 16.12 -26.16
CA PHE D 691 -42.64 17.46 -25.55
C PHE D 691 -43.74 18.31 -26.13
N GLU D 692 -44.62 18.81 -25.29
CA GLU D 692 -45.82 19.49 -25.78
C GLU D 692 -45.70 20.99 -25.68
N HIS D 693 -44.53 21.49 -25.31
CA HIS D 693 -44.37 22.93 -25.15
C HIS D 693 -42.90 23.33 -25.30
N TYR D 694 -42.63 24.45 -25.97
CA TYR D 694 -41.26 24.95 -26.05
C TYR D 694 -41.06 26.12 -25.08
N ILE D 695 -40.04 26.08 -24.25
CA ILE D 695 -39.73 27.22 -23.40
C ILE D 695 -38.56 27.99 -23.99
N ALA D 696 -38.86 29.15 -24.56
CA ALA D 696 -37.83 30.02 -25.18
C ALA D 696 -36.92 30.64 -24.11
N ASP D 697 -37.47 30.81 -22.91
CA ASP D 697 -36.76 31.49 -21.82
C ASP D 697 -37.13 30.92 -20.45
N TRP D 698 -36.21 30.17 -19.88
CA TRP D 698 -36.33 29.55 -18.56
C TRP D 698 -36.11 30.52 -17.39
N THR D 699 -35.73 31.76 -17.68
CA THR D 699 -35.50 32.75 -16.64
C THR D 699 -36.70 32.80 -15.70
N THR D 700 -37.92 32.86 -16.25
CA THR D 700 -39.10 33.01 -15.42
C THR D 700 -39.59 31.72 -14.81
N VAL D 701 -38.92 30.60 -15.05
CA VAL D 701 -39.41 29.34 -14.50
C VAL D 701 -39.07 29.26 -13.02
N THR D 702 -40.05 28.92 -12.19
CA THR D 702 -39.87 28.85 -10.73
C THR D 702 -39.81 27.43 -10.23
N GLY D 703 -40.49 26.51 -10.91
CA GLY D 703 -40.50 25.14 -10.45
C GLY D 703 -40.72 24.14 -11.57
N LEU D 704 -40.30 22.91 -11.30
CA LEU D 704 -40.67 21.77 -12.12
C LEU D 704 -41.47 20.80 -11.25
N GLU D 705 -42.39 20.11 -11.89
CA GLU D 705 -43.16 19.11 -11.21
C GLU D 705 -43.29 17.84 -12.05
N TYR D 706 -43.17 16.70 -11.37
CA TYR D 706 -43.25 15.39 -12.02
C TYR D 706 -44.34 14.46 -11.43
N ARG D 707 -45.07 13.75 -12.29
CA ARG D 707 -45.97 12.69 -11.87
C ARG D 707 -45.53 11.34 -12.50
N LEU D 708 -45.24 10.32 -11.68
CA LEU D 708 -44.80 9.00 -12.16
C LEU D 708 -45.80 7.88 -11.91
N PHE D 709 -46.30 7.25 -12.97
CA PHE D 709 -47.33 6.19 -12.81
C PHE D 709 -46.85 4.83 -13.28
N GLU D 710 -47.17 3.78 -12.53
CA GLU D 710 -46.89 2.39 -12.93
C GLU D 710 -48.00 1.95 -13.83
N ILE D 711 -47.75 1.65 -15.10
CA ILE D 711 -48.84 1.24 -16.00
C ILE D 711 -49.03 -0.26 -15.98
N ASP D 712 -47.93 -0.99 -15.93
CA ASP D 712 -47.96 -2.42 -15.74
C ASP D 712 -46.60 -2.89 -15.28
N SER D 713 -46.49 -4.21 -15.13
CA SER D 713 -45.27 -4.89 -14.70
C SER D 713 -43.98 -4.33 -15.34
N GLU D 714 -44.08 -3.91 -16.60
CA GLU D 714 -42.91 -3.61 -17.39
C GLU D 714 -42.85 -2.15 -17.88
N GLN D 715 -43.79 -1.30 -17.46
CA GLN D 715 -43.86 0.07 -17.99
C GLN D 715 -44.22 1.18 -16.99
N LEU D 716 -43.41 2.24 -17.00
CA LEU D 716 -43.65 3.47 -16.23
C LEU D 716 -43.94 4.66 -17.14
N GLU D 717 -44.67 5.63 -16.61
CA GLU D 717 -44.95 6.87 -17.37
C GLU D 717 -44.81 8.12 -16.54
N LEU D 718 -44.06 9.07 -17.10
CA LEU D 718 -43.56 10.24 -16.39
C LEU D 718 -44.19 11.45 -17.05
N GLU D 719 -44.78 12.33 -16.24
CA GLU D 719 -45.41 13.57 -16.72
C GLU D 719 -44.56 14.68 -16.10
N PHE D 720 -44.18 15.68 -16.89
CA PHE D 720 -43.58 16.84 -16.31
C PHE D 720 -44.22 18.12 -16.75
N ASP D 721 -44.40 19.00 -15.76
CA ASP D 721 -44.87 20.38 -15.93
C ASP D 721 -43.81 21.35 -15.38
N PHE D 722 -43.92 22.62 -15.78
CA PHE D 722 -43.20 23.73 -15.14
C PHE D 722 -44.18 24.79 -14.63
N ARG D 723 -43.68 25.67 -13.78
CA ARG D 723 -44.43 26.80 -13.25
C ARG D 723 -43.61 28.06 -13.43
N ARG D 724 -44.33 29.15 -13.65
CA ARG D 724 -43.82 30.50 -13.47
C ARG D 724 -44.68 31.15 -12.40
N SER D 725 -44.21 32.27 -11.85
CA SER D 725 -44.89 32.96 -10.73
C SER D 725 -46.29 33.41 -11.10
N GLY D 726 -47.25 33.23 -10.19
CA GLY D 726 -48.64 33.61 -10.46
C GLY D 726 -49.19 32.92 -11.69
N GLU D 727 -48.80 31.66 -11.88
CA GLU D 727 -49.23 30.85 -13.01
C GLU D 727 -49.41 29.42 -12.53
N GLN D 728 -50.48 28.75 -12.94
CA GLN D 728 -50.64 27.33 -12.57
C GLN D 728 -49.71 26.55 -13.47
N PRO D 729 -49.47 25.27 -13.14
CA PRO D 729 -48.50 24.58 -13.97
C PRO D 729 -48.89 24.49 -15.44
N THR D 730 -47.90 24.62 -16.32
CA THR D 730 -48.04 24.36 -17.75
C THR D 730 -47.45 23.01 -18.06
N HIS D 731 -48.16 22.22 -18.85
CA HIS D 731 -47.73 20.87 -19.16
C HIS D 731 -46.61 20.90 -20.17
N LEU D 732 -45.52 20.21 -19.89
CA LEU D 732 -44.30 20.35 -20.68
C LEU D 732 -44.09 19.14 -21.57
N GLY D 733 -44.10 17.96 -20.93
CA GLY D 733 -43.93 16.71 -21.66
C GLY D 733 -44.34 15.45 -20.94
N PHE D 734 -44.01 14.33 -21.57
CA PHE D 734 -44.47 13.00 -21.17
C PHE D 734 -43.35 12.04 -21.59
N ALA D 735 -42.87 11.17 -20.69
CA ALA D 735 -41.94 10.09 -21.04
C ALA D 735 -42.48 8.69 -20.66
N VAL D 736 -42.40 7.75 -21.62
CA VAL D 736 -42.62 6.32 -21.37
C VAL D 736 -41.26 5.69 -21.04
N ILE D 737 -41.25 4.70 -20.17
CA ILE D 737 -40.00 4.10 -19.69
C ILE D 737 -40.16 2.58 -19.54
N ASN D 738 -39.44 1.81 -20.36
CA ASN D 738 -39.53 0.35 -20.36
C ASN D 738 -38.14 -0.23 -20.17
N PRO D 739 -38.02 -1.35 -19.46
CA PRO D 739 -36.70 -2.01 -19.45
C PRO D 739 -36.57 -2.88 -20.70
N LEU D 740 -35.34 -3.26 -21.03
CA LEU D 740 -35.08 -4.06 -22.23
C LEU D 740 -35.15 -5.56 -21.95
N THR D 741 -35.65 -6.32 -22.92
CA THR D 741 -35.53 -7.78 -22.87
C THR D 741 -34.07 -8.19 -23.14
N SER D 742 -33.78 -9.48 -23.06
CA SER D 742 -32.42 -10.00 -23.32
C SER D 742 -32.21 -10.29 -24.80
N ASP D 743 -33.23 -10.88 -25.43
CA ASP D 743 -33.27 -11.10 -26.88
C ASP D 743 -33.64 -9.78 -27.58
N GLU D 744 -32.70 -8.82 -27.55
CA GLU D 744 -32.88 -7.47 -28.09
C GLU D 744 -32.12 -7.29 -29.41
N PRO D 745 -32.83 -7.13 -30.54
CA PRO D 745 -32.14 -7.08 -31.84
C PRO D 745 -31.16 -5.91 -31.95
N PRO D 746 -29.83 -6.18 -31.97
CA PRO D 746 -28.92 -5.03 -32.08
C PRO D 746 -29.15 -4.21 -33.37
N LEU D 747 -28.49 -3.05 -33.44
CA LEU D 747 -28.87 -1.97 -34.36
C LEU D 747 -28.71 -2.40 -35.81
N PRO D 748 -29.63 -1.95 -36.71
CA PRO D 748 -29.48 -2.24 -38.15
C PRO D 748 -28.07 -1.98 -38.67
N GLN D 749 -27.67 -2.63 -39.77
CA GLN D 749 -26.31 -2.46 -40.30
C GLN D 749 -26.18 -1.14 -41.08
N GLN D 750 -27.24 -0.77 -41.81
CA GLN D 750 -27.35 0.50 -42.57
C GLN D 750 -27.05 1.77 -41.73
N TRP D 751 -27.37 1.69 -40.44
CA TRP D 751 -27.09 2.73 -39.47
C TRP D 751 -25.71 2.46 -38.84
N LEU D 752 -25.36 1.19 -38.66
CA LEU D 752 -24.02 0.79 -38.25
C LEU D 752 -22.98 1.25 -39.29
N ASP D 753 -23.31 1.07 -40.56
CA ASP D 753 -22.41 1.45 -41.66
C ASP D 753 -22.24 2.96 -41.70
N ASP D 754 -23.29 3.67 -42.12
CA ASP D 754 -23.36 5.13 -42.03
C ASP D 754 -22.43 5.72 -40.99
N ALA D 755 -22.51 5.21 -39.77
CA ALA D 755 -21.72 5.74 -38.66
C ALA D 755 -20.26 5.31 -38.72
N ARG D 756 -19.99 4.12 -39.27
CA ARG D 756 -18.64 3.63 -39.47
C ARG D 756 -17.96 4.59 -40.42
N GLU D 757 -18.70 4.97 -41.47
CA GLU D 757 -18.26 5.95 -42.47
C GLU D 757 -17.92 7.27 -41.79
N LEU D 758 -18.96 7.94 -41.27
CA LEU D 758 -18.81 9.23 -40.57
C LEU D 758 -17.63 9.23 -39.62
N LEU D 759 -17.55 8.21 -38.77
CA LEU D 759 -16.43 8.11 -37.83
C LEU D 759 -15.10 7.94 -38.53
N ASN D 760 -15.08 7.13 -39.59
CA ASN D 760 -13.84 6.95 -40.38
C ASN D 760 -13.33 8.34 -40.81
N ARG D 761 -14.21 9.13 -41.40
CA ARG D 761 -13.86 10.46 -41.91
C ARG D 761 -13.29 11.40 -40.85
N GLN D 762 -13.83 11.35 -39.63
CA GLN D 762 -13.30 12.14 -38.50
C GLN D 762 -11.96 11.60 -38.04
N ALA D 763 -11.76 10.30 -38.26
CA ALA D 763 -10.55 9.68 -37.78
C ALA D 763 -9.36 10.23 -38.60
N LEU D 764 -9.60 10.45 -39.89
CA LEU D 764 -8.57 10.89 -40.84
C LEU D 764 -8.41 12.40 -40.93
N GLN D 765 -9.16 13.15 -40.10
CA GLN D 765 -9.23 14.61 -40.20
C GLN D 765 -9.49 14.96 -41.68
N ALA D 766 -10.50 14.31 -42.26
CA ALA D 766 -10.69 14.33 -43.70
C ALA D 766 -12.12 14.65 -44.11
N GLY D 767 -12.30 15.04 -45.37
CA GLY D 767 -13.60 15.52 -45.89
C GLY D 767 -13.90 16.94 -45.43
N ARG D 768 -15.16 17.35 -45.52
CA ARG D 768 -15.64 18.63 -44.96
C ARG D 768 -15.49 18.67 -43.45
N GLN D 769 -14.68 19.59 -42.94
CA GLN D 769 -14.37 19.70 -41.54
C GLN D 769 -14.45 21.14 -41.02
N LEU D 770 -15.05 21.34 -39.86
CA LEU D 770 -14.98 22.62 -39.18
C LEU D 770 -14.14 22.42 -37.94
N SER D 771 -13.16 23.29 -37.78
CA SER D 771 -12.33 23.24 -36.60
C SER D 771 -13.20 23.59 -35.39
N ALA D 772 -12.70 23.29 -34.19
CA ALA D 772 -13.37 23.69 -32.98
C ALA D 772 -13.67 25.21 -33.03
N ALA D 773 -12.69 25.99 -33.47
CA ALA D 773 -12.87 27.45 -33.50
C ALA D 773 -14.02 27.87 -34.43
N GLU D 774 -14.10 27.30 -35.62
CA GLU D 774 -15.20 27.64 -36.52
C GLU D 774 -16.54 27.26 -35.91
N VAL D 775 -16.56 26.16 -35.18
CA VAL D 775 -17.78 25.67 -34.58
C VAL D 775 -18.25 26.69 -33.57
N SER D 776 -17.29 27.17 -32.77
CA SER D 776 -17.57 28.19 -31.76
C SER D 776 -18.08 29.47 -32.43
N GLN D 777 -17.53 29.87 -33.59
CA GLN D 777 -18.09 31.08 -34.23
C GLN D 777 -19.51 30.83 -34.75
N ARG D 778 -19.80 29.60 -35.16
CA ARG D 778 -21.16 29.31 -35.70
C ARG D 778 -22.17 29.49 -34.54
N LEU D 779 -21.80 28.98 -33.37
CA LEU D 779 -22.60 29.13 -32.17
C LEU D 779 -22.69 30.58 -31.69
N ALA D 780 -21.57 31.27 -31.72
CA ALA D 780 -21.55 32.66 -31.30
C ALA D 780 -22.40 33.53 -32.22
N GLN D 781 -22.31 33.33 -33.53
CA GLN D 781 -23.10 34.17 -34.45
C GLN D 781 -24.57 33.84 -34.35
N ALA D 782 -24.87 32.71 -33.73
CA ALA D 782 -26.25 32.28 -33.50
C ALA D 782 -26.74 32.71 -32.13
N GLY D 783 -25.90 33.36 -31.35
CA GLY D 783 -26.34 33.99 -30.09
C GLY D 783 -26.32 33.06 -28.89
N TYR D 784 -25.48 32.03 -28.94
CA TYR D 784 -25.31 31.08 -27.85
C TYR D 784 -24.18 31.47 -26.92
N ASP D 785 -24.37 31.19 -25.64
CA ASP D 785 -23.34 31.26 -24.62
C ASP D 785 -23.50 30.08 -23.67
N PHE D 786 -22.43 29.30 -23.54
CA PHE D 786 -22.42 28.06 -22.78
C PHE D 786 -21.58 28.11 -21.51
N ALA D 787 -21.04 29.27 -21.14
CA ALA D 787 -20.28 29.38 -19.89
C ALA D 787 -21.24 29.21 -18.73
N PRO D 788 -20.75 28.75 -17.57
CA PRO D 788 -19.39 28.37 -17.24
C PRO D 788 -18.97 26.91 -17.47
N TYR D 789 -19.91 26.01 -17.74
CA TYR D 789 -19.63 24.56 -17.75
C TYR D 789 -19.92 23.81 -19.05
N LEU D 790 -20.61 24.45 -19.98
CA LEU D 790 -21.05 23.78 -21.19
C LEU D 790 -20.23 24.25 -22.42
N ASP D 791 -19.14 24.98 -22.17
CA ASP D 791 -18.46 25.75 -23.22
C ASP D 791 -17.48 25.04 -24.17
N HIS D 792 -16.86 23.90 -23.81
CA HIS D 792 -15.80 23.29 -24.68
C HIS D 792 -16.43 22.81 -25.97
N ASP D 793 -16.20 23.51 -27.08
CA ASP D 793 -16.73 23.09 -28.38
C ASP D 793 -15.65 22.24 -29.11
N GLY D 794 -16.10 21.23 -29.84
CA GLY D 794 -15.23 20.37 -30.62
C GLY D 794 -15.44 20.52 -32.10
N GLU D 795 -14.71 19.66 -32.82
CA GLU D 795 -14.65 19.67 -34.28
C GLU D 795 -15.95 19.07 -34.85
N LEU D 796 -16.38 19.55 -36.00
CA LEU D 796 -17.51 18.97 -36.66
C LEU D 796 -16.95 18.32 -37.91
N THR D 797 -17.60 17.26 -38.36
CA THR D 797 -17.24 16.56 -39.59
C THR D 797 -18.53 16.33 -40.26
N ILE D 798 -18.61 16.69 -41.53
CA ILE D 798 -19.84 16.55 -42.28
C ILE D 798 -19.55 15.59 -43.43
N GLY D 799 -20.45 14.66 -43.68
CA GLY D 799 -20.32 13.68 -44.75
C GLY D 799 -21.51 13.86 -45.67
N ARG D 800 -21.65 12.99 -46.68
CA ARG D 800 -22.83 13.04 -47.58
C ARG D 800 -24.10 12.62 -46.83
N SER D 801 -23.91 11.81 -45.77
CA SER D 801 -25.00 11.08 -45.07
C SER D 801 -25.32 11.59 -43.66
N GLY D 802 -24.33 12.13 -42.97
CA GLY D 802 -24.56 12.58 -41.61
C GLY D 802 -23.54 13.58 -41.14
N LEU D 803 -23.47 13.75 -39.84
CA LEU D 803 -22.43 14.57 -39.28
C LEU D 803 -22.05 14.06 -37.91
N VAL D 804 -20.84 14.41 -37.50
CA VAL D 804 -20.35 14.02 -36.21
C VAL D 804 -19.66 15.19 -35.51
N LEU D 805 -20.11 15.45 -34.29
CA LEU D 805 -19.62 16.51 -33.47
C LEU D 805 -18.87 15.86 -32.32
N LYS D 806 -17.66 16.33 -32.08
CA LYS D 806 -16.81 15.85 -31.00
C LYS D 806 -17.11 16.62 -29.70
N GLY D 807 -17.01 15.92 -28.57
CA GLY D 807 -17.32 16.44 -27.26
C GLY D 807 -16.21 16.06 -26.32
N ARG D 808 -15.80 16.97 -25.47
CA ARG D 808 -14.92 16.62 -24.36
C ARG D 808 -15.42 17.28 -23.09
N PRO D 809 -16.03 16.48 -22.19
CA PRO D 809 -16.54 17.05 -20.97
C PRO D 809 -15.40 17.58 -20.12
N PRO D 810 -15.53 18.83 -19.62
CA PRO D 810 -14.50 19.39 -18.75
C PRO D 810 -14.36 18.52 -17.51
N VAL D 811 -13.18 18.54 -16.92
CA VAL D 811 -12.83 17.75 -15.75
C VAL D 811 -13.54 18.30 -14.53
N ASN D 812 -13.72 19.63 -14.49
CA ASN D 812 -14.39 20.32 -13.39
C ASN D 812 -15.80 20.77 -13.83
N ARG D 813 -16.79 20.21 -13.17
CA ARG D 813 -18.18 20.57 -13.42
C ARG D 813 -18.75 21.19 -12.15
N HIS D 814 -20.04 21.49 -12.12
CA HIS D 814 -20.58 22.17 -10.95
C HIS D 814 -20.84 21.18 -9.85
N ASN D 815 -21.73 20.22 -10.14
CA ASN D 815 -22.18 19.26 -9.19
C ASN D 815 -21.37 17.95 -9.33
N HIS D 816 -20.45 17.70 -8.41
CA HIS D 816 -19.69 16.43 -8.36
C HIS D 816 -20.31 15.44 -7.35
N TYR D 817 -21.52 15.73 -6.90
CA TYR D 817 -22.16 14.89 -5.89
C TYR D 817 -23.05 13.82 -6.52
N ALA D 818 -23.85 14.22 -7.47
CA ALA D 818 -24.90 13.34 -7.94
C ALA D 818 -24.35 12.04 -8.55
N ASP D 819 -24.95 10.91 -8.17
CA ASP D 819 -24.46 9.60 -8.62
C ASP D 819 -25.47 8.96 -9.56
N ASN D 820 -26.47 9.71 -9.99
CA ASN D 820 -27.52 9.13 -10.80
C ASN D 820 -27.86 9.94 -12.07
N VAL D 821 -26.82 10.53 -12.61
CA VAL D 821 -26.90 11.23 -13.87
C VAL D 821 -26.29 10.32 -14.93
N GLN D 822 -27.09 9.75 -15.81
CA GLN D 822 -26.53 8.76 -16.76
C GLN D 822 -26.17 9.36 -18.13
N LEU D 823 -27.06 10.24 -18.59
CA LEU D 823 -26.92 11.07 -19.77
C LEU D 823 -26.71 12.48 -19.24
N SER D 824 -25.45 12.91 -19.23
CA SER D 824 -25.01 14.13 -18.57
C SER D 824 -25.49 15.37 -19.27
N PRO D 825 -25.49 16.50 -18.55
CA PRO D 825 -25.99 17.72 -19.22
C PRO D 825 -25.02 18.30 -20.23
N TYR D 826 -23.72 18.05 -20.04
CA TYR D 826 -22.71 18.38 -21.03
C TYR D 826 -23.01 17.65 -22.36
N LEU D 827 -23.32 16.36 -22.26
CA LEU D 827 -23.69 15.57 -23.41
C LEU D 827 -25.01 16.00 -24.04
N ALA D 828 -25.99 16.29 -23.20
CA ALA D 828 -27.28 16.78 -23.67
C ALA D 828 -27.05 18.09 -24.42
N THR D 829 -26.24 18.95 -23.84
CA THR D 829 -25.96 20.22 -24.47
C THR D 829 -25.13 20.01 -25.75
N THR D 830 -24.24 19.03 -25.77
CA THR D 830 -23.50 18.76 -26.97
C THR D 830 -24.46 18.23 -28.06
N ILE D 831 -25.45 17.44 -27.66
CA ILE D 831 -26.46 17.06 -28.63
C ILE D 831 -27.15 18.30 -29.18
N ASP D 832 -27.51 19.24 -28.32
CA ASP D 832 -28.21 20.46 -28.83
C ASP D 832 -27.31 21.18 -29.86
N LYS D 833 -26.01 21.22 -29.59
CA LYS D 833 -25.09 21.86 -30.50
C LYS D 833 -25.10 21.16 -31.86
N ALA D 834 -24.95 19.83 -31.82
CA ALA D 834 -24.98 19.06 -33.07
C ALA D 834 -26.22 19.38 -33.85
N LEU D 835 -27.36 19.45 -33.14
CA LEU D 835 -28.62 19.65 -33.85
C LEU D 835 -28.63 21.05 -34.45
N TYR D 836 -28.05 22.02 -33.74
CA TYR D 836 -27.93 23.37 -34.31
C TYR D 836 -27.09 23.33 -35.59
N LEU D 837 -25.88 22.82 -35.46
CA LEU D 837 -24.95 22.73 -36.59
C LEU D 837 -25.56 21.99 -37.80
N LEU D 838 -26.52 21.08 -37.56
CA LEU D 838 -27.26 20.46 -38.65
C LEU D 838 -28.22 21.46 -39.30
N LEU D 839 -28.88 22.27 -38.46
CA LEU D 839 -29.69 23.37 -38.97
C LEU D 839 -28.79 24.37 -39.74
N ASP D 840 -27.65 24.71 -39.14
CA ASP D 840 -26.66 25.53 -39.82
C ASP D 840 -26.36 24.95 -41.25
N GLU D 841 -25.78 23.76 -41.27
CA GLU D 841 -25.40 23.10 -42.52
C GLU D 841 -26.56 22.95 -43.50
N LEU D 842 -27.80 22.91 -43.01
CA LEU D 842 -28.99 22.84 -43.91
C LEU D 842 -29.59 24.20 -44.29
N GLY D 843 -28.82 25.26 -44.05
CA GLY D 843 -29.23 26.59 -44.51
C GLY D 843 -30.02 27.41 -43.51
N LEU D 844 -30.00 27.04 -42.23
CA LEU D 844 -30.68 27.82 -41.19
C LEU D 844 -29.65 28.21 -40.11
N PRO D 845 -28.81 29.24 -40.39
CA PRO D 845 -27.77 29.65 -39.42
C PRO D 845 -28.31 30.26 -38.12
N GLN D 846 -29.53 30.78 -38.17
CA GLN D 846 -30.25 31.25 -36.98
C GLN D 846 -31.47 30.34 -36.65
N GLY D 847 -31.36 29.04 -36.93
CA GLY D 847 -32.51 28.15 -36.79
C GLY D 847 -32.70 27.73 -35.34
N ARG D 848 -33.94 27.76 -34.83
CA ARG D 848 -34.24 27.22 -33.49
C ARG D 848 -34.31 25.70 -33.47
N VAL D 849 -33.53 25.11 -32.57
CA VAL D 849 -33.62 23.70 -32.26
C VAL D 849 -34.82 23.49 -31.33
N ILE D 850 -35.83 22.80 -31.78
CA ILE D 850 -36.99 22.56 -30.92
C ILE D 850 -37.29 21.07 -30.99
N VAL D 851 -36.77 20.35 -30.00
CA VAL D 851 -37.02 18.92 -29.90
C VAL D 851 -38.46 18.68 -29.56
N ARG D 852 -39.16 18.01 -30.45
CA ARG D 852 -40.53 17.61 -30.20
C ARG D 852 -40.66 16.18 -29.69
N ASN D 853 -39.83 15.28 -30.19
CA ASN D 853 -39.93 13.90 -29.79
C ASN D 853 -38.60 13.16 -29.76
N ILE D 854 -38.37 12.39 -28.69
CA ILE D 854 -37.32 11.37 -28.60
C ILE D 854 -37.95 9.95 -28.63
N GLU D 855 -37.59 9.11 -29.63
CA GLU D 855 -38.07 7.71 -29.74
C GLU D 855 -36.95 6.68 -29.47
N ARG D 856 -37.27 5.70 -28.63
CA ARG D 856 -36.31 4.69 -28.12
C ARG D 856 -34.89 5.14 -27.94
N LEU D 857 -34.66 5.85 -26.86
CA LEU D 857 -33.34 6.19 -26.38
C LEU D 857 -32.91 5.11 -25.41
N CYS D 858 -31.69 4.61 -25.56
CA CYS D 858 -31.12 3.63 -24.64
C CYS D 858 -29.77 4.10 -24.35
N CYS D 859 -29.44 4.11 -23.07
CA CYS D 859 -28.20 4.62 -22.61
C CYS D 859 -27.50 3.43 -22.02
N TYR D 860 -26.33 3.09 -22.54
CA TYR D 860 -25.69 1.85 -22.12
C TYR D 860 -24.66 2.14 -21.07
N HIS D 861 -24.20 3.38 -21.02
CA HIS D 861 -23.29 3.85 -19.99
C HIS D 861 -22.84 5.26 -20.37
N THR D 862 -22.15 5.92 -19.46
CA THR D 862 -21.73 7.29 -19.66
C THR D 862 -20.27 7.26 -20.02
N PRO D 863 -19.85 8.02 -21.05
CA PRO D 863 -18.42 8.05 -21.37
C PRO D 863 -17.66 8.74 -20.27
N ALA D 864 -16.63 8.09 -19.75
CA ALA D 864 -15.75 8.72 -18.78
C ALA D 864 -15.16 10.01 -19.34
N GLY D 865 -14.79 9.99 -20.61
CA GLY D 865 -14.10 11.11 -21.25
C GLY D 865 -14.69 11.53 -22.59
N GLY D 866 -13.83 11.57 -23.60
CA GLY D 866 -14.21 12.05 -24.91
C GLY D 866 -15.35 11.29 -25.52
N PHE D 867 -16.04 11.91 -26.46
CA PHE D 867 -17.07 11.19 -27.17
C PHE D 867 -17.36 11.83 -28.51
N SER D 868 -18.22 11.16 -29.29
CA SER D 868 -18.67 11.62 -30.56
C SER D 868 -20.19 11.47 -30.69
N VAL D 869 -20.83 12.49 -31.24
CA VAL D 869 -22.24 12.47 -31.48
C VAL D 869 -22.41 12.36 -32.97
N VAL D 870 -23.30 11.47 -33.43
CA VAL D 870 -23.45 11.17 -34.84
C VAL D 870 -24.89 11.25 -35.25
N LEU D 871 -25.18 12.08 -36.24
CA LEU D 871 -26.51 12.24 -36.73
C LEU D 871 -26.55 11.67 -38.12
N SER D 872 -27.60 10.94 -38.42
CA SER D 872 -27.72 10.25 -39.68
C SER D 872 -29.20 9.87 -39.87
N GLY D 873 -29.58 9.52 -41.08
CA GLY D 873 -30.92 9.06 -41.34
C GLY D 873 -31.87 10.22 -41.33
N ILE D 874 -31.53 11.25 -42.09
CA ILE D 874 -32.14 12.55 -41.93
C ILE D 874 -33.18 12.79 -43.00
N GLY D 875 -34.40 13.12 -42.58
CA GLY D 875 -35.46 13.35 -43.52
C GLY D 875 -36.37 14.49 -43.12
N LEU D 876 -37.22 14.88 -44.05
CA LEU D 876 -38.04 16.05 -43.90
C LEU D 876 -39.44 15.77 -44.38
N ASN D 877 -40.40 15.92 -43.47
CA ASN D 877 -41.80 15.73 -43.74
C ASN D 877 -42.50 16.93 -43.18
N ASP D 878 -43.19 17.68 -44.04
CA ASP D 878 -43.77 18.96 -43.67
C ASP D 878 -42.74 19.76 -42.88
N ASN D 879 -43.00 20.00 -41.59
CA ASN D 879 -42.10 20.75 -40.74
C ASN D 879 -41.43 19.88 -39.67
N GLU D 880 -41.15 18.62 -40.03
CA GLU D 880 -40.48 17.69 -39.11
C GLU D 880 -39.18 17.21 -39.72
N LEU D 881 -38.08 17.61 -39.08
CA LEU D 881 -36.78 17.13 -39.41
C LEU D 881 -36.47 16.03 -38.41
N SER D 882 -36.43 14.80 -38.90
CA SER D 882 -36.21 13.63 -38.08
C SER D 882 -34.88 13.05 -38.43
N LEU D 883 -34.33 12.27 -37.51
CA LEU D 883 -33.02 11.69 -37.71
C LEU D 883 -32.75 10.69 -36.59
N SER D 884 -31.68 9.91 -36.72
CA SER D 884 -31.20 9.01 -35.67
C SER D 884 -29.88 9.50 -35.08
N LEU D 885 -29.48 8.94 -33.94
CA LEU D 885 -28.32 9.47 -33.27
C LEU D 885 -27.59 8.44 -32.44
N LEU D 886 -26.27 8.55 -32.39
CA LEU D 886 -25.44 7.69 -31.59
C LEU D 886 -24.46 8.54 -30.83
N VAL D 887 -24.08 8.10 -29.64
CA VAL D 887 -22.97 8.69 -28.91
C VAL D 887 -21.98 7.56 -28.68
N LEU D 888 -20.69 7.87 -28.75
CA LEU D 888 -19.65 6.85 -28.75
C LEU D 888 -18.47 7.33 -27.98
N ASP D 889 -17.93 6.49 -27.09
CA ASP D 889 -16.76 6.88 -26.30
C ASP D 889 -15.53 6.88 -27.21
N GLU D 890 -14.34 7.00 -26.64
CA GLU D 890 -13.15 7.03 -27.47
C GLU D 890 -12.79 5.70 -28.14
N ARG D 891 -13.15 4.56 -27.52
CA ARG D 891 -12.97 3.26 -28.18
C ARG D 891 -13.98 3.02 -29.31
N GLU D 892 -14.71 4.04 -29.74
CA GLU D 892 -15.86 3.89 -30.66
C GLU D 892 -16.92 2.87 -30.20
N GLN D 893 -17.01 2.59 -28.90
CA GLN D 893 -18.06 1.72 -28.33
C GLN D 893 -19.35 2.56 -28.11
N ILE D 894 -20.51 2.03 -28.52
CA ILE D 894 -21.79 2.79 -28.47
C ILE D 894 -22.30 3.10 -27.06
N CYS D 895 -22.17 4.35 -26.62
CA CYS D 895 -22.68 4.82 -25.31
C CYS D 895 -24.18 5.07 -25.25
N VAL D 896 -24.75 5.58 -26.34
CA VAL D 896 -26.18 5.92 -26.43
C VAL D 896 -26.69 5.76 -27.87
N LYS D 897 -27.91 5.29 -28.00
CA LYS D 897 -28.49 5.08 -29.30
C LYS D 897 -29.87 5.71 -29.26
N LEU D 898 -30.41 6.11 -30.41
CA LEU D 898 -31.65 6.85 -30.42
C LEU D 898 -32.34 6.74 -31.78
N ASP D 899 -33.33 5.85 -31.87
CA ASP D 899 -33.96 5.55 -33.12
C ASP D 899 -34.37 6.82 -33.88
N LYS D 900 -35.00 7.76 -33.19
CA LYS D 900 -35.59 8.90 -33.88
C LYS D 900 -35.68 10.14 -33.01
N VAL D 901 -34.92 11.19 -33.34
CA VAL D 901 -35.27 12.51 -32.85
C VAL D 901 -36.15 13.26 -33.86
N SER D 902 -37.15 13.98 -33.36
CA SER D 902 -37.97 14.82 -34.22
C SER D 902 -37.93 16.29 -33.79
N LEU D 903 -37.43 17.12 -34.69
CA LEU D 903 -37.41 18.57 -34.53
C LEU D 903 -38.59 19.20 -35.21
N TYR D 904 -39.09 20.24 -34.56
CA TYR D 904 -40.13 21.09 -35.08
C TYR D 904 -39.50 22.34 -35.71
N LEU D 905 -39.81 22.58 -36.98
CA LEU D 905 -39.41 23.81 -37.69
C LEU D 905 -40.58 24.82 -37.73
N GLY D 906 -40.33 26.02 -37.22
CA GLY D 906 -41.27 27.11 -37.29
C GLY D 906 -41.43 27.60 -38.72
N LYS D 907 -42.28 28.62 -38.88
CA LYS D 907 -42.58 29.19 -40.20
C LYS D 907 -41.28 29.61 -40.89
N GLN D 908 -40.44 30.33 -40.15
CA GLN D 908 -39.15 30.82 -40.65
C GLN D 908 -38.28 29.71 -41.22
N GLU D 909 -38.06 28.70 -40.39
CA GLU D 909 -37.19 27.58 -40.75
C GLU D 909 -37.80 26.75 -41.90
N VAL D 910 -39.09 26.51 -41.84
CA VAL D 910 -39.81 25.88 -42.94
C VAL D 910 -39.55 26.57 -44.27
N ALA D 911 -39.64 27.90 -44.29
CA ALA D 911 -39.48 28.66 -45.52
C ALA D 911 -38.08 28.51 -46.09
N SER D 912 -37.08 28.47 -45.22
CA SER D 912 -35.68 28.65 -45.67
C SER D 912 -34.84 27.37 -45.74
N VAL D 913 -35.33 26.26 -45.20
CA VAL D 913 -34.54 25.04 -45.21
C VAL D 913 -34.24 24.59 -46.65
N ASP D 914 -33.02 24.09 -46.83
CA ASP D 914 -32.51 23.66 -48.12
C ASP D 914 -32.99 22.24 -48.41
N ARG D 915 -34.16 22.14 -49.04
CA ARG D 915 -34.76 20.85 -49.35
C ARG D 915 -33.94 19.98 -50.32
N LYS D 916 -33.03 20.60 -51.07
CA LYS D 916 -32.27 19.90 -52.09
C LYS D 916 -30.93 19.40 -51.56
N HIS D 917 -30.71 19.48 -50.25
CA HIS D 917 -29.39 19.20 -49.67
C HIS D 917 -29.03 17.71 -49.70
N SER D 918 -27.75 17.39 -49.82
CA SER D 918 -27.31 15.98 -49.90
C SER D 918 -27.73 15.14 -48.67
N LEU D 919 -27.56 15.67 -47.47
CA LEU D 919 -28.04 15.01 -46.23
C LEU D 919 -29.48 14.50 -46.26
N LEU D 920 -30.33 15.11 -47.08
CA LEU D 920 -31.74 14.73 -47.14
C LEU D 920 -32.13 13.81 -48.33
N THR D 921 -31.19 13.56 -49.24
CA THR D 921 -31.48 12.76 -50.45
C THR D 921 -31.63 11.29 -50.11
C1 GOL E . 1.58 -23.44 9.15
O1 GOL E . 2.41 -22.34 9.00
C2 GOL E . 0.15 -22.97 8.90
O2 GOL E . -0.35 -22.25 9.98
C3 GOL E . -0.08 -22.06 7.69
O3 GOL E . -1.52 -21.94 7.58
#